data_9QFH
#
_entry.id   9QFH
#
_cell.length_a   1.00
_cell.length_b   1.00
_cell.length_c   1.00
_cell.angle_alpha   90.00
_cell.angle_beta   90.00
_cell.angle_gamma   90.00
#
_symmetry.space_group_name_H-M   'P 1'
#
_entity_poly.entity_id   1
_entity_poly.type   'polypeptide(L)'
_entity_poly.pdbx_seq_one_letter_code
;FPNTISIGGLFMRNTVQEHSAFRFAVQLYNTNQNTTEKPFHLNYHVDHLDSSNSFSVTNAFCSQFSRGVYAIFGFYDQMS
MNTLTSFCGALHTSFVTPSFPTDADVQFVIQMRPALKGAILSLLSYYKWEKFVYLYDTERGFSVLQAIMEAAVQNNWQVT
ARSVGNIKDVQEFRRIIEEMDRRQEKRYLIDCEVERINTILEQVVILGKHSRGYHYMLANLGFTDILLERVMHGGANITG
FQIVNNENPMVQQFIQRWVRLDEREFPEAKNAPLKYTSALTHDAILVIAEAFRYLRRQRVDVSRRGSAGDCLANPAVPWS
QGIDIERALKMVQVQGMTGNIQFDTYGRRTNYTIDVYEMKVSGSRKAGYWNEYERFVPFSDQQISNDSSSSENRTIVVTT
ILESPYVMYKKNHEQLEGNERYEGYCVDLAYEIAKHVRIKYKLSIVGDGKYGARDPETKIWNGMVGELVYGRADIAVAPL
TITLVREEVIDFSKPFMSLGISIMIKKPQKSKPGVFSFLDPLAYEIWMCIVFAYIGVSVVLFLVSRFSPYEWHLEDNNEE
PRDPQSPPDPPNEFGIFNSLWFSLGAFMQQGCDISPRSLSGRIVGGVWWFFTLIIISSYTANLAAFLTVERMVSPIESAE
DLAKQTEIAYGTLDSGSTKEFFRRSKIAVYEKMWSYMKSAEPSVFTKTTADGVARVRKSKGKFAFLLESTMNEYIEQRKP
CDTMKVGGNLDSKGYGVATPKGSALGTPVNLAVLKLSEQGILDKLKNKWWYDKGECGAKDSGSKDKTSALSLSNVAGVFY
ILVGGLGLAMMVALIEFCYKSRAESKRMKLTKNTQNFKPAPAGGSGSGGLFDRGVQMLLTTVGAFAAFSLMTIAVGTDYW
LYSRGVCKTKSVSENETSKKNEEVMTHSGLWRTCCLEGNFKGLCKQIDHFPEDADYEADTAEYFLRAVRASSIFPILSVI
LLFMGGLCIAASEFYKTRHNIILSAGIFFVSAGLSNIIGIIVYISANAGDPSKSDSKKNSYSYGWSFYFGALSFIIAEMV
GVLAVHMFIDRHKQLRATARATDYLQASAITRIPSYRYRYQRRSRSSSRSTEPSHSRDASPVGVKGFNTLPSTEISMYTL
SRDPLKAATTPTATYNSDRDNSFLQVHNCIQKDSKDSLHANTANRRTTPV
;
_entity_poly.pdbx_strand_id   A,B,C,D,W,X,Y,Z
#
# COMPACT_ATOMS: atom_id res chain seq x y z
N PHE A 1 -51.47 29.94 -92.48
CA PHE A 1 -50.10 29.73 -92.05
C PHE A 1 -49.18 30.86 -92.52
N PRO A 2 -48.36 31.38 -91.62
CA PRO A 2 -47.45 32.47 -91.99
C PRO A 2 -46.43 32.00 -93.02
N ASN A 3 -45.99 32.95 -93.85
CA ASN A 3 -44.98 32.65 -94.86
C ASN A 3 -43.59 32.45 -94.27
N THR A 4 -43.37 32.88 -93.02
CA THR A 4 -42.08 32.69 -92.37
C THR A 4 -42.32 32.49 -90.87
N ILE A 5 -41.40 31.79 -90.23
CA ILE A 5 -41.45 31.52 -88.81
C ILE A 5 -40.14 31.98 -88.18
N SER A 6 -40.27 32.77 -87.11
CA SER A 6 -39.11 33.30 -86.38
C SER A 6 -39.03 32.64 -85.02
N ILE A 7 -37.84 32.12 -84.69
CA ILE A 7 -37.60 31.48 -83.41
C ILE A 7 -36.50 32.24 -82.68
N GLY A 8 -36.57 32.21 -81.36
CA GLY A 8 -35.59 32.84 -80.52
C GLY A 8 -34.42 31.91 -80.22
N GLY A 9 -33.27 32.52 -79.97
CA GLY A 9 -32.08 31.76 -79.61
C GLY A 9 -31.41 32.32 -78.38
N LEU A 10 -31.08 31.46 -77.43
CA LEU A 10 -30.48 31.88 -76.16
C LEU A 10 -29.16 31.12 -75.98
N PHE A 11 -28.04 31.83 -76.04
CA PHE A 11 -26.73 31.21 -75.91
C PHE A 11 -25.98 31.80 -74.72
N MET A 12 -25.43 30.92 -73.90
CA MET A 12 -24.70 31.32 -72.69
C MET A 12 -23.22 31.45 -73.01
N ARG A 13 -22.40 31.61 -71.97
CA ARG A 13 -20.96 31.70 -72.13
C ARG A 13 -20.37 30.34 -72.50
N ASN A 14 -19.22 30.38 -73.16
CA ASN A 14 -18.55 29.18 -73.69
C ASN A 14 -19.53 28.39 -74.55
N THR A 15 -20.00 29.05 -75.61
CA THR A 15 -20.89 28.43 -76.60
C THR A 15 -20.63 29.13 -77.93
N VAL A 16 -19.75 28.53 -78.74
CA VAL A 16 -19.37 29.07 -80.04
C VAL A 16 -19.64 28.06 -81.16
N GLN A 17 -19.22 26.82 -80.95
CA GLN A 17 -19.49 25.78 -81.95
C GLN A 17 -20.99 25.51 -82.05
N GLU A 18 -21.70 25.58 -80.92
CA GLU A 18 -23.15 25.35 -80.95
C GLU A 18 -23.87 26.43 -81.73
N HIS A 19 -23.46 27.70 -81.55
CA HIS A 19 -24.06 28.78 -82.32
C HIS A 19 -23.78 28.63 -83.81
N SER A 20 -22.55 28.23 -84.16
CA SER A 20 -22.22 28.00 -85.56
C SER A 20 -23.05 26.87 -86.14
N ALA A 21 -23.23 25.78 -85.38
CA ALA A 21 -24.06 24.68 -85.85
C ALA A 21 -25.52 25.10 -86.00
N PHE A 22 -26.02 25.93 -85.07
CA PHE A 22 -27.37 26.45 -85.17
C PHE A 22 -27.56 27.24 -86.46
N ARG A 23 -26.64 28.19 -86.72
CA ARG A 23 -26.75 29.00 -87.93
C ARG A 23 -26.60 28.15 -89.19
N PHE A 24 -25.69 27.18 -89.17
CA PHE A 24 -25.49 26.32 -90.33
C PHE A 24 -26.71 25.46 -90.60
N ALA A 25 -27.35 24.94 -89.55
CA ALA A 25 -28.55 24.14 -89.73
C ALA A 25 -29.70 24.99 -90.26
N VAL A 26 -29.85 26.22 -89.76
CA VAL A 26 -30.89 27.10 -90.28
C VAL A 26 -30.63 27.41 -91.76
N GLN A 27 -29.36 27.67 -92.11
CA GLN A 27 -29.02 27.91 -93.51
C GLN A 27 -29.31 26.71 -94.38
N LEU A 28 -28.97 25.51 -93.89
CA LEU A 28 -29.24 24.28 -94.64
C LEU A 28 -30.73 24.09 -94.86
N TYR A 29 -31.54 24.37 -93.84
CA TYR A 29 -32.99 24.25 -94.00
C TYR A 29 -33.51 25.25 -95.02
N ASN A 30 -33.02 26.49 -94.97
CA ASN A 30 -33.53 27.53 -95.86
C ASN A 30 -33.01 27.41 -97.29
N THR A 31 -31.92 26.66 -97.51
CA THR A 31 -31.34 26.53 -98.84
C THR A 31 -31.87 25.31 -99.60
N ASN A 32 -32.81 24.56 -99.02
CA ASN A 32 -33.36 23.40 -99.67
C ASN A 32 -34.20 23.82 -100.88
N GLN A 33 -33.95 23.18 -102.02
CA GLN A 33 -34.68 23.52 -103.24
C GLN A 33 -36.10 22.97 -103.23
N ASN A 34 -36.36 21.88 -102.52
CA ASN A 34 -37.68 21.28 -102.50
C ASN A 34 -38.65 22.18 -101.76
N THR A 35 -39.77 22.51 -102.42
CA THR A 35 -40.78 23.35 -101.79
C THR A 35 -41.46 22.62 -100.62
N THR A 36 -41.72 21.32 -100.78
CA THR A 36 -42.33 20.55 -99.70
C THR A 36 -41.42 20.49 -98.48
N GLU A 37 -40.11 20.30 -98.71
CA GLU A 37 -39.17 20.23 -97.59
C GLU A 37 -39.00 21.59 -96.91
N LYS A 38 -39.16 22.68 -97.66
CA LYS A 38 -39.01 24.04 -97.13
C LYS A 38 -40.23 24.86 -97.52
N PRO A 39 -41.37 24.64 -96.84
CA PRO A 39 -42.58 25.40 -97.17
C PRO A 39 -42.61 26.80 -96.56
N PHE A 40 -41.68 27.13 -95.67
CA PHE A 40 -41.65 28.44 -95.04
C PHE A 40 -40.20 28.82 -94.74
N HIS A 41 -39.95 30.13 -94.68
CA HIS A 41 -38.65 30.61 -94.29
C HIS A 41 -38.48 30.53 -92.76
N LEU A 42 -37.23 30.42 -92.33
CA LEU A 42 -36.90 30.31 -90.91
C LEU A 42 -35.97 31.44 -90.53
N ASN A 43 -36.33 32.19 -89.49
CA ASN A 43 -35.51 33.27 -88.98
C ASN A 43 -35.17 33.02 -87.52
N TYR A 44 -34.07 33.60 -87.06
CA TYR A 44 -33.62 33.40 -85.69
C TYR A 44 -33.34 34.75 -85.03
N HIS A 45 -33.44 34.75 -83.71
CA HIS A 45 -33.27 35.93 -82.86
C HIS A 45 -32.20 35.67 -81.81
N VAL A 46 -31.04 35.20 -82.25
CA VAL A 46 -29.95 34.80 -81.36
C VAL A 46 -29.59 35.94 -80.42
N ASP A 47 -29.44 35.62 -79.13
CA ASP A 47 -29.04 36.56 -78.10
C ASP A 47 -28.19 35.83 -77.07
N HIS A 48 -27.21 36.54 -76.52
CA HIS A 48 -26.31 36.01 -75.52
C HIS A 48 -26.67 36.56 -74.15
N LEU A 49 -26.73 35.68 -73.16
CA LEU A 49 -27.12 36.05 -71.80
C LEU A 49 -26.10 35.51 -70.80
N ASP A 50 -26.02 36.18 -69.65
CA ASP A 50 -25.15 35.77 -68.56
C ASP A 50 -26.02 35.05 -67.53
N SER A 51 -25.72 33.77 -67.30
CA SER A 51 -26.55 32.97 -66.40
C SER A 51 -26.43 33.44 -64.95
N SER A 52 -25.28 34.00 -64.57
CA SER A 52 -25.09 34.45 -63.20
C SER A 52 -25.93 35.67 -62.84
N ASN A 53 -26.50 36.35 -63.83
CA ASN A 53 -27.33 37.53 -63.61
C ASN A 53 -28.74 37.20 -64.10
N SER A 54 -29.66 36.98 -63.15
CA SER A 54 -31.03 36.64 -63.51
C SER A 54 -31.73 37.79 -64.22
N PHE A 55 -31.37 39.03 -63.89
CA PHE A 55 -31.98 40.19 -64.54
C PHE A 55 -31.68 40.20 -66.04
N SER A 56 -30.43 39.91 -66.41
CA SER A 56 -30.08 39.86 -67.83
C SER A 56 -30.79 38.73 -68.55
N VAL A 57 -30.91 37.57 -67.90
CA VAL A 57 -31.62 36.44 -68.51
C VAL A 57 -33.08 36.81 -68.76
N THR A 58 -33.71 37.44 -67.77
CA THR A 58 -35.11 37.85 -67.92
C THR A 58 -35.24 38.91 -69.02
N ASN A 59 -34.29 39.85 -69.09
CA ASN A 59 -34.32 40.84 -70.15
C ASN A 59 -34.24 40.20 -71.52
N ALA A 60 -33.32 39.26 -71.71
CA ALA A 60 -33.17 38.59 -73.00
C ALA A 60 -34.42 37.81 -73.36
N PHE A 61 -34.95 37.04 -72.41
CA PHE A 61 -36.13 36.23 -72.69
C PHE A 61 -37.32 37.12 -73.04
N CYS A 62 -37.51 38.22 -72.30
CA CYS A 62 -38.65 39.09 -72.56
C CYS A 62 -38.48 39.87 -73.86
N SER A 63 -37.26 40.26 -74.20
CA SER A 63 -37.04 40.89 -75.50
C SER A 63 -37.37 39.95 -76.64
N GLN A 64 -36.95 38.69 -76.52
CA GLN A 64 -37.29 37.71 -77.56
C GLN A 64 -38.79 37.45 -77.61
N PHE A 65 -39.44 37.40 -76.45
CA PHE A 65 -40.89 37.16 -76.41
C PHE A 65 -41.66 38.33 -77.03
N SER A 66 -41.23 39.57 -76.74
CA SER A 66 -41.91 40.73 -77.28
C SER A 66 -41.65 40.89 -78.77
N ARG A 67 -40.46 40.50 -79.23
CA ARG A 67 -40.16 40.55 -80.65
C ARG A 67 -41.10 39.67 -81.46
N GLY A 68 -41.59 38.59 -80.88
CA GLY A 68 -42.51 37.71 -81.54
C GLY A 68 -41.84 36.44 -82.04
N VAL A 69 -41.97 35.36 -81.28
CA VAL A 69 -41.38 34.07 -81.63
C VAL A 69 -42.40 32.98 -81.39
N TYR A 70 -42.20 31.85 -82.07
CA TYR A 70 -43.02 30.67 -81.89
C TYR A 70 -42.38 29.63 -80.98
N ALA A 71 -41.05 29.64 -80.89
CA ALA A 71 -40.32 28.76 -79.99
C ALA A 71 -38.96 29.37 -79.72
N ILE A 72 -38.34 28.97 -78.61
CA ILE A 72 -37.01 29.43 -78.25
C ILE A 72 -36.11 28.21 -78.11
N PHE A 73 -35.02 28.20 -78.86
CA PHE A 73 -33.95 27.23 -78.69
C PHE A 73 -32.86 27.88 -77.86
N GLY A 74 -32.44 27.21 -76.80
CA GLY A 74 -31.49 27.85 -75.91
C GLY A 74 -30.79 26.88 -75.00
N PHE A 75 -29.92 27.43 -74.16
CA PHE A 75 -29.14 26.69 -73.19
C PHE A 75 -29.41 27.27 -71.81
N TYR A 76 -29.44 26.41 -70.81
CA TYR A 76 -29.57 26.86 -69.43
C TYR A 76 -28.53 26.17 -68.56
N ASP A 77 -28.09 26.89 -67.53
CA ASP A 77 -27.19 26.37 -66.52
C ASP A 77 -28.00 26.02 -65.28
N GLN A 78 -27.32 25.54 -64.24
CA GLN A 78 -28.00 25.22 -62.99
C GLN A 78 -28.57 26.46 -62.33
N MET A 79 -28.12 27.66 -62.71
CA MET A 79 -28.64 28.90 -62.17
C MET A 79 -29.77 29.47 -63.01
N SER A 80 -29.70 29.33 -64.34
CA SER A 80 -30.71 29.88 -65.23
C SER A 80 -31.75 28.84 -65.65
N MET A 81 -31.68 27.62 -65.13
CA MET A 81 -32.67 26.60 -65.47
C MET A 81 -34.05 26.99 -64.96
N ASN A 82 -34.14 27.39 -63.68
CA ASN A 82 -35.44 27.67 -63.08
C ASN A 82 -36.13 28.85 -63.76
N THR A 83 -35.39 29.93 -64.02
CA THR A 83 -36.00 31.11 -64.61
C THR A 83 -36.56 30.82 -65.99
N LEU A 84 -35.74 30.25 -66.87
CA LEU A 84 -36.18 29.97 -68.23
C LEU A 84 -37.32 28.94 -68.24
N THR A 85 -37.20 27.88 -67.43
CA THR A 85 -38.22 26.86 -67.41
C THR A 85 -39.56 27.43 -66.93
N SER A 86 -39.52 28.22 -65.85
CA SER A 86 -40.76 28.80 -65.33
C SER A 86 -41.38 29.78 -66.32
N PHE A 87 -40.56 30.64 -66.93
CA PHE A 87 -41.09 31.61 -67.88
C PHE A 87 -41.68 30.93 -69.11
N CYS A 88 -41.06 29.84 -69.56
CA CYS A 88 -41.58 29.14 -70.73
C CYS A 88 -42.83 28.36 -70.40
N GLY A 89 -42.88 27.73 -69.22
CA GLY A 89 -44.07 26.98 -68.83
C GLY A 89 -45.25 27.82 -68.42
N ALA A 90 -45.00 29.06 -67.99
CA ALA A 90 -46.09 29.96 -67.59
C ALA A 90 -46.64 30.76 -68.75
N LEU A 91 -45.81 31.10 -69.74
CA LEU A 91 -46.25 31.83 -70.91
C LEU A 91 -46.70 30.92 -72.05
N HIS A 92 -46.70 29.61 -71.83
CA HIS A 92 -47.12 28.62 -72.83
C HIS A 92 -46.31 28.75 -74.12
N THR A 93 -45.00 28.93 -73.98
CA THR A 93 -44.08 28.99 -75.12
C THR A 93 -43.06 27.88 -74.98
N SER A 94 -42.90 27.08 -76.03
CA SER A 94 -42.02 25.91 -75.97
C SER A 94 -40.56 26.34 -75.93
N PHE A 95 -39.76 25.55 -75.23
CA PHE A 95 -38.31 25.75 -75.10
C PHE A 95 -37.61 24.47 -75.51
N VAL A 96 -36.96 24.49 -76.67
CA VAL A 96 -36.20 23.35 -77.16
C VAL A 96 -34.76 23.52 -76.71
N THR A 97 -34.25 22.58 -75.91
CA THR A 97 -32.93 22.73 -75.34
C THR A 97 -32.10 21.46 -75.50
N PRO A 98 -30.81 21.59 -75.83
CA PRO A 98 -29.91 20.44 -75.81
C PRO A 98 -29.14 20.26 -74.50
N SER A 99 -29.42 21.07 -73.49
CA SER A 99 -28.72 21.01 -72.21
C SER A 99 -29.25 19.84 -71.38
N PHE A 100 -28.84 19.78 -70.12
CA PHE A 100 -29.17 18.63 -69.29
C PHE A 100 -30.68 18.54 -69.06
N PRO A 101 -31.24 17.34 -69.03
CA PRO A 101 -32.68 17.20 -68.77
C PRO A 101 -33.03 17.64 -67.36
N THR A 102 -34.24 18.19 -67.23
CA THR A 102 -34.71 18.64 -65.93
C THR A 102 -35.09 17.44 -65.06
N ASP A 103 -34.72 17.51 -63.78
CA ASP A 103 -35.04 16.43 -62.85
C ASP A 103 -36.55 16.29 -62.66
N ALA A 104 -37.25 17.42 -62.50
CA ALA A 104 -38.69 17.40 -62.30
C ALA A 104 -39.42 17.32 -63.64
N ASP A 105 -40.71 17.02 -63.57
CA ASP A 105 -41.57 16.95 -64.75
C ASP A 105 -42.12 18.34 -65.03
N VAL A 106 -41.75 18.92 -66.16
CA VAL A 106 -42.17 20.25 -66.55
C VAL A 106 -42.74 20.21 -67.96
N GLN A 107 -43.57 21.20 -68.27
CA GLN A 107 -44.20 21.32 -69.57
C GLN A 107 -43.51 22.38 -70.41
N PHE A 108 -43.78 22.33 -71.72
CA PHE A 108 -43.24 23.29 -72.69
C PHE A 108 -41.72 23.26 -72.76
N VAL A 109 -41.10 22.16 -72.37
CA VAL A 109 -39.65 21.98 -72.44
C VAL A 109 -39.38 20.71 -73.23
N ILE A 110 -38.77 20.86 -74.40
CA ILE A 110 -38.38 19.72 -75.24
C ILE A 110 -36.87 19.55 -75.06
N GLN A 111 -36.49 18.51 -74.32
CA GLN A 111 -35.10 18.28 -73.95
C GLN A 111 -34.46 17.33 -74.95
N MET A 112 -33.47 17.84 -75.67
CA MET A 112 -32.80 17.08 -76.72
C MET A 112 -31.72 16.15 -76.19
N ARG A 113 -31.25 16.35 -74.96
CA ARG A 113 -30.13 15.57 -74.44
C ARG A 113 -30.64 14.29 -73.79
N PRO A 114 -30.10 13.13 -74.16
CA PRO A 114 -30.53 11.88 -73.54
C PRO A 114 -30.14 11.80 -72.07
N ALA A 115 -30.92 11.02 -71.31
CA ALA A 115 -30.61 10.74 -69.92
C ALA A 115 -29.76 9.48 -69.82
N LEU A 116 -28.73 9.53 -68.98
CA LEU A 116 -27.75 8.46 -68.88
C LEU A 116 -28.02 7.50 -67.73
N LYS A 117 -29.06 7.72 -66.94
CA LYS A 117 -29.26 6.88 -65.74
C LYS A 117 -29.51 5.43 -66.12
N GLY A 118 -30.34 5.19 -67.14
CA GLY A 118 -30.62 3.82 -67.55
C GLY A 118 -29.39 3.11 -68.09
N ALA A 119 -28.61 3.81 -68.93
CA ALA A 119 -27.40 3.22 -69.48
C ALA A 119 -26.38 2.95 -68.37
N ILE A 120 -26.25 3.87 -67.42
CA ILE A 120 -25.31 3.67 -66.32
C ILE A 120 -25.72 2.46 -65.49
N LEU A 121 -27.02 2.34 -65.20
CA LEU A 121 -27.50 1.19 -64.42
C LEU A 121 -27.27 -0.12 -65.18
N SER A 122 -27.52 -0.11 -66.49
CA SER A 122 -27.31 -1.32 -67.28
C SER A 122 -25.84 -1.72 -67.32
N LEU A 123 -24.95 -0.74 -67.47
CA LEU A 123 -23.52 -1.04 -67.43
C LEU A 123 -23.09 -1.56 -66.07
N LEU A 124 -23.62 -0.98 -64.99
CA LEU A 124 -23.29 -1.48 -63.66
C LEU A 124 -23.76 -2.93 -63.47
N SER A 125 -24.97 -3.24 -63.97
CA SER A 125 -25.47 -4.61 -63.87
C SER A 125 -24.64 -5.57 -64.71
N TYR A 126 -24.26 -5.15 -65.92
CA TYR A 126 -23.53 -6.05 -66.82
C TYR A 126 -22.10 -6.30 -66.34
N TYR A 127 -21.42 -5.25 -65.89
CA TYR A 127 -20.04 -5.37 -65.43
C TYR A 127 -19.93 -5.97 -64.04
N LYS A 128 -21.07 -6.20 -63.36
CA LYS A 128 -21.10 -6.79 -62.02
C LYS A 128 -20.32 -5.93 -61.02
N TRP A 129 -20.79 -4.70 -60.86
CA TRP A 129 -20.19 -3.76 -59.92
C TRP A 129 -21.02 -3.74 -58.64
N GLU A 130 -20.50 -4.38 -57.58
CA GLU A 130 -21.13 -4.33 -56.27
C GLU A 130 -20.37 -3.45 -55.28
N LYS A 131 -19.22 -2.91 -55.67
CA LYS A 131 -18.41 -2.09 -54.78
C LYS A 131 -17.62 -1.12 -55.65
N PHE A 132 -17.97 0.16 -55.57
CA PHE A 132 -17.32 1.17 -56.39
C PHE A 132 -17.43 2.55 -55.74
N VAL A 133 -16.70 3.50 -56.32
CA VAL A 133 -16.62 4.87 -55.80
C VAL A 133 -17.29 5.80 -56.80
N TYR A 134 -18.34 6.47 -56.35
CA TYR A 134 -19.14 7.36 -57.20
C TYR A 134 -18.79 8.81 -56.87
N LEU A 135 -18.04 9.45 -57.78
CA LEU A 135 -17.75 10.87 -57.68
C LEU A 135 -18.74 11.63 -58.54
N TYR A 136 -19.36 12.67 -57.99
CA TYR A 136 -20.43 13.37 -58.68
C TYR A 136 -20.41 14.85 -58.35
N ASP A 137 -21.15 15.62 -59.15
CA ASP A 137 -21.42 17.02 -58.87
C ASP A 137 -22.88 17.33 -59.18
N THR A 138 -23.22 18.61 -59.14
CA THR A 138 -24.60 19.06 -59.25
C THR A 138 -24.94 19.66 -60.60
N GLU A 139 -23.93 20.09 -61.38
CA GLU A 139 -24.11 20.92 -62.55
C GLU A 139 -25.04 20.34 -63.61
N ARG A 140 -25.48 19.08 -63.49
CA ARG A 140 -26.41 18.51 -64.46
C ARG A 140 -27.64 17.88 -63.80
N GLY A 141 -27.85 18.10 -62.52
CA GLY A 141 -29.05 17.59 -61.87
C GLY A 141 -28.79 16.57 -60.78
N PHE A 142 -29.85 15.92 -60.31
CA PHE A 142 -29.75 14.93 -59.23
C PHE A 142 -30.33 13.57 -59.63
N SER A 143 -30.78 13.41 -60.88
CA SER A 143 -31.41 12.16 -61.29
C SER A 143 -30.43 11.00 -61.22
N VAL A 144 -29.21 11.21 -61.72
CA VAL A 144 -28.22 10.13 -61.73
C VAL A 144 -27.84 9.73 -60.32
N LEU A 145 -27.61 10.72 -59.44
CA LEU A 145 -27.19 10.42 -58.07
C LEU A 145 -28.28 9.66 -57.32
N GLN A 146 -29.52 10.10 -57.43
CA GLN A 146 -30.62 9.41 -56.74
C GLN A 146 -30.86 8.04 -57.34
N ALA A 147 -30.70 7.88 -58.65
CA ALA A 147 -30.83 6.55 -59.26
C ALA A 147 -29.75 5.61 -58.74
N ILE A 148 -28.52 6.10 -58.64
CA ILE A 148 -27.43 5.26 -58.13
C ILE A 148 -27.68 4.88 -56.68
N MET A 149 -28.14 5.83 -55.86
CA MET A 149 -28.41 5.52 -54.46
C MET A 149 -29.54 4.50 -54.33
N GLU A 150 -30.61 4.68 -55.12
CA GLU A 150 -31.74 3.75 -55.05
C GLU A 150 -31.33 2.36 -55.52
N ALA A 151 -30.49 2.27 -56.57
CA ALA A 151 -30.00 0.97 -57.00
C ALA A 151 -29.09 0.34 -55.96
N ALA A 152 -28.27 1.15 -55.29
CA ALA A 152 -27.37 0.62 -54.27
C ALA A 152 -28.15 0.05 -53.09
N VAL A 153 -29.17 0.76 -52.63
CA VAL A 153 -29.97 0.23 -51.53
C VAL A 153 -30.82 -0.95 -52.01
N GLN A 154 -31.25 -0.94 -53.27
CA GLN A 154 -32.07 -2.03 -53.78
C GLN A 154 -31.24 -3.28 -54.07
N ASN A 155 -30.06 -3.10 -54.66
CA ASN A 155 -29.22 -4.23 -55.06
C ASN A 155 -28.12 -4.56 -54.08
N ASN A 156 -28.08 -3.89 -52.93
CA ASN A 156 -27.09 -4.16 -51.88
C ASN A 156 -25.66 -3.97 -52.39
N TRP A 157 -25.40 -2.77 -52.91
CA TRP A 157 -24.08 -2.40 -53.37
C TRP A 157 -23.31 -1.64 -52.29
N GLN A 158 -22.01 -1.51 -52.50
CA GLN A 158 -21.12 -0.72 -51.64
C GLN A 158 -20.61 0.45 -52.47
N VAL A 159 -21.34 1.57 -52.41
CA VAL A 159 -21.02 2.75 -53.19
C VAL A 159 -20.49 3.83 -52.25
N THR A 160 -19.26 4.29 -52.53
CA THR A 160 -18.65 5.37 -51.78
C THR A 160 -18.95 6.66 -52.54
N ALA A 161 -19.97 7.39 -52.08
CA ALA A 161 -20.44 8.57 -52.80
C ALA A 161 -19.72 9.82 -52.30
N ARG A 162 -19.13 10.57 -53.22
CA ARG A 162 -18.42 11.80 -52.90
C ARG A 162 -18.83 12.90 -53.88
N SER A 163 -19.18 14.07 -53.35
CA SER A 163 -19.53 15.23 -54.16
C SER A 163 -18.25 16.06 -54.35
N VAL A 164 -17.80 16.18 -55.59
CA VAL A 164 -16.57 16.89 -55.92
C VAL A 164 -16.86 18.19 -56.67
N GLY A 165 -18.12 18.66 -56.65
CA GLY A 165 -18.45 19.89 -57.35
C GLY A 165 -18.06 21.15 -56.62
N ASN A 166 -17.75 21.06 -55.33
CA ASN A 166 -17.34 22.21 -54.53
C ASN A 166 -15.85 22.19 -54.21
N ILE A 167 -15.07 21.40 -54.94
CA ILE A 167 -13.64 21.25 -54.70
C ILE A 167 -12.89 22.13 -55.69
N LYS A 168 -12.03 23.00 -55.18
CA LYS A 168 -11.20 23.88 -56.00
C LYS A 168 -9.72 23.55 -55.92
N ASP A 169 -9.30 22.76 -54.93
CA ASP A 169 -7.89 22.41 -54.78
C ASP A 169 -7.68 20.97 -55.23
N VAL A 170 -6.72 20.77 -56.15
CA VAL A 170 -6.46 19.43 -56.68
C VAL A 170 -5.93 18.49 -55.61
N GLN A 171 -5.35 19.01 -54.54
CA GLN A 171 -4.90 18.16 -53.44
C GLN A 171 -6.07 17.44 -52.79
N GLU A 172 -7.27 18.01 -52.81
CA GLU A 172 -8.44 17.28 -52.34
C GLU A 172 -8.72 16.06 -53.20
N PHE A 173 -8.59 16.21 -54.53
CA PHE A 173 -8.72 15.06 -55.41
C PHE A 173 -7.65 14.02 -55.13
N ARG A 174 -6.41 14.48 -54.90
CA ARG A 174 -5.32 13.55 -54.59
C ARG A 174 -5.62 12.77 -53.32
N ARG A 175 -6.09 13.46 -52.27
CA ARG A 175 -6.41 12.79 -51.02
C ARG A 175 -7.57 11.82 -51.19
N ILE A 176 -8.58 12.19 -51.98
CA ILE A 176 -9.70 11.29 -52.22
C ILE A 176 -9.23 10.02 -52.93
N ILE A 177 -8.41 10.17 -53.97
CA ILE A 177 -7.91 9.01 -54.70
C ILE A 177 -7.05 8.13 -53.78
N GLU A 178 -6.20 8.76 -52.97
CA GLU A 178 -5.34 7.99 -52.06
C GLU A 178 -6.16 7.21 -51.05
N GLU A 179 -7.17 7.86 -50.44
CA GLU A 179 -7.97 7.16 -49.44
C GLU A 179 -8.84 6.08 -50.06
N MET A 180 -9.26 6.26 -51.31
CA MET A 180 -10.01 5.20 -51.98
C MET A 180 -9.11 4.02 -52.30
N ASP A 181 -7.88 4.27 -52.75
CA ASP A 181 -6.97 3.17 -53.02
C ASP A 181 -6.58 2.44 -51.74
N ARG A 182 -6.40 3.16 -50.64
N ARG A 182 -6.41 3.16 -50.63
CA ARG A 182 -6.08 2.52 -49.36
CA ARG A 182 -6.07 2.51 -49.37
C ARG A 182 -7.20 1.58 -48.92
C ARG A 182 -7.20 1.62 -48.87
N ARG A 183 -8.42 1.83 -49.38
CA ARG A 183 -9.55 0.96 -49.10
C ARG A 183 -9.65 -0.17 -50.13
N GLN A 184 -8.73 -0.22 -51.09
CA GLN A 184 -8.72 -1.21 -52.16
C GLN A 184 -9.94 -1.08 -53.06
N GLU A 185 -10.16 0.14 -53.55
CA GLU A 185 -11.24 0.43 -54.48
C GLU A 185 -10.67 0.51 -55.89
N LYS A 186 -11.24 -0.28 -56.80
CA LYS A 186 -10.74 -0.37 -58.17
C LYS A 186 -11.66 0.23 -59.21
N ARG A 187 -12.95 0.38 -58.91
CA ARG A 187 -13.93 0.83 -59.90
C ARG A 187 -14.47 2.20 -59.51
N TYR A 188 -14.41 3.13 -60.46
CA TYR A 188 -14.81 4.51 -60.25
C TYR A 188 -15.88 4.89 -61.27
N LEU A 189 -16.92 5.57 -60.79
CA LEU A 189 -17.95 6.17 -61.63
C LEU A 189 -17.89 7.67 -61.43
N ILE A 190 -17.39 8.38 -62.44
CA ILE A 190 -17.20 9.82 -62.38
C ILE A 190 -18.28 10.47 -63.23
N ASP A 191 -19.27 11.06 -62.56
CA ASP A 191 -20.35 11.79 -63.22
C ASP A 191 -20.12 13.27 -62.93
N CYS A 192 -19.29 13.90 -63.75
CA CYS A 192 -18.90 15.29 -63.55
C CYS A 192 -18.79 15.98 -64.89
N GLU A 193 -18.42 17.26 -64.85
CA GLU A 193 -18.22 18.03 -66.07
C GLU A 193 -16.95 17.58 -66.78
N VAL A 194 -16.81 18.00 -68.04
CA VAL A 194 -15.66 17.60 -68.84
C VAL A 194 -14.37 18.11 -68.20
N GLU A 195 -14.35 19.37 -67.76
CA GLU A 195 -13.17 19.91 -67.11
C GLU A 195 -12.88 19.21 -65.79
N ARG A 196 -13.91 18.93 -65.00
CA ARG A 196 -13.71 18.22 -63.74
C ARG A 196 -13.23 16.79 -63.98
N ILE A 197 -13.79 16.13 -65.00
CA ILE A 197 -13.34 14.78 -65.35
C ILE A 197 -11.88 14.80 -65.78
N ASN A 198 -11.49 15.80 -66.58
CA ASN A 198 -10.10 15.93 -66.99
C ASN A 198 -9.17 16.15 -65.80
N THR A 199 -9.60 16.99 -64.85
CA THR A 199 -8.78 17.23 -63.66
C THR A 199 -8.64 15.95 -62.84
N ILE A 200 -9.73 15.20 -62.65
CA ILE A 200 -9.66 13.96 -61.90
C ILE A 200 -8.75 12.96 -62.60
N LEU A 201 -8.86 12.86 -63.93
CA LEU A 201 -8.03 11.91 -64.66
C LEU A 201 -6.55 12.30 -64.61
N GLU A 202 -6.24 13.60 -64.68
CA GLU A 202 -4.85 14.01 -64.61
C GLU A 202 -4.28 13.80 -63.21
N GLN A 203 -5.11 13.98 -62.17
CA GLN A 203 -4.66 13.63 -60.82
C GLN A 203 -4.44 12.13 -60.68
N VAL A 204 -5.27 11.32 -61.33
CA VAL A 204 -5.05 9.87 -61.35
C VAL A 204 -3.73 9.53 -62.02
N VAL A 205 -3.46 10.17 -63.16
CA VAL A 205 -2.22 9.90 -63.89
C VAL A 205 -1.00 10.33 -63.07
N ILE A 206 -1.08 11.50 -62.43
CA ILE A 206 0.04 11.95 -61.59
C ILE A 206 0.29 10.98 -60.45
N LEU A 207 -0.78 10.50 -59.82
CA LEU A 207 -0.64 9.53 -58.74
C LEU A 207 -0.27 8.14 -59.24
N GLY A 208 -0.24 7.92 -60.55
CA GLY A 208 0.07 6.61 -61.08
C GLY A 208 -1.02 5.58 -60.86
N LYS A 209 -2.27 6.01 -60.79
CA LYS A 209 -3.40 5.12 -60.52
C LYS A 209 -4.04 4.59 -61.78
N HIS A 210 -3.48 4.90 -62.95
CA HIS A 210 -4.06 4.53 -64.24
C HIS A 210 -3.47 3.24 -64.80
N SER A 211 -2.96 2.36 -63.94
CA SER A 211 -2.38 1.10 -64.37
C SER A 211 -3.49 0.07 -64.59
N ARG A 212 -3.08 -1.13 -65.01
CA ARG A 212 -4.04 -2.21 -65.24
C ARG A 212 -4.69 -2.63 -63.93
N GLY A 213 -5.97 -3.02 -64.02
CA GLY A 213 -6.76 -3.42 -62.87
C GLY A 213 -7.74 -2.37 -62.41
N TYR A 214 -7.53 -1.12 -62.80
CA TYR A 214 -8.44 -0.04 -62.46
C TYR A 214 -9.41 0.21 -63.61
N HIS A 215 -10.69 0.35 -63.27
CA HIS A 215 -11.73 0.61 -64.26
C HIS A 215 -12.37 1.96 -63.96
N TYR A 216 -12.45 2.81 -65.00
CA TYR A 216 -13.05 4.13 -64.89
C TYR A 216 -14.16 4.24 -65.92
N MET A 217 -15.39 4.42 -65.44
CA MET A 217 -16.55 4.58 -66.30
C MET A 217 -17.01 6.04 -66.21
N LEU A 218 -16.90 6.76 -67.32
CA LEU A 218 -17.16 8.19 -67.35
C LEU A 218 -18.63 8.42 -67.68
N ALA A 219 -19.38 8.94 -66.71
CA ALA A 219 -20.81 9.19 -66.88
C ALA A 219 -21.03 10.58 -67.46
N ASN A 220 -20.61 10.73 -68.72
CA ASN A 220 -20.76 12.00 -69.42
C ASN A 220 -20.72 11.73 -70.91
N LEU A 221 -21.57 12.42 -71.66
CA LEU A 221 -21.59 12.26 -73.12
C LEU A 221 -20.60 13.22 -73.76
N GLY A 222 -19.38 13.24 -73.25
CA GLY A 222 -18.32 14.07 -73.80
C GLY A 222 -17.06 13.26 -74.01
N PHE A 223 -17.23 12.01 -74.42
CA PHE A 223 -16.10 11.08 -74.50
C PHE A 223 -15.00 11.59 -75.43
N THR A 224 -15.37 12.28 -76.50
CA THR A 224 -14.37 12.86 -77.40
C THR A 224 -13.72 14.12 -76.83
N ASP A 225 -14.35 14.77 -75.86
CA ASP A 225 -13.83 15.98 -75.26
C ASP A 225 -12.98 15.72 -74.03
N ILE A 226 -12.83 14.47 -73.61
CA ILE A 226 -12.08 14.13 -72.40
C ILE A 226 -10.68 13.71 -72.80
N LEU A 227 -9.68 14.34 -72.18
CA LEU A 227 -8.28 14.01 -72.43
C LEU A 227 -7.90 12.80 -71.59
N LEU A 228 -7.68 11.66 -72.26
CA LEU A 228 -7.37 10.43 -71.57
C LEU A 228 -6.26 9.63 -72.24
N GLU A 229 -5.40 10.29 -73.03
CA GLU A 229 -4.33 9.59 -73.73
C GLU A 229 -3.39 8.90 -72.75
N ARG A 230 -3.01 9.60 -71.68
CA ARG A 230 -2.10 9.01 -70.69
C ARG A 230 -2.75 7.82 -69.99
N VAL A 231 -4.05 7.93 -69.69
CA VAL A 231 -4.76 6.81 -69.07
C VAL A 231 -4.78 5.61 -70.01
N MET A 232 -4.97 5.85 -71.31
CA MET A 232 -4.92 4.76 -72.27
C MET A 232 -3.53 4.12 -72.30
N HIS A 233 -2.48 4.96 -72.27
CA HIS A 233 -1.12 4.42 -72.24
C HIS A 233 -0.87 3.60 -70.98
N GLY A 234 -1.51 3.96 -69.86
CA GLY A 234 -1.36 3.19 -68.64
C GLY A 234 -1.93 1.80 -68.73
N GLY A 235 -3.03 1.63 -69.47
CA GLY A 235 -3.67 0.34 -69.63
C GLY A 235 -4.92 0.11 -68.80
N ALA A 236 -5.39 1.12 -68.08
CA ALA A 236 -6.60 0.97 -67.29
C ALA A 236 -7.83 0.93 -68.19
N ASN A 237 -8.87 0.26 -67.72
CA ASN A 237 -10.11 0.16 -68.47
C ASN A 237 -10.88 1.48 -68.39
N ILE A 238 -11.44 1.89 -69.54
CA ILE A 238 -12.23 3.11 -69.62
C ILE A 238 -13.54 2.78 -70.34
N THR A 239 -14.66 3.15 -69.73
CA THR A 239 -15.97 2.99 -70.32
C THR A 239 -16.60 4.37 -70.52
N GLY A 240 -17.03 4.65 -71.75
CA GLY A 240 -17.63 5.94 -72.06
C GLY A 240 -18.94 5.77 -72.80
N PHE A 241 -19.68 6.88 -72.89
CA PHE A 241 -20.97 6.89 -73.56
C PHE A 241 -20.99 8.00 -74.59
N GLN A 242 -21.57 7.71 -75.76
CA GLN A 242 -21.69 8.67 -76.84
C GLN A 242 -23.08 8.56 -77.44
N ILE A 243 -23.47 9.58 -78.21
CA ILE A 243 -24.72 9.56 -78.93
C ILE A 243 -24.58 9.91 -80.40
N VAL A 244 -23.42 10.39 -80.83
CA VAL A 244 -23.15 10.69 -82.24
C VAL A 244 -22.29 9.56 -82.79
N ASN A 245 -22.82 8.84 -83.78
CA ASN A 245 -22.15 7.72 -84.39
C ASN A 245 -21.53 8.17 -85.71
N ASN A 246 -20.21 8.06 -85.81
CA ASN A 246 -19.51 8.51 -87.01
C ASN A 246 -19.82 7.68 -88.24
N GLU A 247 -20.30 6.45 -88.06
CA GLU A 247 -20.67 5.60 -89.19
C GLU A 247 -22.03 5.96 -89.77
N ASN A 248 -22.78 6.82 -89.12
CA ASN A 248 -24.06 7.28 -89.65
C ASN A 248 -23.83 8.13 -90.89
N PRO A 249 -24.43 7.80 -92.04
CA PRO A 249 -24.18 8.62 -93.24
C PRO A 249 -24.56 10.08 -93.09
N MET A 250 -25.63 10.38 -92.36
CA MET A 250 -26.04 11.77 -92.16
C MET A 250 -24.96 12.54 -91.39
N VAL A 251 -24.39 11.91 -90.36
CA VAL A 251 -23.28 12.53 -89.63
C VAL A 251 -22.10 12.76 -90.56
N GLN A 252 -21.84 11.81 -91.46
CA GLN A 252 -20.74 11.97 -92.40
C GLN A 252 -20.95 13.17 -93.33
N GLN A 253 -22.17 13.32 -93.86
CA GLN A 253 -22.46 14.47 -94.70
C GLN A 253 -22.35 15.78 -93.91
N PHE A 254 -22.85 15.79 -92.67
CA PHE A 254 -22.77 17.00 -91.87
C PHE A 254 -21.33 17.38 -91.59
N ILE A 255 -20.48 16.39 -91.32
CA ILE A 255 -19.07 16.67 -91.06
C ILE A 255 -18.37 17.16 -92.33
N GLN A 256 -18.63 16.50 -93.48
CA GLN A 256 -17.93 16.90 -94.69
C GLN A 256 -18.36 18.29 -95.16
N ARG A 257 -19.61 18.67 -94.93
CA ARG A 257 -20.00 20.06 -95.17
C ARG A 257 -19.55 20.99 -94.06
N TRP A 258 -19.27 20.46 -92.87
CA TRP A 258 -18.88 21.27 -91.72
C TRP A 258 -17.43 21.73 -91.81
N VAL A 259 -16.55 20.87 -92.34
CA VAL A 259 -15.13 21.19 -92.42
C VAL A 259 -14.78 22.15 -93.54
N ARG A 260 -15.75 22.52 -94.37
CA ARG A 260 -15.54 23.42 -95.50
C ARG A 260 -16.32 24.71 -95.31
N LEU A 261 -16.29 25.24 -94.10
CA LEU A 261 -16.94 26.50 -93.77
C LEU A 261 -15.89 27.53 -93.35
N ASP A 262 -16.18 28.80 -93.63
CA ASP A 262 -15.23 29.86 -93.31
C ASP A 262 -15.02 29.96 -91.81
N GLU A 263 -13.76 30.17 -91.41
CA GLU A 263 -13.42 30.29 -90.00
C GLU A 263 -13.93 31.58 -89.38
N ARG A 264 -14.30 32.57 -90.19
CA ARG A 264 -14.85 33.83 -89.69
C ARG A 264 -16.37 33.83 -89.65
N GLU A 265 -17.02 33.31 -90.68
CA GLU A 265 -18.48 33.24 -90.69
C GLU A 265 -18.99 32.20 -89.71
N PHE A 266 -18.28 31.07 -89.59
CA PHE A 266 -18.67 29.97 -88.71
C PHE A 266 -17.48 29.63 -87.82
N PRO A 267 -17.32 30.35 -86.70
CA PRO A 267 -16.22 30.05 -85.79
C PRO A 267 -16.37 28.67 -85.15
N GLU A 268 -15.23 28.14 -84.72
CA GLU A 268 -15.06 26.82 -84.10
C GLU A 268 -15.28 25.68 -85.07
N ALA A 269 -15.54 25.95 -86.34
CA ALA A 269 -15.62 24.91 -87.36
C ALA A 269 -14.24 24.64 -87.93
N LYS A 270 -14.05 23.41 -88.40
CA LYS A 270 -12.81 22.91 -88.99
C LYS A 270 -11.57 23.27 -88.18
N ASN A 271 -11.74 23.49 -86.88
CA ASN A 271 -10.63 23.72 -85.96
C ASN A 271 -10.66 22.81 -84.75
N ALA A 272 -11.85 22.46 -84.26
CA ALA A 272 -12.04 21.62 -83.10
C ALA A 272 -12.98 20.46 -83.43
N PRO A 273 -12.88 19.35 -82.71
CA PRO A 273 -13.79 18.22 -82.98
C PRO A 273 -15.23 18.61 -82.71
N LEU A 274 -16.13 18.02 -83.50
CA LEU A 274 -17.55 18.34 -83.40
C LEU A 274 -18.11 17.86 -82.07
N LYS A 275 -18.50 18.80 -81.23
CA LYS A 275 -19.11 18.46 -79.94
C LYS A 275 -20.49 17.85 -80.16
N TYR A 276 -20.87 16.94 -79.27
CA TYR A 276 -22.17 16.29 -79.38
C TYR A 276 -23.31 17.30 -79.24
N THR A 277 -23.07 18.41 -78.53
CA THR A 277 -24.11 19.40 -78.35
C THR A 277 -24.41 20.13 -79.66
N SER A 278 -23.42 20.28 -80.54
CA SER A 278 -23.69 20.82 -81.87
C SER A 278 -24.60 19.90 -82.68
N ALA A 279 -24.37 18.59 -82.59
CA ALA A 279 -25.25 17.63 -83.24
C ALA A 279 -26.65 17.68 -82.65
N LEU A 280 -26.73 17.87 -81.33
CA LEU A 280 -28.04 18.04 -80.69
C LEU A 280 -28.74 19.30 -81.19
N THR A 281 -27.98 20.36 -81.41
CA THR A 281 -28.55 21.59 -81.98
C THR A 281 -29.08 21.35 -83.39
N HIS A 282 -28.31 20.64 -84.22
CA HIS A 282 -28.78 20.33 -85.57
C HIS A 282 -30.04 19.47 -85.54
N ASP A 283 -30.07 18.48 -84.64
CA ASP A 283 -31.27 17.65 -84.50
C ASP A 283 -32.45 18.46 -83.98
N ALA A 284 -32.21 19.44 -83.11
CA ALA A 284 -33.29 20.30 -82.63
C ALA A 284 -33.84 21.16 -83.76
N ILE A 285 -32.96 21.65 -84.64
CA ILE A 285 -33.43 22.39 -85.81
C ILE A 285 -34.28 21.49 -86.70
N LEU A 286 -33.84 20.25 -86.90
CA LEU A 286 -34.63 19.31 -87.68
C LEU A 286 -36.00 19.06 -87.04
N VAL A 287 -36.01 18.91 -85.71
CA VAL A 287 -37.26 18.66 -84.99
C VAL A 287 -38.21 19.83 -85.14
N ILE A 288 -37.69 21.06 -85.00
CA ILE A 288 -38.53 22.25 -85.13
C ILE A 288 -39.10 22.34 -86.54
N ALA A 289 -38.26 22.11 -87.55
CA ALA A 289 -38.72 22.16 -88.93
C ALA A 289 -39.81 21.12 -89.19
N GLU A 290 -39.60 19.88 -88.71
CA GLU A 290 -40.58 18.82 -88.94
C GLU A 290 -41.89 19.13 -88.22
N ALA A 291 -41.81 19.62 -86.98
CA ALA A 291 -43.02 19.91 -86.22
C ALA A 291 -43.82 21.03 -86.88
N PHE A 292 -43.15 22.09 -87.32
CA PHE A 292 -43.88 23.16 -87.99
C PHE A 292 -44.39 22.75 -89.37
N ARG A 293 -43.68 21.87 -90.07
CA ARG A 293 -44.22 21.32 -91.32
C ARG A 293 -45.48 20.50 -91.06
N TYR A 294 -45.49 19.70 -89.98
CA TYR A 294 -46.68 18.95 -89.61
C TYR A 294 -47.83 19.90 -89.26
N LEU A 295 -47.52 20.99 -88.54
CA LEU A 295 -48.54 21.98 -88.22
C LEU A 295 -49.12 22.59 -89.49
N ARG A 296 -48.28 22.90 -90.47
CA ARG A 296 -48.77 23.44 -91.75
C ARG A 296 -49.62 22.42 -92.50
N ARG A 297 -49.21 21.14 -92.49
CA ARG A 297 -49.97 20.13 -93.21
C ARG A 297 -51.35 19.92 -92.59
N GLN A 298 -51.43 19.92 -91.26
CA GLN A 298 -52.69 19.68 -90.57
C GLN A 298 -53.59 20.90 -90.53
N ARG A 299 -53.18 22.01 -91.16
CA ARG A 299 -53.97 23.24 -91.20
C ARG A 299 -54.30 23.74 -89.79
N VAL A 300 -53.33 23.64 -88.91
CA VAL A 300 -53.46 24.13 -87.54
C VAL A 300 -53.14 25.62 -87.53
N ASP A 301 -54.06 26.43 -87.03
CA ASP A 301 -53.91 27.88 -87.04
C ASP A 301 -52.95 28.29 -85.93
N VAL A 302 -51.71 28.61 -86.32
CA VAL A 302 -50.70 29.13 -85.39
C VAL A 302 -50.22 30.47 -85.92
N SER A 303 -50.16 31.46 -85.05
CA SER A 303 -49.74 32.80 -85.43
C SER A 303 -49.35 33.63 -84.20
N ALA A 308 -47.56 40.26 -78.82
CA ALA A 308 -47.33 39.23 -77.80
C ALA A 308 -47.50 39.80 -76.40
N GLY A 309 -47.12 41.06 -76.23
CA GLY A 309 -47.23 41.71 -74.94
C GLY A 309 -46.05 41.46 -74.04
N ASP A 310 -46.12 42.05 -72.84
CA ASP A 310 -45.06 41.91 -71.87
C ASP A 310 -45.11 40.55 -71.19
N CYS A 311 -43.99 40.20 -70.54
CA CYS A 311 -43.91 38.91 -69.85
C CYS A 311 -44.84 38.89 -68.64
N LEU A 312 -44.78 39.93 -67.81
CA LEU A 312 -45.39 39.91 -66.49
C LEU A 312 -46.65 40.76 -66.49
N ALA A 313 -47.77 40.13 -66.82
CA ALA A 313 -49.09 40.71 -66.62
C ALA A 313 -49.78 39.96 -65.49
N ASN A 314 -50.37 40.70 -64.55
CA ASN A 314 -50.97 40.07 -63.38
C ASN A 314 -52.03 39.05 -63.77
N PRO A 315 -52.96 39.32 -64.71
CA PRO A 315 -53.63 38.22 -65.39
C PRO A 315 -52.61 37.40 -66.18
N ALA A 316 -52.38 36.15 -65.77
CA ALA A 316 -51.40 35.29 -66.44
C ALA A 316 -52.09 34.64 -67.63
N VAL A 317 -52.32 35.43 -68.68
CA VAL A 317 -53.00 34.95 -69.88
C VAL A 317 -52.05 34.05 -70.66
N PRO A 318 -52.43 32.79 -70.91
CA PRO A 318 -51.55 31.90 -71.67
C PRO A 318 -51.86 31.92 -73.17
N TRP A 319 -50.81 31.93 -73.99
CA TRP A 319 -50.99 31.99 -75.43
C TRP A 319 -51.59 30.68 -75.93
N SER A 320 -52.69 30.79 -76.69
CA SER A 320 -53.52 29.62 -76.97
C SER A 320 -52.81 28.60 -77.86
N GLN A 321 -52.19 29.06 -78.95
CA GLN A 321 -51.59 28.14 -79.91
C GLN A 321 -50.40 27.38 -79.34
N GLY A 322 -49.77 27.88 -78.27
CA GLY A 322 -48.57 27.26 -77.77
C GLY A 322 -48.75 25.80 -77.43
N ILE A 323 -49.87 25.46 -76.77
CA ILE A 323 -50.19 24.07 -76.48
C ILE A 323 -50.06 23.24 -77.75
N ASP A 324 -50.72 23.66 -78.83
CA ASP A 324 -50.64 22.93 -80.08
C ASP A 324 -49.20 22.79 -80.54
N ILE A 325 -48.43 23.88 -80.48
CA ILE A 325 -47.02 23.80 -80.85
C ILE A 325 -46.29 22.82 -79.96
N GLU A 326 -46.57 22.84 -78.65
CA GLU A 326 -46.01 21.82 -77.78
C GLU A 326 -46.43 20.44 -78.25
N ARG A 327 -47.73 20.26 -78.53
CA ARG A 327 -48.20 18.97 -79.02
C ARG A 327 -47.55 18.63 -80.36
N ALA A 328 -47.15 19.65 -81.12
CA ALA A 328 -46.46 19.39 -82.38
C ALA A 328 -45.03 18.93 -82.14
N LEU A 329 -44.39 19.42 -81.07
CA LEU A 329 -42.97 19.13 -80.86
C LEU A 329 -42.73 17.83 -80.12
N LYS A 330 -43.76 17.24 -79.52
CA LYS A 330 -43.59 16.07 -78.68
C LYS A 330 -44.06 14.77 -79.33
N MET A 331 -44.59 14.80 -80.55
CA MET A 331 -44.92 13.58 -81.26
C MET A 331 -44.01 13.36 -82.47
N VAL A 332 -42.96 14.15 -82.59
CA VAL A 332 -42.09 14.10 -83.77
C VAL A 332 -41.17 12.89 -83.67
N GLN A 333 -40.94 12.23 -84.81
CA GLN A 333 -40.08 11.05 -84.89
C GLN A 333 -39.17 11.24 -86.10
N VAL A 334 -37.93 11.67 -85.86
CA VAL A 334 -37.01 11.96 -86.95
C VAL A 334 -35.69 11.25 -86.73
N GLN A 335 -34.99 11.00 -87.84
CA GLN A 335 -33.67 10.37 -87.79
C GLN A 335 -32.62 11.46 -87.97
N GLY A 336 -31.98 11.83 -86.86
CA GLY A 336 -30.95 12.84 -86.87
C GLY A 336 -29.57 12.26 -86.60
N MET A 337 -28.62 13.18 -86.35
CA MET A 337 -27.24 12.76 -86.10
C MET A 337 -27.14 11.89 -84.86
N THR A 338 -28.03 12.08 -83.89
CA THR A 338 -28.03 11.28 -82.68
C THR A 338 -28.87 10.01 -82.81
N GLY A 339 -29.45 9.76 -83.98
CA GLY A 339 -30.25 8.56 -84.18
C GLY A 339 -31.74 8.85 -84.20
N ASN A 340 -32.52 7.94 -83.62
CA ASN A 340 -33.96 8.15 -83.52
C ASN A 340 -34.26 9.28 -82.54
N ILE A 341 -35.22 10.12 -82.89
CA ILE A 341 -35.62 11.25 -82.07
C ILE A 341 -37.13 11.18 -81.89
N GLN A 342 -37.56 11.02 -80.64
CA GLN A 342 -38.95 10.97 -80.23
C GLN A 342 -39.04 11.55 -78.83
N PHE A 343 -40.22 12.02 -78.45
CA PHE A 343 -40.42 12.62 -77.13
C PHE A 343 -41.69 12.08 -76.49
N ASP A 344 -41.67 12.02 -75.16
CA ASP A 344 -42.82 11.59 -74.38
C ASP A 344 -43.65 12.80 -73.98
N THR A 345 -44.61 12.60 -73.08
CA THR A 345 -45.51 13.69 -72.68
C THR A 345 -44.80 14.78 -71.89
N TYR A 346 -43.59 14.51 -71.37
CA TYR A 346 -42.85 15.49 -70.59
C TYR A 346 -41.66 16.07 -71.35
N GLY A 347 -41.62 15.87 -72.67
CA GLY A 347 -40.56 16.45 -73.46
C GLY A 347 -39.21 15.79 -73.32
N ARG A 348 -39.17 14.54 -72.85
CA ARG A 348 -37.93 13.79 -72.72
C ARG A 348 -37.79 12.78 -73.85
N ARG A 349 -36.55 12.55 -74.25
CA ARG A 349 -36.26 11.68 -75.38
C ARG A 349 -36.64 10.24 -75.06
N THR A 350 -36.97 9.49 -76.10
CA THR A 350 -37.30 8.07 -75.98
C THR A 350 -36.63 7.30 -77.12
N ASN A 351 -36.60 5.97 -76.95
CA ASN A 351 -35.98 5.06 -77.92
C ASN A 351 -34.51 5.41 -78.14
N TYR A 352 -33.74 5.26 -77.07
CA TYR A 352 -32.34 5.69 -77.07
C TYR A 352 -31.47 4.67 -77.82
N THR A 353 -30.32 5.15 -78.27
CA THR A 353 -29.31 4.30 -78.91
C THR A 353 -27.93 4.69 -78.39
N ILE A 354 -27.79 4.78 -77.06
CA ILE A 354 -26.57 5.31 -76.45
C ILE A 354 -25.42 4.34 -76.68
N ASP A 355 -24.43 4.76 -77.46
CA ASP A 355 -23.32 3.89 -77.82
C ASP A 355 -22.31 3.84 -76.68
N VAL A 356 -22.07 2.63 -76.16
CA VAL A 356 -21.12 2.40 -75.08
C VAL A 356 -19.79 2.00 -75.69
N TYR A 357 -18.74 2.73 -75.34
CA TYR A 357 -17.41 2.56 -75.90
C TYR A 357 -16.47 2.06 -74.82
N GLU A 358 -15.65 1.07 -75.16
CA GLU A 358 -14.61 0.56 -74.28
C GLU A 358 -13.25 0.93 -74.86
N MET A 359 -12.40 1.54 -74.03
CA MET A 359 -11.11 2.04 -74.49
C MET A 359 -10.03 0.98 -74.28
N LYS A 360 -9.27 0.71 -75.33
CA LYS A 360 -8.16 -0.23 -75.30
C LYS A 360 -6.86 0.50 -75.66
N VAL A 361 -5.77 -0.25 -75.61
CA VAL A 361 -4.46 0.33 -75.89
C VAL A 361 -4.39 0.84 -77.33
N SER A 362 -4.90 0.06 -78.28
CA SER A 362 -4.88 0.48 -79.68
C SER A 362 -5.74 1.71 -79.90
N GLY A 363 -6.90 1.78 -79.27
CA GLY A 363 -7.78 2.91 -79.45
C GLY A 363 -9.13 2.65 -78.81
N SER A 364 -10.13 3.38 -79.29
CA SER A 364 -11.50 3.26 -78.78
C SER A 364 -12.28 2.27 -79.62
N ARG A 365 -12.90 1.31 -78.96
CA ARG A 365 -13.71 0.28 -79.62
C ARG A 365 -15.13 0.35 -79.08
N LYS A 366 -16.11 0.28 -80.00
CA LYS A 366 -17.51 0.32 -79.62
C LYS A 366 -17.86 -0.97 -78.88
N ALA A 367 -18.04 -0.88 -77.56
CA ALA A 367 -18.41 -2.04 -76.77
C ALA A 367 -19.82 -2.51 -77.08
N GLY A 368 -20.74 -1.59 -77.34
CA GLY A 368 -22.10 -1.98 -77.66
C GLY A 368 -23.00 -0.77 -77.74
N TYR A 369 -24.30 -1.01 -77.70
CA TYR A 369 -25.29 0.07 -77.68
C TYR A 369 -26.36 -0.27 -76.64
N TRP A 370 -26.72 0.72 -75.83
CA TRP A 370 -27.80 0.55 -74.86
C TRP A 370 -29.07 1.23 -75.36
N ASN A 371 -30.21 0.58 -75.09
CA ASN A 371 -31.53 1.13 -75.34
C ASN A 371 -32.37 0.85 -74.11
N GLU A 372 -33.52 1.54 -74.01
CA GLU A 372 -34.41 1.32 -72.88
C GLU A 372 -34.87 -0.13 -72.82
N TYR A 373 -34.93 -0.80 -73.97
CA TYR A 373 -35.42 -2.18 -74.00
C TYR A 373 -34.28 -3.17 -74.13
N GLU A 374 -33.19 -2.77 -74.79
CA GLU A 374 -32.09 -3.69 -75.06
C GLU A 374 -31.26 -3.96 -73.82
N ARG A 375 -31.05 -2.95 -72.98
CA ARG A 375 -30.25 -3.06 -71.75
C ARG A 375 -28.81 -3.46 -72.08
N PHE A 376 -28.16 -2.69 -72.95
CA PHE A 376 -26.76 -2.87 -73.31
C PHE A 376 -26.48 -4.27 -73.85
N VAL A 377 -27.04 -4.54 -75.04
CA VAL A 377 -26.60 -5.76 -75.72
C VAL A 377 -25.15 -5.60 -76.16
N PRO A 378 -24.25 -6.50 -75.76
CA PRO A 378 -22.83 -6.31 -76.08
C PRO A 378 -22.36 -7.04 -77.33
N PHE A 379 -21.41 -6.45 -78.04
CA PHE A 379 -20.79 -7.10 -79.19
C PHE A 379 -19.32 -6.72 -79.32
N ILE A 396 1.43 -4.57 -48.42
CA ILE A 396 1.25 -4.45 -46.97
C ILE A 396 2.35 -3.58 -46.39
N VAL A 397 1.96 -2.56 -45.62
CA VAL A 397 2.90 -1.65 -45.00
C VAL A 397 3.10 -2.07 -43.56
N VAL A 398 4.34 -2.36 -43.19
CA VAL A 398 4.69 -2.77 -41.84
C VAL A 398 5.43 -1.62 -41.19
N THR A 399 4.71 -0.78 -40.45
CA THR A 399 5.34 0.31 -39.74
C THR A 399 6.16 -0.22 -38.57
N THR A 400 7.28 0.44 -38.32
CA THR A 400 8.18 0.02 -37.25
C THR A 400 9.06 1.21 -36.89
N ILE A 401 9.94 1.00 -35.92
CA ILE A 401 10.75 2.07 -35.34
C ILE A 401 12.22 1.63 -35.32
N LEU A 402 13.11 2.58 -35.59
CA LEU A 402 14.54 2.32 -35.52
C LEU A 402 14.98 2.25 -34.07
N GLU A 403 15.36 1.05 -33.62
CA GLU A 403 15.85 0.87 -32.27
C GLU A 403 16.62 -0.44 -32.22
N SER A 404 17.83 -0.39 -31.68
CA SER A 404 18.62 -1.60 -31.57
C SER A 404 18.11 -2.45 -30.40
N PRO A 405 18.04 -3.78 -30.56
CA PRO A 405 18.39 -4.56 -31.74
C PRO A 405 17.20 -4.91 -32.60
N TYR A 406 16.12 -4.13 -32.54
CA TYR A 406 14.89 -4.51 -33.22
C TYR A 406 14.94 -4.17 -34.71
N VAL A 407 15.19 -2.90 -35.03
CA VAL A 407 15.35 -2.46 -36.41
C VAL A 407 16.62 -1.64 -36.50
N MET A 408 17.51 -2.03 -37.40
CA MET A 408 18.81 -1.39 -37.56
C MET A 408 19.14 -1.31 -39.04
N TYR A 409 19.73 -0.19 -39.45
CA TYR A 409 20.33 -0.11 -40.78
C TYR A 409 21.46 -1.12 -40.90
N LYS A 410 21.60 -1.68 -42.10
CA LYS A 410 22.71 -2.58 -42.37
C LYS A 410 24.00 -1.78 -42.56
N LYS A 411 25.09 -2.50 -42.80
CA LYS A 411 26.39 -1.87 -42.94
C LYS A 411 26.47 -0.97 -44.18
N ASN A 412 25.84 -1.38 -45.27
CA ASN A 412 25.91 -0.63 -46.53
C ASN A 412 24.53 -0.18 -47.00
N HIS A 413 23.70 0.30 -46.08
CA HIS A 413 22.32 0.64 -46.44
C HIS A 413 22.24 1.78 -47.43
N GLU A 414 23.31 2.56 -47.59
CA GLU A 414 23.29 3.66 -48.55
C GLU A 414 23.22 3.15 -49.98
N GLN A 415 23.68 1.92 -50.23
CA GLN A 415 23.63 1.30 -51.54
C GLN A 415 22.55 0.24 -51.64
N LEU A 416 21.63 0.20 -50.67
CA LEU A 416 20.57 -0.81 -50.63
C LEU A 416 19.22 -0.13 -50.74
N GLU A 417 18.24 -0.88 -51.25
CA GLU A 417 16.87 -0.39 -51.39
C GLU A 417 15.91 -1.40 -50.80
N GLY A 418 14.67 -0.96 -50.58
CA GLY A 418 13.66 -1.86 -50.06
C GLY A 418 13.93 -2.28 -48.63
N ASN A 419 13.51 -3.50 -48.30
CA ASN A 419 13.68 -4.04 -46.97
C ASN A 419 15.10 -4.52 -46.70
N GLU A 420 15.95 -4.53 -47.71
CA GLU A 420 17.31 -5.03 -47.55
C GLU A 420 18.22 -4.05 -46.82
N ARG A 421 17.73 -2.86 -46.50
CA ARG A 421 18.49 -1.87 -45.74
C ARG A 421 18.48 -2.13 -44.24
N TYR A 422 17.59 -2.98 -43.75
CA TYR A 422 17.36 -3.13 -42.33
C TYR A 422 17.69 -4.54 -41.85
N GLU A 423 17.89 -4.66 -40.55
CA GLU A 423 18.08 -5.94 -39.89
C GLU A 423 17.75 -5.79 -38.42
N GLY A 424 17.45 -6.89 -37.78
CA GLY A 424 17.20 -6.90 -36.36
C GLY A 424 16.19 -7.96 -36.00
N TYR A 425 15.79 -7.92 -34.72
CA TYR A 425 14.81 -8.87 -34.21
C TYR A 425 13.47 -8.71 -34.91
N CYS A 426 13.02 -7.46 -35.08
CA CYS A 426 11.70 -7.21 -35.64
C CYS A 426 11.68 -7.43 -37.14
N VAL A 427 12.79 -7.22 -37.84
CA VAL A 427 12.85 -7.55 -39.26
C VAL A 427 12.67 -9.05 -39.47
N ASP A 428 13.39 -9.85 -38.69
CA ASP A 428 13.25 -11.30 -38.76
C ASP A 428 11.84 -11.73 -38.36
N LEU A 429 11.29 -11.10 -37.33
CA LEU A 429 9.94 -11.45 -36.89
C LEU A 429 8.90 -11.12 -37.95
N ALA A 430 9.06 -9.97 -38.62
CA ALA A 430 8.15 -9.61 -39.70
C ALA A 430 8.27 -10.60 -40.86
N TYR A 431 9.49 -11.04 -41.17
CA TYR A 431 9.64 -12.04 -42.23
C TYR A 431 8.96 -13.35 -41.85
N GLU A 432 9.10 -13.78 -40.60
CA GLU A 432 8.47 -15.02 -40.16
C GLU A 432 6.94 -14.91 -40.19
N ILE A 433 6.42 -13.79 -39.70
CA ILE A 433 4.97 -13.57 -39.73
C ILE A 433 4.47 -13.55 -41.17
N ALA A 434 5.25 -12.95 -42.07
CA ALA A 434 4.85 -12.92 -43.48
C ALA A 434 4.83 -14.32 -44.08
N LYS A 435 5.79 -15.17 -43.70
CA LYS A 435 5.72 -16.56 -44.14
C LYS A 435 4.45 -17.24 -43.65
N HIS A 436 4.13 -17.09 -42.36
CA HIS A 436 2.96 -17.78 -41.82
C HIS A 436 1.66 -17.25 -42.40
N VAL A 437 1.56 -15.95 -42.63
CA VAL A 437 0.35 -15.37 -43.20
C VAL A 437 0.35 -15.41 -44.72
N LYS A 440 2.97 -10.22 -49.01
CA LYS A 440 4.06 -9.35 -49.42
C LYS A 440 3.99 -8.10 -48.56
N TYR A 441 5.13 -7.67 -48.05
CA TYR A 441 5.16 -6.57 -47.11
C TYR A 441 6.35 -5.66 -47.41
N LYS A 442 6.22 -4.41 -46.97
CA LYS A 442 7.29 -3.43 -47.10
C LYS A 442 7.52 -2.79 -45.73
N LEU A 443 8.75 -2.87 -45.23
CA LEU A 443 9.07 -2.28 -43.95
C LEU A 443 9.13 -0.76 -44.08
N SER A 444 8.47 -0.05 -43.18
CA SER A 444 8.40 1.40 -43.19
C SER A 444 8.73 1.92 -41.80
N ILE A 445 9.62 2.90 -41.73
CA ILE A 445 9.99 3.51 -40.45
C ILE A 445 9.06 4.68 -40.19
N VAL A 446 8.51 4.74 -38.97
CA VAL A 446 7.58 5.80 -38.63
C VAL A 446 8.31 7.14 -38.63
N GLY A 447 7.67 8.15 -39.23
CA GLY A 447 8.36 9.41 -39.48
C GLY A 447 8.76 10.13 -38.20
N ASP A 448 7.83 10.25 -37.26
CA ASP A 448 8.12 10.96 -36.02
C ASP A 448 8.86 10.11 -35.00
N GLY A 449 9.01 8.82 -35.25
CA GLY A 449 9.83 7.97 -34.41
C GLY A 449 9.34 7.79 -33.00
N LYS A 450 8.03 7.72 -32.80
CA LYS A 450 7.44 7.54 -31.48
C LYS A 450 6.63 6.26 -31.44
N TYR A 451 6.52 5.69 -30.23
CA TYR A 451 5.77 4.45 -30.07
C TYR A 451 4.29 4.68 -30.29
N GLY A 452 3.75 5.73 -29.69
CA GLY A 452 2.35 6.07 -29.87
C GLY A 452 1.67 6.51 -28.59
N ALA A 453 1.07 7.70 -28.61
CA ALA A 453 0.36 8.24 -27.47
C ALA A 453 -0.69 9.20 -27.97
N ARG A 454 -1.69 9.44 -27.12
N ARG A 454 -1.68 9.47 -27.12
CA ARG A 454 -2.77 10.36 -27.44
CA ARG A 454 -2.78 10.36 -27.45
C ARG A 454 -2.48 11.72 -26.81
C ARG A 454 -2.52 11.72 -26.80
N ASP A 455 -2.57 12.77 -27.61
CA ASP A 455 -2.37 14.12 -27.10
C ASP A 455 -3.61 14.54 -26.33
N PRO A 456 -3.49 14.88 -25.04
CA PRO A 456 -4.68 15.28 -24.28
C PRO A 456 -5.32 16.56 -24.78
N GLU A 457 -4.60 17.38 -25.52
CA GLU A 457 -5.14 18.65 -26.03
C GLU A 457 -5.95 18.44 -27.31
N THR A 458 -5.32 17.88 -28.34
CA THR A 458 -5.95 17.76 -29.65
C THR A 458 -6.47 16.36 -29.95
N LYS A 459 -6.38 15.43 -28.99
CA LYS A 459 -6.96 14.10 -29.12
C LYS A 459 -6.41 13.35 -30.33
N ILE A 460 -5.09 13.41 -30.51
CA ILE A 460 -4.43 12.87 -31.69
C ILE A 460 -3.49 11.76 -31.26
N TRP A 461 -3.57 10.61 -31.92
CA TRP A 461 -2.58 9.56 -31.75
C TRP A 461 -1.39 9.79 -32.66
N ASN A 462 -0.19 9.65 -32.12
CA ASN A 462 1.04 9.80 -32.86
C ASN A 462 1.76 8.46 -32.97
N GLY A 463 2.89 8.47 -33.67
CA GLY A 463 3.73 7.28 -33.73
C GLY A 463 3.11 6.14 -34.52
N MET A 464 3.47 4.92 -34.14
CA MET A 464 2.99 3.74 -34.83
C MET A 464 1.52 3.48 -34.54
N VAL A 465 1.08 3.75 -33.32
CA VAL A 465 -0.34 3.62 -33.00
C VAL A 465 -1.15 4.56 -33.87
N GLY A 466 -0.68 5.80 -34.03
CA GLY A 466 -1.35 6.71 -34.94
C GLY A 466 -1.28 6.26 -36.38
N GLU A 467 -0.17 5.65 -36.77
CA GLU A 467 -0.05 5.10 -38.13
C GLU A 467 -1.12 4.06 -38.39
N LEU A 468 -1.35 3.18 -37.41
CA LEU A 468 -2.35 2.12 -37.58
C LEU A 468 -3.77 2.66 -37.50
N VAL A 469 -4.01 3.59 -36.57
CA VAL A 469 -5.37 4.10 -36.34
C VAL A 469 -5.89 4.83 -37.57
N TYR A 470 -5.06 5.68 -38.18
CA TYR A 470 -5.50 6.55 -39.26
C TYR A 470 -5.28 5.93 -40.64
N GLY A 471 -5.11 4.62 -40.71
CA GLY A 471 -5.13 3.91 -41.98
C GLY A 471 -3.89 4.05 -42.83
N ARG A 472 -2.78 4.50 -42.26
CA ARG A 472 -1.56 4.67 -43.04
C ARG A 472 -0.70 3.41 -43.08
N ALA A 473 -0.84 2.52 -42.11
CA ALA A 473 -0.07 1.29 -42.05
C ALA A 473 -1.00 0.12 -41.75
N ASP A 474 -0.55 -1.08 -42.11
CA ASP A 474 -1.36 -2.28 -41.97
C ASP A 474 -1.01 -3.12 -40.76
N ILE A 475 0.22 -3.01 -40.25
CA ILE A 475 0.67 -3.83 -39.13
C ILE A 475 1.92 -3.17 -38.56
N ALA A 476 2.17 -3.39 -37.27
CA ALA A 476 3.29 -2.79 -36.58
C ALA A 476 4.07 -3.88 -35.84
N VAL A 477 5.19 -4.28 -36.41
CA VAL A 477 6.10 -5.24 -35.78
C VAL A 477 7.21 -4.41 -35.14
N ALA A 478 7.11 -4.17 -33.85
CA ALA A 478 8.03 -3.29 -33.14
C ALA A 478 7.91 -3.55 -31.65
N PRO A 479 8.87 -3.10 -30.84
CA PRO A 479 8.71 -3.20 -29.39
C PRO A 479 7.62 -2.29 -28.86
N LEU A 480 6.38 -2.58 -29.19
CA LEU A 480 5.23 -1.78 -28.78
C LEU A 480 4.57 -2.48 -27.60
N THR A 481 4.53 -1.81 -26.46
CA THR A 481 4.00 -2.40 -25.25
C THR A 481 2.48 -2.49 -25.31
N ILE A 482 1.94 -3.60 -24.81
CA ILE A 482 0.49 -3.79 -24.73
C ILE A 482 -0.02 -3.07 -23.49
N THR A 483 -0.79 -2.00 -23.70
CA THR A 483 -1.35 -1.22 -22.61
C THR A 483 -2.85 -1.06 -22.84
N LEU A 484 -3.53 -0.63 -21.78
CA LEU A 484 -4.98 -0.49 -21.84
C LEU A 484 -5.41 0.59 -22.82
N VAL A 485 -4.72 1.74 -22.81
CA VAL A 485 -5.12 2.85 -23.68
C VAL A 485 -4.88 2.50 -25.14
N ARG A 486 -3.80 1.79 -25.43
CA ARG A 486 -3.53 1.41 -26.81
C ARG A 486 -4.46 0.31 -27.28
N GLU A 487 -4.77 -0.65 -26.40
CA GLU A 487 -5.65 -1.75 -26.77
C GLU A 487 -7.06 -1.30 -27.06
N GLU A 488 -7.45 -0.12 -26.60
CA GLU A 488 -8.79 0.40 -26.87
C GLU A 488 -8.93 0.94 -28.29
N VAL A 489 -7.82 1.14 -29.01
CA VAL A 489 -7.88 1.69 -30.35
C VAL A 489 -7.25 0.79 -31.40
N ILE A 490 -6.38 -0.15 -31.03
CA ILE A 490 -5.78 -1.08 -31.97
C ILE A 490 -5.82 -2.48 -31.36
N ASP A 491 -5.67 -3.49 -32.22
CA ASP A 491 -5.68 -4.88 -31.81
C ASP A 491 -4.25 -5.35 -31.60
N PHE A 492 -3.97 -5.88 -30.42
CA PHE A 492 -2.67 -6.47 -30.12
C PHE A 492 -2.76 -7.98 -30.22
N SER A 493 -1.71 -8.60 -30.74
CA SER A 493 -1.58 -10.04 -30.69
C SER A 493 -1.13 -10.45 -29.28
N LYS A 494 -0.92 -11.75 -29.09
CA LYS A 494 -0.34 -12.20 -27.85
C LYS A 494 1.10 -11.71 -27.74
N PRO A 495 1.60 -11.54 -26.52
CA PRO A 495 2.97 -11.00 -26.37
C PRO A 495 4.01 -11.92 -26.99
N PHE A 496 4.78 -11.36 -27.93
CA PHE A 496 5.91 -12.09 -28.49
C PHE A 496 7.17 -11.92 -27.65
N MET A 497 7.14 -11.06 -26.65
CA MET A 497 8.27 -10.88 -25.75
C MET A 497 7.73 -10.34 -24.43
N SER A 498 8.24 -10.87 -23.33
CA SER A 498 7.86 -10.43 -22.00
C SER A 498 9.00 -9.66 -21.35
N LEU A 499 8.66 -8.64 -20.58
CA LEU A 499 9.67 -7.77 -19.98
C LEU A 499 9.09 -7.17 -18.70
N GLY A 500 9.89 -6.30 -18.10
CA GLY A 500 9.48 -5.57 -16.91
C GLY A 500 10.48 -4.48 -16.62
N ILE A 501 10.25 -3.76 -15.53
CA ILE A 501 11.14 -2.69 -15.12
C ILE A 501 12.25 -3.28 -14.25
N SER A 502 13.50 -3.00 -14.60
CA SER A 502 14.66 -3.59 -13.97
C SER A 502 15.67 -2.51 -13.64
N ILE A 503 16.67 -2.91 -12.85
CA ILE A 503 17.70 -2.02 -12.32
C ILE A 503 19.03 -2.38 -12.95
N MET A 504 19.69 -1.39 -13.54
CA MET A 504 21.01 -1.52 -14.13
C MET A 504 22.02 -0.75 -13.28
N ILE A 505 23.09 -1.42 -12.88
CA ILE A 505 24.17 -0.76 -12.16
C ILE A 505 25.48 -1.09 -12.85
N LYS A 506 26.48 -0.25 -12.61
CA LYS A 506 27.80 -0.49 -13.16
C LYS A 506 28.42 -1.72 -12.52
N LYS A 507 29.11 -2.51 -13.33
CA LYS A 507 29.70 -3.75 -12.84
C LYS A 507 30.78 -3.45 -11.82
N PRO A 513 42.80 -8.37 -6.32
CA PRO A 513 43.69 -8.24 -5.17
C PRO A 513 45.08 -7.76 -5.56
N GLY A 514 45.59 -6.76 -4.85
CA GLY A 514 46.93 -6.29 -5.12
C GLY A 514 47.98 -7.30 -4.71
N VAL A 515 49.18 -7.11 -5.26
CA VAL A 515 50.27 -8.03 -4.96
C VAL A 515 50.63 -7.95 -3.48
N PHE A 516 50.71 -6.75 -2.92
CA PHE A 516 51.08 -6.52 -1.53
C PHE A 516 49.87 -6.18 -0.68
N SER A 517 48.73 -6.82 -0.99
CA SER A 517 47.50 -6.59 -0.25
C SER A 517 47.46 -7.27 1.11
N PHE A 518 48.44 -8.12 1.42
CA PHE A 518 48.52 -8.71 2.75
C PHE A 518 48.90 -7.68 3.80
N LEU A 519 49.36 -6.50 3.38
CA LEU A 519 49.65 -5.39 4.27
C LEU A 519 48.43 -4.54 4.57
N ASP A 520 47.29 -4.85 3.97
CA ASP A 520 46.12 -3.98 4.04
C ASP A 520 45.49 -3.87 5.42
N PRO A 521 45.46 -4.91 6.28
CA PRO A 521 44.85 -4.74 7.61
C PRO A 521 45.43 -3.58 8.42
N LEU A 522 46.73 -3.33 8.32
CA LEU A 522 47.36 -2.24 9.05
C LEU A 522 47.68 -1.10 8.10
N ALA A 523 47.57 0.12 8.60
CA ALA A 523 47.87 1.29 7.79
C ALA A 523 49.37 1.38 7.48
N TYR A 524 49.69 2.14 6.44
CA TYR A 524 51.08 2.31 6.01
C TYR A 524 51.92 2.95 7.12
N GLU A 525 51.35 3.92 7.83
CA GLU A 525 52.06 4.56 8.92
C GLU A 525 52.38 3.57 10.03
N ILE A 526 51.51 2.58 10.25
CA ILE A 526 51.80 1.58 11.27
C ILE A 526 53.01 0.74 10.88
N TRP A 527 53.09 0.31 9.62
CA TRP A 527 54.25 -0.46 9.18
C TRP A 527 55.53 0.36 9.29
N MET A 528 55.47 1.63 8.87
CA MET A 528 56.64 2.50 8.95
C MET A 528 57.09 2.70 10.40
N CYS A 529 56.15 2.95 11.30
CA CYS A 529 56.50 3.14 12.70
C CYS A 529 56.92 1.83 13.35
N ILE A 530 56.44 0.69 12.85
CA ILE A 530 56.93 -0.60 13.32
C ILE A 530 58.39 -0.76 12.98
N VAL A 531 58.78 -0.38 11.75
CA VAL A 531 60.18 -0.44 11.36
C VAL A 531 61.02 0.48 12.23
N PHE A 532 60.54 1.70 12.45
CA PHE A 532 61.27 2.65 13.29
C PHE A 532 61.41 2.13 14.72
N ALA A 533 60.35 1.56 15.27
CA ALA A 533 60.38 1.03 16.63
C ALA A 533 61.30 -0.17 16.73
N TYR A 534 61.35 -1.00 15.69
CA TYR A 534 62.28 -2.12 15.66
C TYR A 534 63.72 -1.63 15.70
N ILE A 535 64.04 -0.61 14.91
CA ILE A 535 65.38 -0.05 14.91
C ILE A 535 65.72 0.51 16.29
N GLY A 536 64.79 1.28 16.87
CA GLY A 536 65.04 1.89 18.17
C GLY A 536 65.20 0.86 19.27
N VAL A 537 64.37 -0.19 19.26
CA VAL A 537 64.46 -1.24 20.27
C VAL A 537 65.79 -1.97 20.16
N SER A 538 66.22 -2.30 18.94
CA SER A 538 67.49 -2.99 18.77
C SER A 538 68.65 -2.12 19.26
N VAL A 539 68.63 -0.83 18.92
CA VAL A 539 69.72 0.06 19.34
C VAL A 539 69.75 0.20 20.85
N VAL A 540 68.59 0.38 21.48
CA VAL A 540 68.55 0.56 22.92
C VAL A 540 68.95 -0.73 23.64
N LEU A 541 68.54 -1.89 23.10
CA LEU A 541 68.94 -3.16 23.71
C LEU A 541 70.45 -3.34 23.65
N PHE A 542 71.06 -3.05 22.50
CA PHE A 542 72.51 -3.14 22.40
C PHE A 542 73.18 -2.16 23.37
N LEU A 543 72.67 -0.94 23.46
CA LEU A 543 73.27 0.06 24.32
C LEU A 543 73.22 -0.36 25.79
N VAL A 544 72.05 -0.82 26.26
CA VAL A 544 71.93 -1.19 27.66
C VAL A 544 72.65 -2.50 27.95
N SER A 545 72.89 -3.33 26.93
CA SER A 545 73.57 -4.60 27.18
C SER A 545 75.09 -4.48 27.15
N ARG A 546 75.65 -3.54 26.38
CA ARG A 546 77.08 -3.57 26.12
C ARG A 546 77.87 -2.34 26.58
N PHE A 547 77.21 -1.25 26.94
CA PHE A 547 77.95 0.01 27.08
C PHE A 547 78.86 0.01 28.31
N SER A 548 78.39 -0.52 29.43
CA SER A 548 79.07 -0.29 30.69
C SER A 548 80.24 -1.24 30.85
N PRO A 549 81.44 -0.74 31.19
CA PRO A 549 82.60 -1.64 31.34
C PRO A 549 82.57 -2.50 32.58
N TYR A 550 81.68 -2.21 33.54
CA TYR A 550 81.68 -2.96 34.79
C TYR A 550 81.09 -4.36 34.62
N GLU A 551 80.30 -4.58 33.58
CA GLU A 551 79.86 -5.94 33.26
C GLU A 551 80.89 -6.66 32.40
N TRP A 552 81.72 -5.93 31.66
CA TRP A 552 82.82 -6.58 30.95
C TRP A 552 83.85 -7.13 31.93
N HIS A 553 84.11 -6.41 33.01
CA HIS A 553 85.02 -6.87 34.05
C HIS A 553 84.38 -7.98 34.88
N ASP A 569 86.22 -11.74 26.73
CA ASP A 569 84.91 -12.21 26.30
C ASP A 569 83.85 -11.17 26.67
N PRO A 570 82.85 -10.96 25.81
CA PRO A 570 81.81 -9.98 26.13
C PRO A 570 80.95 -10.48 27.28
N PRO A 571 80.33 -9.57 28.03
CA PRO A 571 79.45 -10.02 29.13
C PRO A 571 78.27 -10.84 28.67
N ASN A 572 77.72 -10.54 27.49
CA ASN A 572 76.60 -11.26 26.93
C ASN A 572 76.79 -11.36 25.42
N GLU A 573 75.89 -12.04 24.75
CA GLU A 573 76.09 -12.20 23.30
C GLU A 573 75.25 -11.13 22.63
N PHE A 574 75.20 -9.93 23.20
CA PHE A 574 74.27 -8.92 22.68
C PHE A 574 75.00 -7.74 22.04
N GLY A 575 75.57 -7.95 20.86
CA GLY A 575 76.10 -6.83 20.08
C GLY A 575 74.92 -6.27 19.32
N ILE A 576 75.12 -5.44 18.31
CA ILE A 576 74.09 -4.79 17.51
C ILE A 576 73.45 -5.78 16.53
N PHE A 577 74.26 -6.65 15.93
CA PHE A 577 73.73 -7.68 15.05
C PHE A 577 72.82 -8.63 15.81
N ASN A 578 73.26 -9.09 16.98
CA ASN A 578 72.45 -10.04 17.75
C ASN A 578 71.24 -9.36 18.36
N SER A 579 71.34 -8.08 18.72
CA SER A 579 70.17 -7.35 19.17
C SER A 579 69.13 -7.22 18.05
N LEU A 580 69.59 -6.93 16.82
CA LEU A 580 68.68 -6.89 15.69
C LEU A 580 68.03 -8.24 15.46
N TRP A 581 68.78 -9.30 15.75
CA TRP A 581 68.28 -10.69 15.59
C TRP A 581 67.40 -11.11 16.77
N PHE A 582 67.75 -10.77 17.99
CA PHE A 582 66.86 -11.07 19.13
C PHE A 582 65.55 -10.34 18.87
N SER A 583 65.63 -9.13 18.35
CA SER A 583 64.44 -8.32 18.09
C SER A 583 63.56 -8.92 16.98
N LEU A 584 64.02 -9.01 15.74
CA LEU A 584 63.29 -9.61 14.62
C LEU A 584 62.57 -10.88 15.04
N GLY A 585 63.30 -11.75 15.75
CA GLY A 585 62.73 -13.02 16.26
C GLY A 585 61.63 -12.79 17.26
N ALA A 586 61.68 -11.74 18.07
CA ALA A 586 60.62 -11.38 19.00
C ALA A 586 59.40 -10.86 18.27
N PHE A 587 59.61 -10.11 17.19
CA PHE A 587 58.47 -9.60 16.42
C PHE A 587 57.78 -10.77 15.71
N MET A 588 58.55 -11.72 15.23
CA MET A 588 57.97 -12.83 14.45
C MET A 588 57.54 -13.91 15.44
N GLN A 589 57.89 -13.74 16.70
CA GLN A 589 57.49 -14.68 17.78
C GLN A 589 58.01 -16.07 17.43
N GLN A 590 59.13 -16.14 16.72
CA GLN A 590 59.75 -17.43 16.34
C GLN A 590 61.15 -17.40 16.90
N GLY A 591 61.38 -16.51 17.85
CA GLY A 591 62.75 -16.35 18.33
C GLY A 591 63.08 -17.15 19.57
N CYS A 592 64.24 -17.78 19.59
CA CYS A 592 64.72 -18.49 20.82
C CYS A 592 66.12 -17.98 21.13
N ASP A 593 67.15 -18.70 20.71
CA ASP A 593 68.54 -18.23 20.87
C ASP A 593 68.77 -17.68 22.27
N ILE A 594 69.48 -16.55 22.38
CA ILE A 594 69.84 -15.96 23.70
C ILE A 594 68.71 -15.06 24.19
N SER A 595 68.69 -14.71 25.48
CA SER A 595 67.69 -13.77 26.03
C SER A 595 68.39 -12.79 26.95
N PRO A 596 67.95 -11.52 27.07
CA PRO A 596 68.67 -10.56 27.88
C PRO A 596 68.71 -11.13 29.30
N ARG A 597 69.78 -10.87 30.07
CA ARG A 597 69.91 -11.45 31.44
C ARG A 597 70.09 -10.39 32.52
N SER A 598 69.88 -9.12 32.20
CA SER A 598 70.01 -8.02 33.18
C SER A 598 68.64 -7.36 33.34
N LEU A 599 68.52 -6.30 34.14
CA LEU A 599 67.23 -5.67 34.40
C LEU A 599 66.81 -4.78 33.25
N SER A 600 67.73 -3.95 32.73
CA SER A 600 67.37 -3.02 31.66
C SER A 600 67.10 -3.75 30.35
N GLY A 601 67.92 -4.75 30.02
CA GLY A 601 67.65 -5.55 28.84
C GLY A 601 66.34 -6.30 28.94
N ARG A 602 65.99 -6.75 30.15
CA ARG A 602 64.71 -7.42 30.33
C ARG A 602 63.55 -6.43 30.25
N ILE A 603 63.74 -5.19 30.68
CA ILE A 603 62.71 -4.17 30.48
C ILE A 603 62.47 -3.94 28.99
N VAL A 604 63.55 -3.79 28.23
CA VAL A 604 63.45 -3.62 26.79
C VAL A 604 62.72 -4.80 26.15
N GLY A 605 63.13 -6.01 26.53
CA GLY A 605 62.49 -7.20 25.99
C GLY A 605 61.02 -7.29 26.33
N GLY A 606 60.66 -6.96 27.57
CA GLY A 606 59.27 -7.01 27.98
C GLY A 606 58.39 -6.03 27.23
N VAL A 607 58.84 -4.78 27.09
CA VAL A 607 58.02 -3.81 26.37
C VAL A 607 57.93 -4.18 24.90
N TRP A 608 59.01 -4.70 24.32
CA TRP A 608 58.94 -5.14 22.92
C TRP A 608 58.00 -6.33 22.76
N TRP A 609 57.99 -7.25 23.73
CA TRP A 609 57.07 -8.37 23.69
C TRP A 609 55.62 -7.92 23.77
N PHE A 610 55.33 -6.96 24.65
CA PHE A 610 53.96 -6.44 24.73
C PHE A 610 53.55 -5.77 23.43
N PHE A 611 54.44 -4.94 22.87
CA PHE A 611 54.18 -4.31 21.58
C PHE A 611 53.88 -5.35 20.52
N THR A 612 54.71 -6.39 20.44
CA THR A 612 54.55 -7.43 19.43
C THR A 612 53.22 -8.17 19.59
N LEU A 613 52.91 -8.59 20.80
CA LEU A 613 51.63 -9.27 21.08
C LEU A 613 50.49 -8.40 20.59
N ILE A 614 50.43 -7.14 20.99
CA ILE A 614 49.30 -6.28 20.63
C ILE A 614 49.23 -6.12 19.11
N ILE A 615 50.37 -5.87 18.46
CA ILE A 615 50.36 -5.59 17.04
C ILE A 615 49.95 -6.82 16.24
N ILE A 616 50.45 -8.00 16.60
CA ILE A 616 50.12 -9.20 15.84
C ILE A 616 48.65 -9.59 16.06
N SER A 617 48.15 -9.50 17.29
CA SER A 617 46.74 -9.76 17.52
C SER A 617 45.88 -8.79 16.74
N SER A 618 46.29 -7.52 16.67
CA SER A 618 45.53 -6.53 15.91
C SER A 618 45.54 -6.85 14.42
N TYR A 619 46.68 -7.29 13.88
CA TYR A 619 46.74 -7.67 12.48
C TYR A 619 45.77 -8.82 12.19
N THR A 620 45.82 -9.87 13.02
CA THR A 620 44.94 -11.01 12.78
C THR A 620 43.47 -10.62 12.90
N ALA A 621 43.14 -9.81 13.92
CA ALA A 621 41.75 -9.41 14.12
C ALA A 621 41.24 -8.54 12.97
N ASN A 622 42.07 -7.62 12.48
CA ASN A 622 41.61 -6.75 11.39
C ASN A 622 41.53 -7.52 10.07
N LEU A 623 42.42 -8.49 9.86
CA LEU A 623 42.28 -9.34 8.67
C LEU A 623 41.01 -10.17 8.74
N ALA A 624 40.69 -10.71 9.92
CA ALA A 624 39.44 -11.44 10.09
C ALA A 624 38.24 -10.55 9.85
N ALA A 625 38.29 -9.30 10.34
CA ALA A 625 37.21 -8.36 10.08
C ALA A 625 37.06 -8.05 8.61
N PHE A 626 38.18 -7.85 7.90
CA PHE A 626 38.13 -7.61 6.47
C PHE A 626 37.43 -8.76 5.75
N LEU A 627 37.89 -9.98 6.01
CA LEU A 627 37.34 -11.14 5.31
C LEU A 627 35.89 -11.38 5.66
N THR A 628 35.53 -11.22 6.93
CA THR A 628 34.14 -11.43 7.34
C THR A 628 33.21 -10.39 6.73
N VAL A 629 33.64 -9.12 6.69
CA VAL A 629 32.79 -8.08 6.13
C VAL A 629 32.64 -8.24 4.63
N GLU A 630 33.71 -8.66 3.93
CA GLU A 630 33.55 -8.89 2.51
C GLU A 630 32.74 -10.14 2.23
N ARG A 631 32.72 -11.10 3.15
CA ARG A 631 31.84 -12.25 3.02
C ARG A 631 30.39 -11.91 3.30
N MET A 632 30.13 -10.90 4.14
CA MET A 632 28.77 -10.45 4.38
C MET A 632 28.13 -9.89 3.10
N VAL A 633 28.93 -9.21 2.27
CA VAL A 633 28.45 -8.54 1.08
C VAL A 633 27.71 -9.47 0.13
N PRO A 635 25.51 -6.13 -2.17
CA PRO A 635 25.21 -5.36 -3.37
C PRO A 635 23.70 -5.14 -3.52
N ILE A 636 23.35 -4.04 -4.19
CA ILE A 636 21.95 -3.76 -4.45
C ILE A 636 21.34 -4.90 -5.24
N GLU A 637 20.35 -5.56 -4.65
CA GLU A 637 19.74 -6.73 -5.26
C GLU A 637 18.26 -6.56 -5.54
N SER A 638 17.59 -5.59 -4.92
CA SER A 638 16.17 -5.38 -5.15
C SER A 638 15.87 -3.89 -5.14
N ALA A 639 14.62 -3.56 -5.45
CA ALA A 639 14.18 -2.17 -5.38
C ALA A 639 14.15 -1.68 -3.94
N GLU A 640 13.80 -2.57 -3.00
CA GLU A 640 13.79 -2.20 -1.59
C GLU A 640 15.18 -1.80 -1.12
N ASP A 641 16.20 -2.53 -1.56
CA ASP A 641 17.58 -2.18 -1.21
C ASP A 641 17.94 -0.79 -1.72
N LEU A 642 17.54 -0.46 -2.95
CA LEU A 642 17.77 0.88 -3.46
C LEU A 642 17.04 1.93 -2.64
N ALA A 643 15.78 1.67 -2.30
CA ALA A 643 14.98 2.67 -1.60
C ALA A 643 15.47 2.90 -0.18
N LYS A 644 16.03 1.88 0.47
CA LYS A 644 16.48 2.04 1.85
C LYS A 644 17.72 2.93 1.95
N GLN A 645 18.67 2.80 1.03
CA GLN A 645 19.93 3.50 1.13
C GLN A 645 19.84 4.87 0.45
N THR A 646 20.87 5.69 0.68
CA THR A 646 20.96 7.00 0.07
C THR A 646 22.28 7.29 -0.62
N GLU A 647 23.27 6.42 -0.51
CA GLU A 647 24.56 6.67 -1.16
C GLU A 647 24.50 6.51 -2.67
N ILE A 648 23.57 5.71 -3.18
CA ILE A 648 23.44 5.45 -4.61
C ILE A 648 22.20 6.19 -5.11
N ALA A 649 22.37 7.00 -6.13
CA ALA A 649 21.25 7.66 -6.78
C ALA A 649 20.67 6.77 -7.86
N TYR A 650 19.38 6.94 -8.13
CA TYR A 650 18.73 6.19 -9.20
C TYR A 650 17.72 7.09 -9.90
N GLY A 651 17.49 6.81 -11.18
CA GLY A 651 16.59 7.61 -11.98
C GLY A 651 16.12 6.84 -13.20
N THR A 652 15.30 7.53 -14.01
CA THR A 652 14.71 6.95 -15.21
C THR A 652 14.82 7.95 -16.36
N LEU A 653 14.08 7.71 -17.44
CA LEU A 653 13.96 8.72 -18.48
C LEU A 653 13.13 9.91 -18.00
N ASP A 654 13.31 11.04 -18.67
CA ASP A 654 12.52 12.22 -18.34
C ASP A 654 11.05 11.97 -18.66
N SER A 655 10.77 11.27 -19.74
CA SER A 655 9.41 10.85 -20.08
C SER A 655 9.44 9.42 -20.60
N GLY A 656 8.49 8.63 -20.16
CA GLY A 656 8.45 7.23 -20.53
C GLY A 656 7.50 6.47 -19.62
N SER A 657 7.47 5.16 -19.85
CA SER A 657 6.54 4.31 -19.10
C SER A 657 7.00 4.05 -17.68
N THR A 658 8.32 3.97 -17.45
CA THR A 658 8.81 3.70 -16.11
C THR A 658 8.48 4.85 -15.15
N LYS A 659 8.65 6.09 -15.61
CA LYS A 659 8.32 7.24 -14.78
C LYS A 659 6.84 7.26 -14.43
N GLU A 660 5.97 6.94 -15.39
CA GLU A 660 4.55 6.88 -15.11
C GLU A 660 4.21 5.75 -14.14
N PHE A 661 4.88 4.61 -14.28
CA PHE A 661 4.69 3.50 -13.35
C PHE A 661 5.01 3.93 -11.93
N PHE A 662 6.13 4.63 -11.75
CA PHE A 662 6.51 5.07 -10.42
C PHE A 662 5.59 6.17 -9.91
N ARG A 663 5.12 7.04 -10.81
CA ARG A 663 4.21 8.10 -10.40
C ARG A 663 2.88 7.53 -9.91
N ARG A 664 2.34 6.54 -10.61
CA ARG A 664 1.02 6.01 -10.28
C ARG A 664 1.07 4.85 -9.29
N SER A 665 2.26 4.42 -8.87
CA SER A 665 2.35 3.24 -8.02
C SER A 665 1.83 3.52 -6.62
N LYS A 666 1.17 2.52 -6.05
CA LYS A 666 0.66 2.59 -4.69
C LYS A 666 1.45 1.73 -3.71
N ILE A 667 2.45 0.98 -4.19
CA ILE A 667 3.31 0.21 -3.29
C ILE A 667 4.20 1.15 -2.51
N ALA A 668 4.43 0.84 -1.23
CA ALA A 668 5.18 1.73 -0.36
C ALA A 668 6.61 1.94 -0.86
N VAL A 669 7.26 0.86 -1.30
CA VAL A 669 8.64 0.99 -1.78
C VAL A 669 8.70 1.86 -3.02
N TYR A 670 7.78 1.63 -3.96
CA TYR A 670 7.78 2.42 -5.19
C TYR A 670 7.33 3.86 -4.92
N GLU A 671 6.47 4.06 -3.92
CA GLU A 671 6.11 5.43 -3.53
C GLU A 671 7.31 6.17 -2.96
N LYS A 672 8.09 5.50 -2.10
CA LYS A 672 9.34 6.06 -1.61
C LYS A 672 10.28 6.42 -2.76
N MET A 673 10.46 5.48 -3.70
CA MET A 673 11.36 5.73 -4.81
C MET A 673 10.89 6.89 -5.67
N TRP A 674 9.59 6.98 -5.92
CA TRP A 674 9.07 8.06 -6.73
C TRP A 674 9.24 9.40 -6.03
N SER A 675 9.00 9.45 -4.72
CA SER A 675 9.21 10.69 -3.99
C SER A 675 10.67 11.12 -4.05
N TYR A 676 11.59 10.18 -3.84
CA TYR A 676 13.02 10.50 -3.93
C TYR A 676 13.37 11.03 -5.32
N MET A 677 12.94 10.32 -6.37
CA MET A 677 13.31 10.72 -7.73
C MET A 677 12.72 12.06 -8.09
N LYS A 678 11.49 12.33 -7.63
CA LYS A 678 10.85 13.61 -7.89
C LYS A 678 11.60 14.75 -7.20
N SER A 679 12.03 14.55 -5.96
CA SER A 679 12.67 15.61 -5.21
C SER A 679 14.19 15.65 -5.35
N ALA A 680 14.78 14.79 -6.18
CA ALA A 680 16.23 14.72 -6.30
C ALA A 680 16.76 15.87 -7.14
N GLU A 681 17.80 16.54 -6.64
CA GLU A 681 18.47 17.63 -7.35
C GLU A 681 19.98 17.37 -7.32
N PRO A 682 20.67 17.41 -8.46
CA PRO A 682 20.16 17.66 -9.83
C PRO A 682 19.32 16.50 -10.32
N SER A 683 18.50 16.71 -11.36
CA SER A 683 17.50 15.73 -11.74
C SER A 683 18.13 14.39 -12.08
N VAL A 684 17.59 13.32 -11.50
CA VAL A 684 18.01 11.97 -11.84
C VAL A 684 17.33 11.46 -13.10
N PHE A 685 16.35 12.18 -13.61
CA PHE A 685 15.75 11.85 -14.89
C PHE A 685 16.68 12.23 -16.02
N THR A 686 16.69 11.42 -17.08
CA THR A 686 17.59 11.63 -18.20
C THR A 686 16.78 11.84 -19.48
N LYS A 687 17.40 12.54 -20.44
CA LYS A 687 16.71 12.82 -21.69
C LYS A 687 16.60 11.58 -22.57
N THR A 688 17.68 10.82 -22.69
CA THR A 688 17.71 9.62 -23.52
C THR A 688 18.22 8.45 -22.69
N THR A 689 17.90 7.24 -23.16
CA THR A 689 18.38 6.03 -22.50
C THR A 689 19.90 5.95 -22.53
N ALA A 690 20.50 6.33 -23.66
CA ALA A 690 21.96 6.35 -23.75
C ALA A 690 22.57 7.29 -22.73
N ASP A 691 21.88 8.40 -22.44
CA ASP A 691 22.35 9.32 -21.41
C ASP A 691 22.39 8.65 -20.04
N GLY A 692 21.33 7.92 -19.70
CA GLY A 692 21.31 7.22 -18.43
C GLY A 692 22.34 6.12 -18.34
N VAL A 693 22.56 5.40 -19.45
CA VAL A 693 23.59 4.36 -19.47
C VAL A 693 24.97 4.97 -19.28
N ALA A 694 25.24 6.08 -19.96
CA ALA A 694 26.51 6.77 -19.79
C ALA A 694 26.67 7.28 -18.36
N ARG A 695 25.58 7.76 -17.76
CA ARG A 695 25.63 8.21 -16.37
C ARG A 695 25.93 7.07 -15.42
N VAL A 696 25.35 5.90 -15.67
CA VAL A 696 25.67 4.72 -14.87
C VAL A 696 27.14 4.36 -15.01
N ARG A 697 27.64 4.36 -16.25
CA ARG A 697 29.04 4.00 -16.48
C ARG A 697 29.99 4.99 -15.83
N LYS A 698 29.67 6.28 -15.90
CA LYS A 698 30.57 7.33 -15.45
C LYS A 698 30.55 7.52 -13.93
N SER A 699 29.39 7.33 -13.30
CA SER A 699 29.23 7.65 -11.88
C SER A 699 30.02 6.72 -10.97
N LYS A 700 30.55 5.62 -11.49
CA LYS A 700 31.39 4.70 -10.73
C LYS A 700 30.62 4.06 -9.58
N GLY A 701 29.46 3.48 -9.92
CA GLY A 701 28.68 2.74 -8.95
C GLY A 701 27.74 3.56 -8.11
N LYS A 702 27.72 4.88 -8.27
CA LYS A 702 26.88 5.75 -7.46
C LYS A 702 25.56 6.08 -8.13
N PHE A 703 25.33 5.63 -9.35
CA PHE A 703 24.07 5.85 -10.04
C PHE A 703 23.55 4.52 -10.58
N ALA A 704 22.25 4.31 -10.41
CA ALA A 704 21.55 3.14 -10.94
C ALA A 704 20.45 3.61 -11.87
N PHE A 705 20.24 2.89 -12.97
CA PHE A 705 19.27 3.29 -13.98
C PHE A 705 18.11 2.29 -14.00
N LEU A 706 16.89 2.80 -13.96
CA LEU A 706 15.70 1.98 -14.02
C LEU A 706 15.18 2.00 -15.45
N LEU A 707 15.05 0.83 -16.06
CA LEU A 707 14.66 0.77 -17.47
C LEU A 707 14.04 -0.57 -17.76
N GLU A 708 13.47 -0.70 -18.95
CA GLU A 708 12.88 -1.97 -19.36
C GLU A 708 13.95 -3.06 -19.40
N SER A 709 13.56 -4.26 -18.98
CA SER A 709 14.52 -5.34 -18.79
C SER A 709 15.17 -5.78 -20.09
N THR A 710 14.47 -5.68 -21.22
CA THR A 710 15.03 -6.12 -22.49
C THR A 710 16.21 -5.24 -22.89
N MET A 711 16.08 -3.93 -22.75
CA MET A 711 17.19 -3.04 -23.09
C MET A 711 18.33 -3.17 -22.10
N ASN A 712 18.00 -3.44 -20.83
CA ASN A 712 19.04 -3.75 -19.86
C ASN A 712 19.85 -4.96 -20.29
N GLU A 713 19.16 -6.04 -20.68
CA GLU A 713 19.83 -7.25 -21.12
C GLU A 713 20.65 -7.01 -22.39
N TYR A 714 20.15 -6.15 -23.27
CA TYR A 714 20.87 -5.86 -24.51
C TYR A 714 22.14 -5.08 -24.22
N ILE A 715 22.05 -4.03 -23.40
CA ILE A 715 23.21 -3.22 -23.09
C ILE A 715 24.23 -4.00 -22.29
N GLU A 716 23.78 -4.96 -21.48
CA GLU A 716 24.71 -5.79 -20.72
C GLU A 716 25.63 -6.59 -21.63
N GLN A 717 25.19 -6.88 -22.85
CA GLN A 717 25.95 -7.67 -23.80
C GLN A 717 26.74 -6.83 -24.79
N ARG A 718 26.87 -5.53 -24.55
CA ARG A 718 27.54 -4.62 -25.45
C ARG A 718 28.84 -4.13 -24.83
N LYS A 719 29.80 -3.78 -25.68
CA LYS A 719 30.99 -3.11 -25.20
C LYS A 719 30.62 -1.76 -24.59
N PRO A 720 31.33 -1.33 -23.54
CA PRO A 720 32.51 -1.95 -22.94
C PRO A 720 32.21 -2.99 -21.87
N CYS A 721 30.98 -3.51 -21.77
CA CYS A 721 30.66 -4.62 -20.87
C CYS A 721 30.96 -4.27 -19.41
N ASP A 722 30.38 -3.16 -18.95
CA ASP A 722 30.61 -2.71 -17.58
C ASP A 722 29.33 -2.42 -16.80
N THR A 723 28.17 -2.71 -17.38
CA THR A 723 26.90 -2.58 -16.69
C THR A 723 26.28 -3.97 -16.53
N MET A 724 25.30 -4.07 -15.64
CA MET A 724 24.66 -5.34 -15.37
C MET A 724 23.33 -5.12 -14.66
N LYS A 725 22.50 -6.17 -14.68
CA LYS A 725 21.14 -6.13 -14.18
C LYS A 725 21.06 -6.79 -12.81
N VAL A 726 20.31 -6.19 -11.89
CA VAL A 726 20.14 -6.73 -10.55
C VAL A 726 18.66 -6.93 -10.25
N GLY A 727 18.35 -8.08 -9.64
CA GLY A 727 17.04 -8.34 -9.11
C GLY A 727 16.04 -8.75 -10.16
N GLY A 728 14.80 -8.97 -9.69
CA GLY A 728 13.70 -9.26 -10.55
C GLY A 728 13.08 -8.00 -11.12
N ASN A 729 12.12 -8.20 -12.01
CA ASN A 729 11.42 -7.08 -12.61
C ASN A 729 10.41 -6.50 -11.63
N LEU A 730 10.28 -5.17 -11.66
CA LEU A 730 9.34 -4.51 -10.77
C LEU A 730 7.90 -4.64 -11.23
N ASP A 731 7.67 -4.97 -12.50
CA ASP A 731 6.33 -5.21 -13.01
C ASP A 731 6.43 -6.22 -14.17
N SER A 732 5.29 -6.46 -14.80
CA SER A 732 5.21 -7.38 -15.93
C SER A 732 4.55 -6.67 -17.10
N LYS A 733 5.17 -6.79 -18.27
CA LYS A 733 4.69 -6.15 -19.48
C LYS A 733 5.01 -7.06 -20.66
N GLY A 734 4.37 -6.80 -21.79
CA GLY A 734 4.61 -7.57 -22.99
C GLY A 734 4.60 -6.70 -24.22
N TYR A 735 5.40 -7.09 -25.21
CA TYR A 735 5.39 -6.49 -26.53
C TYR A 735 4.47 -7.30 -27.43
N GLY A 736 3.68 -6.61 -28.23
CA GLY A 736 2.74 -7.28 -29.12
C GLY A 736 2.77 -6.67 -30.50
N VAL A 737 2.38 -7.48 -31.48
CA VAL A 737 2.26 -7.01 -32.86
C VAL A 737 0.87 -6.38 -33.02
N ALA A 738 0.84 -5.12 -33.43
CA ALA A 738 -0.37 -4.33 -33.44
C ALA A 738 -0.94 -4.22 -34.84
N THR A 739 -2.27 -4.21 -34.92
CA THR A 739 -3.02 -4.25 -36.16
C THR A 739 -4.21 -3.30 -36.00
N PRO A 740 -4.73 -2.74 -37.09
CA PRO A 740 -5.95 -1.94 -36.98
C PRO A 740 -7.12 -2.74 -36.45
N LYS A 741 -8.02 -2.06 -35.75
CA LYS A 741 -9.24 -2.70 -35.25
C LYS A 741 -10.06 -3.24 -36.40
N GLY A 742 -10.59 -4.45 -36.22
CA GLY A 742 -11.42 -5.06 -37.24
C GLY A 742 -10.68 -5.48 -38.48
N SER A 743 -9.36 -5.53 -38.46
CA SER A 743 -8.58 -5.88 -39.63
C SER A 743 -8.70 -7.37 -39.92
N ALA A 744 -8.54 -7.73 -41.19
CA ALA A 744 -8.56 -9.13 -41.59
C ALA A 744 -7.28 -9.86 -41.22
N LEU A 745 -6.25 -9.15 -40.77
CA LEU A 745 -4.97 -9.75 -40.41
C LEU A 745 -4.83 -10.05 -38.92
N GLY A 746 -5.80 -9.65 -38.11
CA GLY A 746 -5.66 -9.80 -36.67
C GLY A 746 -5.53 -11.23 -36.20
N THR A 747 -6.51 -12.07 -36.55
CA THR A 747 -6.45 -13.48 -36.18
C THR A 747 -5.29 -14.21 -36.84
N PRO A 748 -5.01 -14.07 -38.14
CA PRO A 748 -3.82 -14.72 -38.70
C PRO A 748 -2.54 -14.30 -38.01
N VAL A 749 -2.39 -13.03 -37.66
CA VAL A 749 -1.16 -12.58 -37.03
C VAL A 749 -1.05 -13.12 -35.60
N ASN A 750 -2.17 -13.16 -34.89
CA ASN A 750 -2.16 -13.72 -33.54
C ASN A 750 -1.77 -15.20 -33.57
N LEU A 751 -2.36 -15.96 -34.50
CA LEU A 751 -2.03 -17.37 -34.59
C LEU A 751 -0.58 -17.58 -35.05
N ALA A 752 -0.10 -16.71 -35.94
CA ALA A 752 1.29 -16.80 -36.37
C ALA A 752 2.25 -16.55 -35.20
N VAL A 753 1.95 -15.55 -34.37
CA VAL A 753 2.79 -15.27 -33.21
C VAL A 753 2.78 -16.45 -32.25
N LEU A 754 1.60 -17.04 -32.00
CA LEU A 754 1.53 -18.19 -31.11
C LEU A 754 2.31 -19.38 -31.67
N LYS A 755 2.20 -19.63 -32.98
CA LYS A 755 2.92 -20.72 -33.60
C LYS A 755 4.43 -20.51 -33.54
N LEU A 756 4.87 -19.27 -33.77
CA LEU A 756 6.30 -18.97 -33.68
C LEU A 756 6.79 -19.12 -32.25
N SER A 757 5.94 -18.79 -31.27
CA SER A 757 6.30 -18.97 -29.87
C SER A 757 6.48 -20.45 -29.53
N GLU A 758 5.55 -21.29 -29.98
CA GLU A 758 5.62 -22.71 -29.61
C GLU A 758 6.79 -23.41 -30.30
N GLN A 759 7.13 -23.01 -31.52
CA GLN A 759 8.23 -23.62 -32.25
C GLN A 759 9.60 -23.17 -31.75
N GLY A 760 9.65 -22.23 -30.81
CA GLY A 760 10.93 -21.74 -30.31
C GLY A 760 11.63 -20.77 -31.19
N ILE A 761 10.95 -20.24 -32.21
CA ILE A 761 11.58 -19.30 -33.13
C ILE A 761 11.78 -17.94 -32.48
N LEU A 762 10.84 -17.53 -31.61
CA LEU A 762 11.00 -16.28 -30.90
C LEU A 762 12.21 -16.31 -29.97
N ASP A 763 12.37 -17.42 -29.22
CA ASP A 763 13.54 -17.57 -28.37
C ASP A 763 14.82 -17.63 -29.18
N LYS A 764 14.77 -18.31 -30.33
CA LYS A 764 15.95 -18.40 -31.19
C LYS A 764 16.34 -17.02 -31.72
N LEU A 765 15.37 -16.21 -32.11
CA LEU A 765 15.66 -14.86 -32.58
C LEU A 765 16.22 -13.99 -31.46
N LYS A 766 15.63 -14.06 -30.27
CA LYS A 766 16.14 -13.26 -29.16
C LYS A 766 17.56 -13.67 -28.80
N ASN A 767 17.85 -14.97 -28.80
CA ASN A 767 19.20 -15.44 -28.55
C ASN A 767 20.15 -14.97 -29.65
N LYS A 768 19.68 -14.97 -30.89
CA LYS A 768 20.52 -14.54 -32.00
C LYS A 768 20.90 -13.07 -31.89
N TRP A 769 19.94 -12.22 -31.53
CA TRP A 769 20.18 -10.79 -31.55
C TRP A 769 20.65 -10.23 -30.21
N TRP A 770 20.59 -11.01 -29.14
CA TRP A 770 21.04 -10.57 -27.83
C TRP A 770 22.38 -11.15 -27.44
N TYR A 771 22.61 -12.43 -27.70
CA TYR A 771 23.80 -13.13 -27.23
C TYR A 771 24.67 -13.67 -28.33
N ASP A 772 24.10 -14.16 -29.44
CA ASP A 772 24.92 -14.59 -30.56
C ASP A 772 25.70 -13.43 -31.15
N LYS A 773 25.09 -12.25 -31.18
CA LYS A 773 25.72 -11.04 -31.70
C LYS A 773 26.17 -10.11 -30.58
N GLY A 774 26.30 -10.62 -29.36
CA GLY A 774 26.78 -9.83 -28.26
C GLY A 774 28.26 -9.52 -28.38
N GLU A 775 28.70 -8.55 -27.57
CA GLU A 775 30.09 -8.11 -27.57
C GLU A 775 30.75 -8.33 -26.22
N CYS A 776 30.25 -9.26 -25.41
CA CYS A 776 30.80 -9.54 -24.10
C CYS A 776 31.11 -11.02 -23.87
N GLY A 777 30.69 -11.90 -24.77
CA GLY A 777 30.93 -13.32 -24.60
C GLY A 777 29.84 -14.02 -23.81
N SER A 788 35.12 -19.37 -1.67
CA SER A 788 35.27 -19.08 -0.26
C SER A 788 36.75 -19.02 0.16
N ALA A 789 37.52 -20.04 -0.22
CA ALA A 789 38.95 -20.06 0.10
C ALA A 789 39.65 -18.88 -0.54
N LEU A 790 40.56 -18.26 0.20
CA LEU A 790 41.33 -17.16 -0.36
C LEU A 790 42.41 -17.71 -1.28
N SER A 791 42.61 -17.01 -2.40
CA SER A 791 43.38 -17.54 -3.51
C SER A 791 44.86 -17.15 -3.40
N LEU A 792 45.67 -17.70 -4.30
CA LEU A 792 47.09 -17.39 -4.31
C LEU A 792 47.35 -15.93 -4.64
N SER A 793 46.45 -15.29 -5.40
CA SER A 793 46.58 -13.87 -5.70
C SER A 793 46.46 -13.00 -4.45
N ASN A 794 45.83 -13.51 -3.39
CA ASN A 794 45.73 -12.76 -2.15
C ASN A 794 47.04 -12.72 -1.37
N VAL A 795 47.93 -13.69 -1.59
CA VAL A 795 49.17 -13.78 -0.83
C VAL A 795 50.36 -13.94 -1.74
N ALA A 796 50.23 -13.53 -3.01
CA ALA A 796 51.33 -13.68 -3.96
C ALA A 796 52.53 -12.82 -3.57
N GLY A 797 52.29 -11.65 -2.99
CA GLY A 797 53.39 -10.76 -2.67
C GLY A 797 54.33 -11.32 -1.61
N VAL A 798 53.78 -12.05 -0.64
CA VAL A 798 54.65 -12.63 0.39
C VAL A 798 55.49 -13.74 -0.22
N PHE A 799 54.96 -14.47 -1.21
CA PHE A 799 55.75 -15.45 -1.94
C PHE A 799 56.88 -14.78 -2.72
N TYR A 800 56.59 -13.67 -3.39
CA TYR A 800 57.62 -12.94 -4.12
C TYR A 800 58.69 -12.43 -3.17
N ILE A 801 58.28 -11.90 -2.02
CA ILE A 801 59.23 -11.44 -1.00
C ILE A 801 60.10 -12.59 -0.52
N LEU A 802 59.49 -13.75 -0.31
CA LEU A 802 60.23 -14.91 0.17
C LEU A 802 61.30 -15.34 -0.83
N VAL A 803 60.93 -15.45 -2.11
CA VAL A 803 61.91 -15.90 -3.09
C VAL A 803 62.98 -14.84 -3.31
N GLY A 804 62.61 -13.56 -3.27
CA GLY A 804 63.60 -12.51 -3.36
C GLY A 804 64.59 -12.53 -2.21
N GLY A 805 64.09 -12.80 -0.99
CA GLY A 805 64.97 -12.92 0.15
C GLY A 805 65.89 -14.11 0.06
N LEU A 806 65.39 -15.23 -0.47
CA LEU A 806 66.24 -16.40 -0.69
C LEU A 806 67.35 -16.07 -1.69
N GLY A 807 67.00 -15.39 -2.78
CA GLY A 807 68.01 -14.98 -3.74
C GLY A 807 69.03 -14.02 -3.15
N LEU A 808 68.57 -13.08 -2.32
CA LEU A 808 69.48 -12.15 -1.68
C LEU A 808 70.44 -12.84 -0.72
N ALA A 809 69.93 -13.83 0.03
CA ALA A 809 70.79 -14.59 0.93
C ALA A 809 71.82 -15.39 0.15
N MET A 810 71.41 -16.00 -0.96
CA MET A 810 72.35 -16.72 -1.82
C MET A 810 73.42 -15.78 -2.34
N MET A 811 73.03 -14.58 -2.78
CA MET A 811 73.98 -13.60 -3.29
C MET A 811 74.96 -13.16 -2.21
N VAL A 812 74.47 -12.91 -0.99
CA VAL A 812 75.35 -12.49 0.10
C VAL A 812 76.36 -13.59 0.42
N ALA A 813 75.89 -14.83 0.51
CA ALA A 813 76.80 -15.94 0.81
C ALA A 813 77.84 -16.11 -0.29
N LEU A 814 77.43 -16.00 -1.55
CA LEU A 814 78.39 -16.16 -2.64
C LEU A 814 79.39 -15.01 -2.70
N ILE A 815 78.94 -13.79 -2.40
CA ILE A 815 79.86 -12.66 -2.36
C ILE A 815 80.89 -12.84 -1.26
N GLU A 816 80.45 -13.27 -0.08
CA GLU A 816 81.40 -13.52 0.99
C GLU A 816 82.38 -14.62 0.61
N PHE A 817 81.90 -15.68 -0.02
CA PHE A 817 82.77 -16.75 -0.46
C PHE A 817 83.81 -16.27 -1.46
N CYS A 818 83.38 -15.47 -2.45
CA CYS A 818 84.31 -14.95 -3.45
C CYS A 818 85.34 -14.04 -2.80
N TYR A 819 84.92 -13.19 -1.86
CA TYR A 819 85.87 -12.30 -1.19
C TYR A 819 86.91 -13.09 -0.41
N LYS A 820 86.48 -14.10 0.36
CA LYS A 820 87.44 -14.89 1.10
C LYS A 820 88.33 -15.73 0.19
N SER A 821 87.81 -16.19 -0.94
CA SER A 821 88.64 -16.93 -1.89
C SER A 821 89.73 -16.03 -2.47
N ARG A 822 89.36 -14.79 -2.84
CA ARG A 822 90.36 -13.86 -3.34
C ARG A 822 91.40 -13.53 -2.27
N ALA A 823 90.94 -13.35 -1.02
CA ALA A 823 91.87 -13.08 0.07
C ALA A 823 92.84 -14.23 0.27
N GLU A 824 92.34 -15.47 0.22
CA GLU A 824 93.21 -16.63 0.36
C GLU A 824 94.18 -16.75 -0.80
N SER A 825 93.73 -16.45 -2.02
CA SER A 825 94.60 -16.51 -3.18
C SER A 825 95.73 -15.48 -3.07
N LYS A 826 95.41 -14.26 -2.67
CA LYS A 826 96.45 -13.25 -2.49
C LYS A 826 97.37 -13.61 -1.33
N ARG A 827 96.80 -14.07 -0.22
CA ARG A 827 97.60 -14.44 0.95
C ARG A 827 98.16 -15.85 0.77
N PHE B 1 -40.04 65.98 -48.29
CA PHE B 1 -40.16 64.64 -47.74
C PHE B 1 -41.62 64.20 -47.66
N PRO B 2 -41.89 62.98 -48.11
CA PRO B 2 -43.26 62.47 -48.05
C PRO B 2 -43.74 62.28 -46.61
N ASN B 3 -45.03 62.46 -46.42
CA ASN B 3 -45.64 62.25 -45.11
C ASN B 3 -46.03 60.80 -44.85
N THR B 4 -45.83 59.92 -45.84
CA THR B 4 -46.17 58.50 -45.69
C THR B 4 -45.26 57.70 -46.60
N ILE B 5 -44.44 56.84 -46.02
CA ILE B 5 -43.53 55.98 -46.76
C ILE B 5 -44.05 54.54 -46.71
N SER B 6 -44.17 53.92 -47.88
CA SER B 6 -44.64 52.55 -48.00
C SER B 6 -43.50 51.66 -48.46
N ILE B 7 -43.31 50.55 -47.76
CA ILE B 7 -42.27 49.58 -48.10
C ILE B 7 -42.94 48.29 -48.57
N GLY B 8 -42.15 47.38 -49.12
CA GLY B 8 -42.64 46.10 -49.58
C GLY B 8 -42.12 44.98 -48.69
N GLY B 9 -42.88 43.89 -48.64
CA GLY B 9 -42.49 42.73 -47.87
C GLY B 9 -42.63 41.47 -48.68
N LEU B 10 -41.58 40.66 -48.73
CA LEU B 10 -41.54 39.42 -49.51
C LEU B 10 -41.32 38.27 -48.54
N PHE B 11 -42.40 37.59 -48.16
CA PHE B 11 -42.33 36.51 -47.18
C PHE B 11 -42.51 35.17 -47.87
N MET B 12 -41.52 34.29 -47.71
CA MET B 12 -41.61 32.95 -48.27
C MET B 12 -42.35 32.04 -47.30
N ARG B 13 -42.36 30.74 -47.60
CA ARG B 13 -43.07 29.78 -46.76
C ARG B 13 -42.32 29.58 -45.44
N ASN B 14 -43.07 29.16 -44.42
CA ASN B 14 -42.54 28.94 -43.07
C ASN B 14 -41.92 30.21 -42.51
N THR B 15 -42.64 31.33 -42.64
CA THR B 15 -42.22 32.61 -42.09
C THR B 15 -43.39 33.29 -41.39
N VAL B 16 -44.20 32.51 -40.69
CA VAL B 16 -45.37 33.07 -40.00
C VAL B 16 -44.93 33.96 -38.84
N GLN B 17 -44.00 33.47 -38.03
CA GLN B 17 -43.52 34.26 -36.89
C GLN B 17 -42.79 35.50 -37.37
N GLU B 18 -42.03 35.39 -38.47
CA GLU B 18 -41.35 36.56 -39.02
C GLU B 18 -42.35 37.60 -39.50
N HIS B 19 -43.43 37.15 -40.16
CA HIS B 19 -44.48 38.09 -40.59
C HIS B 19 -45.14 38.76 -39.38
N SER B 20 -45.41 37.98 -38.33
CA SER B 20 -46.00 38.56 -37.12
C SER B 20 -45.07 39.59 -36.50
N ALA B 21 -43.77 39.29 -36.44
CA ALA B 21 -42.82 40.26 -35.90
C ALA B 21 -42.74 41.50 -36.76
N PHE B 22 -42.79 41.34 -38.09
CA PHE B 22 -42.81 42.48 -39.00
C PHE B 22 -44.00 43.38 -38.71
N ARG B 23 -45.20 42.80 -38.64
CA ARG B 23 -46.40 43.58 -38.38
C ARG B 23 -46.34 44.25 -37.02
N PHE B 24 -45.87 43.52 -36.00
CA PHE B 24 -45.80 44.08 -34.66
C PHE B 24 -44.80 45.23 -34.59
N ALA B 25 -43.65 45.10 -35.25
CA ALA B 25 -42.66 46.18 -35.24
C ALA B 25 -43.18 47.41 -35.98
N VAL B 26 -43.85 47.21 -37.11
CA VAL B 26 -44.42 48.35 -37.82
C VAL B 26 -45.47 49.04 -36.96
N GLN B 27 -46.31 48.25 -36.28
CA GLN B 27 -47.30 48.83 -35.39
C GLN B 27 -46.65 49.59 -34.24
N LEU B 28 -45.59 49.02 -33.66
CA LEU B 28 -44.90 49.67 -32.55
C LEU B 28 -44.31 51.01 -32.99
N TYR B 29 -43.73 51.06 -34.19
CA TYR B 29 -43.26 52.34 -34.71
C TYR B 29 -44.43 53.30 -34.94
N ASN B 30 -45.55 52.78 -35.44
CA ASN B 30 -46.69 53.64 -35.78
C ASN B 30 -47.42 54.17 -34.56
N THR B 31 -47.45 53.42 -33.47
CA THR B 31 -48.15 53.86 -32.26
C THR B 31 -47.30 54.77 -31.38
N ASN B 32 -46.05 55.05 -31.75
CA ASN B 32 -45.23 55.97 -30.98
C ASN B 32 -45.83 57.37 -31.05
N GLN B 33 -45.94 58.02 -29.89
CA GLN B 33 -46.58 59.33 -29.82
C GLN B 33 -45.60 60.48 -29.99
N ASN B 34 -44.30 60.25 -29.86
CA ASN B 34 -43.32 61.31 -30.02
C ASN B 34 -43.20 61.69 -31.50
N THR B 35 -43.34 62.99 -31.80
CA THR B 35 -43.23 63.45 -33.17
C THR B 35 -41.81 63.33 -33.71
N THR B 36 -40.79 63.52 -32.87
CA THR B 36 -39.42 63.33 -33.32
C THR B 36 -39.15 61.86 -33.67
N GLU B 37 -39.65 60.94 -32.84
CA GLU B 37 -39.44 59.52 -33.13
C GLU B 37 -40.29 59.05 -34.30
N LYS B 38 -41.43 59.68 -34.54
CA LYS B 38 -42.32 59.34 -35.65
C LYS B 38 -42.63 60.60 -36.44
N PRO B 39 -41.73 61.00 -37.34
CA PRO B 39 -42.02 62.13 -38.23
C PRO B 39 -42.78 61.77 -39.50
N PHE B 40 -43.07 60.48 -39.72
CA PHE B 40 -43.79 60.04 -40.90
C PHE B 40 -44.52 58.76 -40.59
N HIS B 41 -45.50 58.44 -41.43
CA HIS B 41 -46.24 57.18 -41.32
C HIS B 41 -45.54 56.10 -42.14
N LEU B 42 -45.61 54.87 -41.66
CA LEU B 42 -44.97 53.72 -42.29
C LEU B 42 -46.05 52.72 -42.69
N ASN B 43 -46.10 52.38 -43.97
CA ASN B 43 -47.02 51.37 -44.48
C ASN B 43 -46.25 50.25 -45.15
N TYR B 44 -46.93 49.11 -45.31
CA TYR B 44 -46.27 47.94 -45.91
C TYR B 44 -47.24 47.25 -46.87
N HIS B 45 -46.68 46.73 -47.95
CA HIS B 45 -47.39 45.87 -48.89
C HIS B 45 -46.77 44.49 -48.83
N VAL B 46 -47.50 43.52 -48.29
CA VAL B 46 -46.96 42.20 -48.00
C VAL B 46 -47.40 41.23 -49.09
N ASP B 47 -46.44 40.48 -49.62
CA ASP B 47 -46.69 39.45 -50.62
C ASP B 47 -45.95 38.19 -50.23
N HIS B 48 -46.54 37.04 -50.55
CA HIS B 48 -45.98 35.73 -50.23
C HIS B 48 -45.40 35.10 -51.48
N LEU B 49 -44.17 34.60 -51.37
CA LEU B 49 -43.46 34.02 -52.49
C LEU B 49 -43.64 32.50 -52.51
N ASP B 50 -43.19 31.90 -53.61
CA ASP B 50 -43.20 30.45 -53.77
C ASP B 50 -41.82 29.83 -53.63
N SER B 51 -40.76 30.54 -54.02
CA SER B 51 -39.36 30.15 -53.92
C SER B 51 -38.98 29.01 -54.84
N SER B 52 -39.95 28.41 -55.55
CA SER B 52 -39.66 27.38 -56.54
C SER B 52 -40.10 27.76 -57.94
N ASN B 53 -40.91 28.81 -58.09
CA ASN B 53 -41.36 29.30 -59.38
C ASN B 53 -40.80 30.72 -59.54
N SER B 54 -39.76 30.86 -60.36
CA SER B 54 -39.15 32.17 -60.56
C SER B 54 -40.14 33.15 -61.19
N PHE B 55 -41.08 32.65 -61.98
CA PHE B 55 -42.09 33.52 -62.59
C PHE B 55 -42.95 34.19 -61.52
N SER B 56 -43.38 33.44 -60.51
CA SER B 56 -44.19 34.01 -59.44
C SER B 56 -43.38 35.00 -58.60
N VAL B 57 -42.12 34.68 -58.32
CA VAL B 57 -41.27 35.58 -57.55
C VAL B 57 -41.08 36.89 -58.30
N THR B 58 -40.82 36.81 -59.61
CA THR B 58 -40.66 38.01 -60.42
C THR B 58 -41.96 38.81 -60.46
N ASN B 59 -43.10 38.12 -60.57
CA ASN B 59 -44.39 38.82 -60.57
C ASN B 59 -44.61 39.58 -59.27
N ALA B 60 -44.33 38.94 -58.13
CA ALA B 60 -44.52 39.60 -56.84
C ALA B 60 -43.59 40.79 -56.69
N PHE B 61 -42.31 40.61 -57.07
CA PHE B 61 -41.35 41.71 -56.96
C PHE B 61 -41.78 42.88 -57.85
N CYS B 62 -42.23 42.60 -59.07
CA CYS B 62 -42.63 43.66 -59.97
C CYS B 62 -43.92 44.33 -59.53
N SER B 63 -44.84 43.58 -58.93
CA SER B 63 -46.04 44.20 -58.37
C SER B 63 -45.68 45.16 -57.25
N GLN B 64 -44.78 44.74 -56.35
CA GLN B 64 -44.35 45.64 -55.28
C GLN B 64 -43.64 46.86 -55.83
N PHE B 65 -42.80 46.66 -56.86
CA PHE B 65 -42.09 47.79 -57.46
C PHE B 65 -43.04 48.75 -58.17
N SER B 66 -44.09 48.22 -58.80
CA SER B 66 -45.02 49.05 -59.55
C SER B 66 -45.97 49.82 -58.62
N ARG B 67 -46.39 49.20 -57.52
CA ARG B 67 -47.26 49.94 -56.60
C ARG B 67 -46.53 51.10 -55.96
N GLY B 68 -45.21 51.07 -55.91
CA GLY B 68 -44.44 52.18 -55.40
C GLY B 68 -43.93 51.95 -53.99
N VAL B 69 -42.66 51.58 -53.86
CA VAL B 69 -42.04 51.34 -52.56
C VAL B 69 -40.70 52.04 -52.52
N TYR B 70 -40.24 52.32 -51.29
CA TYR B 70 -38.94 52.91 -51.06
C TYR B 70 -37.89 51.89 -50.63
N ALA B 71 -38.33 50.82 -49.98
CA ALA B 71 -37.44 49.72 -49.61
C ALA B 71 -38.25 48.43 -49.63
N ILE B 72 -37.54 47.31 -49.76
CA ILE B 72 -38.17 46.00 -49.84
C ILE B 72 -37.51 45.09 -48.80
N PHE B 73 -38.24 44.81 -47.72
CA PHE B 73 -37.82 43.81 -46.75
C PHE B 73 -38.33 42.45 -47.20
N GLY B 74 -37.52 41.41 -47.00
CA GLY B 74 -37.95 40.10 -47.44
C GLY B 74 -36.95 39.03 -47.09
N PHE B 75 -37.26 37.82 -47.56
CA PHE B 75 -36.44 36.64 -47.35
C PHE B 75 -36.14 35.98 -48.69
N TYR B 76 -35.04 35.24 -48.73
CA TYR B 76 -34.67 34.47 -49.90
C TYR B 76 -33.92 33.22 -49.47
N ASP B 77 -33.89 32.25 -50.38
CA ASP B 77 -33.12 31.02 -50.22
C ASP B 77 -32.22 30.84 -51.44
N GLN B 78 -31.60 29.66 -51.53
CA GLN B 78 -30.66 29.39 -52.62
C GLN B 78 -31.34 29.40 -53.99
N MET B 79 -32.66 29.26 -54.04
CA MET B 79 -33.38 29.24 -55.31
C MET B 79 -33.91 30.61 -55.72
N SER B 80 -34.03 31.55 -54.78
CA SER B 80 -34.58 32.87 -55.07
C SER B 80 -33.63 34.01 -54.73
N MET B 81 -32.43 33.72 -54.23
CA MET B 81 -31.48 34.78 -53.91
C MET B 81 -31.06 35.54 -55.16
N ASN B 82 -30.73 34.81 -56.24
CA ASN B 82 -30.18 35.44 -57.43
C ASN B 82 -31.17 36.41 -58.06
N THR B 83 -32.43 35.99 -58.21
CA THR B 83 -33.42 36.83 -58.88
C THR B 83 -33.65 38.13 -58.13
N LEU B 84 -33.94 38.02 -56.83
CA LEU B 84 -34.21 39.21 -56.03
C LEU B 84 -32.99 40.12 -55.95
N THR B 85 -31.81 39.53 -55.75
CA THR B 85 -30.59 40.32 -55.65
C THR B 85 -30.31 41.06 -56.95
N SER B 86 -30.43 40.38 -58.09
CA SER B 86 -30.17 41.00 -59.37
C SER B 86 -31.18 42.10 -59.67
N PHE B 87 -32.46 41.85 -59.40
CA PHE B 87 -33.47 42.88 -59.66
C PHE B 87 -33.27 44.09 -58.78
N CYS B 88 -32.94 43.88 -57.50
CA CYS B 88 -32.70 45.00 -56.60
C CYS B 88 -31.47 45.79 -57.01
N GLY B 89 -30.41 45.11 -57.42
CA GLY B 89 -29.21 45.81 -57.86
C GLY B 89 -29.43 46.59 -59.14
N ALA B 90 -30.19 46.03 -60.08
CA ALA B 90 -30.41 46.69 -61.36
C ALA B 90 -31.37 47.86 -61.24
N LEU B 91 -32.43 47.71 -60.44
CA LEU B 91 -33.44 48.76 -60.30
C LEU B 91 -33.11 49.75 -59.19
N HIS B 92 -31.96 49.60 -58.52
CA HIS B 92 -31.53 50.51 -57.46
C HIS B 92 -32.58 50.58 -56.34
N THR B 93 -33.09 49.41 -55.96
CA THR B 93 -34.04 49.29 -54.87
C THR B 93 -33.39 48.54 -53.71
N SER B 94 -33.39 49.16 -52.54
CA SER B 94 -32.77 48.55 -51.37
C SER B 94 -33.53 47.32 -50.91
N PHE B 95 -32.80 46.30 -50.49
CA PHE B 95 -33.37 45.04 -50.03
C PHE B 95 -32.79 44.72 -48.66
N VAL B 96 -33.60 44.88 -47.61
CA VAL B 96 -33.20 44.58 -46.25
C VAL B 96 -33.62 43.14 -45.96
N THR B 97 -32.65 42.27 -45.69
CA THR B 97 -32.97 40.86 -45.54
C THR B 97 -32.34 40.23 -44.31
N PRO B 98 -33.09 39.43 -43.56
CA PRO B 98 -32.50 38.62 -42.48
C PRO B 98 -31.88 37.32 -42.96
N SER B 99 -31.95 37.03 -44.25
CA SER B 99 -31.46 35.76 -44.78
C SER B 99 -29.94 35.71 -44.73
N PHE B 100 -29.39 34.61 -45.23
CA PHE B 100 -27.95 34.42 -45.21
C PHE B 100 -27.26 35.48 -46.06
N PRO B 101 -26.12 36.01 -45.62
CA PRO B 101 -25.41 37.01 -46.43
C PRO B 101 -24.97 36.43 -47.76
N THR B 102 -25.02 37.26 -48.80
CA THR B 102 -24.62 36.83 -50.13
C THR B 102 -23.12 36.59 -50.18
N ASP B 103 -22.72 35.53 -50.89
CA ASP B 103 -21.30 35.21 -51.01
C ASP B 103 -20.54 36.29 -51.76
N ALA B 104 -21.13 36.81 -52.84
CA ALA B 104 -20.48 37.82 -53.67
C ALA B 104 -20.75 39.21 -53.15
N ASP B 105 -19.83 40.13 -53.44
CA ASP B 105 -19.96 41.53 -53.05
C ASP B 105 -20.91 42.20 -54.02
N VAL B 106 -22.13 42.47 -53.58
CA VAL B 106 -23.17 43.07 -54.41
C VAL B 106 -23.81 44.22 -53.65
N GLN B 107 -24.39 45.15 -54.39
CA GLN B 107 -24.92 46.39 -53.85
C GLN B 107 -26.44 46.35 -53.73
N PHE B 108 -26.98 47.40 -53.10
CA PHE B 108 -28.42 47.63 -52.99
C PHE B 108 -29.13 46.50 -52.25
N VAL B 109 -28.41 45.82 -51.35
CA VAL B 109 -29.01 44.82 -50.49
C VAL B 109 -28.17 44.74 -49.22
N ILE B 110 -28.83 44.85 -48.07
CA ILE B 110 -28.19 44.75 -46.77
C ILE B 110 -28.66 43.48 -46.08
N GLN B 111 -27.71 42.62 -45.72
CA GLN B 111 -27.97 41.34 -45.07
C GLN B 111 -27.59 41.51 -43.61
N MET B 112 -28.58 41.81 -42.77
CA MET B 112 -28.30 42.02 -41.34
C MET B 112 -28.40 40.72 -40.55
N ARG B 113 -27.72 39.70 -41.05
CA ARG B 113 -27.49 38.46 -40.32
C ARG B 113 -25.99 38.31 -40.16
N PRO B 114 -25.46 38.44 -38.95
CA PRO B 114 -23.99 38.44 -38.77
C PRO B 114 -23.37 37.14 -39.29
N ALA B 115 -22.23 37.28 -39.94
CA ALA B 115 -21.53 36.13 -40.49
C ALA B 115 -20.89 35.31 -39.38
N LEU B 116 -21.07 33.99 -39.43
CA LEU B 116 -20.48 33.10 -38.45
C LEU B 116 -19.04 32.73 -38.78
N LYS B 117 -18.51 33.20 -39.91
CA LYS B 117 -17.17 32.83 -40.35
C LYS B 117 -16.11 33.15 -39.29
N GLY B 118 -16.09 34.40 -38.84
CA GLY B 118 -15.09 34.81 -37.86
C GLY B 118 -15.24 34.09 -36.54
N ALA B 119 -16.48 33.96 -36.06
CA ALA B 119 -16.70 33.26 -34.80
C ALA B 119 -16.29 31.80 -34.89
N ILE B 120 -16.63 31.13 -35.99
CA ILE B 120 -16.26 29.73 -36.15
C ILE B 120 -14.74 29.59 -36.19
N LEU B 121 -14.07 30.45 -36.95
CA LEU B 121 -12.62 30.36 -37.04
C LEU B 121 -11.96 30.62 -35.69
N SER B 122 -12.44 31.62 -34.95
CA SER B 122 -11.87 31.92 -33.64
C SER B 122 -12.10 30.78 -32.66
N LEU B 123 -13.28 30.16 -32.69
CA LEU B 123 -13.55 29.04 -31.80
C LEU B 123 -12.69 27.83 -32.16
N LEU B 124 -12.48 27.59 -33.47
CA LEU B 124 -11.60 26.50 -33.89
C LEU B 124 -10.16 26.75 -33.42
N SER B 125 -9.69 27.99 -33.53
CA SER B 125 -8.34 28.32 -33.09
C SER B 125 -8.21 28.20 -31.57
N TYR B 126 -9.25 28.60 -30.84
CA TYR B 126 -9.18 28.60 -29.38
C TYR B 126 -9.31 27.19 -28.80
N TYR B 127 -10.10 26.34 -29.44
CA TYR B 127 -10.35 24.99 -28.95
C TYR B 127 -9.31 23.98 -29.41
N LYS B 128 -8.30 24.40 -30.19
CA LYS B 128 -7.27 23.50 -30.70
C LYS B 128 -7.88 22.38 -31.54
N TRP B 129 -8.80 22.75 -32.43
CA TRP B 129 -9.45 21.77 -33.30
C TRP B 129 -8.60 21.58 -34.56
N GLU B 130 -7.50 20.84 -34.38
CA GLU B 130 -6.60 20.57 -35.49
C GLU B 130 -7.10 19.45 -36.39
N LYS B 131 -8.04 18.64 -35.92
CA LYS B 131 -8.70 17.65 -36.76
C LYS B 131 -10.16 17.56 -36.34
N PHE B 132 -11.07 17.67 -37.31
CA PHE B 132 -12.49 17.57 -37.04
C PHE B 132 -13.21 17.23 -38.34
N VAL B 133 -14.45 16.79 -38.20
CA VAL B 133 -15.29 16.39 -39.33
C VAL B 133 -16.26 17.52 -39.63
N TYR B 134 -16.17 18.08 -40.82
CA TYR B 134 -16.99 19.23 -41.22
C TYR B 134 -18.13 18.72 -42.08
N LEU B 135 -19.31 18.59 -41.48
CA LEU B 135 -20.52 18.17 -42.17
C LEU B 135 -21.28 19.41 -42.61
N TYR B 136 -21.36 19.64 -43.92
CA TYR B 136 -21.88 20.91 -44.42
C TYR B 136 -22.92 20.67 -45.50
N ASP B 137 -23.83 21.64 -45.63
CA ASP B 137 -24.73 21.73 -46.76
C ASP B 137 -24.65 23.15 -47.33
N THR B 138 -25.03 23.28 -48.61
CA THR B 138 -24.86 24.53 -49.34
C THR B 138 -26.17 25.32 -49.43
N GLU B 139 -27.00 25.27 -48.40
CA GLU B 139 -28.27 25.97 -48.40
C GLU B 139 -28.17 27.37 -47.78
N ARG B 140 -26.99 27.78 -47.30
CA ARG B 140 -26.80 29.12 -46.76
C ARG B 140 -25.58 29.81 -47.36
N GLY B 141 -25.07 29.32 -48.47
CA GLY B 141 -23.92 29.90 -49.13
C GLY B 141 -22.70 29.01 -49.02
N PHE B 142 -21.61 29.50 -49.61
CA PHE B 142 -20.35 28.79 -49.65
C PHE B 142 -19.24 29.51 -48.86
N SER B 143 -19.58 30.60 -48.16
CA SER B 143 -18.56 31.36 -47.46
C SER B 143 -17.91 30.55 -46.34
N VAL B 144 -18.74 29.85 -45.56
CA VAL B 144 -18.22 29.09 -44.43
C VAL B 144 -17.32 27.94 -44.91
N LEU B 145 -17.77 27.22 -45.94
CA LEU B 145 -16.98 26.11 -46.45
C LEU B 145 -15.63 26.58 -47.00
N GLN B 146 -15.66 27.66 -47.78
CA GLN B 146 -14.42 28.21 -48.33
C GLN B 146 -13.49 28.69 -47.23
N ALA B 147 -14.04 29.34 -46.20
CA ALA B 147 -13.22 29.80 -45.10
C ALA B 147 -12.59 28.63 -44.35
N ILE B 148 -13.37 27.56 -44.13
CA ILE B 148 -12.83 26.39 -43.43
C ILE B 148 -11.71 25.75 -44.26
N MET B 149 -11.90 25.63 -45.57
CA MET B 149 -10.87 25.04 -46.41
C MET B 149 -9.61 25.89 -46.41
N GLU B 150 -9.76 27.21 -46.53
CA GLU B 150 -8.59 28.08 -46.52
C GLU B 150 -7.86 28.02 -45.18
N ALA B 151 -8.61 28.01 -44.08
CA ALA B 151 -7.98 27.90 -42.77
C ALA B 151 -7.26 26.57 -42.60
N ALA B 152 -7.84 25.49 -43.14
CA ALA B 152 -7.18 24.19 -43.08
C ALA B 152 -5.87 24.21 -43.87
N VAL B 153 -5.88 24.86 -45.05
CA VAL B 153 -4.66 24.95 -45.83
C VAL B 153 -3.60 25.77 -45.11
N GLN B 154 -3.99 26.91 -44.53
CA GLN B 154 -3.02 27.79 -43.89
C GLN B 154 -2.46 27.16 -42.61
N ASN B 155 -3.33 26.60 -41.78
CA ASN B 155 -2.93 26.08 -40.48
C ASN B 155 -2.58 24.59 -40.50
N ASN B 156 -2.58 23.96 -41.68
CA ASN B 156 -2.24 22.55 -41.83
C ASN B 156 -3.16 21.67 -40.97
N TRP B 157 -4.46 21.95 -41.04
CA TRP B 157 -5.45 21.17 -40.31
C TRP B 157 -5.69 19.83 -41.01
N GLN B 158 -6.55 19.02 -40.42
CA GLN B 158 -6.90 17.70 -40.93
C GLN B 158 -8.41 17.58 -41.07
N VAL B 159 -9.02 18.60 -41.69
CA VAL B 159 -10.47 18.64 -41.82
C VAL B 159 -10.92 17.61 -42.84
N THR B 160 -11.95 16.83 -42.47
CA THR B 160 -12.60 15.88 -43.38
C THR B 160 -13.97 16.48 -43.70
N ALA B 161 -14.13 16.96 -44.92
CA ALA B 161 -15.34 17.67 -45.32
C ALA B 161 -16.30 16.71 -46.01
N ARG B 162 -17.55 16.72 -45.56
CA ARG B 162 -18.59 15.87 -46.14
C ARG B 162 -19.82 16.72 -46.43
N SER B 163 -20.31 16.66 -47.66
CA SER B 163 -21.51 17.37 -48.08
C SER B 163 -22.72 16.47 -47.86
N VAL B 164 -23.53 16.80 -46.85
CA VAL B 164 -24.69 16.01 -46.50
C VAL B 164 -25.99 16.66 -46.95
N GLY B 165 -25.92 17.67 -47.82
CA GLY B 165 -27.12 18.34 -48.28
C GLY B 165 -28.01 17.44 -49.13
N ASN B 166 -27.40 16.58 -49.94
CA ASN B 166 -28.13 15.72 -50.86
C ASN B 166 -28.48 14.37 -50.25
N ILE B 167 -28.15 14.15 -48.99
CA ILE B 167 -28.43 12.87 -48.32
C ILE B 167 -29.90 12.84 -47.92
N LYS B 168 -30.61 11.80 -48.35
CA LYS B 168 -32.02 11.64 -48.04
C LYS B 168 -32.32 10.43 -47.17
N ASP B 169 -31.33 9.58 -46.91
CA ASP B 169 -31.50 8.38 -46.10
C ASP B 169 -30.66 8.51 -44.84
N VAL B 170 -31.28 8.22 -43.69
CA VAL B 170 -30.57 8.30 -42.42
C VAL B 170 -29.48 7.23 -42.31
N GLN B 171 -29.59 6.15 -43.07
CA GLN B 171 -28.54 5.14 -43.06
C GLN B 171 -27.23 5.68 -43.59
N GLU B 172 -27.28 6.63 -44.54
CA GLU B 172 -26.07 7.30 -44.98
C GLU B 172 -25.43 8.07 -43.84
N PHE B 173 -26.23 8.77 -43.04
CA PHE B 173 -25.71 9.48 -41.87
C PHE B 173 -25.07 8.50 -40.89
N ARG B 174 -25.74 7.37 -40.63
CA ARG B 174 -25.19 6.39 -39.70
C ARG B 174 -23.87 5.83 -40.22
N ARG B 175 -23.79 5.53 -41.52
CA ARG B 175 -22.56 5.03 -42.10
C ARG B 175 -21.44 6.06 -42.00
N ILE B 176 -21.75 7.33 -42.25
CA ILE B 176 -20.73 8.38 -42.15
C ILE B 176 -20.22 8.48 -40.71
N ILE B 177 -21.14 8.45 -39.74
CA ILE B 177 -20.73 8.55 -38.34
C ILE B 177 -19.88 7.35 -37.93
N GLU B 178 -20.28 6.15 -38.36
CA GLU B 178 -19.50 4.96 -38.04
C GLU B 178 -18.11 5.01 -38.66
N GLU B 179 -18.02 5.44 -39.91
CA GLU B 179 -16.72 5.56 -40.58
C GLU B 179 -15.84 6.58 -39.88
N MET B 180 -16.43 7.71 -39.45
CA MET B 180 -15.65 8.72 -38.74
C MET B 180 -15.17 8.22 -37.39
N ASP B 181 -16.01 7.48 -36.66
CA ASP B 181 -15.56 6.94 -35.37
C ASP B 181 -14.53 5.83 -35.54
N ARG B 182 -14.54 5.14 -36.68
CA ARG B 182 -13.49 4.15 -36.95
C ARG B 182 -12.13 4.82 -37.02
N ARG B 183 -12.07 6.09 -37.41
N ARG B 183 -12.07 6.09 -37.40
CA ARG B 183 -10.82 6.84 -37.47
CA ARG B 183 -10.84 6.85 -37.48
C ARG B 183 -10.58 7.68 -36.22
C ARG B 183 -10.58 7.68 -36.22
N GLN B 184 -11.36 7.48 -35.16
CA GLN B 184 -11.24 8.21 -33.90
C GLN B 184 -11.42 9.71 -34.11
N GLU B 185 -12.56 10.06 -34.72
CA GLU B 185 -12.96 11.45 -34.93
C GLU B 185 -13.90 11.83 -33.80
N LYS B 186 -13.45 12.72 -32.91
CA LYS B 186 -14.21 13.10 -31.74
C LYS B 186 -14.85 14.48 -31.85
N ARG B 187 -14.48 15.26 -32.87
CA ARG B 187 -14.92 16.65 -32.98
C ARG B 187 -15.64 16.84 -34.32
N TYR B 188 -16.86 17.36 -34.25
CA TYR B 188 -17.69 17.55 -35.44
C TYR B 188 -18.13 19.01 -35.52
N LEU B 189 -17.96 19.62 -36.68
CA LEU B 189 -18.50 20.93 -37.00
C LEU B 189 -19.62 20.73 -38.02
N ILE B 190 -20.85 20.97 -37.58
CA ILE B 190 -22.04 20.73 -38.41
C ILE B 190 -22.58 22.07 -38.84
N ASP B 191 -22.28 22.46 -40.08
CA ASP B 191 -22.84 23.68 -40.67
C ASP B 191 -23.97 23.26 -41.62
N CYS B 192 -25.14 23.02 -41.03
CA CYS B 192 -26.29 22.55 -41.76
C CYS B 192 -27.54 23.27 -41.26
N GLU B 193 -28.66 22.97 -41.89
CA GLU B 193 -29.94 23.54 -41.47
C GLU B 193 -30.39 22.92 -40.16
N VAL B 194 -31.40 23.53 -39.55
CA VAL B 194 -31.87 23.09 -38.23
C VAL B 194 -32.40 21.66 -38.32
N GLU B 195 -33.21 21.37 -39.34
CA GLU B 195 -33.77 20.03 -39.47
C GLU B 195 -32.69 18.98 -39.76
N ARG B 196 -31.73 19.32 -40.62
CA ARG B 196 -30.64 18.40 -40.90
C ARG B 196 -29.77 18.18 -39.67
N ILE B 197 -29.52 19.24 -38.90
CA ILE B 197 -28.78 19.10 -37.65
C ILE B 197 -29.53 18.19 -36.68
N ASN B 198 -30.85 18.36 -36.61
CA ASN B 198 -31.66 17.49 -35.75
C ASN B 198 -31.56 16.04 -36.19
N THR B 199 -31.61 15.79 -37.50
CA THR B 199 -31.47 14.42 -38.00
C THR B 199 -30.12 13.83 -37.65
N ILE B 200 -29.05 14.60 -37.83
CA ILE B 200 -27.71 14.10 -37.51
C ILE B 200 -27.59 13.81 -36.02
N LEU B 201 -28.16 14.68 -35.18
CA LEU B 201 -28.13 14.44 -33.75
C LEU B 201 -28.94 13.21 -33.36
N GLU B 202 -30.08 12.99 -34.01
CA GLU B 202 -30.83 11.75 -33.77
C GLU B 202 -30.01 10.53 -34.13
N GLN B 203 -29.27 10.59 -35.25
CA GLN B 203 -28.44 9.46 -35.64
C GLN B 203 -27.29 9.24 -34.67
N VAL B 204 -26.65 10.30 -34.19
CA VAL B 204 -25.55 10.11 -33.25
C VAL B 204 -26.08 9.61 -31.90
N VAL B 205 -27.30 9.98 -31.53
CA VAL B 205 -27.91 9.44 -30.31
C VAL B 205 -28.22 7.96 -30.49
N ILE B 206 -28.77 7.59 -31.65
CA ILE B 206 -29.09 6.19 -31.91
C ILE B 206 -27.82 5.33 -31.88
N LEU B 207 -26.76 5.80 -32.52
CA LEU B 207 -25.48 5.10 -32.52
C LEU B 207 -24.75 5.20 -31.20
N GLY B 208 -25.25 6.00 -30.25
CA GLY B 208 -24.57 6.19 -29.00
C GLY B 208 -23.34 7.07 -29.08
N LYS B 209 -23.26 7.91 -30.11
CA LYS B 209 -22.09 8.78 -30.31
C LYS B 209 -22.30 10.12 -29.63
N HIS B 210 -22.68 10.08 -28.35
CA HIS B 210 -22.98 11.29 -27.61
C HIS B 210 -22.48 11.24 -26.18
N SER B 211 -21.44 10.47 -25.90
CA SER B 211 -20.86 10.37 -24.56
C SER B 211 -19.98 11.60 -24.31
N ARG B 212 -19.31 11.61 -23.16
CA ARG B 212 -18.51 12.77 -22.77
C ARG B 212 -17.28 12.97 -23.65
N GLY B 213 -16.92 11.98 -24.46
CA GLY B 213 -15.74 12.05 -25.29
C GLY B 213 -15.93 12.71 -26.65
N TYR B 214 -17.11 13.26 -26.93
CA TYR B 214 -17.39 13.86 -28.23
C TYR B 214 -17.77 15.32 -28.07
N HIS B 215 -17.40 16.13 -29.06
CA HIS B 215 -17.69 17.55 -29.08
C HIS B 215 -18.37 17.88 -30.40
N TYR B 216 -19.52 18.56 -30.32
CA TYR B 216 -20.28 18.98 -31.49
C TYR B 216 -20.42 20.50 -31.46
N MET B 217 -19.95 21.17 -32.51
CA MET B 217 -20.05 22.60 -32.67
C MET B 217 -21.09 22.89 -33.75
N LEU B 218 -22.24 23.40 -33.34
CA LEU B 218 -23.35 23.66 -34.25
C LEU B 218 -23.16 25.04 -34.87
N ALA B 219 -22.75 25.08 -36.13
CA ALA B 219 -22.51 26.33 -36.85
C ALA B 219 -23.80 26.81 -37.49
N ASN B 220 -24.70 27.29 -36.64
CA ASN B 220 -26.01 27.75 -37.09
C ASN B 220 -26.62 28.65 -36.02
N LEU B 221 -26.95 29.88 -36.39
CA LEU B 221 -27.75 30.72 -35.51
C LEU B 221 -29.14 30.13 -35.36
N GLY B 222 -29.66 30.13 -34.14
CA GLY B 222 -30.88 29.41 -33.87
C GLY B 222 -30.64 28.29 -32.89
N PHE B 223 -29.71 28.50 -31.96
CA PHE B 223 -29.33 27.47 -31.00
C PHE B 223 -30.52 27.00 -30.18
N THR B 224 -31.53 27.86 -30.00
CA THR B 224 -32.71 27.49 -29.23
C THR B 224 -33.71 26.68 -30.03
N ASP B 225 -33.56 26.60 -31.35
CA ASP B 225 -34.47 25.84 -32.20
C ASP B 225 -33.99 24.43 -32.48
N ILE B 226 -32.87 24.02 -31.90
CA ILE B 226 -32.31 22.69 -32.12
C ILE B 226 -32.63 21.81 -30.92
N LEU B 227 -33.13 20.60 -31.21
CA LEU B 227 -33.44 19.64 -30.16
C LEU B 227 -32.13 19.07 -29.62
N LEU B 228 -31.83 19.37 -28.34
CA LEU B 228 -30.54 19.03 -27.75
C LEU B 228 -30.67 18.32 -26.42
N GLU B 229 -31.87 17.88 -26.04
CA GLU B 229 -32.08 17.32 -24.71
C GLU B 229 -31.33 16.00 -24.54
N ARG B 230 -31.47 15.08 -25.50
CA ARG B 230 -30.85 13.78 -25.36
C ARG B 230 -29.33 13.86 -25.43
N VAL B 231 -28.81 14.70 -26.32
CA VAL B 231 -27.36 14.90 -26.39
C VAL B 231 -26.86 15.55 -25.11
N MET B 232 -27.66 16.45 -24.53
CA MET B 232 -27.31 17.03 -23.23
C MET B 232 -27.23 15.95 -22.16
N HIS B 233 -28.20 15.06 -22.12
CA HIS B 233 -28.20 14.00 -21.11
C HIS B 233 -27.07 13.02 -21.34
N GLY B 234 -26.62 12.87 -22.59
CA GLY B 234 -25.50 11.99 -22.86
C GLY B 234 -24.20 12.47 -22.25
N GLY B 235 -23.99 13.79 -22.25
CA GLY B 235 -22.79 14.38 -21.68
C GLY B 235 -21.78 14.91 -22.68
N ALA B 236 -22.13 14.96 -23.96
CA ALA B 236 -21.20 15.47 -24.97
C ALA B 236 -21.15 17.00 -24.94
N ASN B 237 -19.98 17.54 -25.26
CA ASN B 237 -19.83 18.98 -25.33
C ASN B 237 -20.61 19.55 -26.51
N ILE B 238 -21.30 20.66 -26.27
CA ILE B 238 -22.10 21.32 -27.31
C ILE B 238 -21.74 22.79 -27.31
N THR B 239 -21.37 23.31 -28.49
CA THR B 239 -21.06 24.72 -28.69
C THR B 239 -22.05 25.31 -29.67
N GLY B 240 -22.64 26.44 -29.32
CA GLY B 240 -23.61 27.09 -30.18
C GLY B 240 -23.35 28.59 -30.23
N PHE B 241 -23.96 29.23 -31.23
CA PHE B 241 -23.82 30.65 -31.45
C PHE B 241 -25.19 31.30 -31.48
N GLN B 242 -25.30 32.48 -30.87
CA GLN B 242 -26.55 33.21 -30.82
C GLN B 242 -26.28 34.69 -31.02
N ILE B 243 -27.31 35.42 -31.43
CA ILE B 243 -27.22 36.87 -31.61
C ILE B 243 -28.23 37.62 -30.76
N VAL B 244 -29.16 36.93 -30.12
CA VAL B 244 -30.18 37.55 -29.27
C VAL B 244 -29.85 37.26 -27.82
N ASN B 245 -29.81 38.29 -27.00
CA ASN B 245 -29.51 38.18 -25.58
C ASN B 245 -30.81 38.34 -24.79
N ASN B 246 -31.14 37.32 -23.98
CA ASN B 246 -32.36 37.37 -23.20
C ASN B 246 -32.27 38.35 -22.03
N GLU B 247 -31.06 38.66 -21.57
CA GLU B 247 -30.90 39.64 -20.50
C GLU B 247 -30.84 41.08 -21.01
N ASN B 248 -30.87 41.27 -22.33
CA ASN B 248 -30.89 42.62 -22.88
C ASN B 248 -32.22 43.30 -22.53
N PRO B 249 -32.20 44.50 -21.95
CA PRO B 249 -33.47 45.14 -21.56
C PRO B 249 -34.42 45.36 -22.72
N MET B 250 -33.91 45.70 -23.90
CA MET B 250 -34.77 45.88 -25.06
C MET B 250 -35.45 44.57 -25.46
N VAL B 251 -34.69 43.47 -25.46
CA VAL B 251 -35.28 42.17 -25.77
C VAL B 251 -36.28 41.78 -24.71
N GLN B 252 -35.98 42.08 -23.43
CA GLN B 252 -36.92 41.77 -22.36
C GLN B 252 -38.22 42.53 -22.54
N GLN B 253 -38.15 43.82 -22.85
CA GLN B 253 -39.37 44.60 -23.08
C GLN B 253 -40.14 44.10 -24.30
N PHE B 254 -39.43 43.75 -25.39
CA PHE B 254 -40.12 43.24 -26.57
C PHE B 254 -40.82 41.92 -26.27
N ILE B 255 -40.18 41.03 -25.50
CA ILE B 255 -40.83 39.78 -25.13
C ILE B 255 -42.02 40.03 -24.22
N GLN B 256 -41.89 40.98 -23.29
CA GLN B 256 -42.98 41.29 -22.38
C GLN B 256 -44.20 41.80 -23.14
N ARG B 257 -43.98 42.68 -24.12
CA ARG B 257 -45.09 43.20 -24.92
C ARG B 257 -45.46 42.27 -26.07
N TRP B 258 -44.72 41.18 -26.28
CA TRP B 258 -44.90 40.33 -27.44
C TRP B 258 -45.63 39.04 -27.13
N VAL B 259 -45.58 38.56 -25.88
CA VAL B 259 -46.25 37.32 -25.49
C VAL B 259 -47.66 37.65 -25.02
N ARG B 260 -48.05 38.91 -25.11
CA ARG B 260 -49.38 39.37 -24.73
C ARG B 260 -50.13 39.92 -25.95
N LEU B 261 -50.01 39.23 -27.08
CA LEU B 261 -50.66 39.62 -28.31
C LEU B 261 -51.69 38.58 -28.72
N ASP B 262 -52.74 39.04 -29.40
CA ASP B 262 -53.80 38.15 -29.83
C ASP B 262 -53.27 37.10 -30.80
N GLU B 263 -53.63 35.84 -30.56
CA GLU B 263 -53.16 34.75 -31.42
C GLU B 263 -53.76 34.82 -32.81
N ARG B 264 -55.04 35.20 -32.93
CA ARG B 264 -55.68 35.30 -34.23
C ARG B 264 -55.16 36.47 -35.06
N GLU B 265 -54.60 37.50 -34.41
CA GLU B 265 -54.03 38.63 -35.11
C GLU B 265 -52.53 38.55 -35.29
N PHE B 266 -51.82 37.93 -34.34
CA PHE B 266 -50.38 37.71 -34.44
C PHE B 266 -50.10 36.23 -34.20
N PRO B 267 -50.28 35.40 -35.24
CA PRO B 267 -50.07 33.97 -35.07
C PRO B 267 -48.62 33.62 -34.76
N GLU B 268 -48.44 32.47 -34.10
CA GLU B 268 -47.13 31.90 -33.81
C GLU B 268 -46.31 32.79 -32.88
N ALA B 269 -46.99 33.63 -32.08
CA ALA B 269 -46.31 34.59 -31.22
C ALA B 269 -46.26 34.14 -29.77
N LYS B 270 -47.41 33.83 -29.17
CA LYS B 270 -47.47 33.56 -27.73
C LYS B 270 -46.90 32.19 -27.40
N ASN B 271 -47.53 31.13 -27.93
CA ASN B 271 -47.13 29.76 -27.60
C ASN B 271 -46.06 29.27 -28.58
N ALA B 272 -44.96 30.01 -28.64
CA ALA B 272 -43.86 29.69 -29.54
C ALA B 272 -42.59 30.44 -29.13
N PRO B 273 -41.44 29.78 -29.13
CA PRO B 273 -40.19 30.48 -28.84
C PRO B 273 -39.87 31.50 -29.94
N LEU B 274 -39.20 32.57 -29.54
CA LEU B 274 -38.86 33.65 -30.45
C LEU B 274 -37.64 33.25 -31.27
N LYS B 275 -37.82 33.10 -32.58
CA LYS B 275 -36.70 32.82 -33.47
C LYS B 275 -35.84 34.07 -33.65
N TYR B 276 -34.56 33.85 -33.93
CA TYR B 276 -33.65 34.98 -34.15
C TYR B 276 -34.03 35.78 -35.39
N THR B 277 -34.71 35.15 -36.34
CA THR B 277 -35.16 35.87 -37.53
C THR B 277 -36.21 36.92 -37.20
N SER B 278 -37.05 36.67 -36.18
CA SER B 278 -38.00 37.68 -35.75
C SER B 278 -37.28 38.89 -35.15
N ALA B 279 -36.23 38.65 -34.36
CA ALA B 279 -35.43 39.75 -33.85
C ALA B 279 -34.76 40.51 -34.98
N LEU B 280 -34.27 39.79 -35.99
CA LEU B 280 -33.69 40.45 -37.15
C LEU B 280 -34.72 41.28 -37.89
N THR B 281 -35.96 40.81 -37.97
CA THR B 281 -37.03 41.59 -38.61
C THR B 281 -37.33 42.86 -37.83
N HIS B 282 -37.43 42.76 -36.50
CA HIS B 282 -37.65 43.95 -35.68
C HIS B 282 -36.51 44.94 -35.83
N ASP B 283 -35.27 44.44 -35.83
CA ASP B 283 -34.11 45.32 -36.02
C ASP B 283 -34.09 45.91 -37.42
N ALA B 284 -34.59 45.18 -38.42
CA ALA B 284 -34.70 45.73 -39.77
C ALA B 284 -35.69 46.87 -39.83
N ILE B 285 -36.82 46.72 -39.13
CA ILE B 285 -37.78 47.82 -39.05
C ILE B 285 -37.14 49.03 -38.37
N LEU B 286 -36.38 48.79 -37.29
CA LEU B 286 -35.68 49.88 -36.62
C LEU B 286 -34.69 50.57 -37.56
N VAL B 287 -33.94 49.78 -38.33
CA VAL B 287 -32.95 50.32 -39.26
C VAL B 287 -33.63 51.16 -40.33
N ILE B 288 -34.73 50.66 -40.89
CA ILE B 288 -35.44 51.41 -41.93
C ILE B 288 -35.96 52.73 -41.37
N ALA B 289 -36.56 52.67 -40.17
CA ALA B 289 -37.08 53.90 -39.56
C ALA B 289 -35.97 54.90 -39.31
N GLU B 290 -34.82 54.43 -38.79
CA GLU B 290 -33.71 55.33 -38.52
C GLU B 290 -33.16 55.94 -39.81
N ALA B 291 -33.04 55.13 -40.87
CA ALA B 291 -32.50 55.64 -42.13
C ALA B 291 -33.41 56.69 -42.73
N PHE B 292 -34.73 56.45 -42.72
CA PHE B 292 -35.64 57.44 -43.29
C PHE B 292 -35.75 58.67 -42.41
N ARG B 293 -35.63 58.52 -41.09
CA ARG B 293 -35.57 59.69 -40.21
C ARG B 293 -34.34 60.53 -40.52
N TYR B 294 -33.19 59.89 -40.74
CA TYR B 294 -31.99 60.63 -41.12
C TYR B 294 -32.18 61.31 -42.47
N LEU B 295 -32.83 60.63 -43.42
CA LEU B 295 -33.07 61.23 -44.73
C LEU B 295 -33.96 62.47 -44.60
N ARG B 296 -34.98 62.41 -43.76
CA ARG B 296 -35.82 63.58 -43.52
C ARG B 296 -35.01 64.69 -42.83
N ARG B 297 -34.13 64.32 -41.90
CA ARG B 297 -33.37 65.32 -41.16
C ARG B 297 -32.46 66.12 -42.08
N GLN B 298 -31.83 65.46 -43.05
CA GLN B 298 -30.90 66.13 -43.96
C GLN B 298 -31.60 66.80 -45.14
N ARG B 299 -32.93 66.76 -45.19
CA ARG B 299 -33.70 67.37 -46.28
C ARG B 299 -33.29 66.80 -47.63
N VAL B 300 -33.05 65.50 -47.67
CA VAL B 300 -32.70 64.82 -48.91
C VAL B 300 -33.98 64.57 -49.71
N ASP B 301 -33.99 65.02 -50.97
CA ASP B 301 -35.15 64.89 -51.82
C ASP B 301 -35.28 63.44 -52.29
N VAL B 302 -36.15 62.68 -51.62
CA VAL B 302 -36.43 61.30 -51.98
C VAL B 302 -37.93 61.17 -52.19
N SER B 303 -38.31 60.53 -53.29
CA SER B 303 -39.71 60.34 -53.63
C SER B 303 -39.88 59.27 -54.71
N ALA B 308 -43.95 53.76 -60.18
CA ALA B 308 -42.50 53.83 -60.28
C ALA B 308 -42.02 53.31 -61.63
N GLY B 309 -42.95 52.72 -62.39
CA GLY B 309 -42.62 52.19 -63.71
C GLY B 309 -42.76 50.68 -63.79
N ASP B 310 -41.87 50.04 -64.54
CA ASP B 310 -41.90 48.60 -64.72
C ASP B 310 -40.48 48.04 -64.57
N CYS B 311 -40.41 46.74 -64.26
CA CYS B 311 -39.12 46.09 -64.07
C CYS B 311 -38.33 46.04 -65.38
N LEU B 312 -38.91 45.40 -66.39
CA LEU B 312 -38.18 45.01 -67.59
C LEU B 312 -38.33 46.07 -68.67
N ALA B 313 -37.61 47.17 -68.46
CA ALA B 313 -37.52 48.25 -69.43
C ALA B 313 -36.11 48.29 -70.00
N ASN B 314 -36.00 48.35 -71.32
CA ASN B 314 -34.71 48.38 -71.99
C ASN B 314 -34.52 49.72 -72.69
N PRO B 315 -33.55 50.55 -72.26
CA PRO B 315 -32.59 50.33 -71.16
C PRO B 315 -33.22 50.55 -69.78
N ALA B 316 -32.71 49.88 -68.76
CA ALA B 316 -33.24 50.01 -67.41
C ALA B 316 -32.61 51.22 -66.74
N VAL B 317 -33.30 52.36 -66.79
CA VAL B 317 -32.85 53.58 -66.15
C VAL B 317 -33.20 53.50 -64.67
N PRO B 318 -32.25 53.68 -63.76
CA PRO B 318 -32.58 53.64 -62.33
C PRO B 318 -33.03 54.98 -61.81
N TRP B 319 -33.97 54.94 -60.88
CA TRP B 319 -34.45 56.14 -60.21
C TRP B 319 -33.38 56.65 -59.25
N SER B 320 -33.00 57.92 -59.43
CA SER B 320 -31.75 58.45 -58.89
C SER B 320 -31.73 58.57 -57.37
N GLN B 321 -32.87 58.49 -56.71
CA GLN B 321 -32.91 58.62 -55.25
C GLN B 321 -32.50 57.34 -54.54
N GLY B 322 -32.30 56.24 -55.28
CA GLY B 322 -31.90 54.99 -54.65
C GLY B 322 -30.53 55.04 -54.01
N ILE B 323 -29.61 55.81 -54.62
CA ILE B 323 -28.26 55.92 -54.06
C ILE B 323 -28.30 56.51 -52.66
N ASP B 324 -29.07 57.59 -52.49
CA ASP B 324 -29.16 58.24 -51.18
C ASP B 324 -29.81 57.32 -50.14
N ILE B 325 -30.86 56.60 -50.54
CA ILE B 325 -31.53 55.69 -49.60
C ILE B 325 -30.59 54.56 -49.19
N GLU B 326 -29.85 54.00 -50.15
CA GLU B 326 -28.91 52.94 -49.83
C GLU B 326 -27.80 53.45 -48.91
N ARG B 327 -27.29 54.65 -49.18
CA ARG B 327 -26.25 55.22 -48.33
C ARG B 327 -26.77 55.47 -46.91
N ALA B 328 -28.00 55.96 -46.80
CA ALA B 328 -28.59 56.18 -45.47
C ALA B 328 -28.78 54.86 -44.73
N LEU B 329 -29.22 53.83 -45.44
CA LEU B 329 -29.45 52.54 -44.80
C LEU B 329 -28.14 51.87 -44.39
N LYS B 330 -27.06 52.09 -45.13
CA LYS B 330 -25.79 51.45 -44.84
C LYS B 330 -24.92 52.25 -43.85
N MET B 331 -25.40 53.39 -43.37
CA MET B 331 -24.64 54.20 -42.44
C MET B 331 -25.29 54.32 -41.06
N VAL B 332 -26.35 53.54 -40.79
CA VAL B 332 -27.03 53.62 -39.51
C VAL B 332 -26.25 52.83 -38.46
N GLN B 333 -26.22 53.34 -37.24
CA GLN B 333 -25.65 52.66 -36.08
C GLN B 333 -26.74 52.61 -35.02
N VAL B 334 -27.46 51.50 -34.92
CA VAL B 334 -28.64 51.43 -34.06
C VAL B 334 -28.53 50.24 -33.12
N GLN B 335 -29.00 50.42 -31.90
CA GLN B 335 -29.02 49.36 -30.91
C GLN B 335 -30.37 48.65 -30.98
N GLY B 336 -30.35 47.39 -31.40
CA GLY B 336 -31.56 46.60 -31.51
C GLY B 336 -31.51 45.34 -30.68
N MET B 337 -32.45 44.42 -30.92
CA MET B 337 -32.51 43.19 -30.15
C MET B 337 -31.30 42.31 -30.35
N THR B 338 -30.54 42.51 -31.44
CA THR B 338 -29.32 41.77 -31.69
C THR B 338 -28.08 42.55 -31.29
N GLY B 339 -28.23 43.67 -30.61
CA GLY B 339 -27.09 44.46 -30.17
C GLY B 339 -26.78 45.62 -31.09
N ASN B 340 -25.50 45.93 -31.26
CA ASN B 340 -25.10 47.00 -32.17
C ASN B 340 -25.38 46.60 -33.62
N ILE B 341 -25.85 47.56 -34.41
CA ILE B 341 -26.16 47.33 -35.81
C ILE B 341 -25.46 48.41 -36.61
N GLN B 342 -24.51 47.98 -37.46
CA GLN B 342 -23.81 48.84 -38.40
C GLN B 342 -23.61 48.04 -39.68
N PHE B 343 -23.43 48.75 -40.79
CA PHE B 343 -23.24 48.12 -42.08
C PHE B 343 -22.04 48.74 -42.79
N ASP B 344 -21.34 47.91 -43.56
CA ASP B 344 -20.21 48.35 -44.35
C ASP B 344 -20.69 48.75 -45.75
N THR B 345 -19.75 48.97 -46.67
CA THR B 345 -20.10 49.40 -48.01
C THR B 345 -20.85 48.33 -48.80
N TYR B 346 -20.77 47.07 -48.38
CA TYR B 346 -21.44 45.97 -49.07
C TYR B 346 -22.72 45.52 -48.36
N GLY B 347 -23.17 46.26 -47.35
CA GLY B 347 -24.40 45.93 -46.66
C GLY B 347 -24.29 44.86 -45.61
N ARG B 348 -23.09 44.35 -45.34
CA ARG B 348 -22.89 43.32 -44.33
C ARG B 348 -22.61 43.96 -42.98
N ARG B 349 -22.98 43.24 -41.92
CA ARG B 349 -22.93 43.78 -40.57
C ARG B 349 -21.48 43.96 -40.11
N THR B 350 -21.25 45.01 -39.32
CA THR B 350 -19.99 45.26 -38.66
C THR B 350 -20.26 45.61 -37.21
N ASN B 351 -19.24 45.43 -36.37
CA ASN B 351 -19.33 45.68 -34.93
C ASN B 351 -20.43 44.83 -34.30
N TYR B 352 -20.54 43.58 -34.75
CA TYR B 352 -21.53 42.66 -34.24
C TYR B 352 -20.89 41.70 -33.25
N THR B 353 -21.63 41.37 -32.19
CA THR B 353 -21.16 40.48 -31.14
C THR B 353 -21.97 39.19 -31.21
N ILE B 354 -21.29 38.06 -31.27
CA ILE B 354 -21.92 36.74 -31.36
C ILE B 354 -21.67 36.01 -30.04
N ASP B 355 -22.74 35.69 -29.33
CA ASP B 355 -22.61 35.03 -28.03
C ASP B 355 -22.39 33.54 -28.23
N VAL B 356 -21.30 33.02 -27.68
CA VAL B 356 -20.96 31.61 -27.76
C VAL B 356 -21.44 30.93 -26.48
N TYR B 357 -22.25 29.89 -26.65
CA TYR B 357 -22.89 29.17 -25.55
C TYR B 357 -22.32 27.77 -25.48
N GLU B 358 -21.84 27.38 -24.30
CA GLU B 358 -21.41 26.02 -24.03
C GLU B 358 -22.49 25.33 -23.22
N MET B 359 -22.99 24.21 -23.74
CA MET B 359 -24.15 23.54 -23.16
C MET B 359 -23.70 22.28 -22.43
N LYS B 360 -24.08 22.17 -21.17
CA LYS B 360 -23.76 21.04 -20.32
C LYS B 360 -25.05 20.41 -19.79
N VAL B 361 -24.89 19.41 -18.91
CA VAL B 361 -26.05 18.67 -18.41
C VAL B 361 -26.97 19.57 -17.60
N SER B 362 -26.41 20.53 -16.86
CA SER B 362 -27.24 21.48 -16.13
C SER B 362 -28.07 22.35 -17.08
N GLY B 363 -27.46 22.78 -18.18
CA GLY B 363 -28.16 23.59 -19.14
C GLY B 363 -27.17 24.35 -20.01
N SER B 364 -27.72 25.22 -20.86
CA SER B 364 -26.91 26.05 -21.73
C SER B 364 -26.36 27.23 -20.96
N ARG B 365 -25.03 27.38 -20.97
CA ARG B 365 -24.35 28.48 -20.30
C ARG B 365 -23.62 29.32 -21.32
N LYS B 366 -23.68 30.64 -21.16
CA LYS B 366 -23.03 31.56 -22.09
C LYS B 366 -21.53 31.48 -21.86
N ALA B 367 -20.84 30.71 -22.69
CA ALA B 367 -19.40 30.53 -22.55
C ALA B 367 -18.63 31.81 -22.79
N GLY B 368 -19.14 32.71 -23.63
CA GLY B 368 -18.46 33.97 -23.88
C GLY B 368 -19.09 34.70 -25.04
N TYR B 369 -18.33 35.63 -25.61
CA TYR B 369 -18.79 36.40 -26.75
C TYR B 369 -17.63 36.64 -27.70
N TRP B 370 -17.96 36.83 -28.97
CA TRP B 370 -16.98 37.07 -30.02
C TRP B 370 -17.28 38.39 -30.70
N ASN B 371 -16.21 39.16 -30.96
CA ASN B 371 -16.28 40.42 -31.68
C ASN B 371 -15.16 40.46 -32.70
N GLU B 372 -15.34 41.29 -33.73
CA GLU B 372 -14.37 41.35 -34.82
C GLU B 372 -12.99 41.82 -34.37
N TYR B 373 -12.91 42.54 -33.25
CA TYR B 373 -11.65 43.06 -32.75
C TYR B 373 -11.14 42.33 -31.52
N GLU B 374 -12.00 42.10 -30.53
CA GLU B 374 -11.57 41.42 -29.32
C GLU B 374 -11.34 39.93 -29.52
N ARG B 375 -11.96 39.33 -30.54
CA ARG B 375 -11.68 37.97 -30.98
C ARG B 375 -11.92 36.95 -29.85
N PHE B 376 -13.20 36.85 -29.48
CA PHE B 376 -13.68 35.82 -28.55
C PHE B 376 -12.98 35.90 -27.20
N VAL B 377 -13.26 36.98 -26.49
CA VAL B 377 -12.85 37.10 -25.09
C VAL B 377 -13.63 36.09 -24.26
N PRO B 378 -12.96 35.15 -23.59
CA PRO B 378 -13.68 34.14 -22.82
C PRO B 378 -14.26 34.71 -21.53
N PHE B 379 -15.07 33.90 -20.87
CA PHE B 379 -15.63 34.23 -19.57
C PHE B 379 -14.95 33.40 -18.48
N ILE B 396 -14.87 29.16 2.06
CA ILE B 396 -14.28 28.61 3.27
C ILE B 396 -12.81 28.95 3.35
N VAL B 397 -12.45 29.80 4.31
CA VAL B 397 -11.08 30.24 4.51
C VAL B 397 -10.39 29.30 5.48
N VAL B 398 -9.23 28.80 5.08
CA VAL B 398 -8.41 27.93 5.93
C VAL B 398 -7.08 28.63 6.17
N THR B 399 -6.79 28.94 7.42
CA THR B 399 -5.55 29.60 7.81
C THR B 399 -4.53 28.60 8.34
N THR B 400 -3.26 28.83 7.98
CA THR B 400 -2.19 27.91 8.33
C THR B 400 -0.91 28.71 8.55
N ILE B 401 0.07 28.07 9.20
CA ILE B 401 1.45 28.58 9.28
C ILE B 401 2.25 27.95 8.15
N LEU B 402 3.10 28.74 7.51
CA LEU B 402 4.14 28.15 6.68
C LEU B 402 5.23 27.58 7.59
N GLU B 403 5.16 26.28 7.87
CA GLU B 403 6.15 25.61 8.69
C GLU B 403 6.34 24.20 8.17
N SER B 404 7.58 23.85 7.86
CA SER B 404 7.85 22.54 7.30
C SER B 404 7.71 21.46 8.37
N PRO B 405 7.15 20.30 8.04
CA PRO B 405 6.64 19.89 6.72
C PRO B 405 5.15 20.10 6.58
N TYR B 406 4.55 20.90 7.47
CA TYR B 406 3.09 21.04 7.45
C TYR B 406 2.62 21.87 6.26
N VAL B 407 3.22 23.02 6.04
CA VAL B 407 2.91 23.85 4.88
C VAL B 407 4.21 24.34 4.28
N MET B 408 4.39 24.11 2.99
CA MET B 408 5.60 24.49 2.29
C MET B 408 5.25 24.98 0.90
N TYR B 409 5.93 26.04 0.46
CA TYR B 409 5.79 26.49 -0.92
C TYR B 409 6.37 25.44 -1.87
N LYS B 410 5.68 25.21 -2.97
CA LYS B 410 6.21 24.33 -3.99
C LYS B 410 7.43 24.96 -4.65
N LYS B 411 8.22 24.14 -5.32
CA LYS B 411 9.51 24.59 -5.85
C LYS B 411 9.33 25.74 -6.84
N ASN B 412 8.33 25.65 -7.70
CA ASN B 412 8.05 26.68 -8.70
C ASN B 412 6.77 27.45 -8.38
N HIS B 413 6.56 27.75 -7.10
CA HIS B 413 5.31 28.32 -6.65
C HIS B 413 5.02 29.69 -7.26
N GLU B 414 6.04 30.36 -7.81
CA GLU B 414 5.81 31.70 -8.36
C GLU B 414 5.03 31.63 -9.66
N GLN B 415 5.14 30.54 -10.40
CA GLN B 415 4.36 30.33 -11.61
C GLN B 415 2.98 29.75 -11.34
N LEU B 416 2.66 29.47 -10.08
CA LEU B 416 1.38 28.89 -9.71
C LEU B 416 0.58 29.88 -8.88
N GLU B 417 -0.70 29.57 -8.69
CA GLU B 417 -1.60 30.41 -7.93
C GLU B 417 -2.56 29.53 -7.15
N GLY B 418 -3.12 30.12 -6.09
CA GLY B 418 -4.09 29.40 -5.28
C GLY B 418 -3.46 28.27 -4.47
N ASN B 419 -4.29 27.27 -4.16
CA ASN B 419 -3.86 26.19 -3.29
C ASN B 419 -2.74 25.36 -3.89
N GLU B 420 -2.50 25.48 -5.19
CA GLU B 420 -1.39 24.77 -5.82
C GLU B 420 -0.04 25.38 -5.49
N ARG B 421 -0.01 26.56 -4.85
CA ARG B 421 1.25 27.15 -4.43
C ARG B 421 1.92 26.36 -3.32
N TYR B 422 1.16 25.58 -2.56
CA TYR B 422 1.62 25.00 -1.31
C TYR B 422 1.65 23.49 -1.38
N GLU B 423 2.42 22.91 -0.46
CA GLU B 423 2.47 21.47 -0.26
C GLU B 423 2.83 21.20 1.19
N GLY B 424 2.56 19.98 1.63
CA GLY B 424 2.92 19.59 2.98
C GLY B 424 1.90 18.71 3.66
N TYR B 425 2.17 18.35 4.92
CA TYR B 425 1.26 17.48 5.67
C TYR B 425 -0.10 18.14 5.84
N CYS B 426 -0.11 19.42 6.20
CA CYS B 426 -1.38 20.08 6.50
C CYS B 426 -2.16 20.41 5.23
N VAL B 427 -1.47 20.58 4.10
CA VAL B 427 -2.17 20.77 2.83
C VAL B 427 -2.94 19.51 2.47
N ASP B 428 -2.29 18.35 2.59
CA ASP B 428 -2.96 17.08 2.35
C ASP B 428 -4.08 16.85 3.35
N LEU B 429 -3.85 17.21 4.61
CA LEU B 429 -4.88 17.03 5.63
C LEU B 429 -6.10 17.89 5.35
N ALA B 430 -5.88 19.14 4.93
CA ALA B 430 -6.99 20.01 4.57
C ALA B 430 -7.74 19.47 3.35
N TYR B 431 -6.99 18.93 2.38
CA TYR B 431 -7.63 18.33 1.21
C TYR B 431 -8.52 17.16 1.62
N GLU B 432 -8.09 16.20 2.44
CA GLU B 432 -8.98 15.02 2.67
C GLU B 432 -10.27 15.37 3.41
N ILE B 433 -10.21 16.19 4.45
CA ILE B 433 -11.41 16.54 5.26
C ILE B 433 -12.45 17.20 4.36
N ALA B 434 -12.01 18.02 3.41
CA ALA B 434 -12.98 18.79 2.59
C ALA B 434 -13.98 17.86 1.90
N LYS B 435 -13.51 16.72 1.38
CA LYS B 435 -14.41 15.75 0.72
C LYS B 435 -15.38 15.16 1.74
N HIS B 436 -14.89 14.58 2.83
CA HIS B 436 -15.79 13.88 3.80
C HIS B 436 -16.79 14.86 4.38
N VAL B 437 -16.59 16.15 4.16
CA VAL B 437 -17.58 17.16 4.62
C VAL B 437 -18.20 17.81 3.39
N LYS B 440 -15.60 23.52 -0.56
CA LYS B 440 -14.54 24.15 -1.34
C LYS B 440 -13.81 25.14 -0.45
N TYR B 441 -12.50 24.98 -0.35
CA TYR B 441 -11.70 25.73 0.60
C TYR B 441 -10.59 26.48 -0.14
N LYS B 442 -10.13 27.55 0.49
CA LYS B 442 -9.01 28.35 -0.01
C LYS B 442 -7.98 28.46 1.11
N LEU B 443 -6.78 27.93 0.87
CA LEU B 443 -5.72 27.99 1.86
C LEU B 443 -5.22 29.43 2.00
N SER B 444 -5.09 29.88 3.24
CA SER B 444 -4.57 31.20 3.53
C SER B 444 -3.49 31.08 4.58
N ILE B 445 -2.47 31.92 4.47
CA ILE B 445 -1.38 31.98 5.44
C ILE B 445 -1.63 33.18 6.34
N VAL B 446 -1.62 32.95 7.65
CA VAL B 446 -1.95 34.02 8.58
C VAL B 446 -0.90 35.12 8.49
N GLY B 447 -1.36 36.37 8.48
CA GLY B 447 -0.45 37.48 8.20
C GLY B 447 0.66 37.62 9.21
N ASP B 448 0.33 37.49 10.50
CA ASP B 448 1.35 37.64 11.52
C ASP B 448 2.15 36.37 11.76
N GLY B 449 1.76 35.26 11.13
CA GLY B 449 2.58 34.06 11.14
C GLY B 449 2.83 33.46 12.50
N LYS B 450 1.81 33.41 13.34
CA LYS B 450 1.95 32.85 14.67
C LYS B 450 0.71 32.03 15.02
N TYR B 451 0.84 31.23 16.07
CA TYR B 451 -0.16 30.19 16.33
C TYR B 451 -1.36 30.74 17.10
N GLY B 452 -1.12 31.65 18.04
CA GLY B 452 -2.21 32.30 18.71
C GLY B 452 -2.09 32.40 20.21
N ALA B 453 -2.17 33.62 20.71
CA ALA B 453 -2.10 33.90 22.14
C ALA B 453 -2.81 35.22 22.40
N ARG B 454 -3.31 35.38 23.60
CA ARG B 454 -3.99 36.61 23.99
C ARG B 454 -2.99 37.56 24.62
N ASP B 455 -2.91 38.77 24.09
CA ASP B 455 -2.03 39.78 24.68
C ASP B 455 -2.59 40.19 26.03
N PRO B 456 -1.88 39.97 27.13
CA PRO B 456 -2.46 40.26 28.45
C PRO B 456 -2.76 41.73 28.66
N GLU B 457 -2.13 42.63 27.91
CA GLU B 457 -2.36 44.06 28.08
C GLU B 457 -3.61 44.54 27.36
N THR B 458 -3.85 44.05 26.13
CA THR B 458 -4.99 44.49 25.35
C THR B 458 -6.04 43.40 25.15
N LYS B 459 -5.78 42.17 25.60
CA LYS B 459 -6.76 41.08 25.57
C LYS B 459 -7.18 40.73 24.13
N ILE B 460 -6.31 40.98 23.16
CA ILE B 460 -6.61 40.71 21.76
C ILE B 460 -5.88 39.43 21.35
N TRP B 461 -6.61 38.54 20.68
CA TRP B 461 -6.03 37.29 20.21
C TRP B 461 -5.32 37.50 18.89
N ASN B 462 -4.17 36.85 18.74
CA ASN B 462 -3.36 36.93 17.52
C ASN B 462 -3.26 35.55 16.89
N GLY B 463 -2.62 35.50 15.73
CA GLY B 463 -2.40 34.23 15.07
C GLY B 463 -3.67 33.66 14.45
N MET B 464 -3.65 32.34 14.27
CA MET B 464 -4.82 31.68 13.70
C MET B 464 -5.99 31.68 14.67
N VAL B 465 -5.69 31.66 15.97
CA VAL B 465 -6.76 31.76 16.96
C VAL B 465 -7.45 33.11 16.85
N GLY B 466 -6.67 34.17 16.63
CA GLY B 466 -7.27 35.46 16.36
C GLY B 466 -8.03 35.49 15.06
N GLU B 467 -7.54 34.76 14.05
CA GLU B 467 -8.25 34.68 12.79
C GLU B 467 -9.63 34.04 12.97
N LEU B 468 -9.69 32.97 13.78
CA LEU B 468 -10.94 32.27 14.01
C LEU B 468 -11.87 33.05 14.91
N VAL B 469 -11.34 33.66 15.97
CA VAL B 469 -12.18 34.32 16.97
C VAL B 469 -12.93 35.49 16.34
N TYR B 470 -12.26 36.24 15.47
CA TYR B 470 -12.82 37.46 14.90
C TYR B 470 -13.41 37.24 13.50
N GLY B 471 -13.75 36.01 13.16
CA GLY B 471 -14.55 35.74 11.98
C GLY B 471 -13.83 35.82 10.67
N ARG B 472 -12.51 35.94 10.66
CA ARG B 472 -11.75 36.07 9.43
C ARG B 472 -11.33 34.73 8.84
N ALA B 473 -11.67 33.62 9.50
CA ALA B 473 -11.33 32.30 9.01
C ALA B 473 -12.39 31.32 9.47
N ASP B 474 -12.49 30.21 8.74
CA ASP B 474 -13.47 29.17 9.03
C ASP B 474 -12.86 27.93 9.63
N ILE B 475 -11.68 27.54 9.18
CA ILE B 475 -10.97 26.37 9.69
C ILE B 475 -9.51 26.75 9.84
N ALA B 476 -8.82 26.12 10.78
CA ALA B 476 -7.38 26.25 10.94
C ALA B 476 -6.77 24.85 10.96
N VAL B 477 -6.10 24.48 9.88
CA VAL B 477 -5.45 23.18 9.79
C VAL B 477 -3.94 23.38 9.88
N ALA B 478 -3.37 23.22 11.07
CA ALA B 478 -1.98 23.55 11.31
C ALA B 478 -1.52 22.82 12.56
N PRO B 479 -0.21 22.76 12.80
CA PRO B 479 0.27 22.21 14.07
C PRO B 479 -0.07 23.11 15.25
N LEU B 480 -1.36 23.23 15.55
CA LEU B 480 -1.85 24.06 16.63
C LEU B 480 -2.18 23.17 17.82
N THR B 481 -1.46 23.38 18.93
CA THR B 481 -1.58 22.52 20.09
C THR B 481 -2.89 22.78 20.83
N ILE B 482 -3.57 21.70 21.20
CA ILE B 482 -4.78 21.79 22.00
C ILE B 482 -4.39 22.14 23.43
N THR B 483 -4.74 23.36 23.86
CA THR B 483 -4.44 23.81 25.21
C THR B 483 -5.71 24.35 25.85
N LEU B 484 -5.64 24.55 27.16
CA LEU B 484 -6.79 25.02 27.92
C LEU B 484 -7.24 26.40 27.47
N VAL B 485 -6.31 27.35 27.42
CA VAL B 485 -6.66 28.74 27.13
C VAL B 485 -7.18 28.88 25.71
N ARG B 486 -6.70 28.04 24.78
CA ARG B 486 -7.21 28.05 23.43
C ARG B 486 -8.60 27.42 23.35
N GLU B 487 -8.82 26.34 24.09
CA GLU B 487 -10.11 25.63 24.06
C GLU B 487 -11.25 26.49 24.59
N GLU B 488 -10.95 27.50 25.40
CA GLU B 488 -11.99 28.35 25.96
C GLU B 488 -12.56 29.32 24.93
N VAL B 489 -11.87 29.54 23.81
CA VAL B 489 -12.32 30.51 22.82
C VAL B 489 -12.58 29.90 21.45
N ILE B 490 -12.02 28.73 21.14
CA ILE B 490 -12.26 28.05 19.88
C ILE B 490 -12.53 26.58 20.15
N ASP B 491 -13.14 25.92 19.17
CA ASP B 491 -13.49 24.51 19.27
C ASP B 491 -12.40 23.70 18.56
N PHE B 492 -11.79 22.78 19.30
CA PHE B 492 -10.79 21.89 18.74
C PHE B 492 -11.42 20.55 18.38
N SER B 493 -10.79 19.86 17.43
CA SER B 493 -11.18 18.49 17.11
C SER B 493 -10.31 17.54 17.94
N LYS B 494 -10.54 16.24 17.74
CA LYS B 494 -9.66 15.26 18.34
C LYS B 494 -8.26 15.39 17.76
N PRO B 495 -7.22 15.03 18.50
CA PRO B 495 -5.85 15.21 18.00
C PRO B 495 -5.60 14.38 16.76
N PHE B 496 -5.21 15.04 15.67
CA PHE B 496 -4.77 14.31 14.50
C PHE B 496 -3.31 13.90 14.58
N MET B 497 -2.59 14.37 15.59
CA MET B 497 -1.19 14.01 15.77
C MET B 497 -0.84 14.19 17.24
N SER B 498 -0.27 13.15 17.84
CA SER B 498 0.14 13.19 19.24
C SER B 498 1.65 13.39 19.34
N LEU B 499 2.07 14.24 20.27
CA LEU B 499 3.47 14.58 20.41
C LEU B 499 3.79 14.79 21.88
N GLY B 500 4.99 15.30 22.14
CA GLY B 500 5.43 15.59 23.49
C GLY B 500 6.82 16.16 23.46
N ILE B 501 7.36 16.40 24.65
CA ILE B 501 8.72 16.93 24.78
C ILE B 501 9.70 15.77 24.71
N SER B 502 10.71 15.89 23.86
CA SER B 502 11.69 14.85 23.61
C SER B 502 13.08 15.48 23.54
N ILE B 503 14.08 14.61 23.48
CA ILE B 503 15.48 14.98 23.58
C ILE B 503 16.17 14.75 22.24
N MET B 504 16.64 15.82 21.63
CA MET B 504 17.54 15.81 20.49
C MET B 504 18.96 15.78 21.01
N ILE B 505 19.68 14.71 20.74
CA ILE B 505 21.12 14.72 20.97
C ILE B 505 21.79 14.71 19.61
N LYS B 506 23.09 14.98 19.63
CA LYS B 506 23.88 14.83 18.42
C LYS B 506 23.90 13.37 18.04
N LYS B 507 24.55 13.05 16.95
CA LYS B 507 24.96 11.69 16.73
C LYS B 507 26.45 11.58 16.96
N SER B 511 33.30 7.35 17.60
CA SER B 511 34.23 8.15 18.40
C SER B 511 35.66 7.89 17.98
N LYS B 512 36.49 8.92 18.12
CA LYS B 512 37.91 8.75 17.84
C LYS B 512 38.52 7.79 18.84
N PRO B 513 39.35 6.85 18.41
CA PRO B 513 39.89 5.86 19.36
C PRO B 513 40.75 6.52 20.43
N GLY B 514 40.66 6.00 21.64
CA GLY B 514 41.48 6.49 22.73
C GLY B 514 42.92 6.03 22.60
N VAL B 515 43.77 6.66 23.40
CA VAL B 515 45.20 6.33 23.36
C VAL B 515 45.42 4.90 23.80
N PHE B 516 44.76 4.48 24.87
CA PHE B 516 44.89 3.13 25.42
C PHE B 516 43.72 2.25 25.07
N SER B 517 43.18 2.41 23.86
CA SER B 517 42.05 1.61 23.40
C SER B 517 42.44 0.20 22.97
N PHE B 518 43.72 -0.12 22.97
CA PHE B 518 44.14 -1.49 22.72
C PHE B 518 43.82 -2.42 23.89
N LEU B 519 43.43 -1.88 25.03
CA LEU B 519 42.97 -2.66 26.17
C LEU B 519 41.46 -2.90 26.15
N ASP B 520 40.77 -2.35 25.16
CA ASP B 520 39.31 -2.41 25.14
C ASP B 520 38.73 -3.83 25.05
N PRO B 521 39.28 -4.76 24.26
CA PRO B 521 38.61 -6.08 24.15
C PRO B 521 38.41 -6.79 25.47
N LEU B 522 39.32 -6.63 26.42
CA LEU B 522 39.19 -7.25 27.73
C LEU B 522 38.77 -6.21 28.76
N ALA B 523 38.04 -6.66 29.78
CA ALA B 523 37.60 -5.75 30.82
C ALA B 523 38.76 -5.39 31.74
N TYR B 524 38.56 -4.30 32.48
CA TYR B 524 39.59 -3.82 33.40
C TYR B 524 39.86 -4.84 34.50
N GLU B 525 38.81 -5.51 34.98
CA GLU B 525 38.98 -6.55 35.98
C GLU B 525 39.81 -7.71 35.45
N ILE B 526 39.66 -8.04 34.17
CA ILE B 526 40.45 -9.10 33.57
C ILE B 526 41.93 -8.74 33.59
N TRP B 527 42.26 -7.50 33.21
CA TRP B 527 43.66 -7.07 33.22
C TRP B 527 44.24 -7.09 34.62
N MET B 528 43.48 -6.57 35.59
CA MET B 528 43.95 -6.55 36.97
C MET B 528 44.18 -7.96 37.49
N CYS B 529 43.26 -8.88 37.22
CA CYS B 529 43.41 -10.25 37.69
C CYS B 529 44.51 -10.98 36.93
N ILE B 530 44.77 -10.59 35.68
CA ILE B 530 45.91 -11.14 34.94
C ILE B 530 47.20 -10.75 35.64
N VAL B 531 47.32 -9.49 36.07
CA VAL B 531 48.51 -9.06 36.80
C VAL B 531 48.65 -9.83 38.10
N PHE B 532 47.54 -9.97 38.84
CA PHE B 532 47.59 -10.70 40.10
C PHE B 532 47.98 -12.16 39.89
N ALA B 533 47.42 -12.80 38.86
CA ALA B 533 47.74 -14.19 38.55
C ALA B 533 49.19 -14.33 38.13
N TYR B 534 49.72 -13.36 37.38
CA TYR B 534 51.13 -13.39 37.00
C TYR B 534 52.02 -13.35 38.24
N ILE B 535 51.71 -12.46 39.18
CA ILE B 535 52.49 -12.37 40.40
C ILE B 535 52.43 -13.69 41.17
N GLY B 536 51.22 -14.23 41.34
CA GLY B 536 51.07 -15.47 42.07
C GLY B 536 51.79 -16.64 41.41
N VAL B 537 51.71 -16.73 40.09
CA VAL B 537 52.35 -17.81 39.36
C VAL B 537 53.87 -17.72 39.50
N SER B 538 54.41 -16.51 39.37
CA SER B 538 55.85 -16.34 39.52
C SER B 538 56.31 -16.73 40.93
N VAL B 539 55.56 -16.30 41.95
CA VAL B 539 55.94 -16.60 43.32
C VAL B 539 55.86 -18.10 43.59
N VAL B 540 54.79 -18.76 43.13
CA VAL B 540 54.64 -20.18 43.38
C VAL B 540 55.69 -20.99 42.63
N LEU B 541 56.02 -20.58 41.41
CA LEU B 541 57.08 -21.27 40.66
C LEU B 541 58.42 -21.16 41.39
N PHE B 542 58.75 -19.96 41.86
CA PHE B 542 59.95 -19.78 42.67
C PHE B 542 59.92 -20.67 43.91
N LEU B 543 58.79 -20.68 44.63
CA LEU B 543 58.71 -21.43 45.88
C LEU B 543 58.89 -22.93 45.64
N VAL B 544 58.19 -23.49 44.65
CA VAL B 544 58.30 -24.92 44.42
C VAL B 544 59.64 -25.28 43.80
N SER B 545 60.32 -24.33 43.16
CA SER B 545 61.60 -24.64 42.55
C SER B 545 62.76 -24.57 43.53
N ARG B 546 62.73 -23.67 44.51
CA ARG B 546 63.94 -23.38 45.29
C ARG B 546 63.84 -23.66 46.78
N PHE B 547 62.68 -24.03 47.32
CA PHE B 547 62.56 -24.07 48.78
C PHE B 547 63.25 -25.30 49.38
N SER B 548 63.21 -26.43 48.69
CA SER B 548 63.57 -27.70 49.31
C SER B 548 65.09 -27.82 49.46
N PRO B 549 65.59 -28.09 50.66
CA PRO B 549 67.04 -28.32 50.81
C PRO B 549 67.54 -29.52 50.04
N TYR B 550 66.69 -30.51 49.79
CA TYR B 550 67.12 -31.77 49.20
C TYR B 550 67.38 -31.63 47.70
N GLU B 551 66.81 -30.63 47.05
CA GLU B 551 67.16 -30.34 45.67
C GLU B 551 68.52 -29.65 45.57
N TRP B 552 68.86 -28.83 46.57
CA TRP B 552 70.15 -28.16 46.56
C TRP B 552 71.29 -29.15 46.80
N HIS B 553 71.31 -29.75 47.99
CA HIS B 553 72.36 -30.67 48.45
C HIS B 553 73.77 -30.29 47.98
N ASP B 569 76.22 -24.10 43.72
CA ASP B 569 75.33 -23.75 42.62
C ASP B 569 73.89 -24.15 42.96
N PRO B 570 72.91 -23.38 42.55
CA PRO B 570 71.51 -23.73 42.83
C PRO B 570 71.09 -24.95 42.03
N PRO B 571 70.08 -25.69 42.49
CA PRO B 571 69.62 -26.86 41.72
C PRO B 571 69.11 -26.49 40.34
N ASN B 572 68.51 -25.31 40.19
CA ASN B 572 68.02 -24.84 38.91
C ASN B 572 68.20 -23.33 38.85
N GLU B 573 67.69 -22.73 37.77
CA GLU B 573 67.85 -21.31 37.53
C GLU B 573 66.62 -20.50 37.91
N PHE B 574 65.69 -21.09 38.65
CA PHE B 574 64.38 -20.46 38.89
C PHE B 574 64.38 -19.70 40.22
N GLY B 575 65.11 -18.60 40.23
CA GLY B 575 64.97 -17.61 41.27
C GLY B 575 63.73 -16.78 41.03
N ILE B 576 63.47 -15.86 41.97
CA ILE B 576 62.27 -15.05 41.85
C ILE B 576 62.34 -14.16 40.60
N PHE B 577 63.50 -13.57 40.34
CA PHE B 577 63.65 -12.71 39.16
C PHE B 577 63.55 -13.54 37.87
N ASN B 578 64.18 -14.71 37.84
CA ASN B 578 64.07 -15.59 36.68
C ASN B 578 62.67 -16.18 36.54
N SER B 579 62.00 -16.46 37.67
CA SER B 579 60.62 -16.93 37.60
C SER B 579 59.70 -15.87 37.02
N LEU B 580 60.03 -14.62 37.34
CA LEU B 580 59.25 -13.46 36.87
C LEU B 580 59.53 -13.26 35.39
N TRP B 581 60.63 -13.78 34.89
CA TRP B 581 60.99 -13.69 33.45
C TRP B 581 60.45 -14.91 32.71
N PHE B 582 60.56 -16.10 33.30
CA PHE B 582 59.97 -17.29 32.67
C PHE B 582 58.48 -17.10 32.52
N SER B 583 57.86 -16.37 33.43
CA SER B 583 56.39 -16.22 33.41
C SER B 583 55.99 -15.18 32.39
N LEU B 584 56.57 -13.99 32.42
CA LEU B 584 56.33 -12.95 31.42
C LEU B 584 56.52 -13.50 30.01
N GLY B 585 57.65 -14.14 29.77
CA GLY B 585 57.95 -14.71 28.43
C GLY B 585 56.93 -15.69 27.96
N ALA B 586 56.41 -16.53 28.86
CA ALA B 586 55.31 -17.44 28.51
C ALA B 586 54.11 -16.61 28.10
N PHE B 587 53.69 -15.65 28.93
CA PHE B 587 52.48 -14.88 28.61
C PHE B 587 52.67 -14.21 27.27
N MET B 588 53.85 -13.66 27.03
CA MET B 588 54.10 -12.89 25.79
C MET B 588 54.27 -13.88 24.64
N GLN B 589 54.20 -15.17 24.93
CA GLN B 589 54.32 -16.23 23.90
C GLN B 589 55.71 -16.14 23.29
N GLN B 590 56.70 -15.80 24.08
CA GLN B 590 58.04 -15.57 23.49
C GLN B 590 59.16 -16.13 24.34
N GLY B 591 59.73 -17.26 23.94
CA GLY B 591 60.98 -17.73 24.57
C GLY B 591 60.87 -18.57 25.82
N CYS B 592 62.02 -19.10 26.26
CA CYS B 592 62.07 -19.87 27.52
C CYS B 592 63.39 -19.56 28.24
N ASP B 593 64.53 -19.80 27.61
CA ASP B 593 65.83 -19.59 28.28
C ASP B 593 66.07 -20.75 29.25
N ILE B 594 65.11 -21.01 30.12
CA ILE B 594 65.21 -22.11 31.11
C ILE B 594 63.83 -22.74 31.15
N SER B 595 63.73 -24.03 31.42
CA SER B 595 62.38 -24.66 31.57
C SER B 595 62.33 -25.42 32.89
N PRO B 596 61.16 -25.46 33.58
CA PRO B 596 61.06 -26.23 34.78
C PRO B 596 61.33 -27.71 34.52
N ARG B 597 61.89 -28.47 35.47
CA ARG B 597 62.21 -29.88 35.33
C ARG B 597 61.54 -30.77 36.37
N SER B 598 61.13 -30.21 37.50
CA SER B 598 60.46 -31.00 38.52
C SER B 598 58.97 -31.09 38.24
N LEU B 599 58.30 -31.99 38.94
CA LEU B 599 56.87 -32.23 38.70
C LEU B 599 56.04 -31.00 39.06
N SER B 600 56.31 -30.39 40.22
CA SER B 600 55.51 -29.25 40.66
C SER B 600 55.76 -28.03 39.78
N GLY B 601 57.02 -27.78 39.41
CA GLY B 601 57.31 -26.69 38.51
C GLY B 601 56.67 -26.87 37.15
N ARG B 602 56.70 -28.11 36.69
CA ARG B 602 56.09 -28.46 35.39
C ARG B 602 54.58 -28.37 35.52
N ILE B 603 54.02 -28.51 36.73
CA ILE B 603 52.56 -28.32 36.95
C ILE B 603 52.27 -26.81 36.93
N VAL B 604 53.08 -26.01 37.59
CA VAL B 604 52.91 -24.53 37.62
C VAL B 604 53.08 -24.00 36.21
N GLY B 605 54.14 -24.41 35.52
CA GLY B 605 54.43 -23.92 34.17
C GLY B 605 53.24 -24.25 33.31
N GLY B 606 52.75 -25.47 33.35
CA GLY B 606 51.77 -25.99 32.39
C GLY B 606 50.39 -25.40 32.57
N VAL B 607 49.99 -25.02 33.78
CA VAL B 607 48.69 -24.33 34.00
C VAL B 607 48.83 -22.84 33.68
N TRP B 608 50.05 -22.33 33.57
CA TRP B 608 50.28 -20.92 33.17
C TRP B 608 50.22 -20.89 31.67
N TRP B 609 50.73 -21.94 31.03
CA TRP B 609 50.69 -22.06 29.56
C TRP B 609 49.26 -22.16 29.07
N PHE B 610 48.39 -22.81 29.83
CA PHE B 610 46.98 -22.97 29.43
C PHE B 610 46.27 -21.63 29.58
N PHE B 611 46.52 -20.93 30.68
CA PHE B 611 45.93 -19.59 30.91
C PHE B 611 46.40 -18.66 29.81
N THR B 612 47.69 -18.66 29.52
CA THR B 612 48.25 -17.74 28.52
C THR B 612 47.64 -17.99 27.15
N LEU B 613 47.12 -19.18 26.89
CA LEU B 613 46.58 -19.54 25.56
C LEU B 613 45.10 -19.24 25.46
N ILE B 614 44.38 -19.27 26.57
CA ILE B 614 42.92 -19.06 26.56
C ILE B 614 42.66 -17.58 26.73
N ILE B 615 43.58 -16.88 27.39
CA ILE B 615 43.44 -15.43 27.51
C ILE B 615 43.80 -14.72 26.22
N ILE B 616 44.92 -15.11 25.60
CA ILE B 616 45.40 -14.47 24.32
C ILE B 616 44.49 -14.84 23.15
N SER B 617 43.87 -16.02 23.12
CA SER B 617 42.86 -16.32 22.10
C SER B 617 41.60 -15.51 22.32
N SER B 618 41.20 -15.33 23.59
CA SER B 618 40.03 -14.50 23.89
C SER B 618 40.25 -13.06 23.47
N TYR B 619 41.44 -12.51 23.75
CA TYR B 619 41.74 -11.14 23.34
C TYR B 619 41.63 -10.98 21.84
N THR B 620 42.25 -11.89 21.08
CA THR B 620 42.22 -11.78 19.62
C THR B 620 40.80 -11.94 19.09
N ALA B 621 40.04 -12.89 19.63
CA ALA B 621 38.68 -13.11 19.16
C ALA B 621 37.78 -11.92 19.46
N ASN B 622 37.92 -11.31 20.65
CA ASN B 622 37.08 -10.18 20.98
C ASN B 622 37.47 -8.95 20.18
N LEU B 623 38.77 -8.76 19.90
CA LEU B 623 39.17 -7.66 19.03
C LEU B 623 38.61 -7.85 17.62
N ALA B 624 38.63 -9.09 17.12
CA ALA B 624 38.03 -9.35 15.81
C ALA B 624 36.55 -9.08 15.81
N ALA B 625 35.85 -9.47 16.88
CA ALA B 625 34.42 -9.20 16.98
C ALA B 625 34.13 -7.71 17.01
N PHE B 626 34.92 -6.94 17.75
CA PHE B 626 34.73 -5.50 17.82
C PHE B 626 34.99 -4.84 16.48
N LEU B 627 36.02 -5.30 15.76
CA LEU B 627 36.34 -4.70 14.47
C LEU B 627 35.35 -5.08 13.38
N THR B 628 34.81 -6.31 13.43
CA THR B 628 33.87 -6.74 12.41
C THR B 628 32.53 -6.03 12.54
N VAL B 629 31.97 -6.01 13.73
CA VAL B 629 30.65 -5.44 13.97
C VAL B 629 30.80 -4.17 14.79
N GLU B 630 30.37 -3.05 14.23
CA GLU B 630 30.34 -1.80 14.95
C GLU B 630 28.97 -1.66 15.62
N ARG B 631 28.83 -2.28 16.79
CA ARG B 631 27.64 -2.14 17.61
C ARG B 631 27.86 -0.82 18.32
N MET B 632 27.02 0.14 17.97
CA MET B 632 27.35 1.55 17.99
C MET B 632 26.30 2.32 18.77
N VAL B 633 26.68 2.83 19.94
CA VAL B 633 25.79 3.61 20.78
C VAL B 633 25.78 5.10 20.42
N ILE B 636 23.09 8.54 26.99
CA ILE B 636 21.81 9.19 27.24
C ILE B 636 20.69 8.54 26.43
N GLU B 637 19.87 7.74 27.12
CA GLU B 637 18.72 7.10 26.49
C GLU B 637 17.40 7.43 27.14
N SER B 638 17.38 8.30 28.15
CA SER B 638 16.15 8.67 28.83
C SER B 638 16.32 10.05 29.44
N ALA B 639 15.26 10.53 30.08
CA ALA B 639 15.32 11.82 30.78
C ALA B 639 16.16 11.73 32.04
N GLU B 640 15.92 10.69 32.85
CA GLU B 640 16.71 10.53 34.07
C GLU B 640 18.18 10.29 33.77
N ASP B 641 18.52 9.83 32.57
CA ASP B 641 19.93 9.79 32.18
C ASP B 641 20.52 11.19 32.11
N LEU B 642 19.77 12.14 31.54
CA LEU B 642 20.20 13.53 31.56
C LEU B 642 20.27 14.07 32.99
N ALA B 643 19.30 13.70 33.82
CA ALA B 643 19.28 14.19 35.19
C ALA B 643 20.47 13.69 35.99
N LYS B 644 20.86 12.43 35.81
CA LYS B 644 21.97 11.86 36.58
C LYS B 644 23.28 12.61 36.35
N GLN B 645 23.59 12.94 35.11
CA GLN B 645 24.89 13.50 34.75
C GLN B 645 24.80 15.00 34.58
N THR B 646 25.97 15.62 34.49
CA THR B 646 26.09 17.04 34.16
C THR B 646 27.09 17.29 33.04
N GLU B 647 27.76 16.25 32.54
CA GLU B 647 28.73 16.43 31.45
C GLU B 647 28.04 16.90 30.18
N ILE B 648 26.88 16.35 29.86
CA ILE B 648 26.12 16.72 28.67
C ILE B 648 25.10 17.78 29.09
N ALA B 649 25.37 19.03 28.73
CA ALA B 649 24.44 20.10 29.01
C ALA B 649 23.15 19.93 28.20
N TYR B 650 22.05 20.45 28.75
CA TYR B 650 20.78 20.39 28.06
C TYR B 650 20.00 21.66 28.32
N GLY B 651 19.22 22.09 27.34
CA GLY B 651 18.48 23.32 27.43
C GLY B 651 17.31 23.35 26.47
N THR B 652 16.58 24.46 26.51
CA THR B 652 15.37 24.64 25.72
C THR B 652 15.37 26.01 25.06
N LEU B 653 14.21 26.43 24.55
CA LEU B 653 14.06 27.78 24.04
C LEU B 653 14.05 28.79 25.19
N ASP B 654 14.28 30.07 24.83
CA ASP B 654 14.19 31.13 25.83
C ASP B 654 12.77 31.26 26.37
N SER B 655 11.78 31.01 25.52
CA SER B 655 10.38 31.08 25.92
C SER B 655 9.57 30.10 25.09
N GLY B 656 8.52 29.58 25.69
CA GLY B 656 7.65 28.66 25.01
C GLY B 656 7.06 27.65 25.97
N SER B 657 6.49 26.59 25.40
CA SER B 657 5.80 25.59 26.21
C SER B 657 6.77 24.74 27.02
N THR B 658 7.97 24.48 26.50
CA THR B 658 8.89 23.56 27.18
C THR B 658 9.47 24.20 28.44
N LYS B 659 9.91 25.45 28.34
CA LYS B 659 10.43 26.14 29.52
C LYS B 659 9.36 26.30 30.58
N GLU B 660 8.14 26.65 30.17
CA GLU B 660 7.03 26.75 31.12
C GLU B 660 6.74 25.39 31.75
N PHE B 661 6.82 24.32 30.96
CA PHE B 661 6.60 22.97 31.49
C PHE B 661 7.62 22.64 32.57
N PHE B 662 8.89 22.96 32.32
CA PHE B 662 9.93 22.60 33.28
C PHE B 662 9.88 23.50 34.50
N ARG B 663 9.52 24.77 34.32
CA ARG B 663 9.36 25.67 35.46
C ARG B 663 8.20 25.25 36.36
N ARG B 664 7.08 24.85 35.76
CA ARG B 664 5.88 24.50 36.51
C ARG B 664 5.92 23.08 37.06
N SER B 665 6.81 22.23 36.56
CA SER B 665 6.73 20.80 36.83
C SER B 665 6.94 20.51 38.32
N LYS B 666 6.17 19.55 38.83
CA LYS B 666 6.31 19.06 40.20
C LYS B 666 6.97 17.69 40.25
N ILE B 667 7.26 17.07 39.10
CA ILE B 667 7.91 15.78 39.08
C ILE B 667 9.39 15.96 39.40
N ALA B 668 9.92 15.06 40.23
CA ALA B 668 11.24 15.27 40.83
C ALA B 668 12.34 15.37 39.79
N VAL B 669 12.32 14.49 38.78
CA VAL B 669 13.36 14.52 37.75
C VAL B 669 13.28 15.82 36.96
N TYR B 670 12.06 16.26 36.65
CA TYR B 670 11.92 17.52 35.91
C TYR B 670 12.21 18.71 36.81
N GLU B 671 11.98 18.58 38.12
CA GLU B 671 12.39 19.62 39.05
C GLU B 671 13.90 19.79 39.06
N LYS B 672 14.64 18.69 39.08
CA LYS B 672 16.09 18.81 39.10
C LYS B 672 16.63 19.27 37.74
N MET B 673 15.98 18.88 36.64
CA MET B 673 16.35 19.45 35.35
C MET B 673 16.14 20.95 35.33
N TRP B 674 15.00 21.43 35.85
CA TRP B 674 14.76 22.86 35.87
C TRP B 674 15.74 23.58 36.78
N SER B 675 16.10 22.96 37.90
CA SER B 675 17.09 23.55 38.80
C SER B 675 18.44 23.69 38.12
N TYR B 676 18.85 22.66 37.37
CA TYR B 676 20.10 22.77 36.63
C TYR B 676 20.01 23.81 35.52
N MET B 677 18.88 23.86 34.82
CA MET B 677 18.76 24.70 33.64
C MET B 677 18.70 26.18 34.01
N LYS B 678 17.97 26.52 35.08
CA LYS B 678 17.83 27.93 35.46
C LYS B 678 19.13 28.48 36.05
N SER B 679 19.95 27.62 36.63
CA SER B 679 21.22 28.02 37.23
C SER B 679 22.38 27.91 36.26
N ALA B 680 22.12 27.58 35.00
CA ALA B 680 23.17 27.30 34.03
C ALA B 680 23.90 28.59 33.63
N GLU B 681 25.23 28.54 33.66
CA GLU B 681 26.07 29.65 33.26
C GLU B 681 27.23 29.06 32.44
N PRO B 682 27.28 29.32 31.13
CA PRO B 682 26.38 30.16 30.32
C PRO B 682 24.99 29.56 30.17
N SER B 683 24.03 30.36 29.71
CA SER B 683 22.65 29.91 29.64
C SER B 683 22.52 28.74 28.67
N VAL B 684 21.72 27.74 29.06
CA VAL B 684 21.40 26.63 28.17
C VAL B 684 20.18 26.91 27.31
N PHE B 685 19.53 28.04 27.51
CA PHE B 685 18.39 28.42 26.70
C PHE B 685 18.84 29.08 25.40
N THR B 686 18.11 28.82 24.34
CA THR B 686 18.43 29.34 23.01
C THR B 686 17.29 30.21 22.52
N LYS B 687 17.62 31.12 21.59
CA LYS B 687 16.63 32.06 21.09
C LYS B 687 15.67 31.41 20.09
N THR B 688 16.17 30.46 19.29
CA THR B 688 15.38 29.84 18.24
C THR B 688 15.65 28.34 18.24
N THR B 689 14.69 27.59 17.70
CA THR B 689 14.86 26.15 17.55
C THR B 689 16.06 25.83 16.67
N ALA B 690 16.23 26.59 15.59
CA ALA B 690 17.39 26.39 14.72
C ALA B 690 18.68 26.65 15.49
N ASP B 691 18.68 27.66 16.36
CA ASP B 691 19.86 27.92 17.19
C ASP B 691 20.18 26.72 18.08
N GLY B 692 19.15 26.12 18.70
CA GLY B 692 19.38 24.97 19.55
C GLY B 692 19.88 23.76 18.78
N VAL B 693 19.32 23.53 17.59
CA VAL B 693 19.78 22.42 16.75
C VAL B 693 21.23 22.62 16.34
N ALA B 694 21.59 23.84 15.94
CA ALA B 694 22.96 24.14 15.60
C ALA B 694 23.88 23.95 16.79
N ARG B 695 23.42 24.34 17.99
CA ARG B 695 24.21 24.15 19.20
C ARG B 695 24.43 22.68 19.49
N VAL B 696 23.40 21.85 19.27
CA VAL B 696 23.55 20.41 19.44
C VAL B 696 24.58 19.88 18.47
N ARG B 697 24.51 20.31 17.21
CA ARG B 697 25.41 19.79 16.19
C ARG B 697 26.85 20.21 16.44
N LYS B 698 27.08 21.46 16.84
CA LYS B 698 28.45 21.95 16.98
C LYS B 698 29.08 21.62 18.32
N SER B 699 28.30 21.15 19.30
CA SER B 699 28.85 20.90 20.63
C SER B 699 29.54 19.55 20.74
N LYS B 700 29.58 18.77 19.66
CA LYS B 700 30.27 17.48 19.61
C LYS B 700 29.74 16.53 20.70
N GLY B 701 28.42 16.50 20.83
CA GLY B 701 27.78 15.59 21.75
C GLY B 701 27.68 16.06 23.19
N LYS B 702 28.12 17.29 23.48
CA LYS B 702 28.09 17.81 24.84
C LYS B 702 26.88 18.71 25.11
N PHE B 703 25.96 18.84 24.16
CA PHE B 703 24.73 19.59 24.38
C PHE B 703 23.56 18.80 23.81
N ALA B 704 22.45 18.82 24.55
CA ALA B 704 21.21 18.20 24.13
C ALA B 704 20.09 19.24 24.18
N PHE B 705 19.17 19.14 23.23
CA PHE B 705 18.08 20.09 23.08
C PHE B 705 16.76 19.41 23.45
N LEU B 706 15.90 20.14 24.13
CA LEU B 706 14.58 19.63 24.48
C LEU B 706 13.55 20.34 23.60
N LEU B 707 12.78 19.57 22.84
CA LEU B 707 11.87 20.18 21.88
C LEU B 707 10.75 19.19 21.55
N GLU B 708 9.80 19.63 20.76
CA GLU B 708 8.67 18.77 20.40
C GLU B 708 9.15 17.56 19.61
N SER B 709 8.48 16.43 19.83
CA SER B 709 8.91 15.18 19.22
C SER B 709 8.77 15.22 17.71
N THR B 710 7.72 15.88 17.21
CA THR B 710 7.51 15.96 15.78
C THR B 710 8.65 16.71 15.08
N MET B 711 9.04 17.85 15.64
CA MET B 711 10.11 18.63 15.05
C MET B 711 11.44 17.91 15.17
N ASN B 712 11.65 17.21 16.29
CA ASN B 712 12.83 16.39 16.47
C ASN B 712 12.92 15.31 15.40
N GLU B 713 11.81 14.62 15.13
CA GLU B 713 11.79 13.60 14.08
C GLU B 713 12.09 14.22 12.71
N TYR B 714 11.44 15.34 12.40
CA TYR B 714 11.61 15.97 11.10
C TYR B 714 13.06 16.40 10.88
N ILE B 715 13.69 16.99 11.90
CA ILE B 715 15.10 17.34 11.78
C ILE B 715 15.97 16.10 11.69
N GLU B 716 15.60 15.04 12.41
CA GLU B 716 16.36 13.79 12.32
C GLU B 716 16.38 13.24 10.90
N GLN B 717 15.30 13.43 10.15
CA GLN B 717 15.22 12.95 8.78
C GLN B 717 15.61 13.99 7.75
N ARG B 718 16.51 14.91 8.08
CA ARG B 718 17.00 15.90 7.13
C ARG B 718 18.51 16.02 7.22
N LYS B 719 19.12 16.43 6.11
CA LYS B 719 20.56 16.59 6.06
C LYS B 719 21.00 17.70 7.02
N PRO B 720 22.21 17.60 7.58
CA PRO B 720 23.25 16.59 7.34
C PRO B 720 23.06 15.29 8.11
N CYS B 721 21.90 15.08 8.72
CA CYS B 721 21.58 13.82 9.40
C CYS B 721 22.58 13.51 10.51
N ASP B 722 22.84 14.49 11.37
CA ASP B 722 23.79 14.32 12.47
C ASP B 722 23.15 14.39 13.84
N THR B 723 21.81 14.46 13.90
CA THR B 723 21.10 14.52 15.17
C THR B 723 20.12 13.36 15.26
N MET B 724 19.83 12.95 16.49
CA MET B 724 18.89 11.86 16.70
C MET B 724 18.03 12.15 17.92
N LYS B 725 16.92 11.44 17.99
CA LYS B 725 15.96 11.54 19.07
C LYS B 725 16.16 10.38 20.04
N VAL B 726 16.22 10.67 21.33
CA VAL B 726 16.46 9.65 22.34
C VAL B 726 15.35 9.67 23.38
N GLY B 727 15.11 8.52 23.98
CA GLY B 727 14.13 8.41 25.05
C GLY B 727 12.71 8.44 24.55
N GLY B 728 11.79 8.51 25.51
CA GLY B 728 10.39 8.76 25.21
C GLY B 728 10.04 10.22 25.41
N ASN B 729 8.77 10.52 25.16
CA ASN B 729 8.29 11.88 25.38
C ASN B 729 8.19 12.19 26.86
N LEU B 730 8.49 13.44 27.22
CA LEU B 730 8.43 13.87 28.60
C LEU B 730 7.05 14.36 29.00
N ASP B 731 6.14 14.56 28.05
CA ASP B 731 4.75 14.87 28.34
C ASP B 731 3.91 14.45 27.15
N SER B 732 2.63 14.82 27.17
CA SER B 732 1.69 14.46 26.12
C SER B 732 0.97 15.70 25.63
N LYS B 733 0.95 15.87 24.30
CA LYS B 733 0.27 16.98 23.66
C LYS B 733 -0.38 16.45 22.39
N GLY B 734 -1.29 17.25 21.82
CA GLY B 734 -1.89 16.89 20.56
C GLY B 734 -2.09 18.11 19.69
N TYR B 735 -2.12 17.87 18.38
CA TYR B 735 -2.47 18.89 17.39
C TYR B 735 -3.91 18.69 16.98
N GLY B 736 -4.69 19.77 16.95
CA GLY B 736 -6.09 19.69 16.59
C GLY B 736 -6.42 20.63 15.45
N VAL B 737 -7.53 20.32 14.79
CA VAL B 737 -8.08 21.19 13.76
C VAL B 737 -9.09 22.11 14.43
N ALA B 738 -8.78 23.41 14.44
CA ALA B 738 -9.55 24.39 15.19
C ALA B 738 -10.65 25.00 14.33
N THR B 739 -11.67 25.50 15.01
CA THR B 739 -12.89 26.01 14.38
C THR B 739 -13.47 27.07 15.31
N PRO B 740 -14.19 28.05 14.79
CA PRO B 740 -14.86 29.01 15.67
C PRO B 740 -15.91 28.34 16.54
N LYS B 741 -16.15 28.94 17.71
CA LYS B 741 -17.15 28.42 18.63
C LYS B 741 -18.53 28.45 17.99
N GLY B 742 -19.27 27.34 18.11
CA GLY B 742 -20.62 27.27 17.60
C GLY B 742 -20.75 27.16 16.10
N SER B 743 -19.65 26.93 15.40
CA SER B 743 -19.70 26.82 13.94
C SER B 743 -20.29 25.47 13.53
N ALA B 744 -20.92 25.47 12.36
CA ALA B 744 -21.55 24.26 11.85
C ALA B 744 -20.53 23.23 11.34
N LEU B 745 -19.27 23.62 11.18
CA LEU B 745 -18.25 22.70 10.67
C LEU B 745 -17.52 21.95 11.76
N GLY B 746 -17.78 22.25 13.04
CA GLY B 746 -17.02 21.60 14.10
C GLY B 746 -17.25 20.11 14.16
N THR B 747 -18.52 19.70 14.20
CA THR B 747 -18.84 18.27 14.24
C THR B 747 -18.41 17.54 12.97
N PRO B 748 -18.70 18.02 11.76
CA PRO B 748 -18.18 17.33 10.57
C PRO B 748 -16.67 17.24 10.54
N VAL B 749 -15.96 18.28 10.98
CA VAL B 749 -14.50 18.23 10.96
C VAL B 749 -13.99 17.23 11.99
N ASN B 750 -14.60 17.18 13.17
CA ASN B 750 -14.19 16.20 14.18
C ASN B 750 -14.41 14.78 13.68
N LEU B 751 -15.57 14.53 13.07
CA LEU B 751 -15.84 13.20 12.54
C LEU B 751 -14.90 12.85 11.40
N ALA B 752 -14.57 13.82 10.55
CA ALA B 752 -13.63 13.58 9.45
C ALA B 752 -12.25 13.25 9.99
N VAL B 753 -11.80 13.95 11.02
CA VAL B 753 -10.50 13.65 11.62
C VAL B 753 -10.48 12.26 12.20
N LEU B 754 -11.54 11.89 12.93
CA LEU B 754 -11.61 10.55 13.51
C LEU B 754 -11.61 9.48 12.42
N LYS B 755 -12.37 9.70 11.34
CA LYS B 755 -12.46 8.71 10.28
C LYS B 755 -11.16 8.61 9.49
N LEU B 756 -10.44 9.72 9.33
CA LEU B 756 -9.10 9.65 8.75
C LEU B 756 -8.15 8.89 9.67
N SER B 757 -8.34 9.02 10.98
CA SER B 757 -7.52 8.27 11.93
C SER B 757 -7.76 6.78 11.82
N GLU B 758 -9.04 6.37 11.73
CA GLU B 758 -9.35 4.94 11.67
C GLU B 758 -8.78 4.30 10.40
N GLN B 759 -8.86 5.00 9.27
CA GLN B 759 -8.43 4.44 7.99
C GLN B 759 -6.93 4.39 7.83
N GLY B 760 -6.17 4.98 8.75
CA GLY B 760 -4.72 5.01 8.63
C GLY B 760 -4.19 6.06 7.69
N ILE B 761 -5.01 7.02 7.28
CA ILE B 761 -4.55 8.06 6.37
C ILE B 761 -3.64 9.04 7.08
N LEU B 762 -3.92 9.34 8.35
CA LEU B 762 -3.07 10.26 9.11
C LEU B 762 -1.66 9.69 9.26
N ASP B 763 -1.55 8.40 9.59
CA ASP B 763 -0.24 7.77 9.68
C ASP B 763 0.44 7.71 8.32
N LYS B 764 -0.35 7.53 7.25
CA LYS B 764 0.21 7.51 5.91
C LYS B 764 0.81 8.86 5.55
N LEU B 765 0.11 9.95 5.87
CA LEU B 765 0.63 11.29 5.62
C LEU B 765 1.86 11.56 6.48
N LYS B 766 1.84 11.13 7.73
CA LYS B 766 2.99 11.31 8.61
C LYS B 766 4.22 10.62 8.03
N ASN B 767 4.05 9.38 7.57
CA ASN B 767 5.16 8.65 6.96
C ASN B 767 5.62 9.32 5.66
N LYS B 768 4.67 9.79 4.86
CA LYS B 768 5.02 10.40 3.58
C LYS B 768 5.85 11.66 3.78
N TRP B 769 5.46 12.50 4.73
CA TRP B 769 6.11 13.79 4.88
C TRP B 769 7.25 13.79 5.88
N TRP B 770 7.43 12.72 6.65
CA TRP B 770 8.54 12.62 7.58
C TRP B 770 9.64 11.69 7.08
N TYR B 771 9.28 10.55 6.49
CA TYR B 771 10.24 9.53 6.11
C TYR B 771 10.30 9.24 4.62
N ASP B 772 9.17 9.29 3.91
CA ASP B 772 9.21 9.11 2.47
C ASP B 772 10.01 10.23 1.80
N LYS B 773 9.83 11.45 2.29
CA LYS B 773 10.59 12.59 1.80
C LYS B 773 11.81 12.87 2.68
N GLY B 774 12.22 11.91 3.48
CA GLY B 774 13.38 12.10 4.33
C GLY B 774 14.67 12.02 3.53
N GLU B 775 15.66 12.79 3.97
CA GLU B 775 16.95 12.86 3.31
C GLU B 775 17.99 11.95 3.92
N CYS B 776 17.63 11.15 4.92
CA CYS B 776 18.58 10.32 5.64
C CYS B 776 18.36 8.83 5.46
N GLY B 777 17.17 8.40 5.07
CA GLY B 777 16.90 6.99 4.89
C GLY B 777 16.67 6.26 6.21
N ALA B 778 16.68 4.94 6.12
CA ALA B 778 16.44 4.10 7.27
C ALA B 778 17.62 4.14 8.24
N SER B 788 38.81 1.19 7.50
CA SER B 788 38.82 -0.23 7.81
C SER B 788 40.22 -0.67 8.23
N ALA B 789 41.23 -0.31 7.45
CA ALA B 789 42.61 -0.53 7.88
C ALA B 789 42.87 0.27 9.13
N LEU B 790 43.16 -0.40 10.23
CA LEU B 790 43.27 0.31 11.50
C LEU B 790 44.51 1.19 11.51
N SER B 791 44.34 2.41 12.00
CA SER B 791 45.32 3.48 11.85
C SER B 791 46.26 3.53 13.05
N LEU B 792 47.18 4.49 13.00
CA LEU B 792 48.16 4.65 14.07
C LEU B 792 47.50 5.13 15.36
N SER B 793 46.40 5.86 15.26
CA SER B 793 45.67 6.28 16.46
C SER B 793 45.05 5.11 17.20
N ASN B 794 44.79 4.00 16.51
CA ASN B 794 44.25 2.81 17.17
C ASN B 794 45.27 2.16 18.08
N VAL B 795 46.56 2.32 17.78
CA VAL B 795 47.62 1.62 18.51
C VAL B 795 48.71 2.57 18.96
N ALA B 796 48.39 3.86 19.09
CA ALA B 796 49.39 4.83 19.51
C ALA B 796 49.86 4.60 20.94
N GLY B 797 48.96 4.16 21.81
CA GLY B 797 49.31 3.99 23.20
C GLY B 797 50.38 2.93 23.41
N VAL B 798 50.34 1.87 22.62
CA VAL B 798 51.35 0.83 22.77
C VAL B 798 52.71 1.33 22.28
N PHE B 799 52.72 2.21 21.28
CA PHE B 799 53.97 2.87 20.89
C PHE B 799 54.51 3.76 22.00
N TYR B 800 53.61 4.52 22.65
CA TYR B 800 54.04 5.35 23.77
C TYR B 800 54.60 4.51 24.91
N ILE B 801 53.94 3.39 25.21
CA ILE B 801 54.41 2.49 26.26
C ILE B 801 55.78 1.91 25.90
N LEU B 802 55.96 1.53 24.63
CA LEU B 802 57.24 0.98 24.21
C LEU B 802 58.36 2.00 24.35
N VAL B 803 58.12 3.24 23.93
CA VAL B 803 59.18 4.25 24.01
C VAL B 803 59.45 4.62 25.47
N GLY B 804 58.39 4.67 26.30
CA GLY B 804 58.60 4.92 27.72
C GLY B 804 59.40 3.82 28.38
N GLY B 805 59.16 2.56 27.99
CA GLY B 805 59.95 1.47 28.52
C GLY B 805 61.39 1.51 28.06
N LEU B 806 61.63 1.93 26.82
CA LEU B 806 63.01 2.10 26.35
C LEU B 806 63.72 3.17 27.15
N GLY B 807 63.05 4.32 27.38
CA GLY B 807 63.65 5.36 28.19
C GLY B 807 63.89 4.92 29.62
N LEU B 808 62.97 4.15 30.19
CA LEU B 808 63.15 3.64 31.54
C LEU B 808 64.33 2.68 31.63
N ALA B 809 64.49 1.82 30.63
CA ALA B 809 65.64 0.92 30.62
C ALA B 809 66.96 1.69 30.51
N MET B 810 66.99 2.72 29.65
CA MET B 810 68.18 3.56 29.58
C MET B 810 68.48 4.23 30.90
N MET B 811 67.43 4.74 31.57
CA MET B 811 67.62 5.38 32.87
C MET B 811 68.15 4.40 33.91
N VAL B 812 67.61 3.18 33.93
CA VAL B 812 68.05 2.19 34.91
C VAL B 812 69.51 1.82 34.67
N ALA B 813 69.88 1.57 33.41
CA ALA B 813 71.25 1.21 33.09
C ALA B 813 72.21 2.34 33.45
N LEU B 814 71.83 3.58 33.15
CA LEU B 814 72.72 4.71 33.43
C LEU B 814 72.85 4.95 34.93
N ILE B 815 71.75 4.76 35.68
CA ILE B 815 71.83 4.93 37.13
C ILE B 815 72.75 3.89 37.74
N GLU B 816 72.63 2.63 37.30
CA GLU B 816 73.52 1.59 37.81
C GLU B 816 74.97 1.87 37.42
N PHE B 817 75.20 2.35 36.19
CA PHE B 817 76.55 2.69 35.77
C PHE B 817 77.14 3.81 36.62
N CYS B 818 76.36 4.85 36.90
CA CYS B 818 76.85 5.95 37.71
C CYS B 818 77.14 5.49 39.14
N TYR B 819 76.28 4.62 39.69
CA TYR B 819 76.52 4.10 41.02
C TYR B 819 77.81 3.29 41.07
N LYS B 820 78.04 2.42 40.08
CA LYS B 820 79.26 1.63 40.06
C LYS B 820 80.49 2.49 39.83
N SER B 821 80.37 3.54 39.02
CA SER B 821 81.48 4.45 38.80
C SER B 821 81.86 5.18 40.08
N ARG B 822 80.85 5.66 40.82
CA ARG B 822 81.13 6.30 42.10
C ARG B 822 81.75 5.32 43.09
N ALA B 823 81.24 4.08 43.10
CA ALA B 823 81.79 3.07 44.01
C ALA B 823 83.26 2.79 43.69
N GLU B 824 83.59 2.68 42.40
CA GLU B 824 84.99 2.44 42.03
C GLU B 824 85.86 3.66 42.35
N SER B 825 85.32 4.86 42.15
CA SER B 825 86.08 6.06 42.50
C SER B 825 86.39 6.10 43.99
N LYS B 826 85.40 5.77 44.82
CA LYS B 826 85.65 5.69 46.27
C LYS B 826 86.62 4.56 46.60
N ARG B 827 86.45 3.41 45.94
CA ARG B 827 87.32 2.25 46.17
C ARG B 827 88.62 2.40 45.40
N PHE C 1 -100.27 23.54 36.81
CA PHE C 1 -99.08 22.84 37.31
C PHE C 1 -99.46 21.52 37.97
N PRO C 2 -98.73 20.46 37.64
CA PRO C 2 -99.02 19.15 38.24
C PRO C 2 -98.77 19.15 39.73
N ASN C 3 -99.55 18.32 40.44
CA ASN C 3 -99.41 18.21 41.89
C ASN C 3 -98.15 17.47 42.30
N THR C 4 -97.51 16.74 41.38
CA THR C 4 -96.28 16.03 41.68
C THR C 4 -95.41 16.00 40.43
N ILE C 5 -94.11 15.87 40.64
CA ILE C 5 -93.13 15.82 39.56
C ILE C 5 -92.27 14.57 39.74
N SER C 6 -92.14 13.79 38.68
CA SER C 6 -91.36 12.56 38.68
C SER C 6 -90.13 12.75 37.81
N ILE C 7 -88.96 12.42 38.35
CA ILE C 7 -87.69 12.53 37.64
C ILE C 7 -87.06 11.15 37.56
N GLY C 8 -86.30 10.93 36.50
CA GLY C 8 -85.60 9.69 36.29
C GLY C 8 -84.23 9.70 36.94
N GLY C 9 -83.76 8.52 37.30
CA GLY C 9 -82.44 8.37 37.88
C GLY C 9 -81.65 7.29 37.19
N LEU C 10 -80.40 7.58 36.81
CA LEU C 10 -79.55 6.64 36.09
C LEU C 10 -78.25 6.47 36.87
N PHE C 11 -78.07 5.31 37.49
CA PHE C 11 -76.88 5.05 38.29
C PHE C 11 -76.06 3.93 37.65
N MET C 12 -74.77 4.21 37.46
CA MET C 12 -73.86 3.27 36.83
C MET C 12 -73.21 2.38 37.89
N ARG C 13 -72.19 1.63 37.49
CA ARG C 13 -71.47 0.76 38.42
C ARG C 13 -70.60 1.60 39.35
N ASN C 14 -70.34 1.03 40.53
CA ASN C 14 -69.59 1.70 41.59
C ASN C 14 -70.23 3.05 41.90
N THR C 15 -71.50 2.99 42.32
CA THR C 15 -72.27 4.19 42.71
C THR C 15 -73.28 3.73 43.76
N VAL C 16 -72.91 3.87 45.03
CA VAL C 16 -73.75 3.48 46.16
C VAL C 16 -74.01 4.66 47.09
N GLN C 17 -72.94 5.38 47.46
CA GLN C 17 -73.10 6.55 48.31
C GLN C 17 -73.88 7.65 47.58
N GLU C 18 -73.66 7.78 46.27
CA GLU C 18 -74.39 8.77 45.49
C GLU C 18 -75.88 8.46 45.45
N HIS C 19 -76.25 7.18 45.30
CA HIS C 19 -77.65 6.80 45.32
C HIS C 19 -78.29 7.09 46.68
N SER C 20 -77.57 6.79 47.76
CA SER C 20 -78.08 7.09 49.09
C SER C 20 -78.26 8.59 49.28
N ALA C 21 -77.30 9.39 48.81
CA ALA C 21 -77.43 10.83 48.91
C ALA C 21 -78.60 11.35 48.09
N PHE C 22 -78.81 10.77 46.90
CA PHE C 22 -79.96 11.14 46.07
C PHE C 22 -81.27 10.88 46.80
N ARG C 23 -81.43 9.66 47.34
CA ARG C 23 -82.66 9.33 48.04
C ARG C 23 -82.84 10.19 49.29
N PHE C 24 -81.75 10.44 50.01
CA PHE C 24 -81.84 11.25 51.23
C PHE C 24 -82.22 12.69 50.89
N ALA C 25 -81.67 13.25 49.81
CA ALA C 25 -82.03 14.60 49.41
C ALA C 25 -83.48 14.69 48.97
N VAL C 26 -83.97 13.68 48.23
CA VAL C 26 -85.38 13.67 47.83
C VAL C 26 -86.27 13.60 49.07
N GLN C 27 -85.90 12.75 50.03
CA GLN C 27 -86.66 12.66 51.27
C GLN C 27 -86.65 13.98 52.03
N LEU C 28 -85.49 14.64 52.09
CA LEU C 28 -85.40 15.92 52.78
C LEU C 28 -86.28 16.97 52.12
N TYR C 29 -86.31 16.98 50.78
CA TYR C 29 -87.17 17.93 50.09
C TYR C 29 -88.65 17.63 50.37
N ASN C 30 -89.03 16.35 50.35
CA ASN C 30 -90.43 16.00 50.53
C ASN C 30 -90.91 16.10 51.98
N THR C 31 -89.99 16.17 52.94
CA THR C 31 -90.36 16.23 54.35
C THR C 31 -90.43 17.65 54.89
N ASN C 32 -90.22 18.65 54.04
CA ASN C 32 -90.27 20.05 54.48
C ASN C 32 -91.70 20.44 54.80
N GLN C 33 -91.89 21.05 55.98
CA GLN C 33 -93.23 21.43 56.41
C GLN C 33 -93.75 22.67 55.69
N ASN C 34 -92.85 23.54 55.22
CA ASN C 34 -93.27 24.77 54.56
C ASN C 34 -93.90 24.46 53.21
N THR C 35 -95.13 24.95 53.00
CA THR C 35 -95.81 24.72 51.73
C THR C 35 -95.11 25.44 50.59
N THR C 36 -94.62 26.66 50.83
CA THR C 36 -93.90 27.39 49.80
C THR C 36 -92.62 26.68 49.40
N GLU C 37 -91.89 26.14 50.38
CA GLU C 37 -90.64 25.44 50.08
C GLU C 37 -90.90 24.10 49.37
N LYS C 38 -92.04 23.48 49.64
CA LYS C 38 -92.40 22.20 49.03
C LYS C 38 -93.81 22.30 48.43
N PRO C 39 -93.95 22.98 47.30
CA PRO C 39 -95.28 23.12 46.67
C PRO C 39 -95.72 21.90 45.89
N PHE C 40 -94.85 20.90 45.71
CA PHE C 40 -95.20 19.71 44.96
C PHE C 40 -94.41 18.53 45.51
N HIS C 41 -94.94 17.33 45.29
CA HIS C 41 -94.22 16.12 45.66
C HIS C 41 -93.19 15.77 44.59
N LEU C 42 -92.14 15.05 45.01
CA LEU C 42 -91.05 14.65 44.14
C LEU C 42 -90.92 13.14 44.16
N ASN C 43 -90.94 12.53 42.97
CA ASN C 43 -90.78 11.09 42.83
C ASN C 43 -89.58 10.80 41.93
N TYR C 44 -89.01 9.61 42.08
CA TYR C 44 -87.84 9.23 41.32
C TYR C 44 -88.05 7.85 40.69
N HIS C 45 -87.33 7.62 39.59
CA HIS C 45 -87.41 6.41 38.78
C HIS C 45 -86.03 5.77 38.65
N VAL C 46 -85.37 5.56 39.80
CA VAL C 46 -84.00 5.08 39.83
C VAL C 46 -83.87 3.78 39.05
N ASP C 47 -82.82 3.69 38.22
CA ASP C 47 -82.51 2.51 37.43
C ASP C 47 -81.00 2.41 37.28
N HIS C 48 -80.50 1.17 37.24
CA HIS C 48 -79.08 0.89 37.09
C HIS C 48 -78.79 0.41 35.68
N LEU C 49 -77.72 0.93 35.08
CA LEU C 49 -77.35 0.60 33.71
C LEU C 49 -75.87 0.24 33.65
N ASP C 50 -75.52 -0.56 32.65
CA ASP C 50 -74.14 -0.95 32.40
C ASP C 50 -73.62 -0.10 31.24
N SER C 51 -72.58 0.70 31.50
CA SER C 51 -72.07 1.61 30.49
C SER C 51 -71.42 0.88 29.32
N SER C 52 -70.84 -0.30 29.58
CA SER C 52 -70.18 -1.05 28.52
C SER C 52 -71.15 -1.64 27.50
N ASN C 53 -72.45 -1.64 27.80
CA ASN C 53 -73.47 -2.17 26.90
C ASN C 53 -74.39 -1.01 26.51
N SER C 54 -74.24 -0.51 25.28
CA SER C 54 -75.06 0.61 24.83
C SER C 54 -76.53 0.22 24.73
N PHE C 55 -76.81 -1.05 24.42
CA PHE C 55 -78.20 -1.49 24.33
C PHE C 55 -78.92 -1.37 25.66
N SER C 56 -78.25 -1.74 26.76
CA SER C 56 -78.87 -1.62 28.08
C SER C 56 -79.07 -0.16 28.47
N VAL C 57 -78.11 0.70 28.13
CA VAL C 57 -78.25 2.13 28.42
C VAL C 57 -79.45 2.71 27.67
N THR C 58 -79.57 2.35 26.40
CA THR C 58 -80.71 2.83 25.60
C THR C 58 -82.03 2.29 26.16
N ASN C 59 -82.04 1.03 26.58
CA ASN C 59 -83.25 0.47 27.18
C ASN C 59 -83.66 1.23 28.43
N ALA C 60 -82.69 1.50 29.31
CA ALA C 60 -83.00 2.22 30.55
C ALA C 60 -83.50 3.62 30.26
N PHE C 61 -82.81 4.34 29.37
CA PHE C 61 -83.22 5.71 29.06
C PHE C 61 -84.61 5.74 28.44
N CYS C 62 -84.89 4.81 27.51
CA CYS C 62 -86.19 4.81 26.86
C CYS C 62 -87.30 4.37 27.80
N SER C 63 -87.02 3.43 28.71
CA SER C 63 -88.01 3.07 29.71
C SER C 63 -88.35 4.25 30.61
N GLN C 64 -87.32 5.01 31.04
CA GLN C 64 -87.59 6.19 31.85
C GLN C 64 -88.35 7.25 31.06
N PHE C 65 -88.01 7.42 29.78
CA PHE C 65 -88.70 8.41 28.96
C PHE C 65 -90.16 8.03 28.74
N SER C 66 -90.43 6.75 28.50
CA SER C 66 -91.80 6.30 28.27
C SER C 66 -92.62 6.33 29.55
N ARG C 67 -91.96 6.11 30.70
CA ARG C 67 -92.67 6.19 31.97
C ARG C 67 -93.21 7.59 32.23
N GLY C 68 -92.50 8.61 31.76
CA GLY C 68 -92.94 9.98 31.93
C GLY C 68 -92.14 10.71 32.98
N VAL C 69 -91.15 11.50 32.56
CA VAL C 69 -90.29 12.24 33.45
C VAL C 69 -90.10 13.65 32.91
N TYR C 70 -89.75 14.57 33.81
CA TYR C 70 -89.45 15.94 33.44
C TYR C 70 -87.95 16.21 33.34
N ALA C 71 -87.15 15.44 34.07
CA ALA C 71 -85.69 15.53 33.99
C ALA C 71 -85.10 14.21 34.44
N ILE C 72 -83.88 13.94 34.01
CA ILE C 72 -83.15 12.74 34.40
C ILE C 72 -81.85 13.16 35.08
N PHE C 73 -81.65 12.70 36.32
CA PHE C 73 -80.38 12.84 37.01
C PHE C 73 -79.63 11.52 36.89
N GLY C 74 -78.36 11.59 36.49
CA GLY C 74 -77.65 10.36 36.28
C GLY C 74 -76.17 10.58 36.10
N PHE C 75 -75.48 9.47 35.82
CA PHE C 75 -74.05 9.43 35.62
C PHE C 75 -73.75 8.87 34.25
N TYR C 76 -72.67 9.36 33.62
CA TYR C 76 -72.20 8.80 32.37
C TYR C 76 -70.70 8.57 32.44
N ASP C 77 -70.25 7.54 31.76
CA ASP C 77 -68.83 7.25 31.61
C ASP C 77 -68.38 7.73 30.24
N GLN C 78 -67.09 7.53 29.93
CA GLN C 78 -66.57 7.91 28.62
C GLN C 78 -67.20 7.10 27.50
N MET C 79 -67.84 5.97 27.81
CA MET C 79 -68.52 5.17 26.81
C MET C 79 -70.00 5.52 26.67
N SER C 80 -70.65 5.84 27.77
CA SER C 80 -72.08 6.15 27.77
C SER C 80 -72.37 7.64 27.73
N MET C 81 -71.35 8.50 27.66
CA MET C 81 -71.59 9.93 27.60
C MET C 81 -72.27 10.32 26.30
N ASN C 82 -71.77 9.81 25.18
CA ASN C 82 -72.31 10.20 23.87
C ASN C 82 -73.77 9.79 23.74
N THR C 83 -74.09 8.55 24.14
CA THR C 83 -75.46 8.06 23.97
C THR C 83 -76.45 8.88 24.78
N LEU C 84 -76.17 9.07 26.07
CA LEU C 84 -77.09 9.83 26.92
C LEU C 84 -77.18 11.28 26.47
N THR C 85 -76.04 11.90 26.13
CA THR C 85 -76.06 13.29 25.71
C THR C 85 -76.86 13.47 24.43
N SER C 86 -76.67 12.58 23.45
CA SER C 86 -77.40 12.68 22.19
C SER C 86 -78.89 12.45 22.42
N PHE C 87 -79.24 11.45 23.22
CA PHE C 87 -80.66 11.16 23.45
C PHE C 87 -81.35 12.29 24.20
N CYS C 88 -80.64 12.94 25.12
CA CYS C 88 -81.23 14.03 25.87
C CYS C 88 -81.33 15.30 25.02
N GLY C 89 -80.33 15.57 24.19
CA GLY C 89 -80.37 16.75 23.35
C GLY C 89 -81.29 16.63 22.15
N ALA C 90 -81.59 15.40 21.72
CA ALA C 90 -82.48 15.21 20.59
C ALA C 90 -83.95 15.12 21.00
N LEU C 91 -84.23 14.62 22.20
CA LEU C 91 -85.59 14.54 22.71
C LEU C 91 -85.99 15.75 23.53
N HIS C 92 -85.11 16.76 23.62
CA HIS C 92 -85.39 17.99 24.36
C HIS C 92 -85.74 17.70 25.82
N THR C 93 -84.99 16.79 26.44
CA THR C 93 -85.17 16.44 27.84
C THR C 93 -83.87 16.71 28.59
N SER C 94 -83.95 17.46 29.68
CA SER C 94 -82.77 17.89 30.41
C SER C 94 -82.13 16.71 31.16
N PHE C 95 -80.81 16.75 31.26
CA PHE C 95 -80.02 15.75 31.97
C PHE C 95 -79.13 16.45 32.98
N VAL C 96 -79.44 16.30 34.26
CA VAL C 96 -78.63 16.87 35.33
C VAL C 96 -77.62 15.82 35.77
N THR C 97 -76.33 16.15 35.64
CA THR C 97 -75.30 15.17 35.92
C THR C 97 -74.20 15.74 36.81
N PRO C 98 -73.71 14.96 37.78
CA PRO C 98 -72.53 15.36 38.55
C PRO C 98 -71.21 14.83 38.01
N SER C 99 -71.21 14.15 36.87
CA SER C 99 -70.01 13.56 36.31
C SER C 99 -69.19 14.64 35.59
N PHE C 100 -68.18 14.21 34.85
CA PHE C 100 -67.26 15.16 34.25
C PHE C 100 -67.96 16.02 33.20
N PRO C 101 -67.61 17.31 33.10
CA PRO C 101 -68.21 18.16 32.08
C PRO C 101 -67.83 17.72 30.67
N THR C 102 -68.76 17.92 29.75
CA THR C 102 -68.51 17.57 28.36
C THR C 102 -67.56 18.56 27.71
N ASP C 103 -66.63 18.05 26.90
CA ASP C 103 -65.68 18.92 26.21
C ASP C 103 -66.38 19.84 25.21
N ALA C 104 -67.32 19.29 24.45
CA ALA C 104 -68.02 20.07 23.45
C ALA C 104 -69.20 20.83 24.08
N ASP C 105 -69.72 21.79 23.34
CA ASP C 105 -70.88 22.58 23.77
C ASP C 105 -72.14 21.83 23.37
N VAL C 106 -72.89 21.36 24.38
CA VAL C 106 -74.11 20.60 24.15
C VAL C 106 -75.24 21.23 24.93
N GLN C 107 -76.47 20.97 24.47
CA GLN C 107 -77.67 21.50 25.10
C GLN C 107 -78.37 20.42 25.93
N PHE C 108 -79.26 20.88 26.80
CA PHE C 108 -80.06 20.01 27.67
C PHE C 108 -79.21 19.17 28.62
N VAL C 109 -77.99 19.63 28.91
CA VAL C 109 -77.11 18.96 29.86
C VAL C 109 -76.70 19.98 30.91
N ILE C 110 -77.11 19.76 32.15
CA ILE C 110 -76.74 20.60 33.27
C ILE C 110 -75.65 19.87 34.05
N GLN C 111 -74.42 20.33 33.90
CA GLN C 111 -73.24 19.66 34.45
C GLN C 111 -72.91 20.27 35.80
N MET C 112 -73.01 19.46 36.85
CA MET C 112 -72.80 19.93 38.22
C MET C 112 -71.34 19.95 38.65
N ARG C 113 -70.45 19.25 37.94
CA ARG C 113 -69.06 19.17 38.35
C ARG C 113 -68.28 20.35 37.80
N PRO C 114 -67.57 21.11 38.63
CA PRO C 114 -66.79 22.24 38.13
C PRO C 114 -65.63 21.79 37.26
N ALA C 115 -65.22 22.68 36.35
CA ALA C 115 -64.06 22.43 35.52
C ALA C 115 -62.80 22.94 36.21
N LEU C 116 -61.74 22.15 36.13
CA LEU C 116 -60.50 22.42 36.86
C LEU C 116 -59.43 23.11 36.01
N LYS C 117 -59.69 23.35 34.72
CA LYS C 117 -58.65 23.88 33.86
C LYS C 117 -58.20 25.27 34.31
N GLY C 118 -59.14 26.14 34.67
CA GLY C 118 -58.78 27.48 35.11
C GLY C 118 -57.98 27.47 36.40
N ALA C 119 -58.43 26.67 37.37
CA ALA C 119 -57.72 26.58 38.64
C ALA C 119 -56.32 25.99 38.45
N ILE C 120 -56.19 24.96 37.61
CA ILE C 120 -54.89 24.36 37.36
C ILE C 120 -53.96 25.38 36.71
N LEU C 121 -54.46 26.12 35.72
CA LEU C 121 -53.63 27.12 35.06
C LEU C 121 -53.21 28.22 36.03
N SER C 122 -54.13 28.67 36.88
CA SER C 122 -53.80 29.71 37.85
C SER C 122 -52.76 29.24 38.85
N LEU C 123 -52.89 27.99 39.32
CA LEU C 123 -51.90 27.45 40.25
C LEU C 123 -50.54 27.28 39.57
N LEU C 124 -50.52 26.86 38.30
CA LEU C 124 -49.25 26.76 37.58
C LEU C 124 -48.60 28.13 37.43
N SER C 125 -49.40 29.16 37.14
CA SER C 125 -48.85 30.51 37.04
C SER C 125 -48.35 31.02 38.38
N TYR C 126 -49.08 30.72 39.46
CA TYR C 126 -48.70 31.21 40.78
C TYR C 126 -47.44 30.53 41.30
N TYR C 127 -47.34 29.21 41.12
CA TYR C 127 -46.20 28.46 41.61
C TYR C 127 -44.97 28.59 40.71
N LYS C 128 -45.11 29.25 39.55
CA LYS C 128 -44.00 29.47 38.61
C LYS C 128 -43.44 28.13 38.11
N TRP C 129 -44.32 27.37 37.46
CA TRP C 129 -43.94 26.07 36.88
C TRP C 129 -43.69 26.26 35.39
N GLU C 130 -42.41 26.27 35.01
CA GLU C 130 -42.03 26.30 33.60
C GLU C 130 -41.51 24.97 33.08
N LYS C 131 -41.37 23.97 33.95
CA LYS C 131 -40.83 22.67 33.56
C LYS C 131 -41.44 21.63 34.50
N PHE C 132 -42.31 20.77 33.97
CA PHE C 132 -42.97 19.77 34.80
C PHE C 132 -43.42 18.60 33.93
N VAL C 133 -43.85 17.54 34.61
CA VAL C 133 -44.28 16.30 33.97
C VAL C 133 -45.78 16.15 34.17
N TYR C 134 -46.52 16.11 33.06
CA TYR C 134 -47.98 16.01 33.08
C TYR C 134 -48.39 14.59 32.73
N LEU C 135 -48.85 13.84 33.72
CA LEU C 135 -49.42 12.51 33.51
C LEU C 135 -50.92 12.65 33.45
N TYR C 136 -51.54 12.04 32.43
CA TYR C 136 -52.95 12.24 32.18
C TYR C 136 -53.60 10.97 31.64
N ASP C 137 -54.93 10.96 31.67
CA ASP C 137 -55.72 9.94 30.99
C ASP C 137 -56.91 10.61 30.31
N THR C 138 -57.85 9.81 29.84
CA THR C 138 -58.95 10.28 29.02
C THR C 138 -60.29 10.30 29.77
N GLU C 139 -60.39 9.62 30.92
CA GLU C 139 -61.66 9.30 31.54
C GLU C 139 -62.48 10.52 31.96
N ARG C 140 -61.99 11.76 31.79
CA ARG C 140 -62.83 12.92 32.01
C ARG C 140 -62.87 13.85 30.79
N GLY C 141 -62.21 13.50 29.69
CA GLY C 141 -62.24 14.33 28.51
C GLY C 141 -60.87 14.79 28.07
N PHE C 142 -60.83 15.87 27.29
CA PHE C 142 -59.58 16.40 26.75
C PHE C 142 -59.40 17.89 27.02
N SER C 143 -60.31 18.51 27.77
CA SER C 143 -60.22 19.96 28.00
C SER C 143 -58.97 20.31 28.78
N VAL C 144 -58.67 19.55 29.84
CA VAL C 144 -57.50 19.85 30.66
C VAL C 144 -56.21 19.66 29.86
N LEU C 145 -56.12 18.57 29.10
CA LEU C 145 -54.90 18.29 28.34
C LEU C 145 -54.66 19.35 27.27
N GLN C 146 -55.71 19.72 26.54
CA GLN C 146 -55.55 20.74 25.50
C GLN C 146 -55.26 22.11 26.12
N ALA C 147 -55.85 22.41 27.27
CA ALA C 147 -55.54 23.67 27.96
C ALA C 147 -54.08 23.71 28.38
N ILE C 148 -53.57 22.59 28.92
CA ILE C 148 -52.17 22.54 29.34
C ILE C 148 -51.25 22.69 28.13
N MET C 149 -51.57 22.02 27.02
CA MET C 149 -50.74 22.14 25.82
C MET C 149 -50.74 23.57 25.27
N GLU C 150 -51.93 24.20 25.24
CA GLU C 150 -52.01 25.57 24.74
C GLU C 150 -51.28 26.54 25.64
N ALA C 151 -51.36 26.34 26.97
CA ALA C 151 -50.59 27.18 27.88
C ALA C 151 -49.09 26.96 27.71
N ALA C 152 -48.68 25.72 27.50
CA ALA C 152 -47.26 25.44 27.32
C ALA C 152 -46.71 26.10 26.07
N VAL C 153 -47.43 26.01 24.95
CA VAL C 153 -46.96 26.67 23.75
C VAL C 153 -47.07 28.18 23.87
N GLN C 154 -48.07 28.67 24.60
CA GLN C 154 -48.23 30.12 24.76
C GLN C 154 -47.21 30.70 25.73
N ASN C 155 -46.97 30.02 26.86
CA ASN C 155 -46.10 30.52 27.90
C ASN C 155 -44.69 29.96 27.85
N ASN C 156 -44.37 29.17 26.83
CA ASN C 156 -43.02 28.60 26.64
C ASN C 156 -42.60 27.75 27.84
N TRP C 157 -43.42 26.75 28.15
CA TRP C 157 -43.12 25.81 29.21
C TRP C 157 -42.46 24.56 28.66
N GLN C 158 -41.94 23.74 29.56
CA GLN C 158 -41.34 22.44 29.24
C GLN C 158 -42.19 21.38 29.93
N VAL C 159 -43.21 20.90 29.23
CA VAL C 159 -44.15 19.93 29.78
C VAL C 159 -43.89 18.58 29.15
N THR C 160 -43.61 17.59 29.98
CA THR C 160 -43.41 16.21 29.52
C THR C 160 -44.76 15.51 29.67
N ALA C 161 -45.49 15.41 28.57
CA ALA C 161 -46.84 14.85 28.60
C ALA C 161 -46.80 13.35 28.38
N ARG C 162 -47.43 12.60 29.29
CA ARG C 162 -47.50 11.16 29.22
C ARG C 162 -48.93 10.69 29.50
N SER C 163 -49.46 9.86 28.62
CA SER C 163 -50.79 9.28 28.79
C SER C 163 -50.64 7.93 29.49
N VAL C 164 -51.18 7.83 30.70
CA VAL C 164 -51.05 6.63 31.51
C VAL C 164 -52.40 5.92 31.66
N GLY C 165 -53.38 6.27 30.84
CA GLY C 165 -54.68 5.63 30.92
C GLY C 165 -54.75 4.25 30.29
N ASN C 166 -53.76 3.89 29.48
CA ASN C 166 -53.70 2.59 28.83
C ASN C 166 -52.65 1.69 29.45
N ILE C 167 -52.16 2.01 30.64
CA ILE C 167 -51.11 1.27 31.31
C ILE C 167 -51.74 0.37 32.36
N LYS C 168 -51.46 -0.93 32.28
CA LYS C 168 -51.95 -1.91 33.23
C LYS C 168 -50.85 -2.49 34.11
N ASP C 169 -49.59 -2.32 33.75
CA ASP C 169 -48.48 -2.86 34.52
C ASP C 169 -47.81 -1.74 35.31
N VAL C 170 -47.68 -1.93 36.62
CA VAL C 170 -47.09 -0.90 37.47
C VAL C 170 -45.61 -0.67 37.17
N GLN C 171 -44.95 -1.66 36.57
CA GLN C 171 -43.56 -1.46 36.17
C GLN C 171 -43.43 -0.36 35.12
N GLU C 172 -44.45 -0.15 34.29
CA GLU C 172 -44.44 1.00 33.38
C GLU C 172 -44.43 2.31 34.16
N PHE C 173 -45.23 2.39 35.24
CA PHE C 173 -45.19 3.58 36.09
C PHE C 173 -43.83 3.76 36.73
N ARG C 174 -43.22 2.66 37.18
CA ARG C 174 -41.89 2.73 37.78
C ARG C 174 -40.88 3.26 36.77
N ARG C 175 -40.91 2.74 35.54
CA ARG C 175 -40.00 3.20 34.50
C ARG C 175 -40.23 4.67 34.18
N ILE C 176 -41.49 5.10 34.11
CA ILE C 176 -41.80 6.50 33.82
C ILE C 176 -41.23 7.40 34.90
N ILE C 177 -41.42 7.02 36.17
CA ILE C 177 -40.91 7.83 37.27
C ILE C 177 -39.38 7.88 37.23
N GLU C 178 -38.75 6.73 36.99
CA GLU C 178 -37.29 6.69 36.94
C GLU C 178 -36.74 7.55 35.83
N GLU C 179 -37.33 7.48 34.63
CA GLU C 179 -36.82 8.27 33.52
C GLU C 179 -37.13 9.75 33.68
N MET C 180 -38.24 10.09 34.34
CA MET C 180 -38.48 11.49 34.70
C MET C 180 -37.42 12.00 35.67
N ASP C 181 -37.06 11.19 36.67
CA ASP C 181 -36.07 11.64 37.65
C ASP C 181 -34.68 11.71 37.05
N ARG C 182 -34.36 10.84 36.07
CA ARG C 182 -33.05 10.92 35.43
C ARG C 182 -32.87 12.24 34.68
N ARG C 183 -33.97 12.86 34.27
CA ARG C 183 -33.94 14.18 33.66
C ARG C 183 -34.02 15.29 34.70
N GLN C 184 -34.05 14.92 35.98
CA GLN C 184 -34.13 15.88 37.10
C GLN C 184 -35.45 16.66 37.06
N GLU C 185 -36.55 15.92 36.99
CA GLU C 185 -37.88 16.49 37.02
C GLU C 185 -38.43 16.41 38.44
N LYS C 186 -38.85 17.55 38.98
CA LYS C 186 -39.31 17.64 40.35
C LYS C 186 -40.80 17.88 40.50
N ARG C 187 -41.45 18.46 39.49
CA ARG C 187 -42.85 18.86 39.59
C ARG C 187 -43.71 17.98 38.69
N TYR C 188 -44.76 17.41 39.28
CA TYR C 188 -45.65 16.49 38.59
C TYR C 188 -47.08 17.01 38.67
N LEU C 189 -47.78 16.97 37.54
CA LEU C 189 -49.20 17.27 37.46
C LEU C 189 -49.91 15.98 37.04
N ILE C 190 -50.61 15.37 37.98
CA ILE C 190 -51.25 14.07 37.75
C ILE C 190 -52.75 14.30 37.63
N ASP C 191 -53.27 14.22 36.41
CA ASP C 191 -54.69 14.30 36.15
C ASP C 191 -55.15 12.90 35.75
N CYS C 192 -55.46 12.09 36.76
CA CYS C 192 -55.84 10.70 36.56
C CYS C 192 -56.98 10.37 37.51
N GLU C 193 -57.48 9.14 37.39
CA GLU C 193 -58.53 8.67 38.28
C GLU C 193 -57.98 8.49 39.70
N VAL C 194 -58.90 8.39 40.66
CA VAL C 194 -58.49 8.23 42.06
C VAL C 194 -57.67 6.96 42.23
N GLU C 195 -58.12 5.86 41.63
CA GLU C 195 -57.36 4.62 41.69
C GLU C 195 -56.01 4.75 40.98
N ARG C 196 -56.00 5.39 39.81
CA ARG C 196 -54.75 5.59 39.10
C ARG C 196 -53.82 6.52 39.87
N ILE C 197 -54.36 7.57 40.47
CA ILE C 197 -53.55 8.47 41.28
C ILE C 197 -52.96 7.73 42.47
N ASN C 198 -53.75 6.87 43.11
CA ASN C 198 -53.25 6.09 44.24
C ASN C 198 -52.15 5.14 43.79
N THR C 199 -52.31 4.50 42.63
CA THR C 199 -51.27 3.61 42.11
C THR C 199 -49.98 4.37 41.82
N ILE C 200 -50.09 5.55 41.19
CA ILE C 200 -48.91 6.35 40.89
C ILE C 200 -48.23 6.78 42.18
N LEU C 201 -49.00 7.21 43.17
CA LEU C 201 -48.43 7.65 44.44
C LEU C 201 -47.75 6.50 45.19
N GLU C 202 -48.35 5.31 45.16
CA GLU C 202 -47.71 4.18 45.83
C GLU C 202 -46.46 3.73 45.10
N GLN C 203 -46.43 3.83 43.78
CA GLN C 203 -45.18 3.57 43.05
C GLN C 203 -44.12 4.61 43.39
N VAL C 204 -44.53 5.87 43.56
CA VAL C 204 -43.59 6.91 43.99
C VAL C 204 -43.03 6.59 45.37
N VAL C 205 -43.89 6.18 46.30
CA VAL C 205 -43.45 5.87 47.65
C VAL C 205 -42.50 4.67 47.65
N ILE C 206 -42.82 3.64 46.87
CA ILE C 206 -41.95 2.47 46.79
C ILE C 206 -40.58 2.86 46.24
N LEU C 207 -40.57 3.70 45.20
CA LEU C 207 -39.31 4.18 44.63
C LEU C 207 -38.59 5.17 45.53
N GLY C 208 -39.21 5.63 46.61
CA GLY C 208 -38.58 6.61 47.47
C GLY C 208 -38.53 8.00 46.88
N LYS C 209 -39.45 8.35 46.00
CA LYS C 209 -39.46 9.64 45.33
C LYS C 209 -40.29 10.68 46.05
N HIS C 210 -40.83 10.35 47.22
CA HIS C 210 -41.72 11.22 47.98
C HIS C 210 -40.98 12.04 49.03
N SER C 211 -39.69 12.29 48.84
CA SER C 211 -38.91 13.07 49.79
C SER C 211 -39.10 14.55 49.53
N ARG C 212 -38.43 15.38 50.34
CA ARG C 212 -38.52 16.82 50.19
C ARG C 212 -37.90 17.25 48.87
N GLY C 213 -38.46 18.31 48.27
CA GLY C 213 -38.02 18.84 46.99
C GLY C 213 -38.92 18.46 45.84
N TYR C 214 -39.75 17.43 46.01
CA TYR C 214 -40.70 17.02 44.99
C TYR C 214 -42.07 17.61 45.28
N HIS C 215 -42.71 18.13 44.23
CA HIS C 215 -44.04 18.71 44.34
C HIS C 215 -45.00 17.94 43.43
N TYR C 216 -46.11 17.50 43.99
CA TYR C 216 -47.13 16.76 43.26
C TYR C 216 -48.44 17.54 43.32
N MET C 217 -48.98 17.87 42.16
CA MET C 217 -50.27 18.56 42.06
C MET C 217 -51.29 17.57 41.51
N LEU C 218 -52.27 17.23 42.33
CA LEU C 218 -53.29 16.23 41.97
C LEU C 218 -54.46 16.96 41.32
N ALA C 219 -54.59 16.80 40.00
CA ALA C 219 -55.64 17.46 39.24
C ALA C 219 -56.92 16.62 39.26
N ASN C 220 -57.49 16.52 40.45
CA ASN C 220 -58.73 15.76 40.63
C ASN C 220 -59.42 16.26 41.88
N LEU C 221 -60.75 16.39 41.82
CA LEU C 221 -61.52 16.82 42.97
C LEU C 221 -61.89 15.62 43.84
N GLY C 222 -60.90 14.79 44.14
CA GLY C 222 -61.09 13.63 45.00
C GLY C 222 -60.03 13.59 46.08
N PHE C 223 -59.68 14.76 46.60
CA PHE C 223 -58.53 14.89 47.49
C PHE C 223 -58.70 14.04 48.75
N THR C 224 -59.92 13.94 49.28
CA THR C 224 -60.17 13.12 50.45
C THR C 224 -60.16 11.63 50.13
N ASP C 225 -60.33 11.25 48.86
CA ASP C 225 -60.36 9.86 48.46
C ASP C 225 -59.00 9.32 48.06
N ILE C 226 -57.96 10.16 48.07
CA ILE C 226 -56.62 9.76 47.65
C ILE C 226 -55.81 9.37 48.88
N LEU C 227 -55.23 8.18 48.85
CA LEU C 227 -54.38 7.70 49.94
C LEU C 227 -52.99 8.28 49.78
N LEU C 228 -52.63 9.22 50.66
CA LEU C 228 -51.35 9.91 50.56
C LEU C 228 -50.67 10.11 51.91
N GLU C 229 -50.96 9.25 52.89
CA GLU C 229 -50.34 9.37 54.21
C GLU C 229 -48.82 9.19 54.12
N ARG C 230 -48.37 8.21 53.32
CA ARG C 230 -46.94 7.96 53.20
C ARG C 230 -46.23 9.13 52.53
N VAL C 231 -46.89 9.77 51.56
CA VAL C 231 -46.31 10.95 50.92
C VAL C 231 -46.23 12.09 51.92
N MET C 232 -47.22 12.20 52.83
CA MET C 232 -47.12 13.17 53.91
C MET C 232 -45.92 12.88 54.80
N HIS C 233 -45.70 11.61 55.13
CA HIS C 233 -44.58 11.26 56.00
C HIS C 233 -43.25 11.52 55.32
N GLY C 234 -43.20 11.39 53.99
CA GLY C 234 -41.97 11.69 53.27
C GLY C 234 -41.59 13.16 53.32
N GLY C 235 -42.58 14.05 53.29
CA GLY C 235 -42.33 15.47 53.32
C GLY C 235 -42.44 16.20 52.00
N ALA C 236 -42.86 15.52 50.93
CA ALA C 236 -43.01 16.16 49.64
C ALA C 236 -44.25 17.06 49.64
N ASN C 237 -44.18 18.09 48.79
CA ASN C 237 -45.30 19.03 48.68
C ASN C 237 -46.44 18.39 47.89
N ILE C 238 -47.66 18.62 48.35
CA ILE C 238 -48.87 18.12 47.69
C ILE C 238 -49.85 19.27 47.55
N THR C 239 -50.37 19.46 46.34
CA THR C 239 -51.40 20.46 46.06
C THR C 239 -52.66 19.75 45.59
N GLY C 240 -53.78 20.05 46.23
CA GLY C 240 -55.04 19.42 45.88
C GLY C 240 -56.14 20.46 45.71
N PHE C 241 -57.24 20.03 45.10
CA PHE C 241 -58.38 20.89 44.85
C PHE C 241 -59.64 20.25 45.39
N GLN C 242 -60.49 21.07 46.01
CA GLN C 242 -61.74 20.59 46.58
C GLN C 242 -62.84 21.60 46.28
N ILE C 243 -64.08 21.13 46.40
CA ILE C 243 -65.24 22.00 46.25
C ILE C 243 -66.20 21.91 47.43
N VAL C 244 -66.04 20.94 48.31
CA VAL C 244 -66.87 20.82 49.51
C VAL C 244 -66.08 21.35 50.69
N ASN C 245 -66.58 22.42 51.31
CA ASN C 245 -65.91 23.08 52.42
C ASN C 245 -66.59 22.65 53.71
N ASN C 246 -65.81 22.06 54.63
CA ASN C 246 -66.37 21.56 55.87
C ASN C 246 -66.81 22.68 56.81
N GLU C 247 -66.27 23.89 56.63
CA GLU C 247 -66.69 25.02 57.45
C GLU C 247 -68.04 25.59 57.04
N ASN C 248 -68.58 25.15 55.91
CA ASN C 248 -69.91 25.60 55.48
C ASN C 248 -70.96 25.03 56.42
N PRO C 249 -71.80 25.87 57.04
CA PRO C 249 -72.82 25.33 57.95
C PRO C 249 -73.76 24.33 57.31
N MET C 250 -74.14 24.54 56.05
CA MET C 250 -75.02 23.61 55.37
C MET C 250 -74.39 22.23 55.25
N VAL C 251 -73.10 22.19 54.92
CA VAL C 251 -72.37 20.92 54.87
C VAL C 251 -72.36 20.27 56.25
N GLN C 252 -72.21 21.08 57.30
CA GLN C 252 -72.22 20.53 58.66
C GLN C 252 -73.56 19.90 59.00
N GLN C 253 -74.66 20.57 58.65
CA GLN C 253 -75.99 20.00 58.89
C GLN C 253 -76.18 18.71 58.09
N PHE C 254 -75.75 18.71 56.82
CA PHE C 254 -75.90 17.50 56.02
C PHE C 254 -75.11 16.35 56.60
N ILE C 255 -73.89 16.62 57.10
CA ILE C 255 -73.08 15.56 57.67
C ILE C 255 -73.68 15.05 58.97
N GLN C 256 -74.16 15.95 59.83
CA GLN C 256 -74.72 15.51 61.11
C GLN C 256 -76.01 14.73 60.91
N ARG C 257 -76.81 15.06 59.89
CA ARG C 257 -77.97 14.23 59.57
C ARG C 257 -77.58 12.97 58.80
N TRP C 258 -76.42 12.98 58.14
CA TRP C 258 -75.99 11.87 57.31
C TRP C 258 -75.47 10.70 58.13
N VAL C 259 -74.76 10.99 59.22
CA VAL C 259 -74.16 9.94 60.04
C VAL C 259 -75.17 9.23 60.92
N ARG C 260 -76.44 9.67 60.92
CA ARG C 260 -77.49 9.07 61.73
C ARG C 260 -78.55 8.42 60.85
N LEU C 261 -78.12 7.74 59.80
CA LEU C 261 -79.01 7.03 58.90
C LEU C 261 -78.73 5.53 58.95
N ASP C 262 -79.77 4.74 58.72
CA ASP C 262 -79.64 3.29 58.80
C ASP C 262 -78.67 2.78 57.73
N GLU C 263 -77.84 1.80 58.12
CA GLU C 263 -76.89 1.22 57.19
C GLU C 263 -77.54 0.35 56.13
N ARG C 264 -78.80 -0.04 56.32
CA ARG C 264 -79.53 -0.83 55.34
C ARG C 264 -80.38 0.03 54.41
N GLU C 265 -81.13 1.00 54.96
CA GLU C 265 -81.91 1.90 54.11
C GLU C 265 -81.00 2.81 53.28
N PHE C 266 -79.90 3.27 53.87
CA PHE C 266 -78.96 4.17 53.20
C PHE C 266 -77.57 3.57 53.29
N PRO C 267 -77.22 2.69 52.35
CA PRO C 267 -75.87 2.11 52.35
C PRO C 267 -74.81 3.15 52.06
N GLU C 268 -73.59 2.84 52.49
CA GLU C 268 -72.38 3.66 52.36
C GLU C 268 -72.43 4.92 53.24
N ALA C 269 -73.51 5.15 53.98
CA ALA C 269 -73.57 6.25 54.93
C ALA C 269 -72.96 5.81 56.25
N LYS C 270 -72.42 6.79 56.99
CA LYS C 270 -71.77 6.63 58.29
C LYS C 270 -70.78 5.46 58.30
N ASN C 271 -70.24 5.10 57.15
CA ASN C 271 -69.18 4.11 57.02
C ASN C 271 -67.97 4.61 56.26
N ALA C 272 -68.17 5.48 55.27
CA ALA C 272 -67.13 6.01 54.43
C ALA C 272 -67.22 7.54 54.40
N PRO C 273 -66.11 8.23 54.13
CA PRO C 273 -66.17 9.70 54.05
C PRO C 273 -67.06 10.15 52.91
N LEU C 274 -67.72 11.29 53.12
CA LEU C 274 -68.67 11.82 52.14
C LEU C 274 -67.92 12.23 50.88
N LYS C 275 -68.15 11.50 49.79
CA LYS C 275 -67.54 11.84 48.52
C LYS C 275 -68.13 13.15 47.99
N TYR C 276 -67.31 13.90 47.25
CA TYR C 276 -67.78 15.17 46.69
C TYR C 276 -68.92 14.96 45.70
N THR C 277 -68.99 13.77 45.08
CA THR C 277 -70.05 13.51 44.13
C THR C 277 -71.41 13.39 44.83
N SER C 278 -71.44 12.89 46.06
CA SER C 278 -72.68 12.89 46.83
C SER C 278 -73.15 14.31 47.12
N ALA C 279 -72.21 15.21 47.46
CA ALA C 279 -72.57 16.61 47.66
C ALA C 279 -73.08 17.22 46.36
N LEU C 280 -72.47 16.86 45.23
CA LEU C 280 -72.97 17.33 43.95
C LEU C 280 -74.37 16.81 43.68
N THR C 281 -74.65 15.56 44.08
CA THR C 281 -76.00 15.02 43.93
C THR C 281 -77.01 15.80 44.77
N HIS C 282 -76.66 16.11 46.01
CA HIS C 282 -77.56 16.89 46.86
C HIS C 282 -77.79 18.29 46.28
N ASP C 283 -76.73 18.92 45.79
CA ASP C 283 -76.88 20.23 45.17
C ASP C 283 -77.71 20.16 43.89
N ALA C 284 -77.60 19.06 43.13
CA ALA C 284 -78.42 18.89 41.95
C ALA C 284 -79.90 18.73 42.32
N ILE C 285 -80.18 18.02 43.40
CA ILE C 285 -81.55 17.93 43.90
C ILE C 285 -82.07 19.32 44.27
N LEU C 286 -81.24 20.11 44.95
CA LEU C 286 -81.63 21.48 45.28
C LEU C 286 -81.89 22.30 44.02
N VAL C 287 -81.04 22.14 43.01
CA VAL C 287 -81.20 22.89 41.76
C VAL C 287 -82.50 22.51 41.08
N ILE C 288 -82.81 21.22 41.03
CA ILE C 288 -84.05 20.76 40.40
C ILE C 288 -85.26 21.32 41.13
N ALA C 289 -85.23 21.26 42.47
CA ALA C 289 -86.35 21.78 43.26
C ALA C 289 -86.53 23.28 43.03
N GLU C 290 -85.44 24.04 43.04
CA GLU C 290 -85.55 25.48 42.84
C GLU C 290 -86.03 25.82 41.44
N ALA C 291 -85.54 25.12 40.43
CA ALA C 291 -85.97 25.39 39.06
C ALA C 291 -87.45 25.09 38.87
N PHE C 292 -87.93 23.97 39.39
CA PHE C 292 -89.35 23.67 39.27
C PHE C 292 -90.22 24.60 40.11
N ARG C 293 -89.73 25.05 41.27
CA ARG C 293 -90.45 26.07 42.02
C ARG C 293 -90.55 27.38 41.24
N TYR C 294 -89.47 27.77 40.57
CA TYR C 294 -89.52 28.96 39.72
C TYR C 294 -90.51 28.78 38.57
N LEU C 295 -90.53 27.59 37.98
CA LEU C 295 -91.50 27.30 36.93
C LEU C 295 -92.93 27.43 37.45
N ARG C 296 -93.19 26.91 38.65
CA ARG C 296 -94.52 27.03 39.25
C ARG C 296 -94.88 28.48 39.54
N ARG C 297 -93.94 29.27 40.05
CA ARG C 297 -94.22 30.66 40.38
C ARG C 297 -94.54 31.48 39.13
N GLN C 298 -93.78 31.27 38.05
CA GLN C 298 -94.00 32.01 36.81
C GLN C 298 -95.19 31.51 36.01
N ARG C 299 -95.91 30.50 36.51
CA ARG C 299 -97.09 29.95 35.85
C ARG C 299 -96.76 29.48 34.44
N VAL C 300 -95.61 28.82 34.31
CA VAL C 300 -95.19 28.24 33.04
C VAL C 300 -95.83 26.86 32.90
N ASP C 301 -96.54 26.66 31.79
CA ASP C 301 -97.28 25.41 31.58
C ASP C 301 -96.31 24.31 31.19
N VAL C 302 -96.00 23.42 32.14
CA VAL C 302 -95.16 22.26 31.89
C VAL C 302 -95.92 21.01 32.32
N SER C 303 -95.94 20.00 31.48
CA SER C 303 -96.66 18.77 31.76
C SER C 303 -96.19 17.64 30.84
N ALA C 308 -95.73 10.25 26.24
CA ALA C 308 -94.41 10.72 25.82
C ALA C 308 -94.01 10.07 24.49
N GLY C 309 -94.39 8.82 24.31
CA GLY C 309 -94.07 8.09 23.10
C GLY C 309 -92.72 7.43 23.15
N ASP C 310 -92.39 6.77 22.04
CA ASP C 310 -91.13 6.06 21.92
C ASP C 310 -89.97 7.04 21.67
N CYS C 311 -88.76 6.55 21.90
CA CYS C 311 -87.57 7.37 21.68
C CYS C 311 -87.38 7.67 20.20
N LEU C 312 -87.48 6.64 19.35
CA LEU C 312 -87.04 6.72 17.97
C LEU C 312 -88.26 6.75 17.05
N ALA C 313 -88.71 7.97 16.75
CA ALA C 313 -89.69 8.20 15.70
C ALA C 313 -89.01 8.96 14.58
N ASN C 314 -89.22 8.52 13.33
CA ASN C 314 -88.53 9.14 12.21
C ASN C 314 -88.81 10.63 12.11
N PRO C 315 -90.06 11.12 12.25
CA PRO C 315 -90.23 12.52 12.61
C PRO C 315 -89.64 12.80 13.99
N ALA C 316 -88.56 13.59 14.05
CA ALA C 316 -87.90 13.87 15.32
C ALA C 316 -88.64 15.03 15.99
N VAL C 317 -89.82 14.74 16.52
CA VAL C 317 -90.65 15.75 17.16
C VAL C 317 -90.06 16.09 18.52
N PRO C 318 -89.70 17.35 18.77
CA PRO C 318 -89.14 17.73 20.06
C PRO C 318 -90.21 18.17 21.05
N TRP C 319 -90.09 17.74 22.31
CA TRP C 319 -91.07 18.08 23.32
C TRP C 319 -90.98 19.57 23.65
N SER C 320 -92.13 20.26 23.58
CA SER C 320 -92.12 21.72 23.57
C SER C 320 -91.66 22.30 24.90
N GLN C 321 -92.20 21.80 26.02
CA GLN C 321 -91.90 22.38 27.32
C GLN C 321 -90.46 22.20 27.76
N GLY C 322 -89.75 21.22 27.19
CA GLY C 322 -88.40 20.93 27.66
C GLY C 322 -87.48 22.14 27.58
N ILE C 323 -87.55 22.89 26.48
CA ILE C 323 -86.78 24.12 26.36
C ILE C 323 -86.98 24.99 27.59
N ASP C 324 -88.24 25.24 27.94
CA ASP C 324 -88.53 26.06 29.12
C ASP C 324 -87.87 25.46 30.36
N ILE C 325 -88.00 24.14 30.54
CA ILE C 325 -87.37 23.49 31.69
C ILE C 325 -85.87 23.71 31.65
N GLU C 326 -85.27 23.58 30.46
CA GLU C 326 -83.85 23.90 30.34
C GLU C 326 -83.58 25.34 30.75
N ARG C 327 -84.40 26.27 30.26
CA ARG C 327 -84.23 27.66 30.65
C ARG C 327 -84.44 27.85 32.14
N ALA C 328 -85.23 26.96 32.76
CA ALA C 328 -85.40 27.02 34.21
C ALA C 328 -84.19 26.49 34.95
N LEU C 329 -83.49 25.52 34.37
CA LEU C 329 -82.39 24.88 35.08
C LEU C 329 -81.07 25.63 34.92
N LYS C 330 -80.96 26.50 33.92
CA LYS C 330 -79.72 27.18 33.62
C LYS C 330 -79.68 28.63 34.11
N MET C 331 -80.76 29.12 34.73
CA MET C 331 -80.77 30.45 35.32
C MET C 331 -80.81 30.40 36.84
N VAL C 332 -80.65 29.22 37.43
CA VAL C 332 -80.79 29.05 38.87
C VAL C 332 -79.51 29.50 39.57
N GLN C 333 -79.67 30.10 40.75
CA GLN C 333 -78.56 30.58 41.57
C GLN C 333 -78.84 30.16 43.00
N VAL C 334 -78.21 29.06 43.46
CA VAL C 334 -78.49 28.55 44.79
C VAL C 334 -77.19 28.33 45.55
N GLN C 335 -77.28 28.42 46.87
CA GLN C 335 -76.14 28.20 47.75
C GLN C 335 -76.24 26.79 48.32
N GLY C 336 -75.42 25.88 47.79
CA GLY C 336 -75.41 24.50 48.21
C GLY C 336 -74.11 24.11 48.89
N MET C 337 -73.95 22.78 49.04
CA MET C 337 -72.78 22.25 49.73
C MET C 337 -71.48 22.64 49.04
N THR C 338 -71.50 22.79 47.72
CA THR C 338 -70.33 23.18 46.96
C THR C 338 -70.18 24.70 46.83
N GLY C 339 -71.08 25.47 47.44
CA GLY C 339 -70.99 26.92 47.37
C GLY C 339 -72.03 27.51 46.44
N ASN C 340 -71.64 28.56 45.70
CA ASN C 340 -72.54 29.16 44.74
C ASN C 340 -72.77 28.22 43.57
N ILE C 341 -74.01 28.14 43.09
CA ILE C 341 -74.38 27.31 41.96
C ILE C 341 -75.13 28.17 40.95
N GLN C 342 -74.54 28.29 39.77
CA GLN C 342 -75.09 29.03 38.64
C GLN C 342 -74.64 28.32 37.37
N PHE C 343 -75.38 28.53 36.28
CA PHE C 343 -75.07 27.88 35.02
C PHE C 343 -75.13 28.89 33.87
N ASP C 344 -74.29 28.66 32.86
CA ASP C 344 -74.25 29.49 31.68
C ASP C 344 -75.19 28.92 30.61
N THR C 345 -75.08 29.43 29.39
CA THR C 345 -75.98 28.99 28.31
C THR C 345 -75.70 27.56 27.88
N TYR C 346 -74.55 26.99 28.22
CA TYR C 346 -74.19 25.63 27.82
C TYR C 346 -74.27 24.65 28.99
N GLY C 347 -74.91 25.03 30.09
CA GLY C 347 -75.09 24.13 31.20
C GLY C 347 -73.85 23.87 32.03
N ARG C 348 -72.86 24.75 31.97
CA ARG C 348 -71.64 24.60 32.75
C ARG C 348 -71.67 25.56 33.94
N ARG C 349 -71.03 25.14 35.02
CA ARG C 349 -71.04 25.92 36.25
C ARG C 349 -70.29 27.23 36.08
N THR C 350 -70.70 28.23 36.87
CA THR C 350 -70.05 29.54 36.89
C THR C 350 -69.90 30.00 38.32
N ASN C 351 -69.10 31.05 38.50
CA ASN C 351 -68.80 31.62 39.82
C ASN C 351 -68.18 30.56 40.74
N TYR C 352 -67.00 30.09 40.34
CA TYR C 352 -66.35 29.00 41.03
C TYR C 352 -65.68 29.49 42.31
N THR C 353 -65.59 28.60 43.29
CA THR C 353 -64.90 28.88 44.55
C THR C 353 -64.01 27.70 44.92
N ILE C 354 -63.20 27.25 43.95
CA ILE C 354 -62.44 26.02 44.13
C ILE C 354 -61.38 26.21 45.21
N ASP C 355 -61.44 25.40 46.27
CA ASP C 355 -60.53 25.54 47.40
C ASP C 355 -59.26 24.76 47.13
N VAL C 356 -58.12 25.46 47.14
CA VAL C 356 -56.82 24.85 46.90
C VAL C 356 -56.16 24.56 48.24
N TYR C 357 -55.80 23.29 48.44
CA TYR C 357 -55.25 22.79 49.70
C TYR C 357 -53.79 22.47 49.50
N GLU C 358 -52.95 22.93 50.42
CA GLU C 358 -51.54 22.57 50.46
C GLU C 358 -51.31 21.61 51.62
N MET C 359 -50.65 20.49 51.34
CA MET C 359 -50.49 19.43 52.33
C MET C 359 -49.14 19.59 53.04
N LYS C 360 -49.18 19.56 54.37
CA LYS C 360 -48.00 19.66 55.21
C LYS C 360 -47.85 18.40 56.05
N VAL C 361 -46.80 18.36 56.85
CA VAL C 361 -46.54 17.20 57.71
C VAL C 361 -47.64 17.06 58.75
N SER C 362 -48.05 18.17 59.37
CA SER C 362 -49.09 18.12 60.39
C SER C 362 -50.43 17.68 59.80
N GLY C 363 -50.77 18.16 58.62
CA GLY C 363 -52.03 17.80 58.01
C GLY C 363 -52.29 18.64 56.77
N SER C 364 -53.57 18.74 56.42
CA SER C 364 -54.00 19.49 55.25
C SER C 364 -54.37 20.91 55.66
N ARG C 365 -53.79 21.89 54.98
CA ARG C 365 -54.06 23.30 55.24
C ARG C 365 -54.59 23.95 53.97
N LYS C 366 -55.66 24.74 54.12
CA LYS C 366 -56.26 25.43 52.98
C LYS C 366 -55.30 26.50 52.48
N ALA C 367 -54.65 26.24 51.35
CA ALA C 367 -53.73 27.20 50.77
C ALA C 367 -54.43 28.47 50.29
N GLY C 368 -55.60 28.33 49.68
CA GLY C 368 -56.32 29.49 49.19
C GLY C 368 -57.57 29.08 48.43
N TYR C 369 -58.09 30.01 47.63
CA TYR C 369 -59.24 29.68 46.80
C TYR C 369 -59.09 30.36 45.44
N TRP C 370 -59.78 29.78 44.46
CA TRP C 370 -59.76 30.24 43.08
C TRP C 370 -61.19 30.56 42.63
N ASN C 371 -61.33 31.73 42.01
CA ASN C 371 -62.57 32.22 41.42
C ASN C 371 -62.25 32.79 40.05
N GLU C 372 -63.28 32.89 39.20
CA GLU C 372 -63.09 33.44 37.87
C GLU C 372 -62.65 34.90 37.94
N TYR C 373 -63.31 35.69 38.79
CA TYR C 373 -62.99 37.11 38.88
C TYR C 373 -61.69 37.36 39.61
N GLU C 374 -61.47 36.65 40.72
CA GLU C 374 -60.34 36.92 41.61
C GLU C 374 -59.11 36.08 41.29
N ARG C 375 -59.18 35.22 40.27
CA ARG C 375 -58.09 34.29 39.91
C ARG C 375 -57.80 33.45 41.16
N PHE C 376 -56.54 33.26 41.54
CA PHE C 376 -56.17 32.53 42.75
C PHE C 376 -55.72 33.52 43.81
N VAL C 377 -56.19 33.34 45.03
CA VAL C 377 -55.78 34.19 46.15
C VAL C 377 -55.17 33.31 47.23
N PRO C 378 -53.95 33.61 47.70
CA PRO C 378 -53.35 32.80 48.77
C PRO C 378 -53.59 33.39 50.15
N PHE C 379 -53.71 32.54 51.15
CA PHE C 379 -53.80 32.98 52.54
C PHE C 379 -53.37 31.88 53.51
N ILE C 396 -24.75 12.45 40.85
CA ILE C 396 -24.14 12.15 39.57
C ILE C 396 -23.65 10.70 39.54
N VAL C 397 -24.17 9.92 38.60
CA VAL C 397 -23.77 8.52 38.45
C VAL C 397 -22.57 8.46 37.53
N VAL C 398 -21.47 7.91 38.02
CA VAL C 398 -20.26 7.71 37.23
C VAL C 398 -20.16 6.21 36.96
N THR C 399 -20.26 5.84 35.69
CA THR C 399 -20.12 4.44 35.31
C THR C 399 -18.66 4.14 34.98
N THR C 400 -18.16 3.03 35.51
CA THR C 400 -16.78 2.63 35.33
C THR C 400 -16.74 1.13 35.08
N ILE C 401 -15.54 0.61 34.83
CA ILE C 401 -15.34 -0.80 34.53
C ILE C 401 -14.17 -1.30 35.37
N LEU C 402 -14.31 -2.50 35.92
CA LEU C 402 -13.28 -3.08 36.79
C LEU C 402 -12.15 -3.60 35.90
N GLU C 403 -11.06 -2.84 35.85
CA GLU C 403 -9.88 -3.24 35.09
C GLU C 403 -8.66 -2.58 35.72
N SER C 404 -7.76 -3.38 36.24
CA SER C 404 -6.56 -2.85 36.87
C SER C 404 -5.66 -2.21 35.82
N PRO C 405 -5.02 -1.09 36.14
CA PRO C 405 -5.04 -0.37 37.42
C PRO C 405 -6.09 0.72 37.48
N TYR C 406 -7.05 0.74 36.55
CA TYR C 406 -8.00 1.84 36.47
C TYR C 406 -9.01 1.80 37.61
N VAL C 407 -9.69 0.68 37.77
CA VAL C 407 -10.64 0.50 38.86
C VAL C 407 -10.33 -0.82 39.54
N MET C 408 -10.24 -0.80 40.87
CA MET C 408 -9.92 -1.99 41.64
C MET C 408 -10.83 -2.05 42.86
N TYR C 409 -10.98 -3.25 43.39
CA TYR C 409 -11.53 -3.42 44.73
C TYR C 409 -10.40 -3.27 45.73
N LYS C 410 -10.66 -2.56 46.82
CA LYS C 410 -9.68 -2.52 47.88
C LYS C 410 -9.62 -3.88 48.59
N LYS C 411 -8.57 -4.06 49.40
CA LYS C 411 -8.27 -5.38 49.93
C LYS C 411 -9.37 -5.91 50.82
N ASN C 412 -9.92 -5.05 51.69
CA ASN C 412 -10.94 -5.46 52.65
C ASN C 412 -12.22 -4.66 52.39
N HIS C 413 -12.65 -4.66 51.13
CA HIS C 413 -13.82 -3.89 50.73
C HIS C 413 -15.11 -4.41 51.36
N GLU C 414 -15.05 -5.48 52.15
CA GLU C 414 -16.24 -5.91 52.89
C GLU C 414 -16.62 -4.89 53.95
N GLN C 415 -15.64 -4.43 54.72
CA GLN C 415 -15.90 -3.36 55.69
C GLN C 415 -16.11 -2.03 54.99
N LEU C 416 -15.47 -1.83 53.84
CA LEU C 416 -15.61 -0.60 53.08
C LEU C 416 -16.96 -0.57 52.38
N GLU C 417 -17.41 0.66 52.06
CA GLU C 417 -18.72 0.84 51.45
C GLU C 417 -18.70 2.09 50.58
N GLY C 418 -19.71 2.20 49.73
CA GLY C 418 -19.84 3.37 48.87
C GLY C 418 -18.73 3.43 47.84
N ASN C 419 -18.16 4.62 47.68
CA ASN C 419 -17.00 4.78 46.80
C ASN C 419 -15.69 4.35 47.46
N GLU C 420 -15.70 4.10 48.77
CA GLU C 420 -14.46 3.84 49.49
C GLU C 420 -14.02 2.39 49.31
N ARG C 421 -14.81 1.60 48.59
CA ARG C 421 -14.46 0.21 48.33
C ARG C 421 -13.74 0.06 47.00
N TYR C 422 -13.39 1.17 46.37
CA TYR C 422 -12.75 1.19 45.07
C TYR C 422 -11.41 1.92 45.12
N GLU C 423 -10.48 1.46 44.29
CA GLU C 423 -9.18 2.09 44.18
C GLU C 423 -8.75 2.04 42.72
N GLY C 424 -7.84 2.94 42.35
CA GLY C 424 -7.29 2.89 41.02
C GLY C 424 -7.11 4.22 40.32
N TYR C 425 -6.60 4.17 39.10
CA TYR C 425 -6.35 5.39 38.33
C TYR C 425 -7.63 6.16 38.07
N CYS C 426 -8.67 5.47 37.62
CA CYS C 426 -9.89 6.15 37.22
C CYS C 426 -10.67 6.66 38.42
N VAL C 427 -10.51 6.04 39.58
CA VAL C 427 -11.14 6.56 40.79
C VAL C 427 -10.52 7.90 41.16
N ASP C 428 -9.19 7.99 41.10
CA ASP C 428 -8.52 9.26 41.35
C ASP C 428 -8.88 10.30 40.31
N LEU C 429 -8.95 9.89 39.03
CA LEU C 429 -9.32 10.82 37.98
C LEU C 429 -10.73 11.35 38.18
N ALA C 430 -11.67 10.48 38.55
CA ALA C 430 -13.03 10.93 38.81
C ALA C 430 -13.08 11.86 40.01
N TYR C 431 -12.25 11.61 41.03
CA TYR C 431 -12.19 12.52 42.16
C TYR C 431 -11.70 13.90 41.75
N GLU C 432 -10.66 13.96 40.92
CA GLU C 432 -10.14 15.26 40.48
C GLU C 432 -11.14 15.98 39.58
N ILE C 433 -11.80 15.25 38.67
CA ILE C 433 -12.82 15.85 37.82
C ILE C 433 -13.96 16.40 38.66
N ALA C 434 -14.36 15.65 39.69
CA ALA C 434 -15.43 16.11 40.56
C ALA C 434 -15.02 17.34 41.35
N LYS C 435 -13.76 17.44 41.75
CA LYS C 435 -13.28 18.67 42.39
C LYS C 435 -13.40 19.85 41.43
N HIS C 436 -12.94 19.67 40.19
CA HIS C 436 -12.95 20.79 39.26
C HIS C 436 -14.36 21.21 38.91
N VAL C 437 -15.23 20.26 38.55
CA VAL C 437 -16.61 20.60 38.22
C VAL C 437 -17.46 20.86 39.45
N LYS C 440 -21.38 16.13 43.01
CA LYS C 440 -21.26 14.89 43.81
C LYS C 440 -21.60 13.68 42.94
N TYR C 441 -20.97 12.53 43.18
CA TYR C 441 -21.16 11.39 42.26
C TYR C 441 -21.25 10.05 43.01
N LYS C 442 -21.43 8.97 42.25
CA LYS C 442 -21.55 7.63 42.86
C LYS C 442 -21.08 6.58 41.86
N LEU C 443 -19.84 6.13 41.99
CA LEU C 443 -19.30 5.14 41.01
C LEU C 443 -20.28 4.00 40.85
N SER C 444 -20.51 3.55 39.62
CA SER C 444 -21.42 2.41 39.35
C SER C 444 -20.77 1.45 38.35
N ILE C 445 -20.19 0.36 38.82
CA ILE C 445 -19.46 -0.55 37.88
C ILE C 445 -20.49 -1.10 36.90
N VAL C 446 -20.24 -0.95 35.60
CA VAL C 446 -21.18 -1.36 34.57
C VAL C 446 -21.47 -2.85 34.71
N GLY C 447 -22.76 -3.21 34.64
CA GLY C 447 -23.17 -4.55 34.99
C GLY C 447 -22.63 -5.62 34.06
N ASP C 448 -22.70 -5.38 32.76
CA ASP C 448 -22.27 -6.39 31.80
C ASP C 448 -20.76 -6.44 31.62
N GLY C 449 -20.02 -5.49 32.19
CA GLY C 449 -18.57 -5.54 32.14
C GLY C 449 -17.97 -5.27 30.78
N LYS C 450 -18.68 -4.56 29.91
CA LYS C 450 -18.22 -4.29 28.56
C LYS C 450 -17.99 -2.81 28.37
N TYR C 451 -17.12 -2.48 27.42
CA TYR C 451 -16.79 -1.08 27.16
C TYR C 451 -17.93 -0.37 26.44
N GLY C 452 -18.50 -1.03 25.44
CA GLY C 452 -19.61 -0.45 24.71
C GLY C 452 -19.51 -0.70 23.21
N ALA C 453 -20.56 -1.28 22.63
CA ALA C 453 -20.55 -1.60 21.22
C ALA C 453 -22.00 -1.72 20.75
N ARG C 454 -22.19 -1.57 19.44
CA ARG C 454 -23.50 -1.65 18.83
C ARG C 454 -23.73 -3.05 18.29
N ASP C 455 -24.86 -3.65 18.66
CA ASP C 455 -25.19 -4.97 18.17
C ASP C 455 -25.66 -4.86 16.73
N PRO C 456 -25.00 -5.53 15.78
CA PRO C 456 -25.37 -5.35 14.37
C PRO C 456 -26.80 -5.77 14.05
N GLU C 457 -27.35 -6.74 14.78
CA GLU C 457 -28.69 -7.24 14.47
C GLU C 457 -29.79 -6.38 15.09
N THR C 458 -29.66 -6.06 16.38
CA THR C 458 -30.71 -5.34 17.09
C THR C 458 -30.40 -3.87 17.31
N LYS C 459 -29.19 -3.41 17.00
CA LYS C 459 -28.80 -2.02 17.18
C LYS C 459 -29.05 -1.54 18.62
N ILE C 460 -28.46 -2.25 19.58
CA ILE C 460 -28.53 -1.89 20.99
C ILE C 460 -27.10 -1.71 21.50
N TRP C 461 -26.85 -0.58 22.16
CA TRP C 461 -25.54 -0.32 22.75
C TRP C 461 -25.46 -0.97 24.13
N ASN C 462 -24.37 -1.69 24.37
CA ASN C 462 -24.13 -2.30 25.67
C ASN C 462 -23.02 -1.55 26.40
N GLY C 463 -22.68 -2.04 27.58
CA GLY C 463 -21.54 -1.50 28.30
C GLY C 463 -21.76 -0.07 28.77
N MET C 464 -20.64 0.63 28.93
CA MET C 464 -20.67 2.01 29.43
C MET C 464 -21.25 2.97 28.40
N VAL C 465 -20.95 2.74 27.12
CA VAL C 465 -21.54 3.57 26.08
C VAL C 465 -23.05 3.43 26.09
N GLY C 466 -23.55 2.21 26.27
CA GLY C 466 -24.98 2.01 26.36
C GLY C 466 -25.58 2.58 27.64
N GLU C 467 -24.80 2.57 28.71
CA GLU C 467 -25.25 3.21 29.95
C GLU C 467 -25.42 4.71 29.75
N LEU C 468 -24.52 5.32 28.99
CA LEU C 468 -24.62 6.75 28.72
C LEU C 468 -25.75 7.06 27.74
N VAL C 469 -25.88 6.27 26.67
CA VAL C 469 -26.86 6.55 25.63
C VAL C 469 -28.28 6.49 26.20
N TYR C 470 -28.56 5.49 27.02
CA TYR C 470 -29.91 5.22 27.49
C TYR C 470 -30.22 5.90 28.82
N GLY C 471 -29.42 6.88 29.22
CA GLY C 471 -29.78 7.75 30.33
C GLY C 471 -29.63 7.14 31.71
N ARG C 472 -28.80 6.11 31.87
CA ARG C 472 -28.62 5.48 33.17
C ARG C 472 -27.38 5.96 33.91
N ALA C 473 -26.43 6.58 33.22
CA ALA C 473 -25.23 7.13 33.82
C ALA C 473 -25.00 8.53 33.30
N ILE C 475 -21.70 10.10 33.47
CA ILE C 475 -20.34 10.27 33.00
C ILE C 475 -19.66 8.91 33.10
N ALA C 476 -18.68 8.68 32.22
CA ALA C 476 -17.96 7.41 32.17
C ALA C 476 -16.47 7.70 32.25
N VAL C 477 -15.88 7.50 33.43
CA VAL C 477 -14.45 7.66 33.62
C VAL C 477 -13.80 6.29 33.61
N ALA C 478 -13.29 5.86 32.46
CA ALA C 478 -12.76 4.52 32.31
C ALA C 478 -11.87 4.50 31.08
N PRO C 479 -11.06 3.46 30.90
CA PRO C 479 -10.27 3.36 29.66
C PRO C 479 -11.14 3.08 28.45
N LEU C 480 -11.92 4.07 28.06
CA LEU C 480 -12.82 3.98 26.91
C LEU C 480 -12.18 4.69 25.72
N THR C 481 -11.83 3.92 24.70
CA THR C 481 -11.15 4.47 23.54
C THR C 481 -12.06 5.40 22.75
N ILE C 482 -11.49 6.50 22.28
CA ILE C 482 -12.23 7.45 21.44
C ILE C 482 -12.23 6.91 20.02
N THR C 483 -13.40 6.50 19.55
CA THR C 483 -13.54 5.94 18.22
C THR C 483 -14.64 6.69 17.46
N LEU C 484 -14.63 6.52 16.14
CA LEU C 484 -15.63 7.19 15.30
C LEU C 484 -17.04 6.70 15.61
N VAL C 485 -17.22 5.40 15.79
CA VAL C 485 -18.56 4.86 16.00
C VAL C 485 -19.10 5.31 17.35
N ARG C 486 -18.25 5.43 18.36
CA ARG C 486 -18.70 5.88 19.67
C ARG C 486 -18.97 7.38 19.68
N GLU C 487 -18.16 8.15 18.96
CA GLU C 487 -18.27 9.60 19.00
C GLU C 487 -19.59 10.09 18.41
N GLU C 488 -20.23 9.28 17.58
CA GLU C 488 -21.50 9.69 16.98
C GLU C 488 -22.66 9.61 17.96
N VAL C 489 -22.50 8.91 19.08
CA VAL C 489 -23.61 8.69 20.01
C VAL C 489 -23.36 9.31 21.38
N ILE C 490 -22.11 9.55 21.77
CA ILE C 490 -21.78 10.18 23.05
C ILE C 490 -20.73 11.25 22.78
N ASP C 491 -20.49 12.09 23.79
CA ASP C 491 -19.47 13.13 23.71
C ASP C 491 -18.23 12.71 24.48
N PHE C 492 -17.09 12.69 23.80
CA PHE C 492 -15.82 12.37 24.42
C PHE C 492 -15.08 13.66 24.74
N SER C 493 -14.33 13.65 25.84
CA SER C 493 -13.44 14.75 26.14
C SER C 493 -12.14 14.57 25.38
N LYS C 494 -11.21 15.49 25.60
CA LYS C 494 -9.87 15.32 25.05
C LYS C 494 -9.22 14.10 25.71
N PRO C 495 -8.32 13.42 25.01
CA PRO C 495 -7.70 12.21 25.58
C PRO C 495 -6.95 12.53 26.86
N PHE C 496 -7.27 11.81 27.93
CA PHE C 496 -6.47 11.87 29.14
C PHE C 496 -5.31 10.89 29.13
N MET C 497 -5.23 10.02 28.12
CA MET C 497 -4.16 9.05 28.02
C MET C 497 -4.04 8.61 26.58
N SER C 498 -2.88 8.82 25.98
CA SER C 498 -2.60 8.35 24.62
C SER C 498 -1.96 6.97 24.68
N LEU C 499 -2.31 6.13 23.71
CA LEU C 499 -1.80 4.76 23.67
C LEU C 499 -1.72 4.29 22.22
N GLY C 500 -1.41 3.01 22.05
CA GLY C 500 -1.32 2.40 20.75
C GLY C 500 -1.16 0.90 20.90
N ILE C 501 -1.05 0.22 19.76
CA ILE C 501 -0.86 -1.22 19.73
C ILE C 501 0.63 -1.52 19.82
N SER C 502 1.02 -2.38 20.75
CA SER C 502 2.41 -2.67 21.04
C SER C 502 2.60 -4.18 21.15
N ILE C 503 3.88 -4.58 21.15
CA ILE C 503 4.30 -5.97 21.17
C ILE C 503 4.91 -6.28 22.53
N MET C 504 4.42 -7.35 23.15
CA MET C 504 4.97 -7.89 24.38
C MET C 504 5.69 -9.19 24.07
N ILE C 505 6.93 -9.29 24.51
CA ILE C 505 7.69 -10.53 24.41
C ILE C 505 8.26 -10.87 25.78
N LYS C 506 8.49 -12.15 26.00
CA LYS C 506 9.11 -12.59 27.23
C LYS C 506 10.50 -11.97 27.37
N LYS C 507 10.85 -11.59 28.60
CA LYS C 507 12.16 -11.03 28.85
C LYS C 507 13.23 -12.09 28.60
N SER C 511 22.01 -13.48 29.83
CA SER C 511 22.22 -14.68 30.63
C SER C 511 23.59 -14.66 31.30
N LYS C 512 23.79 -15.56 32.27
CA LYS C 512 25.05 -15.64 32.98
C LYS C 512 25.95 -16.67 32.32
N PRO C 513 27.12 -16.28 31.81
CA PRO C 513 28.03 -17.27 31.21
C PRO C 513 28.47 -18.30 32.23
N GLY C 514 28.62 -19.54 31.77
CA GLY C 514 29.07 -20.60 32.64
C GLY C 514 30.49 -20.40 33.10
N VAL C 515 30.83 -21.08 34.20
CA VAL C 515 32.17 -20.96 34.75
C VAL C 515 33.20 -21.49 33.75
N PHE C 516 32.91 -22.62 33.12
CA PHE C 516 33.81 -23.24 32.14
C PHE C 516 33.35 -23.00 30.72
N SER C 517 32.76 -21.84 30.45
CA SER C 517 32.29 -21.52 29.11
C SER C 517 33.42 -21.19 28.14
N PHE C 518 34.65 -21.08 28.62
CA PHE C 518 35.79 -20.89 27.72
C PHE C 518 36.07 -22.13 26.88
N LEU C 519 35.48 -23.26 27.21
CA LEU C 519 35.58 -24.47 26.42
C LEU C 519 34.53 -24.54 25.31
N ASP C 520 33.59 -23.60 25.29
CA ASP C 520 32.46 -23.68 24.38
C ASP C 520 32.83 -23.71 22.90
N PRO C 521 33.85 -22.98 22.40
CA PRO C 521 34.13 -23.04 20.95
C PRO C 521 34.33 -24.45 20.39
N LEU C 522 34.94 -25.35 21.16
CA LEU C 522 35.14 -26.72 20.72
C LEU C 522 34.15 -27.64 21.41
N ALA C 523 33.73 -28.68 20.70
CA ALA C 523 32.81 -29.65 21.29
C ALA C 523 33.52 -30.47 22.37
N TYR C 524 32.71 -31.08 23.23
CA TYR C 524 33.25 -31.87 24.33
C TYR C 524 34.02 -33.08 23.81
N GLU C 525 33.53 -33.71 22.74
CA GLU C 525 34.23 -34.83 22.14
C GLU C 525 35.59 -34.41 21.59
N ILE C 526 35.71 -33.18 21.11
CA ILE C 526 37.01 -32.70 20.64
C ILE C 526 38.00 -32.61 21.79
N TRP C 527 37.57 -32.08 22.94
CA TRP C 527 38.46 -31.99 24.09
C TRP C 527 38.87 -33.37 24.58
N MET C 528 37.92 -34.30 24.64
CA MET C 528 38.23 -35.66 25.08
C MET C 528 39.21 -36.34 24.12
N CYS C 529 38.98 -36.20 22.81
CA CYS C 529 39.88 -36.82 21.85
C CYS C 529 41.22 -36.11 21.82
N ILE C 530 41.27 -34.82 22.18
CA ILE C 530 42.55 -34.13 22.31
C ILE C 530 43.35 -34.73 23.45
N VAL C 531 42.69 -35.02 24.58
CA VAL C 531 43.39 -35.66 25.69
C VAL C 531 43.89 -37.04 25.28
N PHE C 532 43.04 -37.82 24.60
CA PHE C 532 43.46 -39.15 24.14
C PHE C 532 44.64 -39.06 23.18
N ALA C 533 44.58 -38.12 22.23
CA ALA C 533 45.66 -37.94 21.27
C ALA C 533 46.94 -37.50 21.95
N TYR C 534 46.84 -36.65 22.97
CA TYR C 534 48.02 -36.24 23.72
C TYR C 534 48.68 -37.44 24.39
N ILE C 535 47.87 -38.31 25.01
CA ILE C 535 48.41 -39.50 25.66
C ILE C 535 49.08 -40.40 24.64
N GLY C 536 48.41 -40.64 23.51
CA GLY C 536 48.96 -41.51 22.49
C GLY C 536 50.24 -40.96 21.89
N VAL C 537 50.28 -39.65 21.64
CA VAL C 537 51.47 -39.03 21.07
C VAL C 537 52.65 -39.14 22.03
N SER C 538 52.41 -38.87 23.32
CA SER C 538 53.49 -38.99 24.30
C SER C 538 54.01 -40.42 24.37
N VAL C 539 53.10 -41.41 24.37
CA VAL C 539 53.53 -42.80 24.48
C VAL C 539 54.31 -43.22 23.25
N VAL C 540 53.86 -42.83 22.06
CA VAL C 540 54.57 -43.21 20.83
C VAL C 540 55.91 -42.51 20.74
N LEU C 541 55.99 -41.25 21.17
CA LEU C 541 57.27 -40.55 21.18
C LEU C 541 58.26 -41.24 22.10
N PHE C 542 57.83 -41.60 23.31
CA PHE C 542 58.71 -42.32 24.23
C PHE C 542 59.14 -43.66 23.64
N LEU C 543 58.20 -44.38 23.02
CA LEU C 543 58.51 -45.68 22.44
C LEU C 543 59.56 -45.57 21.34
N VAL C 544 59.34 -44.67 20.37
CA VAL C 544 60.27 -44.58 19.25
C VAL C 544 61.58 -43.91 19.67
N SER C 545 61.61 -43.23 20.81
CA SER C 545 62.85 -42.59 21.25
C SER C 545 63.71 -43.48 22.12
N ARG C 546 63.13 -44.43 22.86
CA ARG C 546 63.88 -45.13 23.88
C ARG C 546 63.95 -46.65 23.75
N PHE C 547 63.20 -47.26 22.84
CA PHE C 547 63.09 -48.71 22.89
C PHE C 547 64.34 -49.42 22.36
N SER C 548 64.99 -48.86 21.35
CA SER C 548 66.01 -49.59 20.61
C SER C 548 67.30 -49.68 21.41
N PRO C 549 67.80 -50.89 21.71
CA PRO C 549 69.08 -50.98 22.43
C PRO C 549 70.25 -50.47 21.62
N TYR C 550 70.18 -50.49 20.30
CA TYR C 550 71.27 -50.03 19.46
C TYR C 550 71.45 -48.52 19.50
N GLU C 551 70.41 -47.79 19.86
CA GLU C 551 70.56 -46.35 20.05
C GLU C 551 71.23 -46.02 21.38
N TRP C 552 71.09 -46.89 22.38
CA TRP C 552 71.71 -46.64 23.68
C TRP C 552 73.23 -46.76 23.59
N HIS C 553 73.72 -47.76 22.84
CA HIS C 553 75.15 -47.93 22.65
C HIS C 553 75.71 -46.81 21.80
N ASP C 569 73.85 -43.86 30.53
CA ASP C 569 73.72 -42.73 29.61
C ASP C 569 72.66 -43.00 28.56
N PRO C 570 71.48 -42.39 28.71
CA PRO C 570 70.43 -42.60 27.72
C PRO C 570 70.79 -41.97 26.40
N PRO C 571 70.33 -42.53 25.29
CA PRO C 571 70.64 -41.95 23.98
C PRO C 571 70.11 -40.54 23.81
N ASN C 572 68.96 -40.24 24.41
CA ASN C 572 68.35 -38.92 24.35
C ASN C 572 67.61 -38.66 25.64
N GLU C 573 66.90 -37.54 25.69
CA GLU C 573 66.27 -37.07 26.93
C GLU C 573 64.80 -37.45 27.01
N PHE C 574 64.27 -38.16 26.01
CA PHE C 574 62.83 -38.36 25.87
C PHE C 574 62.37 -39.65 26.57
N GLY C 575 62.36 -39.57 27.90
CA GLY C 575 61.63 -40.53 28.69
C GLY C 575 60.15 -40.22 28.65
N ILE C 576 59.36 -41.05 29.34
CA ILE C 576 57.91 -40.89 29.28
C ILE C 576 57.47 -39.58 29.91
N PHE C 577 58.10 -39.20 31.03
CA PHE C 577 57.78 -37.92 31.67
C PHE C 577 58.22 -36.74 30.80
N ASN C 578 59.41 -36.84 30.21
CA ASN C 578 59.87 -35.80 29.30
C ASN C 578 59.06 -35.79 28.01
N SER C 579 58.62 -36.95 27.54
CA SER C 579 57.73 -36.99 26.38
C SER C 579 56.41 -36.30 26.66
N LEU C 580 55.95 -36.39 27.91
CA LEU C 580 54.68 -35.76 28.31
C LEU C 580 54.88 -34.25 28.44
N TRP C 581 56.09 -33.81 28.74
CA TRP C 581 56.39 -32.35 28.83
C TRP C 581 56.58 -31.77 27.44
N PHE C 582 57.40 -32.39 26.60
CA PHE C 582 57.59 -31.92 25.22
C PHE C 582 56.23 -31.81 24.53
N SER C 583 55.40 -32.82 24.69
CA SER C 583 54.09 -32.84 24.02
C SER C 583 53.17 -31.73 24.52
N LEU C 584 53.17 -31.40 25.82
CA LEU C 584 52.32 -30.32 26.39
C LEU C 584 52.85 -28.97 25.98
N GLY C 585 54.16 -28.77 26.07
CA GLY C 585 54.73 -27.49 25.60
C GLY C 585 54.38 -27.24 24.16
N ALA C 586 54.45 -28.27 23.32
CA ALA C 586 54.06 -28.15 21.92
C ALA C 586 52.59 -27.74 21.80
N PHE C 587 51.68 -28.42 22.48
CA PHE C 587 50.26 -28.10 22.31
C PHE C 587 50.04 -26.63 22.65
N MET C 588 50.77 -26.14 23.64
CA MET C 588 50.57 -24.75 24.12
C MET C 588 51.41 -23.83 23.27
N GLN C 589 52.28 -24.40 22.43
CA GLN C 589 53.14 -23.60 21.52
C GLN C 589 54.00 -22.70 22.40
N GLN C 590 54.29 -23.14 23.61
CA GLN C 590 55.10 -22.35 24.58
C GLN C 590 56.12 -23.32 25.13
N GLY C 591 56.82 -23.99 24.23
CA GLY C 591 57.77 -25.01 24.70
C GLY C 591 59.10 -24.94 23.98
N CYS C 592 60.19 -24.95 24.74
CA CYS C 592 61.54 -24.88 24.16
C CYS C 592 62.54 -25.48 25.15
N ASP C 593 62.65 -26.80 25.22
CA ASP C 593 63.67 -27.40 26.10
C ASP C 593 64.54 -28.36 25.28
N ILE C 594 63.93 -29.41 24.76
CA ILE C 594 64.68 -30.43 23.99
C ILE C 594 63.81 -30.78 22.79
N SER C 595 64.42 -31.15 21.68
CA SER C 595 63.63 -31.44 20.46
C SER C 595 64.06 -32.81 19.95
N PRO C 596 63.13 -33.65 19.46
CA PRO C 596 63.51 -34.96 19.04
C PRO C 596 64.55 -34.85 17.92
N ARG C 597 65.46 -35.82 17.75
CA ARG C 597 66.50 -35.78 16.74
C ARG C 597 66.45 -36.93 15.75
N SER C 598 65.81 -38.04 16.11
CA SER C 598 65.71 -39.18 15.21
C SER C 598 64.60 -38.97 14.20
N LEU C 599 64.62 -39.79 13.14
CA LEU C 599 63.63 -39.64 12.07
C LEU C 599 62.22 -39.88 12.58
N SER C 600 62.00 -40.96 13.33
CA SER C 600 60.66 -41.29 13.79
C SER C 600 60.19 -40.31 14.87
N GLY C 601 61.09 -39.88 15.74
CA GLY C 601 60.73 -38.87 16.72
C GLY C 601 60.34 -37.55 16.08
N ARG C 602 61.05 -37.18 15.01
CA ARG C 602 60.69 -35.96 14.29
C ARG C 602 59.40 -36.13 13.51
N ILE C 603 59.10 -37.34 13.04
CA ILE C 603 57.78 -37.58 12.43
C ILE C 603 56.68 -37.34 13.46
N VAL C 604 56.84 -37.92 14.66
CA VAL C 604 55.85 -37.73 15.72
C VAL C 604 55.71 -36.25 16.05
N GLY C 605 56.84 -35.57 16.23
CA GLY C 605 56.80 -34.16 16.58
C GLY C 605 56.15 -33.30 15.53
N GLY C 606 56.48 -33.51 14.26
CA GLY C 606 55.91 -32.70 13.20
C GLY C 606 54.42 -32.93 13.01
N VAL C 607 53.98 -34.18 13.11
CA VAL C 607 52.56 -34.45 12.96
C VAL C 607 51.78 -33.89 14.15
N TRP C 608 52.34 -33.97 15.36
CA TRP C 608 51.71 -33.36 16.51
C TRP C 608 51.68 -31.84 16.39
N TRP C 609 52.73 -31.26 15.79
CA TRP C 609 52.76 -29.82 15.54
C TRP C 609 51.65 -29.39 14.59
N PHE C 610 51.45 -30.17 13.51
CA PHE C 610 50.38 -29.84 12.57
C PHE C 610 49.01 -29.95 13.24
N PHE C 611 48.80 -31.02 14.01
CA PHE C 611 47.56 -31.16 14.77
C PHE C 611 47.33 -29.95 15.67
N THR C 612 48.36 -29.54 16.41
CA THR C 612 48.24 -28.43 17.34
C THR C 612 47.91 -27.13 16.60
N LEU C 613 48.60 -26.88 15.49
CA LEU C 613 48.35 -25.65 14.72
C LEU C 613 46.89 -25.59 14.28
N ILE C 614 46.40 -26.70 13.70
CA ILE C 614 45.02 -26.71 13.23
C ILE C 614 44.04 -26.51 14.37
N ILE C 615 44.27 -27.20 15.49
CA ILE C 615 43.31 -27.17 16.60
C ILE C 615 43.27 -25.79 17.25
N ILE C 616 44.43 -25.16 17.44
CA ILE C 616 44.45 -23.85 18.08
C ILE C 616 43.86 -22.79 17.17
N SER C 617 44.17 -22.85 15.86
CA SER C 617 43.56 -21.91 14.93
C SER C 617 42.04 -22.09 14.90
N SER C 618 41.57 -23.34 14.96
CA SER C 618 40.13 -23.59 15.00
C SER C 618 39.49 -23.01 16.25
N TYR C 619 40.15 -23.18 17.41
CA TYR C 619 39.61 -22.62 18.64
C TYR C 619 39.48 -21.10 18.54
N THR C 620 40.54 -20.43 18.08
CA THR C 620 40.49 -18.98 17.97
C THR C 620 39.43 -18.52 16.98
N ALA C 621 39.33 -19.20 15.83
CA ALA C 621 38.36 -18.82 14.82
C ALA C 621 36.93 -19.02 15.30
N ASN C 622 36.66 -20.12 15.99
CA ASN C 622 35.30 -20.36 16.46
C ASN C 622 34.93 -19.43 17.60
N LEU C 623 35.88 -19.08 18.46
CA LEU C 623 35.60 -18.08 19.48
C LEU C 623 35.30 -16.73 18.87
N ALA C 624 36.06 -16.34 17.83
CA ALA C 624 35.77 -15.11 17.12
C ALA C 624 34.40 -15.15 16.48
N ALA C 625 34.01 -16.29 15.92
CA ALA C 625 32.68 -16.43 15.33
C ALA C 625 31.59 -16.26 16.38
N PHE C 626 31.74 -16.91 17.54
CA PHE C 626 30.77 -16.75 18.61
C PHE C 626 30.61 -15.29 19.01
N LEU C 627 31.73 -14.61 19.26
CA LEU C 627 31.67 -13.23 19.74
C LEU C 627 31.08 -12.30 18.68
N THR C 628 31.49 -12.48 17.41
CA THR C 628 30.95 -11.64 16.35
C THR C 628 29.46 -11.87 16.17
N VAL C 629 29.02 -13.12 16.21
CA VAL C 629 27.61 -13.43 16.02
C VAL C 629 26.77 -12.85 17.17
N GLU C 630 27.29 -12.92 18.40
CA GLU C 630 26.50 -12.34 19.48
C GLU C 630 26.51 -10.82 19.44
N ARG C 631 27.52 -10.20 18.84
CA ARG C 631 27.40 -8.76 18.56
C ARG C 631 26.40 -8.48 17.45
N MET C 632 26.21 -9.42 16.52
CA MET C 632 25.29 -9.19 15.41
C MET C 632 23.84 -9.20 15.87
N VAL C 633 23.50 -10.04 16.85
CA VAL C 633 22.10 -10.34 17.14
C VAL C 633 21.38 -9.10 17.65
N SER C 634 20.09 -9.01 17.34
CA SER C 634 19.22 -7.95 17.80
C SER C 634 17.81 -8.53 17.92
N PRO C 635 17.11 -8.28 19.02
CA PRO C 635 15.78 -8.88 19.20
C PRO C 635 14.76 -8.19 18.31
N ILE C 636 13.54 -8.72 18.33
CA ILE C 636 12.47 -8.14 17.53
C ILE C 636 12.26 -6.71 17.96
N GLU C 637 12.53 -5.78 17.04
CA GLU C 637 12.45 -4.35 17.35
C GLU C 637 11.30 -3.63 16.68
N SER C 638 10.49 -4.32 15.89
CA SER C 638 9.34 -3.70 15.23
C SER C 638 8.40 -4.80 14.75
N ALA C 639 7.26 -4.37 14.20
CA ALA C 639 6.32 -5.33 13.63
C ALA C 639 6.86 -5.98 12.37
N GLU C 640 7.72 -5.26 11.63
CA GLU C 640 8.33 -5.84 10.44
C GLU C 640 9.20 -7.03 10.80
N ASP C 641 9.97 -6.93 11.88
CA ASP C 641 10.81 -8.05 12.30
C ASP C 641 9.96 -9.26 12.66
N LEU C 642 8.80 -9.04 13.28
CA LEU C 642 7.87 -10.15 13.52
C LEU C 642 7.37 -10.75 12.22
N ALA C 643 6.92 -9.89 11.30
CA ALA C 643 6.28 -10.38 10.08
C ALA C 643 7.27 -11.13 9.19
N LYS C 644 8.55 -10.78 9.22
CA LYS C 644 9.52 -11.39 8.33
C LYS C 644 9.89 -12.81 8.73
N GLN C 645 9.85 -13.16 10.02
CA GLN C 645 10.32 -14.45 10.48
C GLN C 645 9.15 -15.38 10.77
N THR C 646 9.48 -16.63 11.07
CA THR C 646 8.49 -17.64 11.41
C THR C 646 8.80 -18.41 12.69
N GLU C 647 9.96 -18.18 13.31
CA GLU C 647 10.31 -18.94 14.51
C GLU C 647 9.46 -18.51 15.70
N ILE C 648 9.07 -17.25 15.75
CA ILE C 648 8.30 -16.70 16.86
C ILE C 648 6.86 -16.52 16.40
N ALA C 649 5.93 -17.15 17.09
CA ALA C 649 4.52 -16.96 16.82
C ALA C 649 4.02 -15.67 17.46
N TYR C 650 2.88 -15.18 16.98
CA TYR C 650 2.30 -13.99 17.57
C TYR C 650 0.80 -13.98 17.33
N GLY C 651 0.08 -13.38 18.27
CA GLY C 651 -1.37 -13.29 18.17
C GLY C 651 -1.89 -12.16 19.03
N THR C 652 -3.21 -11.96 18.95
CA THR C 652 -3.90 -10.90 19.66
C THR C 652 -5.00 -11.51 20.52
N LEU C 653 -5.79 -10.64 21.14
CA LEU C 653 -7.00 -11.08 21.82
C LEU C 653 -8.02 -11.56 20.80
N ASP C 654 -8.84 -12.53 21.20
CA ASP C 654 -9.78 -13.15 20.26
C ASP C 654 -10.79 -12.14 19.72
N SER C 655 -11.13 -11.12 20.50
CA SER C 655 -12.04 -10.08 20.05
C SER C 655 -11.66 -8.78 20.73
N GLY C 656 -11.47 -7.73 19.94
CA GLY C 656 -11.07 -6.45 20.46
C GLY C 656 -10.65 -5.54 19.34
N SER C 657 -10.09 -4.39 19.73
CA SER C 657 -9.70 -3.37 18.75
C SER C 657 -8.49 -3.79 17.94
N THR C 658 -7.59 -4.58 18.53
CA THR C 658 -6.36 -4.94 17.84
C THR C 658 -6.64 -5.90 16.68
N LYS C 659 -7.48 -6.90 16.90
CA LYS C 659 -7.84 -7.82 15.84
C LYS C 659 -8.55 -7.11 14.70
N GLU C 660 -9.46 -6.19 15.02
CA GLU C 660 -10.16 -5.46 13.97
C GLU C 660 -9.22 -4.51 13.23
N PHE C 661 -8.25 -3.94 13.95
CA PHE C 661 -7.24 -3.09 13.31
C PHE C 661 -6.45 -3.90 12.29
N PHE C 662 -6.04 -5.11 12.67
CA PHE C 662 -5.27 -5.94 11.74
C PHE C 662 -6.14 -6.45 10.59
N ARG C 663 -7.42 -6.70 10.85
CA ARG C 663 -8.32 -7.11 9.78
C ARG C 663 -8.52 -6.00 8.75
N ARG C 664 -8.68 -4.76 9.21
CA ARG C 664 -9.02 -3.65 8.33
C ARG C 664 -7.80 -2.96 7.75
N SER C 665 -6.59 -3.34 8.15
CA SER C 665 -5.40 -2.61 7.74
C SER C 665 -5.12 -2.79 6.26
N LYS C 666 -4.59 -1.73 5.64
CA LYS C 666 -4.15 -1.78 4.25
C LYS C 666 -2.63 -1.71 4.11
N ILE C 667 -1.91 -1.59 5.22
CA ILE C 667 -0.45 -1.60 5.16
C ILE C 667 0.03 -3.01 4.88
N ALA C 668 1.06 -3.13 4.04
CA ALA C 668 1.49 -4.45 3.57
C ALA C 668 1.97 -5.33 4.72
N VAL C 669 2.73 -4.77 5.65
CA VAL C 669 3.24 -5.57 6.76
C VAL C 669 2.10 -6.04 7.66
N TYR C 670 1.12 -5.17 7.91
CA TYR C 670 -0.01 -5.59 8.74
C TYR C 670 -0.91 -6.56 8.00
N GLU C 671 -0.99 -6.47 6.67
CA GLU C 671 -1.70 -7.48 5.90
C GLU C 671 -1.01 -8.83 6.02
N LYS C 672 0.32 -8.86 5.95
CA LYS C 672 1.06 -10.09 6.18
C LYS C 672 0.78 -10.66 7.57
N MET C 673 0.84 -9.80 8.58
CA MET C 673 0.59 -10.24 9.95
C MET C 673 -0.82 -10.79 10.11
N TRP C 674 -1.80 -10.14 9.51
CA TRP C 674 -3.18 -10.59 9.63
C TRP C 674 -3.39 -11.91 8.91
N SER C 675 -2.79 -12.07 7.72
CA SER C 675 -2.89 -13.35 7.03
C SER C 675 -2.29 -14.47 7.87
N TYR C 676 -1.11 -14.24 8.44
CA TYR C 676 -0.50 -15.25 9.29
C TYR C 676 -1.38 -15.59 10.48
N MET C 677 -1.86 -14.57 11.19
CA MET C 677 -2.64 -14.81 12.40
C MET C 677 -3.95 -15.50 12.10
N LYS C 678 -4.61 -15.12 11.01
CA LYS C 678 -5.87 -15.75 10.65
C LYS C 678 -5.67 -17.20 10.24
N SER C 679 -4.61 -17.49 9.49
CA SER C 679 -4.37 -18.84 9.02
C SER C 679 -3.56 -19.68 10.01
N ALA C 680 -3.19 -19.12 11.16
CA ALA C 680 -2.37 -19.85 12.12
C ALA C 680 -3.15 -20.98 12.76
N GLU C 681 -2.48 -22.13 12.90
CA GLU C 681 -3.08 -23.31 13.52
C GLU C 681 -1.99 -23.99 14.34
N PRO C 682 -2.20 -24.20 15.65
CA PRO C 682 -3.41 -23.91 16.44
C PRO C 682 -3.63 -22.41 16.64
N SER C 683 -4.81 -22.03 17.12
CA SER C 683 -5.20 -20.63 17.16
C SER C 683 -4.24 -19.81 17.99
N VAL C 684 -3.80 -18.67 17.44
CA VAL C 684 -2.97 -17.72 18.17
C VAL C 684 -3.79 -16.69 18.92
N PHE C 685 -5.08 -16.56 18.58
CA PHE C 685 -5.96 -15.66 19.32
C PHE C 685 -6.26 -16.24 20.70
N THR C 686 -6.36 -15.36 21.70
CA THR C 686 -6.56 -15.77 23.07
C THR C 686 -7.88 -15.23 23.60
N LYS C 687 -8.50 -15.99 24.50
CA LYS C 687 -9.79 -15.60 25.04
C LYS C 687 -9.68 -14.36 25.91
N THR C 688 -8.66 -14.28 26.76
CA THR C 688 -8.45 -13.14 27.64
C THR C 688 -7.02 -12.65 27.51
N THR C 689 -6.80 -11.42 27.99
CA THR C 689 -5.45 -10.86 28.03
C THR C 689 -4.55 -11.67 28.94
N ALA C 690 -5.08 -12.16 30.06
CA ALA C 690 -4.29 -12.97 30.97
C ALA C 690 -3.83 -14.26 30.30
N ASP C 691 -4.68 -14.84 29.45
CA ASP C 691 -4.27 -16.02 28.70
C ASP C 691 -3.10 -15.71 27.77
N GLY C 692 -3.15 -14.57 27.08
CA GLY C 692 -2.04 -14.19 26.22
C GLY C 692 -0.76 -13.93 26.98
N VAL C 693 -0.87 -13.30 28.14
CA VAL C 693 0.33 -13.04 28.95
C VAL C 693 0.92 -14.35 29.46
N ALA C 694 0.06 -15.27 29.91
CA ALA C 694 0.56 -16.57 30.37
C ALA C 694 1.19 -17.35 29.22
N ARG C 695 0.61 -17.25 28.03
CA ARG C 695 1.18 -17.92 26.86
C ARG C 695 2.54 -17.33 26.50
N VAL C 696 2.68 -16.00 26.61
CA VAL C 696 3.98 -15.37 26.39
C VAL C 696 4.98 -15.89 27.40
N ARG C 697 4.59 -15.95 28.67
CA ARG C 697 5.53 -16.35 29.72
C ARG C 697 5.92 -17.82 29.62
N LYS C 698 5.02 -18.68 29.16
CA LYS C 698 5.31 -20.10 29.10
C LYS C 698 5.90 -20.55 27.77
N SER C 699 5.95 -19.68 26.77
CA SER C 699 6.44 -20.05 25.46
C SER C 699 7.96 -19.98 25.35
N LYS C 700 8.65 -19.49 26.37
CA LYS C 700 10.11 -19.40 26.39
C LYS C 700 10.63 -18.59 25.21
N GLY C 701 9.91 -17.53 24.86
CA GLY C 701 10.34 -16.62 23.81
C GLY C 701 9.80 -16.91 22.44
N LYS C 702 8.87 -17.85 22.30
CA LYS C 702 8.35 -18.24 21.00
C LYS C 702 6.93 -17.75 20.76
N PHE C 703 6.44 -16.82 21.58
CA PHE C 703 5.14 -16.20 21.36
C PHE C 703 5.22 -14.74 21.75
N ALA C 704 4.68 -13.87 20.90
CA ALA C 704 4.61 -12.44 21.14
C ALA C 704 3.16 -12.01 21.12
N PHE C 705 2.77 -11.18 22.08
CA PHE C 705 1.39 -10.76 22.24
C PHE C 705 1.22 -9.32 21.77
N LEU C 706 0.22 -9.08 20.93
CA LEU C 706 -0.09 -7.73 20.47
C LEU C 706 -1.24 -7.19 21.29
N LEU C 707 -1.01 -6.09 21.98
CA LEU C 707 -2.02 -5.56 22.89
C LEU C 707 -1.81 -4.06 23.06
N GLU C 708 -2.73 -3.42 23.77
CA GLU C 708 -2.63 -1.98 23.98
C GLU C 708 -1.39 -1.65 24.79
N SER C 709 -0.77 -0.51 24.46
CA SER C 709 0.51 -0.15 25.06
C SER C 709 0.39 0.10 26.56
N THR C 710 -0.73 0.67 27.01
CA THR C 710 -0.90 0.94 28.43
C THR C 710 -0.93 -0.34 29.24
N MET C 711 -1.65 -1.35 28.75
CA MET C 711 -1.74 -2.60 29.49
C MET C 711 -0.43 -3.38 29.42
N ASN C 712 0.27 -3.28 28.30
CA ASN C 712 1.61 -3.85 28.19
C ASN C 712 2.55 -3.23 29.21
N GLU C 713 2.55 -1.90 29.33
CA GLU C 713 3.39 -1.22 30.30
C GLU C 713 3.00 -1.56 31.72
N TYR C 714 1.71 -1.78 31.98
CA TYR C 714 1.27 -2.16 33.32
C TYR C 714 1.74 -3.58 33.66
N ILE C 715 1.60 -4.52 32.73
CA ILE C 715 2.01 -5.90 32.98
C ILE C 715 3.52 -5.98 33.11
N GLU C 716 4.26 -5.10 32.43
CA GLU C 716 5.71 -5.11 32.52
C GLU C 716 6.20 -4.80 33.94
N GLN C 717 5.33 -4.26 34.80
CA GLN C 717 5.70 -3.88 36.15
C GLN C 717 5.14 -4.83 37.20
N ARG C 718 4.78 -6.05 36.81
CA ARG C 718 4.14 -6.99 37.71
C ARG C 718 4.99 -8.25 37.82
N LYS C 719 4.87 -8.94 38.95
CA LYS C 719 5.60 -10.18 39.15
C LYS C 719 5.16 -11.22 38.12
N PRO C 720 6.06 -12.08 37.63
CA PRO C 720 7.47 -12.23 38.02
C PRO C 720 8.43 -11.34 37.24
N CYS C 721 7.93 -10.31 36.57
CA CYS C 721 8.76 -9.33 35.87
C CYS C 721 9.55 -9.99 34.74
N ASP C 722 8.87 -10.82 33.94
CA ASP C 722 9.53 -11.58 32.87
C ASP C 722 9.02 -11.21 31.48
N THR C 723 8.28 -10.13 31.34
CA THR C 723 7.77 -9.68 30.06
C THR C 723 8.22 -8.25 29.80
N MET C 724 8.24 -7.86 28.53
CA MET C 724 8.69 -6.53 28.17
C MET C 724 8.02 -6.08 26.90
N LYS C 725 7.95 -4.77 26.73
CA LYS C 725 7.37 -4.12 25.56
C LYS C 725 8.50 -3.76 24.60
N VAL C 726 8.32 -4.10 23.33
CA VAL C 726 9.35 -3.87 22.32
C VAL C 726 8.75 -3.09 21.15
N GLY C 727 9.60 -2.34 20.46
CA GLY C 727 9.18 -1.57 19.31
C GLY C 727 8.36 -0.35 19.71
N GLY C 728 7.89 0.34 18.68
CA GLY C 728 6.95 1.43 18.89
C GLY C 728 5.52 0.97 18.72
N ASN C 729 4.60 1.90 18.97
CA ASN C 729 3.19 1.60 18.77
C ASN C 729 2.86 1.48 17.29
N LEU C 730 1.92 0.59 16.98
CA LEU C 730 1.51 0.39 15.60
C LEU C 730 0.44 1.37 15.15
N ASP C 731 -0.21 2.07 16.08
CA ASP C 731 -1.18 3.11 15.75
C ASP C 731 -1.25 4.10 16.90
N SER C 732 -2.20 5.02 16.82
CA SER C 732 -2.40 6.04 17.85
C SER C 732 -3.85 6.03 18.27
N LYS C 733 -4.08 5.92 19.57
CA LYS C 733 -5.41 5.89 20.18
C LYS C 733 -5.42 6.80 21.40
N GLY C 734 -6.60 7.15 21.86
CA GLY C 734 -6.73 7.91 23.09
C GLY C 734 -7.91 7.51 23.94
N TYR C 735 -7.72 7.50 25.26
CA TYR C 735 -8.80 7.26 26.20
C TYR C 735 -9.45 8.60 26.55
N GLY C 736 -10.77 8.64 26.50
CA GLY C 736 -11.49 9.87 26.79
C GLY C 736 -12.53 9.64 27.87
N VAL C 737 -12.93 10.75 28.49
CA VAL C 737 -14.03 10.75 29.45
C VAL C 737 -15.30 11.07 28.69
N ALA C 738 -16.32 10.24 28.85
CA ALA C 738 -17.50 10.25 28.00
C ALA C 738 -18.72 10.71 28.77
N THR C 739 -19.56 11.50 28.11
CA THR C 739 -20.78 12.05 28.65
C THR C 739 -21.89 11.88 27.63
N PRO C 740 -23.15 11.91 28.08
CA PRO C 740 -24.26 11.83 27.12
C PRO C 740 -24.24 13.01 26.16
N LYS C 741 -24.73 12.76 24.95
CA LYS C 741 -24.84 13.82 23.96
C LYS C 741 -25.74 14.93 24.47
N GLY C 742 -25.27 16.17 24.36
CA GLY C 742 -26.03 17.30 24.84
C GLY C 742 -26.00 17.52 26.33
N SER C 743 -25.13 16.82 27.06
CA SER C 743 -25.09 16.95 28.51
C SER C 743 -24.55 18.31 28.92
N ALA C 744 -25.05 18.81 30.04
CA ALA C 744 -24.57 20.06 30.61
C ALA C 744 -23.19 19.93 31.24
N LEU C 745 -22.67 18.72 31.38
CA LEU C 745 -21.37 18.49 31.97
C LEU C 745 -20.26 18.33 30.94
N GLY C 746 -20.58 18.31 29.64
CA GLY C 746 -19.56 18.00 28.65
C GLY C 746 -18.44 19.02 28.60
N THR C 747 -18.80 20.29 28.48
CA THR C 747 -17.78 21.34 28.45
C THR C 747 -17.03 21.46 29.77
N PRO C 748 -17.66 21.48 30.95
CA PRO C 748 -16.88 21.49 32.19
C PRO C 748 -15.94 20.31 32.32
N VAL C 749 -16.37 19.11 31.90
CA VAL C 749 -15.52 17.94 32.02
C VAL C 749 -14.35 18.02 31.05
N ASN C 750 -14.58 18.50 29.83
CA ASN C 750 -13.50 18.67 28.88
C ASN C 750 -12.47 19.65 29.40
N LEU C 751 -12.95 20.79 29.93
CA LEU C 751 -12.03 21.79 30.47
C LEU C 751 -11.30 21.27 31.70
N ALA C 752 -11.97 20.47 32.52
CA ALA C 752 -11.32 19.87 33.68
C ALA C 752 -10.21 18.92 33.28
N VAL C 753 -10.47 18.09 32.27
CA VAL C 753 -9.44 17.18 31.77
C VAL C 753 -8.26 17.98 31.25
N LEU C 754 -8.53 19.08 30.53
CA LEU C 754 -7.43 19.90 30.04
C LEU C 754 -6.64 20.53 31.19
N LYS C 755 -7.33 21.10 32.18
CA LYS C 755 -6.62 21.63 33.35
C LYS C 755 -5.74 20.56 33.98
N LEU C 756 -6.30 19.36 34.19
CA LEU C 756 -5.53 18.29 34.81
C LEU C 756 -4.32 17.92 33.95
N SER C 757 -4.46 18.01 32.63
CA SER C 757 -3.34 17.71 31.75
C SER C 757 -2.21 18.73 31.90
N GLU C 758 -2.53 20.02 31.82
CA GLU C 758 -1.47 21.04 31.98
C GLU C 758 -0.98 21.20 33.41
N GLN C 759 -1.68 20.70 34.43
CA GLN C 759 -1.12 20.71 35.77
C GLN C 759 -0.26 19.49 36.07
N GLY C 760 -0.14 18.56 35.13
CA GLY C 760 0.65 17.36 35.36
C GLY C 760 0.04 16.38 36.32
N ILE C 761 -1.27 16.45 36.55
CA ILE C 761 -1.92 15.54 37.48
C ILE C 761 -2.16 14.18 36.82
N LEU C 762 -2.49 14.19 35.51
CA LEU C 762 -2.62 12.94 34.78
C LEU C 762 -1.31 12.17 34.78
N ASP C 763 -0.20 12.87 34.55
CA ASP C 763 1.11 12.23 34.55
C ASP C 763 1.46 11.65 35.91
N LYS C 764 1.20 12.39 36.99
CA LYS C 764 1.56 11.87 38.30
C LYS C 764 0.63 10.72 38.71
N LEU C 765 -0.63 10.73 38.28
CA LEU C 765 -1.50 9.60 38.54
C LEU C 765 -1.03 8.36 37.80
N LYS C 766 -0.63 8.51 36.53
CA LYS C 766 -0.13 7.38 35.79
C LYS C 766 1.16 6.84 36.41
N ASN C 767 2.04 7.74 36.87
CA ASN C 767 3.25 7.32 37.55
C ASN C 767 2.92 6.58 38.84
N LYS C 768 1.92 7.08 39.58
CA LYS C 768 1.54 6.46 40.83
C LYS C 768 1.01 5.05 40.62
N TRP C 769 0.15 4.86 39.63
CA TRP C 769 -0.53 3.59 39.46
C TRP C 769 0.21 2.64 38.53
N TRP C 770 1.27 3.07 37.87
CA TRP C 770 2.07 2.20 37.02
C TRP C 770 3.44 1.87 37.62
N TYR C 771 4.15 2.87 38.15
CA TYR C 771 5.54 2.71 38.56
C TYR C 771 5.77 2.93 40.05
N ASP C 772 5.03 3.84 40.69
CA ASP C 772 5.18 4.02 42.13
C ASP C 772 4.67 2.80 42.88
N LYS C 773 3.61 2.18 42.36
CA LYS C 773 3.11 0.92 42.89
C LYS C 773 3.59 -0.28 42.08
N GLY C 774 4.50 -0.08 41.14
CA GLY C 774 5.07 -1.19 40.42
C GLY C 774 5.95 -2.05 41.31
N GLU C 775 5.96 -3.35 41.02
CA GLU C 775 6.69 -4.32 41.83
C GLU C 775 7.89 -4.91 41.09
N CYS C 776 8.40 -4.24 40.06
CA CYS C 776 9.62 -4.65 39.40
C CYS C 776 10.73 -3.61 39.50
N GLY C 777 10.46 -2.44 40.07
CA GLY C 777 11.47 -1.41 40.20
C GLY C 777 11.60 -0.56 38.96
N ALA C 778 12.44 0.48 39.04
CA ALA C 778 12.65 1.37 37.90
C ALA C 778 13.60 0.75 36.90
N SER C 788 30.66 -4.25 25.61
CA SER C 788 31.55 -4.71 24.55
C SER C 788 32.70 -5.54 25.08
N ALA C 789 33.42 -5.06 26.09
CA ALA C 789 34.58 -5.75 26.60
C ALA C 789 34.20 -7.11 27.18
N LEU C 790 35.09 -8.08 27.03
CA LEU C 790 34.88 -9.40 27.59
C LEU C 790 35.02 -9.32 29.11
N SER C 791 34.06 -9.88 29.83
CA SER C 791 34.00 -9.72 31.28
C SER C 791 34.73 -10.87 31.98
N LEU C 792 34.98 -10.67 33.27
CA LEU C 792 35.70 -11.67 34.06
C LEU C 792 34.90 -12.95 34.20
N SER C 793 33.58 -12.87 34.26
CA SER C 793 32.75 -14.06 34.34
C SER C 793 32.90 -14.95 33.13
N ASN C 794 33.30 -14.40 31.99
CA ASN C 794 33.51 -15.21 30.79
C ASN C 794 34.74 -16.09 30.89
N VAL C 795 35.72 -15.71 31.72
CA VAL C 795 36.97 -16.45 31.80
C VAL C 795 37.32 -16.76 33.25
N ALA C 796 36.32 -16.81 34.14
CA ALA C 796 36.60 -17.09 35.53
C ALA C 796 37.07 -18.51 35.75
N GLY C 797 36.60 -19.45 34.93
CA GLY C 797 36.96 -20.84 35.11
C GLY C 797 38.44 -21.11 34.92
N VAL C 798 39.06 -20.41 33.97
CA VAL C 798 40.48 -20.63 33.75
C VAL C 798 41.30 -20.04 34.90
N PHE C 799 40.80 -18.97 35.53
CA PHE C 799 41.43 -18.46 36.76
C PHE C 799 41.32 -19.49 37.88
N TYR C 800 40.15 -20.11 38.04
CA TYR C 800 39.99 -21.15 39.04
C TYR C 800 40.91 -22.32 38.78
N ILE C 801 41.04 -22.72 37.52
CA ILE C 801 41.93 -23.82 37.15
C ILE C 801 43.38 -23.47 37.46
N LEU C 802 43.79 -22.23 37.15
CA LEU C 802 45.15 -21.81 37.43
C LEU C 802 45.45 -21.83 38.92
N VAL C 803 44.54 -21.32 39.74
CA VAL C 803 44.79 -21.28 41.18
C VAL C 803 44.78 -22.70 41.76
N GLY C 804 43.89 -23.55 41.26
CA GLY C 804 43.91 -24.94 41.69
C GLY C 804 45.19 -25.65 41.31
N GLY C 805 45.72 -25.37 40.13
CA GLY C 805 46.99 -25.95 39.73
C GLY C 805 48.15 -25.45 40.57
N LEU C 806 48.13 -24.17 40.94
CA LEU C 806 49.16 -23.65 41.83
C LEU C 806 49.10 -24.34 43.19
N GLY C 807 47.89 -24.50 43.73
CA GLY C 807 47.75 -25.23 44.99
C GLY C 807 48.19 -26.67 44.90
N LEU C 808 47.89 -27.33 43.78
CA LEU C 808 48.30 -28.71 43.59
C LEU C 808 49.81 -28.83 43.51
N ALA C 809 50.47 -27.90 42.81
CA ALA C 809 51.93 -27.91 42.73
C ALA C 809 52.54 -27.69 44.11
N MET C 810 51.99 -26.76 44.89
CA MET C 810 52.47 -26.56 46.25
C MET C 810 52.32 -27.83 47.08
N MET C 811 51.17 -28.48 46.97
CA MET C 811 50.93 -29.70 47.74
C MET C 811 51.89 -30.81 47.35
N VAL C 812 52.14 -30.98 46.05
CA VAL C 812 53.06 -32.02 45.59
C VAL C 812 54.46 -31.76 46.10
N ALA C 813 54.93 -30.50 45.99
CA ALA C 813 56.26 -30.17 46.45
C ALA C 813 56.39 -30.38 47.96
N LEU C 814 55.38 -29.99 48.72
CA LEU C 814 55.45 -30.15 50.17
C LEU C 814 55.41 -31.62 50.57
N ILE C 815 54.62 -32.44 49.86
CA ILE C 815 54.58 -33.87 50.15
C ILE C 815 55.94 -34.51 49.88
N GLU C 816 56.56 -34.16 48.75
CA GLU C 816 57.89 -34.69 48.47
C GLU C 816 58.91 -34.24 49.51
N PHE C 817 58.82 -32.98 49.94
CA PHE C 817 59.73 -32.47 50.97
C PHE C 817 59.57 -33.24 52.28
N CYS C 818 58.31 -33.47 52.68
CA CYS C 818 58.07 -34.21 53.92
C CYS C 818 58.59 -35.65 53.81
N TYR C 819 58.38 -36.28 52.66
CA TYR C 819 58.84 -37.66 52.48
C TYR C 819 60.36 -37.73 52.57
N LYS C 820 61.06 -36.80 51.90
CA LYS C 820 62.51 -36.81 51.96
C LYS C 820 63.03 -36.44 53.34
N SER C 821 62.34 -35.58 54.07
CA SER C 821 62.74 -35.25 55.42
C SER C 821 62.62 -36.46 56.34
N ARG C 822 61.52 -37.21 56.22
CA ARG C 822 61.39 -38.45 56.98
C ARG C 822 62.47 -39.44 56.59
N ALA C 823 62.78 -39.53 55.29
CA ALA C 823 63.82 -40.45 54.84
C ALA C 823 65.18 -40.10 55.43
N GLU C 824 65.52 -38.81 55.46
CA GLU C 824 66.78 -38.41 56.09
C GLU C 824 66.78 -38.69 57.58
N SER C 825 65.67 -38.39 58.27
CA SER C 825 65.61 -38.62 59.71
C SER C 825 65.78 -40.10 60.03
N LYS C 826 65.23 -40.97 59.18
CA LYS C 826 65.42 -42.41 59.39
C LYS C 826 66.88 -42.82 59.16
N ARG C 827 67.50 -42.29 58.11
CA ARG C 827 68.91 -42.59 57.85
C ARG C 827 69.82 -41.66 58.65
N PHE D 1 -87.86 -20.86 1.40
CA PHE D 1 -86.84 -19.85 1.16
C PHE D 1 -87.39 -18.69 0.34
N PRO D 2 -87.14 -17.47 0.78
CA PRO D 2 -87.62 -16.30 0.03
C PRO D 2 -86.94 -16.18 -1.32
N ASN D 3 -87.68 -15.63 -2.28
CA ASN D 3 -87.14 -15.38 -3.61
C ASN D 3 -86.41 -14.06 -3.71
N THR D 4 -86.39 -13.26 -2.64
CA THR D 4 -85.71 -11.97 -2.66
C THR D 4 -85.28 -11.66 -1.23
N ILE D 5 -83.97 -11.58 -1.02
CA ILE D 5 -83.39 -11.27 0.29
C ILE D 5 -82.84 -9.86 0.25
N SER D 6 -83.23 -9.05 1.24
CA SER D 6 -82.79 -7.67 1.36
C SER D 6 -81.91 -7.52 2.58
N ILE D 7 -80.76 -6.86 2.40
CA ILE D 7 -79.83 -6.61 3.49
C ILE D 7 -79.76 -5.11 3.75
N GLY D 8 -79.14 -4.73 4.86
CA GLY D 8 -78.96 -3.33 5.20
C GLY D 8 -77.51 -2.93 5.05
N GLY D 9 -77.31 -1.64 4.80
CA GLY D 9 -75.97 -1.10 4.65
C GLY D 9 -75.81 0.17 5.45
N LEU D 10 -74.76 0.23 6.28
CA LEU D 10 -74.50 1.37 7.15
C LEU D 10 -73.14 1.97 6.76
N PHE D 11 -73.17 3.05 6.00
CA PHE D 11 -71.95 3.66 5.47
C PHE D 11 -71.72 5.00 6.15
N MET D 12 -70.56 5.16 6.76
CA MET D 12 -70.21 6.42 7.41
C MET D 12 -69.52 7.35 6.40
N ARG D 13 -68.98 8.46 6.90
CA ARG D 13 -68.35 9.44 6.03
C ARG D 13 -67.02 8.90 5.49
N ASN D 14 -66.63 9.44 4.34
CA ASN D 14 -65.39 9.04 3.65
C ASN D 14 -65.42 7.54 3.33
N THR D 15 -66.55 7.08 2.77
CA THR D 15 -66.70 5.70 2.34
C THR D 15 -67.35 5.66 0.95
N VAL D 16 -66.97 6.60 0.10
CA VAL D 16 -67.56 6.65 -1.24
C VAL D 16 -67.12 5.44 -2.07
N GLN D 17 -65.82 5.14 -2.05
CA GLN D 17 -65.32 3.99 -2.80
C GLN D 17 -65.88 2.68 -2.25
N GLU D 18 -66.03 2.58 -0.93
CA GLU D 18 -66.61 1.38 -0.34
C GLU D 18 -68.06 1.21 -0.77
N HIS D 19 -68.83 2.30 -0.80
CA HIS D 19 -70.21 2.22 -1.27
C HIS D 19 -70.27 1.83 -2.74
N SER D 20 -69.36 2.37 -3.55
CA SER D 20 -69.32 2.01 -4.97
C SER D 20 -69.00 0.53 -5.14
N ALA D 21 -68.04 0.01 -4.36
CA ALA D 21 -67.71 -1.41 -4.42
C ALA D 21 -68.87 -2.26 -3.96
N PHE D 22 -69.58 -1.84 -2.93
CA PHE D 22 -70.77 -2.54 -2.47
C PHE D 22 -71.80 -2.65 -3.58
N ARG D 23 -72.12 -1.52 -4.22
CA ARG D 23 -73.11 -1.53 -5.30
C ARG D 23 -72.64 -2.39 -6.46
N PHE D 24 -71.36 -2.28 -6.83
CA PHE D 24 -70.85 -3.05 -7.95
C PHE D 24 -70.88 -4.54 -7.68
N ALA D 25 -70.53 -4.95 -6.45
CA ALA D 25 -70.56 -6.36 -6.10
C ALA D 25 -71.98 -6.90 -6.11
N VAL D 26 -72.94 -6.13 -5.57
CA VAL D 26 -74.33 -6.56 -5.60
C VAL D 26 -74.82 -6.69 -7.03
N GLN D 27 -74.46 -5.72 -7.88
CA GLN D 27 -74.84 -5.80 -9.29
C GLN D 27 -74.22 -7.02 -9.97
N LEU D 28 -72.94 -7.28 -9.70
CA LEU D 28 -72.26 -8.43 -10.30
C LEU D 28 -72.94 -9.74 -9.89
N TYR D 29 -73.33 -9.85 -8.63
CA TYR D 29 -74.07 -11.03 -8.21
C TYR D 29 -75.43 -11.08 -8.88
N ASN D 30 -76.07 -9.92 -9.09
CA ASN D 30 -77.40 -9.88 -9.66
C ASN D 30 -77.40 -10.15 -11.17
N THR D 31 -76.36 -9.72 -11.88
CA THR D 31 -76.30 -9.92 -13.32
C THR D 31 -75.80 -11.30 -13.72
N ASN D 32 -75.45 -12.15 -12.76
CA ASN D 32 -75.04 -13.51 -13.08
C ASN D 32 -76.22 -14.26 -13.69
N GLN D 33 -75.97 -14.96 -14.79
CA GLN D 33 -77.02 -15.66 -15.52
C GLN D 33 -77.22 -17.10 -15.04
N ASN D 34 -76.26 -17.67 -14.34
CA ASN D 34 -76.40 -19.04 -13.86
C ASN D 34 -77.41 -19.10 -12.73
N THR D 35 -78.38 -20.01 -12.85
CA THR D 35 -79.38 -20.17 -11.81
C THR D 35 -78.81 -20.75 -10.52
N THR D 36 -77.83 -21.65 -10.62
CA THR D 36 -77.20 -22.19 -9.43
C THR D 36 -76.43 -21.11 -8.67
N GLU D 37 -75.71 -20.25 -9.40
CA GLU D 37 -74.96 -19.19 -8.75
C GLU D 37 -75.88 -18.08 -8.23
N LYS D 38 -77.04 -17.89 -8.85
CA LYS D 38 -78.01 -16.89 -8.42
C LYS D 38 -79.37 -17.57 -8.24
N PRO D 39 -79.59 -18.22 -7.08
CA PRO D 39 -80.90 -18.78 -6.79
C PRO D 39 -81.90 -17.81 -6.18
N PHE D 40 -81.48 -16.57 -5.92
CA PHE D 40 -82.36 -15.57 -5.34
C PHE D 40 -81.87 -14.18 -5.73
N HIS D 41 -82.75 -13.19 -5.57
CA HIS D 41 -82.40 -11.81 -5.80
C HIS D 41 -81.88 -11.19 -4.51
N LEU D 42 -80.93 -10.26 -4.66
CA LEU D 42 -80.30 -9.59 -3.52
C LEU D 42 -80.56 -8.09 -3.63
N ASN D 43 -81.19 -7.52 -2.61
CA ASN D 43 -81.45 -6.09 -2.53
C ASN D 43 -80.76 -5.50 -1.32
N TYR D 44 -80.57 -4.17 -1.36
CA TYR D 44 -79.89 -3.49 -0.28
C TYR D 44 -80.61 -2.20 0.06
N HIS D 45 -80.65 -1.88 1.35
CA HIS D 45 -81.14 -0.60 1.85
C HIS D 45 -79.97 0.13 2.49
N VAL D 46 -79.51 1.20 1.84
CA VAL D 46 -78.29 1.89 2.22
C VAL D 46 -78.65 3.14 3.01
N ASP D 47 -78.00 3.32 4.16
CA ASP D 47 -78.17 4.50 5.00
C ASP D 47 -76.78 5.01 5.40
N HIS D 48 -76.69 6.34 5.51
CA HIS D 48 -75.43 7.01 5.83
C HIS D 48 -75.47 7.48 7.29
N LEU D 49 -74.42 7.15 8.03
CA LEU D 49 -74.34 7.47 9.45
C LEU D 49 -73.59 8.78 9.68
N ASP D 50 -73.67 9.27 10.91
CA ASP D 50 -72.94 10.45 11.34
C ASP D 50 -71.71 10.13 12.16
N SER D 51 -71.75 9.05 12.95
CA SER D 51 -70.66 8.53 13.78
C SER D 51 -70.34 9.43 14.96
N SER D 52 -70.97 10.59 15.08
CA SER D 52 -70.80 11.45 16.23
C SER D 52 -72.09 11.68 17.00
N ASN D 53 -73.25 11.32 16.43
CA ASN D 53 -74.54 11.44 17.09
C ASN D 53 -75.10 10.03 17.23
N SER D 54 -75.06 9.50 18.46
CA SER D 54 -75.56 8.15 18.70
C SER D 54 -77.06 8.05 18.40
N PHE D 55 -77.79 9.14 18.58
CA PHE D 55 -79.22 9.14 18.27
C PHE D 55 -79.47 8.86 16.80
N SER D 56 -78.70 9.51 15.91
CA SER D 56 -78.87 9.29 14.48
C SER D 56 -78.46 7.87 14.08
N VAL D 57 -77.37 7.37 14.69
CA VAL D 57 -76.92 6.01 14.39
C VAL D 57 -78.00 5.00 14.80
N THR D 58 -78.57 5.19 15.98
CA THR D 58 -79.64 4.29 16.44
C THR D 58 -80.86 4.41 15.55
N ASN D 59 -81.20 5.62 15.11
CA ASN D 59 -82.34 5.79 14.21
C ASN D 59 -82.12 5.05 12.89
N ALA D 60 -80.93 5.17 12.31
CA ALA D 60 -80.66 4.48 11.05
C ALA D 60 -80.68 2.97 11.24
N PHE D 61 -80.07 2.47 12.31
CA PHE D 61 -80.07 1.04 12.57
C PHE D 61 -81.49 0.52 12.75
N CYS D 62 -82.32 1.26 13.49
CA CYS D 62 -83.69 0.81 13.74
C CYS D 62 -84.55 0.91 12.48
N SER D 63 -84.30 1.91 11.63
CA SER D 63 -85.01 1.97 10.36
C SER D 63 -84.67 0.78 9.48
N GLN D 64 -83.39 0.42 9.40
CA GLN D 64 -83.00 -0.76 8.64
C GLN D 64 -83.60 -2.03 9.23
N PHE D 65 -83.61 -2.14 10.56
CA PHE D 65 -84.18 -3.31 11.21
C PHE D 65 -85.69 -3.40 11.01
N SER D 66 -86.37 -2.26 10.99
CA SER D 66 -87.83 -2.26 10.84
C SER D 66 -88.26 -2.52 9.40
N ARG D 67 -87.52 -2.01 8.42
CA ARG D 67 -87.88 -2.28 7.03
C ARG D 67 -87.74 -3.76 6.69
N GLY D 68 -86.94 -4.50 7.47
CA GLY D 68 -86.83 -5.93 7.28
C GLY D 68 -85.57 -6.33 6.54
N VAL D 69 -84.55 -6.78 7.27
CA VAL D 69 -83.30 -7.21 6.69
C VAL D 69 -82.89 -8.53 7.32
N TYR D 70 -82.06 -9.29 6.59
CA TYR D 70 -81.51 -10.54 7.08
C TYR D 70 -80.08 -10.41 7.57
N ALA D 71 -79.33 -9.45 7.05
CA ALA D 71 -77.99 -9.15 7.52
C ALA D 71 -77.73 -7.66 7.32
N ILE D 72 -76.77 -7.13 8.07
CA ILE D 72 -76.45 -5.71 8.03
C ILE D 72 -74.94 -5.57 7.79
N PHE D 73 -74.57 -5.18 6.58
CA PHE D 73 -73.20 -4.81 6.26
C PHE D 73 -72.99 -3.35 6.63
N GLY D 74 -71.83 -3.04 7.17
CA GLY D 74 -71.59 -1.66 7.54
C GLY D 74 -70.20 -1.44 8.09
N PHE D 75 -69.95 -0.20 8.48
CA PHE D 75 -68.68 0.23 9.04
C PHE D 75 -68.92 0.89 10.40
N TYR D 76 -67.89 0.83 11.24
CA TYR D 76 -67.95 1.50 12.54
C TYR D 76 -66.56 2.00 12.90
N ASP D 77 -66.53 2.96 13.81
CA ASP D 77 -65.30 3.50 14.39
C ASP D 77 -65.38 3.40 15.91
N GLN D 78 -64.43 4.03 16.59
CA GLN D 78 -64.37 3.96 18.04
C GLN D 78 -65.58 4.61 18.71
N MET D 79 -66.31 5.48 17.99
CA MET D 79 -67.46 6.15 18.56
C MET D 79 -68.77 5.45 18.27
N SER D 80 -68.82 4.58 17.26
CA SER D 80 -70.04 3.88 16.89
C SER D 80 -69.93 2.36 16.97
N MET D 81 -68.78 1.83 17.43
CA MET D 81 -68.62 0.39 17.54
C MET D 81 -69.58 -0.19 18.58
N ASN D 82 -69.62 0.42 19.76
CA ASN D 82 -70.37 -0.17 20.87
C ASN D 82 -71.86 -0.26 20.58
N THR D 83 -72.44 0.81 20.04
CA THR D 83 -73.88 0.83 19.82
C THR D 83 -74.29 -0.23 18.80
N LEU D 84 -73.64 -0.24 17.63
CA LEU D 84 -73.98 -1.20 16.59
C LEU D 84 -73.73 -2.63 17.05
N THR D 85 -72.59 -2.87 17.70
CA THR D 85 -72.26 -4.21 18.15
C THR D 85 -73.26 -4.71 19.17
N SER D 86 -73.61 -3.86 20.16
CA SER D 86 -74.56 -4.27 21.19
C SER D 86 -75.94 -4.53 20.61
N PHE D 87 -76.40 -3.64 19.71
CA PHE D 87 -77.72 -3.84 19.12
C PHE D 87 -77.76 -5.11 18.27
N CYS D 88 -76.71 -5.36 17.49
CA CYS D 88 -76.67 -6.57 16.67
C CYS D 88 -76.63 -7.83 17.54
N GLY D 89 -75.85 -7.80 18.63
CA GLY D 89 -75.79 -8.94 19.51
C GLY D 89 -77.11 -9.20 20.23
N ALA D 90 -77.79 -8.14 20.67
CA ALA D 90 -79.03 -8.30 21.40
C ALA D 90 -80.18 -8.71 20.49
N LEU D 91 -80.25 -8.16 19.29
CA LEU D 91 -81.33 -8.45 18.36
C LEU D 91 -81.05 -9.65 17.47
N HIS D 92 -79.91 -10.31 17.66
CA HIS D 92 -79.54 -11.49 16.87
C HIS D 92 -79.52 -11.19 15.38
N THR D 93 -78.95 -10.04 15.03
CA THR D 93 -78.79 -9.63 13.64
C THR D 93 -77.30 -9.64 13.28
N SER D 94 -76.95 -10.36 12.23
CA SER D 94 -75.57 -10.46 11.82
C SER D 94 -75.06 -9.13 11.27
N PHE D 95 -73.84 -8.79 11.63
CA PHE D 95 -73.20 -7.53 11.19
C PHE D 95 -71.87 -7.88 10.54
N VAL D 96 -71.83 -7.93 9.22
CA VAL D 96 -70.62 -8.19 8.47
C VAL D 96 -69.92 -6.86 8.23
N THR D 97 -68.70 -6.72 8.75
CA THR D 97 -68.02 -5.43 8.71
C THR D 97 -66.57 -5.57 8.26
N PRO D 98 -66.10 -4.65 7.40
CA PRO D 98 -64.67 -4.58 7.09
C PRO D 98 -63.87 -3.78 8.10
N SER D 99 -64.50 -3.24 9.13
CA SER D 99 -63.82 -2.38 10.08
C SER D 99 -62.86 -3.19 10.96
N PHE D 100 -62.22 -2.51 11.89
CA PHE D 100 -61.26 -3.17 12.77
C PHE D 100 -61.95 -4.21 13.62
N PRO D 101 -61.30 -5.36 13.84
CA PRO D 101 -61.92 -6.40 14.69
C PRO D 101 -62.13 -5.90 16.12
N THR D 102 -63.24 -6.33 16.72
CA THR D 102 -63.55 -5.93 18.08
C THR D 102 -62.57 -6.56 19.05
N ASP D 103 -62.18 -5.79 20.07
CA ASP D 103 -61.22 -6.29 21.06
C ASP D 103 -61.83 -7.43 21.87
N ALA D 104 -63.09 -7.31 22.25
CA ALA D 104 -63.75 -8.32 23.08
C ALA D 104 -64.39 -9.39 22.22
N ASP D 105 -64.53 -10.58 22.80
CA ASP D 105 -65.18 -11.71 22.12
C ASP D 105 -66.69 -11.52 22.22
N VAL D 106 -67.30 -11.14 21.10
CA VAL D 106 -68.74 -10.90 21.05
C VAL D 106 -69.31 -11.59 19.83
N GLN D 107 -70.61 -11.88 19.89
CA GLN D 107 -71.30 -12.68 18.89
C GLN D 107 -72.08 -11.80 17.92
N PHE D 108 -72.59 -12.46 16.87
CA PHE D 108 -73.48 -11.84 15.89
C PHE D 108 -72.81 -10.68 15.16
N VAL D 109 -71.50 -10.76 14.97
CA VAL D 109 -70.76 -9.77 14.19
C VAL D 109 -69.53 -10.45 13.61
N ILE D 110 -69.33 -10.26 12.31
CA ILE D 110 -68.24 -10.90 11.57
C ILE D 110 -67.30 -9.80 11.09
N GLN D 111 -66.13 -9.73 11.69
CA GLN D 111 -65.10 -8.76 11.33
C GLN D 111 -64.14 -9.46 10.38
N MET D 112 -64.37 -9.29 9.08
CA MET D 112 -63.50 -9.92 8.09
C MET D 112 -62.35 -9.00 7.66
N ARG D 113 -61.68 -8.46 8.66
CA ARG D 113 -60.42 -7.74 8.46
C ARG D 113 -59.35 -8.50 9.23
N PRO D 114 -58.40 -9.15 8.55
CA PRO D 114 -57.42 -9.99 9.25
C PRO D 114 -56.63 -9.20 10.27
N ALA D 115 -56.40 -9.82 11.43
CA ALA D 115 -55.68 -9.16 12.50
C ALA D 115 -54.18 -9.09 12.19
N LEU D 116 -53.59 -7.93 12.38
CA LEU D 116 -52.16 -7.73 12.15
C LEU D 116 -51.31 -8.18 13.33
N LYS D 117 -51.93 -8.61 14.43
CA LYS D 117 -51.20 -8.96 15.64
C LYS D 117 -50.15 -10.04 15.38
N GLY D 118 -50.57 -11.15 14.79
CA GLY D 118 -49.65 -12.25 14.55
C GLY D 118 -48.55 -11.88 13.57
N ALA D 119 -48.91 -11.18 12.50
CA ALA D 119 -47.91 -10.76 11.52
C ALA D 119 -46.90 -9.81 12.13
N ILE D 120 -47.38 -8.84 12.93
CA ILE D 120 -46.47 -7.89 13.57
C ILE D 120 -45.52 -8.62 14.52
N LEU D 121 -46.07 -9.54 15.33
CA LEU D 121 -45.22 -10.26 16.28
C LEU D 121 -44.18 -11.11 15.55
N SER D 122 -44.60 -11.80 14.48
CA SER D 122 -43.66 -12.63 13.73
C SER D 122 -42.58 -11.79 13.07
N LEU D 123 -42.94 -10.63 12.53
CA LEU D 123 -41.95 -9.76 11.90
C LEU D 123 -40.98 -9.21 12.94
N LEU D 124 -41.48 -8.85 14.13
CA LEU D 124 -40.60 -8.39 15.19
C LEU D 124 -39.63 -9.49 15.62
N SER D 125 -40.13 -10.73 15.72
CA SER D 125 -39.25 -11.84 16.09
C SER D 125 -38.23 -12.14 15.00
N TYR D 126 -38.63 -12.02 13.73
CA TYR D 126 -37.73 -12.36 12.64
C TYR D 126 -36.68 -11.27 12.40
N TYR D 127 -37.05 -10.01 12.60
CA TYR D 127 -36.15 -8.89 12.35
C TYR D 127 -35.26 -8.55 13.54
N LYS D 128 -35.36 -9.30 14.65
CA LYS D 128 -34.57 -9.04 15.85
C LYS D 128 -34.82 -7.63 16.39
N TRP D 129 -36.09 -7.25 16.44
CA TRP D 129 -36.48 -5.94 16.98
C TRP D 129 -36.62 -6.04 18.51
N GLU D 130 -35.46 -6.14 19.17
CA GLU D 130 -35.44 -6.21 20.62
C GLU D 130 -35.58 -4.84 21.27
N LYS D 131 -35.42 -3.77 20.50
CA LYS D 131 -35.60 -2.41 21.01
C LYS D 131 -36.15 -1.56 19.87
N PHE D 132 -37.31 -0.94 20.10
CA PHE D 132 -37.94 -0.11 19.08
C PHE D 132 -38.92 0.83 19.77
N VAL D 133 -39.35 1.85 19.02
CA VAL D 133 -40.28 2.86 19.51
C VAL D 133 -41.65 2.57 18.91
N TYR D 134 -42.64 2.33 19.76
CA TYR D 134 -43.98 1.97 19.34
C TYR D 134 -44.87 3.21 19.43
N LEU D 135 -45.14 3.83 18.30
CA LEU D 135 -46.01 4.99 18.21
C LEU D 135 -47.40 4.51 17.84
N TYR D 136 -48.35 4.66 18.77
CA TYR D 136 -49.66 4.05 18.58
C TYR D 136 -50.77 5.04 18.88
N ASP D 137 -51.92 4.81 18.24
CA ASP D 137 -53.17 5.49 18.58
C ASP D 137 -54.24 4.44 18.77
N THR D 138 -55.30 4.81 19.50
CA THR D 138 -56.35 3.88 19.91
C THR D 138 -57.60 4.00 19.05
N GLU D 139 -57.45 4.31 17.77
CA GLU D 139 -58.58 4.45 16.86
C GLU D 139 -58.96 3.16 16.16
N ARG D 140 -58.20 2.07 16.38
CA ARG D 140 -58.52 0.77 15.78
C ARG D 140 -58.54 -0.35 16.81
N GLY D 141 -58.63 -0.01 18.09
CA GLY D 141 -58.68 -1.00 19.15
C GLY D 141 -57.41 -1.00 19.98
N PHE D 142 -57.40 -1.88 20.98
CA PHE D 142 -56.29 -2.02 21.91
C PHE D 142 -55.60 -3.37 21.79
N SER D 143 -55.97 -4.20 20.82
CA SER D 143 -55.40 -5.55 20.71
C SER D 143 -53.92 -5.49 20.40
N VAL D 144 -53.52 -4.65 19.45
CA VAL D 144 -52.12 -4.59 19.04
C VAL D 144 -51.25 -4.06 20.18
N LEU D 145 -51.73 -3.02 20.88
CA LEU D 145 -50.95 -2.44 21.97
C LEU D 145 -50.76 -3.46 23.10
N GLN D 146 -51.84 -4.16 23.46
CA GLN D 146 -51.75 -5.18 24.51
C GLN D 146 -50.82 -6.31 24.11
N ALA D 147 -50.90 -6.72 22.84
CA ALA D 147 -50.01 -7.77 22.35
C ALA D 147 -48.55 -7.34 22.41
N ILE D 148 -48.27 -6.09 22.02
CA ILE D 148 -46.91 -5.58 22.08
C ILE D 148 -46.39 -5.54 23.51
N MET D 149 -47.24 -5.10 24.44
CA MET D 149 -46.84 -5.09 25.85
C MET D 149 -46.55 -6.50 26.35
N GLU D 150 -47.43 -7.45 26.05
CA GLU D 150 -47.23 -8.82 26.51
C GLU D 150 -45.97 -9.43 25.91
N ALA D 151 -45.73 -9.20 24.62
CA ALA D 151 -44.53 -9.72 23.98
C ALA D 151 -43.27 -9.08 24.56
N ALA D 152 -43.33 -7.79 24.87
CA ALA D 152 -42.19 -7.13 25.50
C ALA D 152 -41.90 -7.71 26.87
N VAL D 153 -42.94 -7.99 27.64
CA VAL D 153 -42.74 -8.58 28.97
C VAL D 153 -42.15 -9.99 28.84
N GLN D 154 -42.68 -10.80 27.92
CA GLN D 154 -42.23 -12.18 27.80
C GLN D 154 -40.80 -12.25 27.26
N ASN D 155 -40.50 -11.48 26.22
CA ASN D 155 -39.21 -11.56 25.53
C ASN D 155 -38.19 -10.57 26.07
N ASN D 156 -38.53 -9.81 27.12
CA ASN D 156 -37.62 -8.84 27.72
C ASN D 156 -37.17 -7.80 26.69
N TRP D 157 -38.13 -7.28 25.92
CA TRP D 157 -37.84 -6.25 24.93
C TRP D 157 -37.64 -4.91 25.62
N GLN D 158 -37.33 -3.89 24.82
CA GLN D 158 -37.10 -2.53 25.30
C GLN D 158 -38.00 -1.56 24.55
N VAL D 159 -39.28 -1.90 24.46
CA VAL D 159 -40.24 -1.09 23.72
C VAL D 159 -40.52 0.19 24.48
N THR D 160 -40.44 1.32 23.79
CA THR D 160 -40.80 2.62 24.32
C THR D 160 -42.10 3.03 23.62
N ALA D 161 -43.20 3.00 24.35
CA ALA D 161 -44.52 3.22 23.78
C ALA D 161 -44.96 4.67 23.95
N ARG D 162 -45.46 5.27 22.88
CA ARG D 162 -45.95 6.64 22.89
C ARG D 162 -47.31 6.69 22.23
N SER D 163 -48.28 7.28 22.92
CA SER D 163 -49.64 7.46 22.40
C SER D 163 -49.70 8.81 21.71
N VAL D 164 -49.75 8.79 20.37
CA VAL D 164 -49.77 10.00 19.56
C VAL D 164 -51.17 10.30 19.02
N GLY D 165 -52.20 9.64 19.55
CA GLY D 165 -53.55 9.89 19.05
C GLY D 165 -54.05 11.28 19.38
N ASN D 166 -53.70 11.80 20.55
CA ASN D 166 -54.18 13.09 21.02
C ASN D 166 -53.26 14.25 20.62
N ILE D 167 -52.20 13.97 19.88
CA ILE D 167 -51.26 15.01 19.47
C ILE D 167 -51.86 15.78 18.29
N LYS D 168 -51.94 17.10 18.44
CA LYS D 168 -52.48 17.97 17.39
C LYS D 168 -51.46 18.92 16.80
N ASP D 169 -50.25 18.99 17.36
CA ASP D 169 -49.20 19.87 16.88
C ASP D 169 -48.04 19.03 16.35
N VAL D 170 -47.58 19.36 15.15
CA VAL D 170 -46.45 18.64 14.55
C VAL D 170 -45.17 18.85 15.34
N GLN D 171 -45.07 19.95 16.10
CA GLN D 171 -43.88 20.16 16.92
C GLN D 171 -43.74 19.10 17.99
N GLU D 172 -44.85 18.56 18.50
CA GLU D 172 -44.79 17.44 19.42
C GLU D 172 -44.17 16.21 18.74
N PHE D 173 -44.57 15.94 17.49
CA PHE D 173 -43.96 14.85 16.75
C PHE D 173 -42.47 15.07 16.56
N ARG D 174 -42.07 16.29 16.19
CA ARG D 174 -40.65 16.57 16.00
C ARG D 174 -39.87 16.40 17.29
N ARG D 175 -40.43 16.85 18.41
CA ARG D 175 -39.77 16.69 19.71
C ARG D 175 -39.64 15.22 20.07
N ILE D 176 -40.68 14.43 19.82
CA ILE D 176 -40.61 13.00 20.12
C ILE D 176 -39.52 12.34 19.28
N ILE D 177 -39.48 12.66 17.98
CA ILE D 177 -38.47 12.05 17.11
C ILE D 177 -37.07 12.45 17.53
N GLU D 178 -36.86 13.73 17.88
CA GLU D 178 -35.55 14.17 18.33
C GLU D 178 -35.14 13.47 19.62
N GLU D 179 -36.08 13.35 20.57
CA GLU D 179 -35.78 12.66 21.82
C GLU D 179 -35.43 11.20 21.57
N MET D 180 -36.15 10.54 20.66
CA MET D 180 -35.86 9.14 20.38
C MET D 180 -34.52 8.96 19.69
N ASP D 181 -34.15 9.89 18.80
CA ASP D 181 -32.83 9.79 18.17
C ASP D 181 -31.71 10.14 19.14
N ARG D 182 -32.00 10.93 20.17
CA ARG D 182 -30.99 11.17 21.21
C ARG D 182 -30.61 9.88 21.93
N ARG D 183 -31.54 8.93 22.00
N ARG D 183 -31.54 8.93 22.00
CA ARG D 183 -31.27 7.63 22.61
CA ARG D 183 -31.28 7.62 22.61
C ARG D 183 -30.87 6.58 21.58
C ARG D 183 -30.86 6.58 21.58
N GLN D 184 -30.62 6.99 20.33
CA GLN D 184 -30.20 6.09 19.26
C GLN D 184 -31.23 5.00 19.01
N GLU D 185 -32.47 5.43 18.78
CA GLU D 185 -33.57 4.54 18.43
C GLU D 185 -33.74 4.56 16.91
N LYS D 186 -33.40 3.45 16.28
CA LYS D 186 -33.42 3.35 14.82
C LYS D 186 -34.63 2.61 14.27
N ARG D 187 -35.42 1.97 15.13
CA ARG D 187 -36.54 1.15 14.71
C ARG D 187 -37.83 1.74 15.26
N TYR D 188 -38.79 2.00 14.39
CA TYR D 188 -40.07 2.57 14.76
C TYR D 188 -41.19 1.68 14.24
N LEU D 189 -42.12 1.31 15.13
CA LEU D 189 -43.34 0.60 14.77
C LEU D 189 -44.50 1.58 14.95
N ILE D 190 -45.09 2.01 13.85
CA ILE D 190 -46.12 3.04 13.85
C ILE D 190 -47.45 2.35 13.58
N ASP D 191 -48.24 2.13 14.63
CA ASP D 191 -49.60 1.60 14.50
C ASP D 191 -50.57 2.76 14.66
N CYS D 192 -50.78 3.47 13.56
CA CYS D 192 -51.63 4.67 13.57
C CYS D 192 -52.46 4.69 12.29
N GLU D 193 -53.31 5.69 12.17
CA GLU D 193 -54.11 5.87 10.97
C GLU D 193 -53.25 6.35 9.82
N VAL D 194 -53.83 6.31 8.61
CA VAL D 194 -53.07 6.67 7.42
C VAL D 194 -52.63 8.13 7.47
N GLU D 195 -53.53 9.03 7.88
CA GLU D 195 -53.18 10.45 7.94
C GLU D 195 -52.13 10.72 9.01
N ARG D 196 -52.28 10.09 10.18
CA ARG D 196 -51.28 10.27 11.23
C ARG D 196 -49.92 9.70 10.82
N ILE D 197 -49.92 8.55 10.14
CA ILE D 197 -48.68 7.99 9.63
C ILE D 197 -48.05 8.94 8.62
N ASN D 198 -48.87 9.53 7.75
CA ASN D 198 -48.35 10.50 6.79
C ASN D 198 -47.73 11.71 7.49
N THR D 199 -48.38 12.19 8.55
CA THR D 199 -47.84 13.32 9.31
C THR D 199 -46.50 12.96 9.95
N ILE D 200 -46.42 11.78 10.56
CA ILE D 200 -45.18 11.35 11.19
C ILE D 200 -44.06 11.22 10.15
N LEU D 201 -44.39 10.67 8.98
CA LEU D 201 -43.39 10.55 7.92
C LEU D 201 -42.95 11.91 7.40
N GLU D 202 -43.87 12.87 7.29
CA GLU D 202 -43.48 14.22 6.93
C GLU D 202 -42.53 14.81 7.94
N GLN D 203 -42.79 14.58 9.24
CA GLN D 203 -41.90 15.10 10.26
C GLN D 203 -40.53 14.44 10.23
N VAL D 204 -40.47 13.12 10.00
CA VAL D 204 -39.16 12.47 9.94
C VAL D 204 -38.40 12.90 8.69
N VAL D 205 -39.12 13.21 7.61
CA VAL D 205 -38.45 13.73 6.42
C VAL D 205 -37.91 15.13 6.69
N ILE D 206 -38.70 15.97 7.36
CA ILE D 206 -38.26 17.33 7.68
C ILE D 206 -37.03 17.28 8.58
N LEU D 207 -37.04 16.43 9.60
CA LEU D 207 -35.91 16.28 10.50
C LEU D 207 -34.76 15.51 9.86
N GLY D 208 -34.95 14.95 8.67
CA GLY D 208 -33.90 14.16 8.04
C GLY D 208 -33.73 12.79 8.64
N LYS D 209 -34.75 12.28 9.33
CA LYS D 209 -34.67 10.98 9.99
C LYS D 209 -35.14 9.87 9.05
N HIS D 210 -34.58 9.85 7.85
CA HIS D 210 -35.02 8.90 6.83
C HIS D 210 -33.85 8.36 6.01
N SER D 211 -32.65 8.35 6.57
CA SER D 211 -31.48 7.82 5.87
C SER D 211 -31.49 6.30 5.93
N ARG D 212 -30.44 5.67 5.42
CA ARG D 212 -30.39 4.22 5.33
C ARG D 212 -30.30 3.55 6.69
N GLY D 213 -30.02 4.30 7.76
CA GLY D 213 -29.85 3.75 9.08
C GLY D 213 -31.11 3.62 9.91
N TYR D 214 -32.28 3.87 9.32
CA TYR D 214 -33.54 3.83 10.05
C TYR D 214 -34.50 2.82 9.40
N HIS D 215 -35.30 2.18 10.24
CA HIS D 215 -36.29 1.20 9.80
C HIS D 215 -37.65 1.59 10.36
N TYR D 216 -38.65 1.67 9.47
CA TYR D 216 -40.02 1.99 9.85
C TYR D 216 -40.94 0.86 9.43
N MET D 217 -41.67 0.30 10.39
CA MET D 217 -42.65 -0.76 10.15
C MET D 217 -44.03 -0.17 10.32
N LEU D 218 -44.75 -0.02 9.20
CA LEU D 218 -46.08 0.58 9.20
C LEU D 218 -47.10 -0.51 9.49
N ALA D 219 -47.63 -0.52 10.72
CA ALA D 219 -48.60 -1.53 11.14
C ALA D 219 -50.01 -1.05 10.80
N ASN D 220 -50.31 -1.08 9.50
CA ASN D 220 -51.60 -0.62 9.00
C ASN D 220 -51.83 -1.19 7.62
N LEU D 221 -52.93 -1.92 7.44
CA LEU D 221 -53.35 -2.31 6.11
C LEU D 221 -53.74 -1.08 5.31
N GLY D 222 -53.32 -1.04 4.05
CA GLY D 222 -53.46 0.17 3.26
C GLY D 222 -52.11 0.73 2.88
N PHE D 223 -51.15 -0.18 2.66
CA PHE D 223 -49.78 0.24 2.34
C PHE D 223 -49.73 1.10 1.09
N THR D 224 -50.69 0.95 0.18
CA THR D 224 -50.73 1.75 -1.04
C THR D 224 -51.32 3.13 -0.82
N ASP D 225 -51.96 3.38 0.33
CA ASP D 225 -52.57 4.67 0.61
C ASP D 225 -51.66 5.59 1.41
N ILE D 226 -50.43 5.18 1.69
CA ILE D 226 -49.48 5.97 2.47
C ILE D 226 -48.48 6.61 1.53
N LEU D 227 -48.26 7.92 1.71
CA LEU D 227 -47.29 8.66 0.92
C LEU D 227 -45.89 8.26 1.38
N LEU D 228 -45.14 7.60 0.50
CA LEU D 228 -43.85 7.02 0.85
C LEU D 228 -42.75 7.39 -0.14
N GLU D 229 -42.99 8.35 -1.03
CA GLU D 229 -42.01 8.65 -2.08
C GLU D 229 -40.73 9.25 -1.50
N ARG D 230 -40.86 10.26 -0.64
CA ARG D 230 -39.68 10.93 -0.10
C ARG D 230 -38.90 10.02 0.82
N VAL D 231 -39.58 9.23 1.65
CA VAL D 231 -38.90 8.26 2.51
C VAL D 231 -38.21 7.20 1.66
N MET D 232 -38.85 6.81 0.55
CA MET D 232 -38.21 5.89 -0.39
C MET D 232 -36.91 6.48 -0.94
N HIS D 233 -36.96 7.75 -1.36
CA HIS D 233 -35.76 8.38 -1.91
C HIS D 233 -34.69 8.57 -0.86
N GLY D 234 -35.08 8.68 0.41
CA GLY D 234 -34.10 8.81 1.48
C GLY D 234 -33.25 7.56 1.65
N GLY D 235 -33.87 6.39 1.50
CA GLY D 235 -33.15 5.13 1.63
C GLY D 235 -33.45 4.34 2.89
N ALA D 236 -34.44 4.75 3.69
CA ALA D 236 -34.77 4.03 4.91
C ALA D 236 -35.59 2.78 4.60
N ASN D 237 -35.41 1.75 5.43
CA ASN D 237 -36.17 0.53 5.27
C ASN D 237 -37.63 0.75 5.62
N ILE D 238 -38.52 0.20 4.80
CA ILE D 238 -39.95 0.33 4.98
C ILE D 238 -40.59 -1.05 4.90
N THR D 239 -41.34 -1.42 5.93
CA THR D 239 -42.05 -2.70 5.97
C THR D 239 -43.54 -2.42 6.08
N GLY D 240 -44.32 -3.07 5.21
CA GLY D 240 -45.76 -2.88 5.21
C GLY D 240 -46.48 -4.21 5.06
N PHE D 241 -47.77 -4.18 5.34
CA PHE D 241 -48.63 -5.35 5.28
C PHE D 241 -49.80 -5.09 4.35
N GLN D 242 -50.15 -6.10 3.55
CA GLN D 242 -51.26 -5.99 2.62
C GLN D 242 -52.05 -7.29 2.62
N ILE D 243 -53.30 -7.20 2.18
CA ILE D 243 -54.17 -8.37 2.06
C ILE D 243 -54.68 -8.59 0.64
N VAL D 244 -54.46 -7.65 -0.26
CA VAL D 244 -54.92 -7.75 -1.64
C VAL D 244 -53.72 -7.96 -2.55
N ASN D 245 -53.78 -8.98 -3.39
CA ASN D 245 -52.71 -9.33 -4.30
C ASN D 245 -53.09 -8.88 -5.71
N ASN D 246 -52.27 -8.03 -6.32
CA ASN D 246 -52.54 -7.54 -7.66
C ASN D 246 -52.37 -8.62 -8.72
N GLU D 247 -51.56 -9.65 -8.45
CA GLU D 247 -51.38 -10.74 -9.40
C GLU D 247 -52.44 -11.82 -9.26
N ASN D 248 -53.35 -11.69 -8.30
CA ASN D 248 -54.44 -12.65 -8.16
C ASN D 248 -55.38 -12.52 -9.34
N PRO D 249 -55.70 -13.62 -10.05
CA PRO D 249 -56.59 -13.50 -11.22
C PRO D 249 -57.95 -12.90 -10.91
N MET D 250 -58.53 -13.21 -9.75
CA MET D 250 -59.81 -12.62 -9.38
C MET D 250 -59.69 -11.12 -9.20
N VAL D 251 -58.63 -10.66 -8.52
CA VAL D 251 -58.42 -9.22 -8.36
C VAL D 251 -58.17 -8.57 -9.71
N GLN D 252 -57.42 -9.25 -10.58
CA GLN D 252 -57.16 -8.70 -11.92
C GLN D 252 -58.45 -8.53 -12.70
N GLN D 253 -59.32 -9.53 -12.67
CA GLN D 253 -60.61 -9.42 -13.37
C GLN D 253 -61.49 -8.34 -12.76
N PHE D 254 -61.51 -8.23 -11.42
CA PHE D 254 -62.30 -7.21 -10.78
C PHE D 254 -61.81 -5.81 -11.15
N ILE D 255 -60.50 -5.61 -11.20
CA ILE D 255 -59.95 -4.32 -11.61
C ILE D 255 -60.26 -4.05 -13.08
N GLN D 256 -60.16 -5.07 -13.93
CA GLN D 256 -60.44 -4.88 -15.35
C GLN D 256 -61.89 -4.46 -15.59
N ARG D 257 -62.83 -5.08 -14.86
CA ARG D 257 -64.22 -4.69 -14.99
C ARG D 257 -64.60 -3.53 -14.09
N TRP D 258 -63.67 -3.03 -13.28
CA TRP D 258 -63.97 -2.02 -12.27
C TRP D 258 -63.49 -0.62 -12.67
N VAL D 259 -62.47 -0.53 -13.52
CA VAL D 259 -61.95 0.76 -13.95
C VAL D 259 -62.67 1.21 -15.22
N ARG D 260 -63.66 0.44 -15.65
CA ARG D 260 -64.47 0.75 -16.82
C ARG D 260 -65.93 0.98 -16.42
N LEU D 261 -66.14 1.70 -15.33
CA LEU D 261 -67.47 2.01 -14.82
C LEU D 261 -67.72 3.52 -14.89
N ASP D 262 -68.98 3.88 -15.08
CA ASP D 262 -69.34 5.29 -15.19
C ASP D 262 -69.01 6.03 -13.89
N GLU D 263 -68.35 7.19 -14.04
CA GLU D 263 -67.97 7.97 -12.87
C GLU D 263 -69.18 8.51 -12.13
N ARG D 264 -70.20 8.98 -12.87
CA ARG D 264 -71.39 9.53 -12.23
C ARG D 264 -72.24 8.47 -11.55
N GLU D 265 -72.07 7.20 -11.92
CA GLU D 265 -72.82 6.11 -11.31
C GLU D 265 -72.01 5.35 -10.26
N PHE D 266 -70.69 5.25 -10.44
CA PHE D 266 -69.80 4.61 -9.48
C PHE D 266 -68.68 5.58 -9.16
N PRO D 267 -68.92 6.54 -8.27
CA PRO D 267 -67.91 7.55 -7.95
C PRO D 267 -66.68 6.94 -7.29
N GLU D 268 -65.55 7.62 -7.47
CA GLU D 268 -64.29 7.29 -6.82
C GLU D 268 -63.78 5.90 -7.23
N ALA D 269 -64.08 5.48 -8.47
CA ALA D 269 -63.73 4.15 -8.94
C ALA D 269 -62.62 4.18 -9.99
N LYS D 270 -62.80 4.97 -11.05
CA LYS D 270 -61.85 4.94 -12.16
C LYS D 270 -60.55 5.65 -11.83
N ASN D 271 -60.63 6.95 -11.55
CA ASN D 271 -59.44 7.77 -11.28
C ASN D 271 -59.12 7.76 -9.79
N ALA D 272 -58.94 6.56 -9.24
CA ALA D 272 -58.66 6.38 -7.83
C ALA D 272 -58.10 4.99 -7.56
N PRO D 273 -57.06 4.88 -6.73
CA PRO D 273 -56.56 3.55 -6.36
C PRO D 273 -57.58 2.79 -5.52
N LEU D 274 -57.55 1.46 -5.66
CA LEU D 274 -58.50 0.60 -4.97
C LEU D 274 -58.05 0.39 -3.53
N LYS D 275 -58.86 0.86 -2.58
CA LYS D 275 -58.56 0.62 -1.18
C LYS D 275 -58.87 -0.83 -0.81
N TYR D 276 -58.18 -1.32 0.22
CA TYR D 276 -58.40 -2.69 0.67
C TYR D 276 -59.79 -2.87 1.26
N THR D 277 -60.39 -1.78 1.77
CA THR D 277 -61.75 -1.87 2.29
C THR D 277 -62.75 -2.19 1.19
N SER D 278 -62.51 -1.72 -0.03
CA SER D 278 -63.37 -2.10 -1.16
C SER D 278 -63.29 -3.59 -1.44
N ALA D 279 -62.08 -4.15 -1.40
CA ALA D 279 -61.92 -5.59 -1.57
C ALA D 279 -62.62 -6.35 -0.45
N LEU D 280 -62.52 -5.85 0.78
CA LEU D 280 -63.25 -6.47 1.89
C LEU D 280 -64.75 -6.39 1.68
N THR D 281 -65.26 -5.29 1.13
CA THR D 281 -66.68 -5.17 0.85
C THR D 281 -67.12 -6.18 -0.21
N HIS D 282 -66.34 -6.31 -1.29
CA HIS D 282 -66.66 -7.29 -2.32
C HIS D 282 -66.65 -8.70 -1.75
N ASP D 283 -65.64 -9.02 -0.95
CA ASP D 283 -65.56 -10.36 -0.35
C ASP D 283 -66.68 -10.57 0.67
N ALA D 284 -67.14 -9.51 1.32
CA ALA D 284 -68.29 -9.62 2.23
C ALA D 284 -69.57 -9.93 1.46
N ILE D 285 -69.74 -9.30 0.30
CA ILE D 285 -70.87 -9.63 -0.56
C ILE D 285 -70.79 -11.09 -0.99
N LEU D 286 -69.59 -11.55 -1.34
CA LEU D 286 -69.41 -12.96 -1.70
C LEU D 286 -69.75 -13.87 -0.54
N VAL D 287 -69.32 -13.51 0.67
CA VAL D 287 -69.59 -14.33 1.86
C VAL D 287 -71.08 -14.41 2.13
N ILE D 288 -71.78 -13.26 2.04
CA ILE D 288 -73.21 -13.24 2.29
C ILE D 288 -73.93 -14.11 1.26
N ALA D 289 -73.56 -13.97 -0.01
CA ALA D 289 -74.18 -14.77 -1.05
C ALA D 289 -73.95 -16.26 -0.83
N GLU D 290 -72.72 -16.63 -0.46
CA GLU D 290 -72.41 -18.04 -0.21
C GLU D 290 -73.20 -18.58 0.98
N ALA D 291 -73.29 -17.79 2.06
CA ALA D 291 -74.00 -18.25 3.24
C ALA D 291 -75.48 -18.44 2.96
N PHE D 292 -76.10 -17.49 2.24
CA PHE D 292 -77.52 -17.65 1.95
C PHE D 292 -77.77 -18.75 0.92
N ARG D 293 -76.84 -18.96 0.00
CA ARG D 293 -76.94 -20.10 -0.92
C ARG D 293 -76.89 -21.42 -0.15
N TYR D 294 -75.99 -21.51 0.84
CA TYR D 294 -75.93 -22.70 1.69
C TYR D 294 -77.22 -22.87 2.48
N LEU D 295 -77.78 -21.77 2.99
CA LEU D 295 -79.03 -21.85 3.74
C LEU D 295 -80.17 -22.36 2.86
N ARG D 296 -80.23 -21.88 1.61
CA ARG D 296 -81.23 -22.40 0.68
C ARG D 296 -80.98 -23.87 0.36
N ARG D 297 -79.71 -24.26 0.23
CA ARG D 297 -79.38 -25.64 -0.11
C ARG D 297 -79.85 -26.61 0.97
N GLN D 298 -79.69 -26.23 2.24
CA GLN D 298 -80.07 -27.09 3.35
C GLN D 298 -81.54 -26.99 3.72
N ARG D 299 -82.33 -26.21 2.98
CA ARG D 299 -83.76 -26.03 3.24
C ARG D 299 -84.01 -25.53 4.66
N VAL D 300 -83.16 -24.62 5.12
CA VAL D 300 -83.32 -24.00 6.44
C VAL D 300 -84.38 -22.92 6.33
N ASP D 301 -85.37 -22.99 7.22
CA ASP D 301 -86.48 -22.04 7.21
C ASP D 301 -86.01 -20.72 7.80
N VAL D 302 -85.71 -19.75 6.94
CA VAL D 302 -85.32 -18.41 7.35
C VAL D 302 -86.26 -17.42 6.68
N SER D 303 -86.78 -16.47 7.46
CA SER D 303 -87.69 -15.46 6.95
C SER D 303 -87.82 -14.28 7.91
N ALA D 308 -90.27 -6.44 10.95
CA ALA D 308 -89.52 -7.30 11.86
C ALA D 308 -89.73 -6.89 13.31
N GLY D 309 -90.37 -5.75 13.51
CA GLY D 309 -90.64 -5.24 14.84
C GLY D 309 -89.93 -3.94 15.14
N ASP D 310 -89.47 -3.78 16.38
CA ASP D 310 -88.77 -2.58 16.82
C ASP D 310 -87.55 -2.97 17.64
N CYS D 311 -86.58 -2.06 17.70
CA CYS D 311 -85.35 -2.31 18.43
C CYS D 311 -85.63 -2.47 19.93
N LEU D 312 -86.20 -1.42 20.53
CA LEU D 312 -86.28 -1.29 21.98
C LEU D 312 -87.59 -1.89 22.47
N ALA D 313 -87.59 -3.21 22.65
CA ALA D 313 -88.72 -3.93 23.22
C ALA D 313 -88.33 -4.51 24.57
N ASN D 314 -89.24 -4.40 25.52
CA ASN D 314 -89.02 -4.91 26.88
C ASN D 314 -90.06 -5.98 27.18
N PRO D 315 -89.66 -7.26 27.23
CA PRO D 315 -88.31 -7.80 27.00
C PRO D 315 -87.97 -7.90 25.51
N ALA D 316 -86.69 -7.84 25.16
CA ALA D 316 -86.27 -7.92 23.76
C ALA D 316 -86.16 -9.38 23.36
N VAL D 317 -87.18 -9.89 22.67
CA VAL D 317 -87.20 -11.27 22.19
C VAL D 317 -86.49 -11.30 20.84
N PRO D 318 -85.48 -12.14 20.65
CA PRO D 318 -84.82 -12.22 19.35
C PRO D 318 -85.54 -13.18 18.40
N TRP D 319 -85.52 -12.82 17.13
CA TRP D 319 -86.08 -13.67 16.09
C TRP D 319 -85.17 -14.88 15.87
N SER D 320 -85.77 -16.08 15.97
CA SER D 320 -85.04 -17.32 16.18
C SER D 320 -84.18 -17.75 15.00
N GLN D 321 -84.43 -17.22 13.80
CA GLN D 321 -83.66 -17.63 12.64
C GLN D 321 -82.27 -16.99 12.58
N GLY D 322 -81.97 -16.06 13.49
CA GLY D 322 -80.66 -15.42 13.49
C GLY D 322 -79.53 -16.38 13.81
N ILE D 323 -79.79 -17.38 14.65
CA ILE D 323 -78.75 -18.34 15.00
C ILE D 323 -78.28 -19.08 13.76
N ASP D 324 -79.21 -19.56 12.94
CA ASP D 324 -78.86 -20.30 11.74
C ASP D 324 -78.11 -19.42 10.74
N ILE D 325 -78.55 -18.17 10.58
CA ILE D 325 -77.89 -17.27 9.65
C ILE D 325 -76.46 -16.98 10.10
N GLU D 326 -76.27 -16.74 11.40
CA GLU D 326 -74.93 -16.49 11.93
C GLU D 326 -74.04 -17.71 11.75
N ARG D 327 -74.58 -18.91 12.04
CA ARG D 327 -73.80 -20.13 11.88
C ARG D 327 -73.40 -20.35 10.42
N ALA D 328 -74.33 -20.09 9.49
CA ALA D 328 -74.01 -20.23 8.08
C ALA D 328 -72.96 -19.21 7.65
N LEU D 329 -73.05 -17.98 8.17
CA LEU D 329 -72.06 -16.96 7.81
C LEU D 329 -70.70 -17.26 8.40
N LYS D 330 -70.64 -18.02 9.50
CA LYS D 330 -69.37 -18.30 10.15
C LYS D 330 -68.74 -19.63 9.72
N MET D 331 -69.38 -20.36 8.80
CA MET D 331 -68.79 -21.59 8.27
C MET D 331 -68.33 -21.47 6.83
N VAL D 332 -68.39 -20.27 6.24
CA VAL D 332 -68.06 -20.12 4.83
C VAL D 332 -66.55 -20.18 4.64
N GLN D 333 -66.13 -20.89 3.59
CA GLN D 333 -64.74 -20.93 3.16
C GLN D 333 -64.73 -20.52 1.69
N VAL D 334 -64.46 -19.24 1.42
CA VAL D 334 -64.59 -18.72 0.06
C VAL D 334 -63.31 -18.02 -0.35
N GLN D 335 -62.97 -18.13 -1.62
CA GLN D 335 -61.81 -17.46 -2.19
C GLN D 335 -62.24 -16.10 -2.74
N GLY D 336 -61.79 -15.03 -2.11
CA GLY D 336 -62.11 -13.69 -2.55
C GLY D 336 -60.89 -12.87 -2.91
N MET D 337 -61.08 -11.57 -3.09
CA MET D 337 -59.97 -10.70 -3.49
C MET D 337 -58.88 -10.64 -2.42
N THR D 338 -59.19 -11.00 -1.18
CA THR D 338 -58.22 -11.04 -0.11
C THR D 338 -57.69 -12.45 0.15
N GLY D 339 -58.01 -13.41 -0.71
CA GLY D 339 -57.52 -14.76 -0.56
C GLY D 339 -58.51 -15.69 0.09
N ASN D 340 -58.03 -16.62 0.91
CA ASN D 340 -58.92 -17.54 1.62
C ASN D 340 -59.71 -16.78 2.67
N ILE D 341 -60.99 -17.15 2.81
CA ILE D 341 -61.89 -16.50 3.76
C ILE D 341 -62.56 -17.59 4.57
N GLN D 342 -62.20 -17.68 5.85
CA GLN D 342 -62.82 -18.55 6.84
C GLN D 342 -62.99 -17.76 8.12
N PHE D 343 -63.94 -18.20 8.96
CA PHE D 343 -64.23 -17.53 10.21
C PHE D 343 -64.33 -18.53 11.34
N ASP D 344 -63.92 -18.10 12.53
CA ASP D 344 -64.02 -18.92 13.72
C ASP D 344 -65.35 -18.65 14.42
N THR D 345 -65.49 -19.13 15.66
CA THR D 345 -66.75 -18.98 16.37
C THR D 345 -67.03 -17.54 16.78
N TYR D 346 -66.02 -16.67 16.76
CA TYR D 346 -66.19 -15.27 17.13
C TYR D 346 -66.26 -14.34 15.92
N GLY D 347 -66.34 -14.89 14.71
CA GLY D 347 -66.45 -14.08 13.52
C GLY D 347 -65.17 -13.49 13.01
N ARG D 348 -64.02 -13.84 13.59
CA ARG D 348 -62.73 -13.34 13.15
C ARG D 348 -62.11 -14.28 12.12
N ARG D 349 -61.32 -13.71 11.23
CA ARG D 349 -60.78 -14.46 10.10
C ARG D 349 -59.79 -15.53 10.57
N THR D 350 -59.79 -16.65 9.86
CA THR D 350 -58.80 -17.71 10.03
C THR D 350 -58.31 -18.13 8.66
N ASN D 351 -57.12 -18.76 8.64
CA ASN D 351 -56.48 -19.19 7.39
C ASN D 351 -56.26 -18.02 6.45
N TYR D 352 -55.89 -16.88 7.01
CA TYR D 352 -55.63 -15.67 6.24
C TYR D 352 -54.14 -15.47 6.05
N THR D 353 -53.77 -15.01 4.86
CA THR D 353 -52.37 -14.76 4.51
C THR D 353 -52.17 -13.26 4.36
N ILE D 354 -51.17 -12.73 5.06
CA ILE D 354 -50.86 -11.30 5.03
C ILE D 354 -49.53 -11.13 4.31
N ASP D 355 -49.56 -10.41 3.18
CA ASP D 355 -48.35 -10.23 2.39
C ASP D 355 -47.49 -9.11 2.99
N VAL D 356 -46.24 -9.43 3.30
CA VAL D 356 -45.29 -8.47 3.87
C VAL D 356 -44.45 -7.90 2.73
N TYR D 357 -44.46 -6.58 2.61
CA TYR D 357 -43.79 -5.86 1.52
C TYR D 357 -42.63 -5.07 2.10
N GLU D 358 -41.44 -5.26 1.53
CA GLU D 358 -40.27 -4.46 1.85
C GLU D 358 -40.05 -3.47 0.71
N MET D 359 -39.99 -2.18 1.06
CA MET D 359 -39.95 -1.11 0.08
C MET D 359 -38.56 -0.51 0.02
N LYS D 360 -37.98 -0.46 -1.18
CA LYS D 360 -36.66 0.09 -1.42
C LYS D 360 -36.76 1.21 -2.45
N VAL D 361 -35.60 1.74 -2.84
CA VAL D 361 -35.56 2.88 -3.74
C VAL D 361 -36.13 2.52 -5.11
N SER D 362 -35.91 1.29 -5.56
CA SER D 362 -36.48 0.85 -6.84
C SER D 362 -38.01 0.82 -6.76
N GLY D 363 -38.55 0.35 -5.64
CA GLY D 363 -39.98 0.28 -5.47
C GLY D 363 -40.33 -0.71 -4.37
N SER D 364 -41.63 -0.92 -4.21
CA SER D 364 -42.13 -1.86 -3.22
C SER D 364 -42.01 -3.28 -3.75
N ARG D 365 -41.37 -4.16 -2.98
CA ARG D 365 -41.19 -5.56 -3.34
C ARG D 365 -41.82 -6.43 -2.28
N LYS D 366 -42.49 -7.50 -2.72
CA LYS D 366 -43.18 -8.42 -1.81
C LYS D 366 -42.13 -9.26 -1.10
N ALA D 367 -41.76 -8.84 0.12
CA ALA D 367 -40.73 -9.54 0.87
C ALA D 367 -41.14 -10.95 1.27
N GLY D 368 -42.43 -11.20 1.44
CA GLY D 368 -42.88 -12.53 1.79
C GLY D 368 -44.34 -12.54 2.17
N TYR D 369 -44.74 -13.58 2.87
CA TYR D 369 -46.12 -13.70 3.34
C TYR D 369 -46.13 -14.37 4.70
N TRP D 370 -47.18 -14.08 5.47
CA TRP D 370 -47.37 -14.63 6.80
C TRP D 370 -48.69 -15.38 6.87
N ASN D 371 -48.66 -16.54 7.52
CA ASN D 371 -49.84 -17.35 7.77
C ASN D 371 -49.81 -17.81 9.23
N GLU D 372 -51.00 -18.14 9.75
CA GLU D 372 -51.10 -18.50 11.16
C GLU D 372 -50.31 -19.75 11.51
N TYR D 373 -50.00 -20.60 10.53
CA TYR D 373 -49.27 -21.85 10.78
C TYR D 373 -47.84 -21.80 10.26
N GLU D 374 -47.63 -21.34 9.03
CA GLU D 374 -46.29 -21.30 8.46
C GLU D 374 -45.43 -20.20 9.08
N ARG D 375 -46.05 -19.16 9.64
CA ARG D 375 -45.38 -18.13 10.44
C ARG D 375 -44.28 -17.42 9.63
N PHE D 376 -44.74 -16.70 8.60
CA PHE D 376 -43.91 -15.78 7.82
C PHE D 376 -42.73 -16.52 7.15
N VAL D 377 -43.10 -17.37 6.19
CA VAL D 377 -42.10 -17.99 5.32
C VAL D 377 -41.50 -16.91 4.43
N PRO D 378 -40.19 -16.67 4.49
CA PRO D 378 -39.59 -15.61 3.67
C PRO D 378 -39.50 -16.03 2.21
N PHE D 379 -39.15 -15.05 1.38
CA PHE D 379 -38.91 -15.30 -0.04
C PHE D 379 -37.42 -15.30 -0.35
N ILE D 396 -24.24 -16.05 -14.97
CA ILE D 396 -22.93 -16.21 -15.59
C ILE D 396 -22.13 -17.27 -14.85
N VAL D 397 -21.82 -18.36 -15.55
CA VAL D 397 -21.06 -19.47 -14.98
C VAL D 397 -19.58 -19.20 -15.19
N VAL D 398 -18.80 -19.29 -14.11
CA VAL D 398 -17.35 -19.15 -14.17
C VAL D 398 -16.78 -20.52 -13.84
N THR D 399 -16.31 -21.24 -14.86
CA THR D 399 -15.72 -22.55 -14.64
C THR D 399 -14.27 -22.41 -14.19
N THR D 400 -13.90 -23.16 -13.16
CA THR D 400 -12.57 -23.11 -12.59
C THR D 400 -12.11 -24.53 -12.29
N ILE D 401 -10.91 -24.66 -11.75
CA ILE D 401 -10.33 -25.95 -11.41
C ILE D 401 -9.74 -25.85 -10.01
N LEU D 402 -9.86 -26.92 -9.24
CA LEU D 402 -9.32 -26.95 -7.88
C LEU D 402 -7.81 -27.14 -7.97
N GLU D 403 -7.06 -26.06 -7.77
CA GLU D 403 -5.60 -26.11 -7.84
C GLU D 403 -5.05 -25.00 -6.97
N SER D 404 -4.38 -25.37 -5.88
CA SER D 404 -3.81 -24.38 -5.00
C SER D 404 -2.64 -23.68 -5.69
N PRO D 405 -2.50 -22.36 -5.51
CA PRO D 405 -3.34 -21.46 -4.72
C PRO D 405 -4.38 -20.73 -5.54
N TYR D 406 -4.88 -21.31 -6.63
CA TYR D 406 -5.80 -20.59 -7.49
C TYR D 406 -7.24 -20.74 -7.02
N VAL D 407 -7.70 -21.97 -6.83
CA VAL D 407 -9.03 -22.24 -6.29
C VAL D 407 -8.87 -23.26 -5.18
N MET D 408 -9.31 -22.91 -3.98
CA MET D 408 -9.14 -23.74 -2.81
C MET D 408 -10.44 -23.75 -2.01
N TYR D 409 -10.66 -24.81 -1.25
CA TYR D 409 -11.77 -24.86 -0.32
C TYR D 409 -11.41 -24.12 0.97
N LYS D 410 -12.39 -23.41 1.52
CA LYS D 410 -12.19 -22.80 2.82
C LYS D 410 -12.22 -23.86 3.92
N LYS D 411 -11.72 -23.48 5.09
CA LYS D 411 -11.56 -24.44 6.17
C LYS D 411 -12.90 -25.02 6.63
N ASN D 412 -13.96 -24.22 6.58
CA ASN D 412 -15.28 -24.68 7.03
C ASN D 412 -16.25 -24.71 5.87
N HIS D 413 -15.81 -25.24 4.73
CA HIS D 413 -16.61 -25.16 3.51
C HIS D 413 -17.84 -26.06 3.54
N GLU D 414 -17.91 -27.01 4.48
CA GLU D 414 -19.09 -27.86 4.55
C GLU D 414 -20.32 -27.09 4.98
N GLN D 415 -20.16 -26.12 5.89
CA GLN D 415 -21.26 -25.29 6.33
C GLN D 415 -21.49 -24.08 5.41
N LEU D 416 -20.65 -23.89 4.41
CA LEU D 416 -20.75 -22.78 3.49
C LEU D 416 -21.45 -23.21 2.20
N GLU D 417 -21.96 -22.22 1.47
CA GLU D 417 -22.66 -22.47 0.22
C GLU D 417 -22.30 -21.38 -0.79
N GLY D 418 -22.39 -21.73 -2.07
CA GLY D 418 -22.12 -20.77 -3.11
C GLY D 418 -20.65 -20.41 -3.23
N ASN D 419 -20.39 -19.24 -3.82
CA ASN D 419 -19.03 -18.78 -4.06
C ASN D 419 -18.22 -18.64 -2.78
N GLU D 420 -18.88 -18.51 -1.63
CA GLU D 420 -18.16 -18.41 -0.37
C GLU D 420 -17.54 -19.74 0.05
N ARG D 421 -17.80 -20.83 -0.67
CA ARG D 421 -17.10 -22.07 -0.39
C ARG D 421 -15.62 -21.98 -0.70
N TYR D 422 -15.23 -21.16 -1.67
CA TYR D 422 -13.92 -21.20 -2.28
C TYR D 422 -13.08 -19.97 -1.92
N GLU D 423 -11.77 -20.14 -2.07
CA GLU D 423 -10.81 -19.05 -1.91
C GLU D 423 -9.62 -19.31 -2.81
N GLY D 424 -8.85 -18.26 -3.06
CA GLY D 424 -7.64 -18.40 -3.85
C GLY D 424 -7.35 -17.25 -4.77
N TYR D 425 -6.29 -17.37 -5.57
CA TYR D 425 -5.93 -16.31 -6.50
C TYR D 425 -7.00 -16.11 -7.54
N CYS D 426 -7.53 -17.20 -8.09
CA CYS D 426 -8.49 -17.09 -9.18
C CYS D 426 -9.86 -16.66 -8.68
N VAL D 427 -10.20 -16.97 -7.44
CA VAL D 427 -11.45 -16.47 -6.85
C VAL D 427 -11.40 -14.95 -6.74
N ASP D 428 -10.30 -14.42 -6.24
CA ASP D 428 -10.13 -12.97 -6.17
C ASP D 428 -10.10 -12.35 -7.57
N LEU D 429 -9.41 -13.00 -8.51
CA LEU D 429 -9.35 -12.47 -9.86
C LEU D 429 -10.73 -12.44 -10.50
N ALA D 430 -11.53 -13.48 -10.30
CA ALA D 430 -12.90 -13.47 -10.82
C ALA D 430 -13.73 -12.39 -10.16
N TYR D 431 -13.52 -12.17 -8.86
CA TYR D 431 -14.24 -11.09 -8.19
C TYR D 431 -13.91 -9.75 -8.80
N GLU D 432 -12.62 -9.47 -9.02
CA GLU D 432 -12.21 -8.19 -9.61
C GLU D 432 -12.73 -8.06 -11.04
N ILE D 433 -12.94 -9.10 -11.83
CA ILE D 433 -13.29 -8.92 -13.28
C ILE D 433 -14.78 -8.62 -13.52
N ALA D 434 -15.68 -8.97 -12.63
CA ALA D 434 -17.12 -8.77 -12.91
C ALA D 434 -17.60 -7.39 -12.43
N LYS D 435 -17.01 -6.88 -11.35
CA LYS D 435 -17.36 -5.50 -10.93
C LYS D 435 -17.18 -4.59 -12.14
N HIS D 436 -16.14 -4.81 -12.95
CA HIS D 436 -15.87 -3.97 -14.14
C HIS D 436 -16.87 -4.25 -15.26
N VAL D 437 -17.17 -5.51 -15.55
CA VAL D 437 -18.05 -5.81 -16.70
C VAL D 437 -19.51 -5.69 -16.26
N ARG D 438 -19.76 -5.62 -14.95
CA ARG D 438 -21.14 -5.50 -14.40
C ARG D 438 -22.13 -6.66 -14.54
N ILE D 439 -21.76 -7.84 -14.07
CA ILE D 439 -22.50 -9.09 -14.36
C ILE D 439 -22.64 -9.86 -13.04
N LYS D 440 -23.59 -10.78 -12.94
CA LYS D 440 -23.70 -11.64 -11.73
C LYS D 440 -23.19 -13.03 -12.14
N TYR D 441 -22.41 -13.70 -11.29
CA TYR D 441 -21.74 -14.96 -11.74
C TYR D 441 -21.95 -16.14 -10.78
N LYS D 442 -21.31 -17.27 -11.05
CA LYS D 442 -21.40 -18.49 -10.20
C LYS D 442 -20.18 -19.39 -10.36
N LEU D 443 -19.28 -19.47 -9.37
CA LEU D 443 -18.13 -20.32 -9.64
C LEU D 443 -18.55 -21.77 -9.77
N SER D 444 -17.89 -22.49 -10.68
CA SER D 444 -18.10 -23.92 -10.87
C SER D 444 -16.75 -24.60 -11.01
N ILE D 445 -16.61 -25.76 -10.40
CA ILE D 445 -15.44 -26.61 -10.58
C ILE D 445 -15.75 -27.60 -11.68
N VAL D 446 -14.88 -27.68 -12.68
CA VAL D 446 -15.13 -28.54 -13.83
C VAL D 446 -15.17 -30.00 -13.36
N GLY D 447 -16.14 -30.75 -13.88
CA GLY D 447 -16.43 -32.06 -13.33
C GLY D 447 -15.27 -33.04 -13.47
N ASP D 448 -14.63 -33.05 -14.64
CA ASP D 448 -13.53 -33.97 -14.88
C ASP D 448 -12.20 -33.46 -14.36
N GLY D 449 -12.14 -32.21 -13.91
CA GLY D 449 -10.93 -31.66 -13.30
C GLY D 449 -9.76 -31.54 -14.24
N LYS D 450 -10.00 -31.14 -15.49
CA LYS D 450 -8.96 -31.05 -16.49
C LYS D 450 -8.97 -29.66 -17.12
N TYR D 451 -7.79 -29.23 -17.57
CA TYR D 451 -7.67 -27.89 -18.14
C TYR D 451 -8.28 -27.80 -19.52
N GLY D 452 -8.13 -28.85 -20.32
CA GLY D 452 -8.73 -28.88 -21.63
C GLY D 452 -7.80 -29.37 -22.73
N ALA D 453 -8.22 -30.42 -23.42
CA ALA D 453 -7.44 -30.99 -24.51
C ALA D 453 -8.40 -31.69 -25.45
N ARG D 454 -8.01 -31.78 -26.71
CA ARG D 454 -8.85 -32.39 -27.72
C ARG D 454 -8.56 -33.88 -27.79
N ASP D 455 -9.59 -34.69 -27.64
CA ASP D 455 -9.42 -36.13 -27.73
C ASP D 455 -9.10 -36.48 -29.18
N PRO D 456 -7.92 -37.07 -29.46
CA PRO D 456 -7.54 -37.28 -30.86
C PRO D 456 -8.36 -38.33 -31.58
N GLU D 457 -9.20 -39.08 -30.86
CA GLU D 457 -10.06 -40.08 -31.49
C GLU D 457 -11.41 -39.47 -31.84
N THR D 458 -12.12 -38.97 -30.84
CA THR D 458 -13.48 -38.46 -31.03
C THR D 458 -13.54 -36.96 -31.29
N LYS D 459 -12.41 -36.25 -31.22
CA LYS D 459 -12.34 -34.83 -31.55
C LYS D 459 -13.24 -33.99 -30.64
N ILE D 460 -13.35 -34.41 -29.38
CA ILE D 460 -14.15 -33.70 -28.39
C ILE D 460 -13.21 -33.07 -27.37
N TRP D 461 -13.42 -31.79 -27.10
CA TRP D 461 -12.65 -31.08 -26.09
C TRP D 461 -13.17 -31.42 -24.70
N ASN D 462 -12.24 -31.65 -23.78
CA ASN D 462 -12.58 -31.96 -22.40
C ASN D 462 -12.26 -30.78 -21.50
N GLY D 463 -12.63 -30.92 -20.23
CA GLY D 463 -12.24 -29.96 -19.22
C GLY D 463 -12.87 -28.59 -19.41
N MET D 464 -12.12 -27.58 -18.97
CA MET D 464 -12.59 -26.19 -18.99
C MET D 464 -12.78 -25.69 -20.42
N VAL D 465 -11.85 -26.03 -21.31
CA VAL D 465 -11.99 -25.65 -22.70
C VAL D 465 -13.24 -26.28 -23.29
N GLY D 466 -13.52 -27.54 -22.93
CA GLY D 466 -14.75 -28.17 -23.37
C GLY D 466 -15.99 -27.50 -22.81
N GLU D 467 -15.90 -27.04 -21.57
CA GLU D 467 -17.02 -26.31 -20.97
C GLU D 467 -17.32 -25.04 -21.75
N LEU D 468 -16.28 -24.32 -22.15
CA LEU D 468 -16.49 -23.10 -22.93
C LEU D 468 -16.96 -23.41 -24.35
N VAL D 469 -16.37 -24.40 -25.00
CA VAL D 469 -16.65 -24.67 -26.40
C VAL D 469 -18.07 -25.15 -26.59
N TYR D 470 -18.60 -25.92 -25.64
CA TYR D 470 -19.90 -26.56 -25.78
C TYR D 470 -21.00 -25.83 -25.03
N GLY D 471 -20.79 -24.57 -24.66
CA GLY D 471 -21.84 -23.73 -24.16
C GLY D 471 -22.24 -23.96 -22.72
N ARG D 472 -21.45 -24.71 -21.95
CA ARG D 472 -21.80 -25.00 -20.57
C ARG D 472 -21.19 -24.02 -19.58
N ALA D 473 -20.37 -23.08 -20.04
CA ALA D 473 -19.82 -22.05 -19.18
C ALA D 473 -19.65 -20.77 -19.98
N ASP D 474 -19.64 -19.64 -19.27
CA ASP D 474 -19.52 -18.34 -19.90
C ASP D 474 -18.10 -17.78 -19.86
N ILE D 475 -17.29 -18.24 -18.92
CA ILE D 475 -15.95 -17.72 -18.73
C ILE D 475 -15.17 -18.72 -17.91
N ALA D 476 -13.85 -18.76 -18.10
CA ALA D 476 -12.96 -19.62 -17.34
C ALA D 476 -11.85 -18.78 -16.74
N VAL D 477 -11.86 -18.63 -15.43
CA VAL D 477 -10.82 -17.88 -14.71
C VAL D 477 -10.00 -18.92 -13.96
N ALA D 478 -8.86 -19.31 -14.53
CA ALA D 478 -8.07 -20.40 -13.98
C ALA D 478 -6.69 -20.33 -14.61
N PRO D 479 -5.71 -21.06 -14.07
CA PRO D 479 -4.39 -21.12 -14.71
C PRO D 479 -4.41 -21.92 -16.01
N LEU D 480 -5.07 -21.39 -17.03
CA LEU D 480 -5.16 -22.03 -18.33
C LEU D 480 -4.16 -21.39 -19.27
N THR D 481 -3.22 -22.19 -19.77
CA THR D 481 -2.14 -21.67 -20.60
C THR D 481 -2.66 -21.28 -21.98
N ILE D 482 -2.19 -20.13 -22.47
CA ILE D 482 -2.54 -19.66 -23.81
C ILE D 482 -1.71 -20.44 -24.80
N THR D 483 -2.35 -21.36 -25.53
CA THR D 483 -1.68 -22.17 -26.52
C THR D 483 -2.35 -21.97 -27.87
N LEU D 484 -1.69 -22.47 -28.93
CA LEU D 484 -2.21 -22.28 -30.27
C LEU D 484 -3.50 -23.05 -30.49
N VAL D 485 -3.52 -24.32 -30.08
CA VAL D 485 -4.69 -25.16 -30.34
C VAL D 485 -5.90 -24.68 -29.56
N ARG D 486 -5.69 -24.15 -28.35
CA ARG D 486 -6.80 -23.62 -27.58
C ARG D 486 -7.28 -22.29 -28.15
N GLU D 487 -6.36 -21.42 -28.55
CA GLU D 487 -6.73 -20.13 -29.12
C GLU D 487 -7.49 -20.29 -30.44
N GLU D 488 -7.39 -21.45 -31.08
CA GLU D 488 -8.13 -21.72 -32.31
C GLU D 488 -9.60 -22.05 -32.05
N VAL D 489 -9.99 -22.32 -30.81
CA VAL D 489 -11.37 -22.65 -30.50
C VAL D 489 -11.98 -21.75 -29.44
N ILE D 490 -11.19 -21.05 -28.63
CA ILE D 490 -11.69 -20.12 -27.63
C ILE D 490 -10.88 -18.84 -27.70
N ASP D 491 -11.43 -17.78 -27.10
CA ASP D 491 -10.76 -16.49 -27.03
C ASP D 491 -10.05 -16.35 -25.68
N PHE D 492 -8.77 -16.01 -25.73
CA PHE D 492 -8.00 -15.76 -24.53
C PHE D 492 -7.83 -14.26 -24.33
N SER D 493 -7.85 -13.83 -23.08
CA SER D 493 -7.48 -12.45 -22.76
C SER D 493 -5.95 -12.34 -22.74
N LYS D 494 -5.46 -11.14 -22.49
CA LYS D 494 -4.03 -10.98 -22.31
C LYS D 494 -3.58 -11.72 -21.06
N PRO D 495 -2.33 -12.17 -21.01
CA PRO D 495 -1.87 -12.94 -19.85
C PRO D 495 -1.96 -12.12 -18.57
N PHE D 496 -2.73 -12.64 -17.60
CA PHE D 496 -2.71 -12.06 -16.27
C PHE D 496 -1.55 -12.56 -15.43
N MET D 497 -0.82 -13.56 -15.93
CA MET D 497 0.33 -14.10 -15.21
C MET D 497 1.28 -14.70 -16.23
N SER D 498 2.56 -14.38 -16.12
CA SER D 498 3.58 -14.90 -17.01
C SER D 498 4.47 -15.88 -16.27
N LEU D 499 4.76 -17.01 -16.92
CA LEU D 499 5.52 -18.08 -16.30
C LEU D 499 6.45 -18.70 -17.33
N GLY D 500 7.10 -19.79 -16.93
CA GLY D 500 7.96 -20.54 -17.81
C GLY D 500 8.51 -21.74 -17.08
N ILE D 501 9.25 -22.56 -17.81
CA ILE D 501 9.88 -23.74 -17.24
C ILE D 501 11.04 -23.30 -16.37
N SER D 502 11.12 -23.86 -15.17
CA SER D 502 12.13 -23.48 -14.19
C SER D 502 12.63 -24.72 -13.47
N ILE D 503 13.76 -24.54 -12.79
CA ILE D 503 14.48 -25.61 -12.11
C ILE D 503 14.23 -25.48 -10.61
N MET D 504 13.87 -26.60 -9.99
CA MET D 504 13.66 -26.70 -8.55
C MET D 504 14.72 -27.64 -8.00
N ILE D 505 15.47 -27.17 -7.00
CA ILE D 505 16.48 -28.00 -6.35
C ILE D 505 16.25 -27.93 -4.84
N LYS D 506 16.74 -28.96 -4.16
CA LYS D 506 16.64 -28.98 -2.71
C LYS D 506 17.54 -27.89 -2.12
N LYS D 507 17.13 -27.31 -1.00
CA LYS D 507 17.93 -26.29 -0.35
C LYS D 507 19.32 -26.86 -0.02
N SER D 511 25.06 -29.14 5.00
CA SER D 511 26.07 -29.99 4.39
C SER D 511 27.04 -30.53 5.43
N LYS D 512 27.16 -31.85 5.50
CA LYS D 512 28.07 -32.46 6.44
C LYS D 512 29.52 -32.10 6.08
N PRO D 513 30.35 -31.74 7.05
CA PRO D 513 31.72 -31.33 6.73
C PRO D 513 32.53 -32.50 6.17
N GLY D 514 33.43 -32.18 5.24
CA GLY D 514 34.33 -33.19 4.72
C GLY D 514 35.37 -33.60 5.74
N VAL D 515 36.00 -34.74 5.48
CA VAL D 515 37.03 -35.24 6.38
C VAL D 515 38.20 -34.27 6.43
N PHE D 516 38.61 -33.76 5.27
CA PHE D 516 39.75 -32.85 5.16
C PHE D 516 39.31 -31.41 4.94
N SER D 517 38.19 -31.02 5.54
CA SER D 517 37.66 -29.66 5.39
C SER D 517 38.45 -28.63 6.20
N PHE D 518 39.40 -29.06 7.03
CA PHE D 518 40.26 -28.13 7.73
C PHE D 518 41.23 -27.41 6.80
N LEU D 519 41.37 -27.87 5.55
CA LEU D 519 42.16 -27.20 4.54
C LEU D 519 41.36 -26.17 3.76
N ASP D 520 40.08 -26.03 4.05
CA ASP D 520 39.20 -25.19 3.23
C ASP D 520 39.48 -23.70 3.30
N PRO D 521 39.94 -23.11 4.42
CA PRO D 521 40.23 -21.66 4.40
C PRO D 521 41.21 -21.23 3.33
N LEU D 522 42.22 -22.04 3.02
CA LEU D 522 43.20 -21.70 2.01
C LEU D 522 42.97 -22.53 0.75
N ALA D 523 43.29 -21.94 -0.39
CA ALA D 523 43.13 -22.63 -1.66
C ALA D 523 44.17 -23.74 -1.81
N TYR D 524 43.86 -24.69 -2.70
CA TYR D 524 44.74 -25.82 -2.94
C TYR D 524 46.09 -25.37 -3.49
N GLU D 525 46.07 -24.37 -4.37
CA GLU D 525 47.31 -23.83 -4.91
C GLU D 525 48.17 -23.20 -3.81
N ILE D 526 47.55 -22.60 -2.81
CA ILE D 526 48.31 -22.04 -1.70
C ILE D 526 49.03 -23.13 -0.93
N TRP D 527 48.33 -24.25 -0.64
CA TRP D 527 48.98 -25.34 0.07
C TRP D 527 50.13 -25.93 -0.74
N MET D 528 49.92 -26.12 -2.04
CA MET D 528 50.98 -26.65 -2.90
C MET D 528 52.18 -25.71 -2.93
N CYS D 529 51.94 -24.41 -3.08
CA CYS D 529 53.04 -23.45 -3.10
C CYS D 529 53.70 -23.32 -1.73
N ILE D 530 52.96 -23.56 -0.65
CA ILE D 530 53.55 -23.60 0.68
C ILE D 530 54.54 -24.76 0.78
N VAL D 531 54.15 -25.92 0.26
CA VAL D 531 55.06 -27.07 0.26
C VAL D 531 56.31 -26.76 -0.56
N PHE D 532 56.12 -26.18 -1.75
CA PHE D 532 57.26 -25.84 -2.60
C PHE D 532 58.17 -24.83 -1.92
N ALA D 533 57.58 -23.80 -1.30
CA ALA D 533 58.36 -22.78 -0.61
C ALA D 533 59.11 -23.37 0.58
N TYR D 534 58.50 -24.31 1.29
CA TYR D 534 59.17 -24.98 2.39
C TYR D 534 60.40 -25.74 1.90
N ILE D 535 60.25 -26.48 0.80
CA ILE D 535 61.39 -27.22 0.24
C ILE D 535 62.49 -26.26 -0.18
N GLY D 536 62.12 -25.19 -0.88
CA GLY D 536 63.12 -24.24 -1.34
C GLY D 536 63.83 -23.53 -0.21
N VAL D 537 63.09 -23.16 0.83
CA VAL D 537 63.68 -22.48 1.98
C VAL D 537 64.65 -23.41 2.69
N SER D 538 64.27 -24.67 2.90
CA SER D 538 65.17 -25.61 3.55
C SER D 538 66.44 -25.81 2.74
N VAL D 539 66.30 -25.94 1.42
CA VAL D 539 67.47 -26.18 0.57
C VAL D 539 68.39 -24.96 0.59
N VAL D 540 67.82 -23.76 0.48
CA VAL D 540 68.65 -22.55 0.45
C VAL D 540 69.32 -22.32 1.79
N LEU D 541 68.62 -22.61 2.89
CA LEU D 541 69.23 -22.47 4.21
C LEU D 541 70.39 -23.43 4.38
N PHE D 542 70.21 -24.69 3.97
CA PHE D 542 71.32 -25.64 4.04
C PHE D 542 72.49 -25.20 3.17
N LEU D 543 72.20 -24.71 1.97
CA LEU D 543 73.26 -24.26 1.07
C LEU D 543 74.05 -23.11 1.66
N VAL D 544 73.37 -22.05 2.11
CA VAL D 544 74.10 -20.90 2.63
C VAL D 544 74.72 -21.19 3.99
N SER D 545 74.29 -22.26 4.67
CA SER D 545 74.86 -22.60 5.96
C SER D 545 76.06 -23.52 5.87
N ARG D 546 76.17 -24.35 4.83
CA ARG D 546 77.17 -25.40 4.82
C ARG D 546 78.13 -25.40 3.64
N PHE D 547 77.90 -24.59 2.60
CA PHE D 547 78.66 -24.79 1.38
C PHE D 547 80.10 -24.29 1.49
N SER D 548 80.32 -23.17 2.16
CA SER D 548 81.61 -22.49 2.08
C SER D 548 82.69 -23.24 2.87
N PRO D 549 83.80 -23.61 2.24
CA PRO D 549 84.88 -24.27 3.01
C PRO D 549 85.51 -23.37 4.06
N TYR D 550 85.41 -22.05 3.92
CA TYR D 550 86.11 -21.16 4.82
C TYR D 550 85.41 -21.07 6.18
N GLU D 551 84.10 -21.29 6.22
CA GLU D 551 83.40 -21.32 7.49
C GLU D 551 83.67 -22.61 8.27
N TRP D 552 84.00 -23.71 7.58
CA TRP D 552 84.39 -24.93 8.29
C TRP D 552 85.73 -24.75 8.99
N HIS D 553 86.71 -24.17 8.31
CA HIS D 553 88.02 -23.94 8.89
C HIS D 553 87.95 -22.95 10.06
N ASP D 569 84.68 -31.03 12.70
CA ASP D 569 83.38 -30.61 13.22
C ASP D 569 82.75 -29.60 12.27
N PRO D 570 81.45 -29.72 11.99
CA PRO D 570 80.79 -28.75 11.13
C PRO D 570 80.71 -27.39 11.82
N PRO D 571 80.75 -26.29 11.05
CA PRO D 571 80.62 -24.97 11.68
C PRO D 571 79.31 -24.76 12.39
N ASN D 572 78.23 -25.39 11.91
CA ASN D 572 76.91 -25.23 12.49
C ASN D 572 76.14 -26.53 12.31
N GLU D 573 74.92 -26.57 12.84
CA GLU D 573 74.10 -27.76 12.82
C GLU D 573 73.18 -27.84 11.62
N PHE D 574 73.27 -26.91 10.66
CA PHE D 574 72.27 -26.79 9.62
C PHE D 574 72.64 -27.64 8.41
N GLY D 575 72.57 -28.95 8.61
CA GLY D 575 72.52 -29.89 7.51
C GLY D 575 71.14 -29.87 6.87
N ILE D 576 70.98 -30.71 5.85
CA ILE D 576 69.73 -30.69 5.10
C ILE D 576 68.58 -31.21 5.95
N PHE D 577 68.80 -32.27 6.73
CA PHE D 577 67.78 -32.76 7.65
C PHE D 577 67.46 -31.72 8.71
N ASN D 578 68.48 -31.10 9.29
CA ASN D 578 68.24 -30.09 10.31
C ASN D 578 67.64 -28.82 9.71
N SER D 579 67.99 -28.48 8.47
CA SER D 579 67.34 -27.36 7.80
C SER D 579 65.86 -27.63 7.60
N LEU D 580 65.52 -28.84 7.17
CA LEU D 580 64.11 -29.21 7.02
C LEU D 580 63.38 -29.14 8.35
N TRP D 581 64.01 -29.64 9.41
CA TRP D 581 63.40 -29.59 10.74
C TRP D 581 63.21 -28.16 11.22
N PHE D 582 64.21 -27.30 11.00
CA PHE D 582 64.09 -25.91 11.40
C PHE D 582 62.96 -25.21 10.65
N SER D 583 62.86 -25.43 9.34
CA SER D 583 61.79 -24.80 8.57
C SER D 583 60.42 -25.31 8.99
N LEU D 584 60.30 -26.62 9.24
CA LEU D 584 59.04 -27.17 9.71
C LEU D 584 58.64 -26.58 11.06
N GLY D 585 59.63 -26.44 11.93
CA GLY D 585 59.36 -25.93 13.29
C GLY D 585 59.21 -24.43 13.31
N ALA D 586 59.53 -23.77 12.22
CA ALA D 586 59.32 -22.32 12.12
C ALA D 586 57.85 -22.27 11.71
N PHE D 587 57.51 -22.95 10.63
CA PHE D 587 56.18 -22.81 10.02
C PHE D 587 55.12 -23.18 11.06
N MET D 588 55.50 -23.98 12.03
CA MET D 588 54.51 -24.47 13.01
C MET D 588 54.66 -23.66 14.28
N GLN D 589 55.51 -22.64 14.26
CA GLN D 589 55.70 -21.75 15.42
C GLN D 589 56.02 -22.61 16.62
N GLN D 590 56.89 -23.60 16.46
CA GLN D 590 57.09 -24.58 17.57
C GLN D 590 58.53 -24.66 18.04
N GLY D 591 59.37 -23.68 17.74
CA GLY D 591 60.70 -23.71 18.39
C GLY D 591 61.93 -23.86 17.53
N CYS D 592 63.10 -23.90 18.19
CA CYS D 592 64.38 -23.99 17.45
C CYS D 592 65.44 -24.62 18.35
N ASP D 593 65.84 -25.85 18.05
CA ASP D 593 66.96 -26.46 18.80
C ASP D 593 68.23 -25.72 18.42
N ILE D 594 68.26 -25.15 17.23
CA ILE D 594 69.45 -24.42 16.71
C ILE D 594 68.94 -23.18 15.99
N SER D 595 69.76 -22.13 15.91
CA SER D 595 69.36 -20.90 15.19
C SER D 595 70.50 -20.46 14.28
N PRO D 596 70.20 -19.94 13.07
CA PRO D 596 71.23 -19.50 12.17
C PRO D 596 72.01 -18.32 12.75
N ARG D 597 73.32 -18.23 12.50
CA ARG D 597 74.18 -17.16 12.99
C ARG D 597 74.73 -16.28 11.90
N SER D 598 74.89 -16.79 10.69
CA SER D 598 75.45 -16.01 9.59
C SER D 598 74.40 -15.05 9.04
N LEU D 599 74.88 -14.05 8.30
CA LEU D 599 73.98 -13.04 7.75
C LEU D 599 72.99 -13.64 6.77
N SER D 600 73.46 -14.52 5.88
CA SER D 600 72.58 -15.10 4.87
C SER D 600 71.59 -16.08 5.49
N GLY D 601 72.04 -16.89 6.44
CA GLY D 601 71.13 -17.77 7.14
C GLY D 601 70.06 -17.01 7.90
N ARG D 602 70.45 -15.88 8.50
CA ARG D 602 69.48 -15.06 9.20
C ARG D 602 68.52 -14.35 8.24
N ILE D 603 68.97 -14.01 7.04
CA ILE D 603 68.07 -13.48 6.03
C ILE D 603 67.02 -14.54 5.68
N VAL D 604 67.48 -15.76 5.42
CA VAL D 604 66.55 -16.86 5.10
C VAL D 604 65.56 -17.06 6.24
N GLY D 605 66.06 -17.12 7.47
CA GLY D 605 65.19 -17.35 8.61
C GLY D 605 64.17 -16.25 8.81
N GLY D 606 64.60 -14.98 8.72
CA GLY D 606 63.68 -13.88 8.94
C GLY D 606 62.61 -13.80 7.85
N VAL D 607 62.99 -14.03 6.60
CA VAL D 607 62.01 -13.98 5.53
C VAL D 607 61.02 -15.13 5.66
N TRP D 608 61.51 -16.32 6.02
CA TRP D 608 60.63 -17.45 6.26
C TRP D 608 59.69 -17.18 7.43
N TRP D 609 60.23 -16.50 8.44
CA TRP D 609 59.47 -16.13 9.65
C TRP D 609 58.35 -15.15 9.28
N PHE D 610 58.57 -14.20 8.39
CA PHE D 610 57.54 -13.27 7.90
C PHE D 610 56.49 -14.00 7.07
N PHE D 611 56.93 -14.87 6.17
CA PHE D 611 56.02 -15.68 5.38
C PHE D 611 55.09 -16.49 6.28
N THR D 612 55.68 -17.12 7.30
CA THR D 612 54.94 -17.98 8.25
C THR D 612 53.90 -17.17 8.99
N LEU D 613 54.27 -15.99 9.48
CA LEU D 613 53.34 -15.13 10.20
C LEU D 613 52.15 -14.75 9.32
N ILE D 614 52.43 -14.29 8.11
CA ILE D 614 51.35 -13.87 7.22
C ILE D 614 50.43 -15.03 6.88
N ILE D 615 51.01 -16.20 6.59
CA ILE D 615 50.19 -17.32 6.14
C ILE D 615 49.32 -17.87 7.27
N ILE D 616 49.88 -17.98 8.47
CA ILE D 616 49.10 -18.52 9.58
C ILE D 616 48.00 -17.54 10.00
N SER D 617 48.31 -16.24 10.01
CA SER D 617 47.27 -15.26 10.30
C SER D 617 46.17 -15.30 9.25
N SER D 618 46.54 -15.47 7.98
CA SER D 618 45.54 -15.56 6.93
C SER D 618 44.66 -16.79 7.11
N TYR D 619 45.25 -17.93 7.47
CA TYR D 619 44.46 -19.13 7.71
C TYR D 619 43.46 -18.90 8.84
N THR D 620 43.93 -18.35 9.97
CA THR D 620 43.04 -18.14 11.11
C THR D 620 41.93 -17.15 10.75
N ALA D 621 42.27 -16.06 10.07
CA ALA D 621 41.28 -15.06 9.71
C ALA D 621 40.23 -15.62 8.75
N ASN D 622 40.66 -16.39 7.75
CA ASN D 622 39.71 -16.93 6.79
C ASN D 622 38.83 -17.99 7.42
N LEU D 623 39.39 -18.79 8.34
CA LEU D 623 38.55 -19.75 9.06
C LEU D 623 37.53 -19.04 9.93
N ALA D 624 37.93 -17.95 10.58
CA ALA D 624 36.99 -17.17 11.38
C ALA D 624 35.87 -16.61 10.51
N ALA D 625 36.22 -16.07 9.33
CA ALA D 625 35.19 -15.57 8.43
C ALA D 625 34.26 -16.67 7.97
N PHE D 626 34.82 -17.84 7.65
CA PHE D 626 34.02 -19.00 7.26
C PHE D 626 32.99 -19.32 8.32
N LEU D 627 33.44 -19.47 9.56
CA LEU D 627 32.53 -19.84 10.65
C LEU D 627 31.51 -18.75 10.92
N THR D 628 31.95 -17.49 10.90
CA THR D 628 31.05 -16.39 11.23
C THR D 628 29.93 -16.25 10.21
N VAL D 629 30.24 -16.34 8.92
CA VAL D 629 29.21 -16.17 7.91
C VAL D 629 28.59 -17.48 7.48
N SER D 638 21.87 -22.20 -13.35
CA SER D 638 21.28 -22.01 -14.67
C SER D 638 21.03 -23.37 -15.31
N ALA D 639 20.40 -23.35 -16.47
CA ALA D 639 20.13 -24.59 -17.19
C ALA D 639 21.41 -25.18 -17.79
N GLU D 640 22.30 -24.31 -18.27
CA GLU D 640 23.59 -24.77 -18.76
C GLU D 640 24.38 -25.50 -17.68
N ASP D 641 24.21 -25.09 -16.42
CA ASP D 641 24.86 -25.78 -15.32
C ASP D 641 24.38 -27.22 -15.22
N LEU D 642 23.07 -27.44 -15.33
CA LEU D 642 22.56 -28.81 -15.34
C LEU D 642 23.08 -29.57 -16.55
N ALA D 643 23.13 -28.92 -17.71
CA ALA D 643 23.57 -29.61 -18.92
C ALA D 643 25.01 -30.08 -18.79
N LYS D 644 25.88 -29.25 -18.21
CA LYS D 644 27.30 -29.57 -18.13
C LYS D 644 27.59 -30.75 -17.21
N GLN D 645 26.98 -30.79 -16.03
CA GLN D 645 27.33 -31.77 -15.01
C GLN D 645 26.52 -33.04 -15.17
N THR D 646 26.96 -34.09 -14.49
CA THR D 646 26.30 -35.38 -14.54
C THR D 646 26.03 -36.01 -13.19
N GLU D 647 26.49 -35.41 -12.09
CA GLU D 647 26.23 -35.99 -10.77
C GLU D 647 24.79 -35.80 -10.34
N ILE D 648 24.25 -34.60 -10.53
CA ILE D 648 22.87 -34.29 -10.17
C ILE D 648 21.97 -34.56 -11.36
N ALA D 649 21.07 -35.52 -11.22
CA ALA D 649 20.11 -35.84 -12.27
C ALA D 649 18.98 -34.82 -12.28
N TYR D 650 18.21 -34.84 -13.36
CA TYR D 650 17.09 -33.92 -13.49
C TYR D 650 16.06 -34.54 -14.45
N GLY D 651 14.80 -34.20 -14.21
CA GLY D 651 13.73 -34.79 -15.00
C GLY D 651 12.48 -33.95 -14.99
N THR D 652 11.43 -34.49 -15.58
CA THR D 652 10.15 -33.80 -15.75
C THR D 652 9.04 -34.82 -15.49
N LEU D 653 7.82 -34.47 -15.89
CA LEU D 653 6.72 -35.42 -15.83
C LEU D 653 6.83 -36.44 -16.98
N ASP D 654 6.12 -37.56 -16.81
CA ASP D 654 6.09 -38.57 -17.85
C ASP D 654 5.41 -38.04 -19.11
N SER D 655 4.36 -37.25 -18.94
CA SER D 655 3.67 -36.59 -20.04
C SER D 655 3.30 -35.18 -19.62
N GLY D 656 3.45 -34.24 -20.56
CA GLY D 656 3.15 -32.86 -20.26
C GLY D 656 3.82 -31.88 -21.21
N SER D 657 3.70 -30.58 -20.90
CA SER D 657 4.24 -29.56 -21.79
C SER D 657 5.76 -29.46 -21.69
N THR D 658 6.33 -29.74 -20.52
CA THR D 658 7.77 -29.58 -20.35
C THR D 658 8.53 -30.68 -21.09
N LYS D 659 8.07 -31.92 -20.99
CA LYS D 659 8.71 -33.00 -21.73
C LYS D 659 8.63 -32.77 -23.22
N GLU D 660 7.48 -32.29 -23.71
CA GLU D 660 7.36 -32.01 -25.14
C GLU D 660 8.23 -30.83 -25.55
N PHE D 661 8.37 -29.85 -24.65
CA PHE D 661 9.28 -28.73 -24.94
C PHE D 661 10.70 -29.22 -25.12
N PHE D 662 11.15 -30.13 -24.25
CA PHE D 662 12.51 -30.64 -24.37
C PHE D 662 12.66 -31.56 -25.57
N ARG D 663 11.61 -32.34 -25.89
CA ARG D 663 11.65 -33.21 -27.06
C ARG D 663 11.73 -32.41 -28.35
N ARG D 664 10.97 -31.32 -28.45
CA ARG D 664 10.85 -30.55 -29.67
C ARG D 664 11.88 -29.44 -29.81
N SER D 665 12.70 -29.20 -28.78
CA SER D 665 13.56 -28.03 -28.80
C SER D 665 14.73 -28.22 -29.76
N LYS D 666 14.98 -27.20 -30.57
CA LYS D 666 16.14 -27.15 -31.45
C LYS D 666 17.31 -26.36 -30.86
N ILE D 667 17.19 -25.90 -29.61
CA ILE D 667 18.28 -25.21 -28.95
C ILE D 667 19.25 -26.23 -28.39
N ALA D 668 20.55 -25.95 -28.54
CA ALA D 668 21.58 -26.99 -28.31
C ALA D 668 21.58 -27.47 -26.87
N VAL D 669 21.48 -26.56 -25.91
CA VAL D 669 21.51 -26.96 -24.50
C VAL D 669 20.31 -27.83 -24.16
N TYR D 670 19.13 -27.47 -24.67
CA TYR D 670 17.95 -28.29 -24.41
C TYR D 670 18.00 -29.60 -25.16
N GLU D 671 18.64 -29.64 -26.33
CA GLU D 671 18.84 -30.91 -27.02
C GLU D 671 19.73 -31.83 -26.20
N LYS D 672 20.81 -31.29 -25.61
CA LYS D 672 21.67 -32.11 -24.77
C LYS D 672 20.92 -32.60 -23.52
N MET D 673 20.12 -31.72 -22.92
CA MET D 673 19.31 -32.13 -21.78
C MET D 673 18.34 -33.25 -22.14
N TRP D 674 17.66 -33.11 -23.29
CA TRP D 674 16.69 -34.13 -23.70
C TRP D 674 17.40 -35.45 -23.99
N SER D 675 18.58 -35.39 -24.61
CA SER D 675 19.34 -36.61 -24.83
C SER D 675 19.69 -37.28 -23.52
N TYR D 676 20.09 -36.49 -22.52
CA TYR D 676 20.33 -37.06 -21.19
C TYR D 676 19.08 -37.73 -20.63
N MET D 677 17.95 -37.01 -20.66
CA MET D 677 16.72 -37.56 -20.06
C MET D 677 16.29 -38.85 -20.74
N LYS D 678 16.31 -38.88 -22.07
CA LYS D 678 15.88 -40.08 -22.77
C LYS D 678 16.88 -41.22 -22.62
N SER D 679 18.16 -40.90 -22.45
CA SER D 679 19.18 -41.92 -22.26
C SER D 679 19.47 -42.21 -20.79
N ALA D 680 18.72 -41.59 -19.87
CA ALA D 680 18.94 -41.81 -18.45
C ALA D 680 18.38 -43.16 -18.01
N GLU D 681 19.02 -43.77 -17.03
CA GLU D 681 18.55 -44.99 -16.39
C GLU D 681 18.94 -44.92 -14.92
N PRO D 682 17.98 -44.99 -13.99
CA PRO D 682 16.54 -45.17 -14.18
C PRO D 682 15.84 -43.92 -14.70
N SER D 683 14.58 -44.04 -15.07
CA SER D 683 13.85 -42.92 -15.66
C SER D 683 13.81 -41.74 -14.71
N VAL D 684 14.27 -40.58 -15.20
CA VAL D 684 14.16 -39.33 -14.45
C VAL D 684 12.78 -38.70 -14.56
N PHE D 685 11.90 -39.26 -15.39
CA PHE D 685 10.53 -38.77 -15.50
C PHE D 685 9.68 -39.33 -14.38
N THR D 686 8.71 -38.53 -13.95
CA THR D 686 7.87 -38.86 -12.81
C THR D 686 6.40 -38.85 -13.22
N LYS D 687 5.58 -39.58 -12.46
CA LYS D 687 4.18 -39.71 -12.81
C LYS D 687 3.40 -38.43 -12.50
N THR D 688 3.66 -37.82 -11.34
CA THR D 688 2.95 -36.62 -10.94
C THR D 688 3.93 -35.57 -10.43
N THR D 689 3.46 -34.32 -10.37
CA THR D 689 4.30 -33.24 -9.88
C THR D 689 4.69 -33.46 -8.42
N ALA D 690 3.75 -33.94 -7.60
CA ALA D 690 4.05 -34.23 -6.21
C ALA D 690 5.14 -35.28 -6.09
N ASP D 691 5.11 -36.28 -6.98
CA ASP D 691 6.16 -37.29 -6.99
C ASP D 691 7.51 -36.67 -7.28
N GLY D 692 7.58 -35.74 -8.24
CA GLY D 692 8.84 -35.09 -8.55
C GLY D 692 9.34 -34.22 -7.41
N VAL D 693 8.44 -33.50 -6.75
CA VAL D 693 8.83 -32.68 -5.60
C VAL D 693 9.35 -33.55 -4.47
N ALA D 694 8.66 -34.67 -4.20
CA ALA D 694 9.12 -35.60 -3.17
C ALA D 694 10.48 -36.18 -3.52
N ARG D 695 10.69 -36.50 -4.80
CA ARG D 695 11.98 -37.01 -5.24
C ARG D 695 13.08 -35.97 -5.06
N VAL D 696 12.77 -34.70 -5.35
CA VAL D 696 13.74 -33.64 -5.09
C VAL D 696 14.09 -33.59 -3.61
N ARG D 697 13.07 -33.66 -2.75
CA ARG D 697 13.31 -33.54 -1.32
C ARG D 697 14.10 -34.71 -0.76
N LYS D 698 13.84 -35.92 -1.26
CA LYS D 698 14.48 -37.11 -0.70
C LYS D 698 15.82 -37.45 -1.35
N SER D 699 16.20 -36.76 -2.42
CA SER D 699 17.39 -37.14 -3.16
C SER D 699 18.67 -36.51 -2.64
N LYS D 700 18.59 -35.73 -1.55
CA LYS D 700 19.77 -35.12 -0.92
C LYS D 700 20.55 -34.26 -1.92
N GLY D 701 19.83 -33.50 -2.73
CA GLY D 701 20.45 -32.57 -3.65
C GLY D 701 20.99 -33.17 -4.92
N LYS D 702 20.75 -34.46 -5.17
CA LYS D 702 21.22 -35.12 -6.38
C LYS D 702 20.14 -35.22 -7.44
N PHE D 703 19.03 -34.50 -7.29
CA PHE D 703 17.97 -34.47 -8.28
C PHE D 703 17.41 -33.06 -8.38
N ALA D 704 17.14 -32.64 -9.60
CA ALA D 704 16.49 -31.37 -9.86
C ALA D 704 15.22 -31.64 -10.68
N PHE D 705 14.19 -30.84 -10.44
CA PHE D 705 12.91 -31.02 -11.11
C PHE D 705 12.64 -29.82 -12.00
N LEU D 706 12.16 -30.07 -13.21
CA LEU D 706 11.77 -29.01 -14.12
C LEU D 706 10.25 -28.90 -14.13
N LEU D 707 9.75 -27.72 -13.83
CA LEU D 707 8.31 -27.53 -13.71
C LEU D 707 7.98 -26.06 -13.90
N GLU D 708 6.69 -25.75 -13.87
CA GLU D 708 6.26 -24.36 -14.05
C GLU D 708 6.81 -23.48 -12.94
N SER D 709 7.13 -22.24 -13.29
CA SER D 709 7.75 -21.33 -12.34
C SER D 709 6.79 -20.97 -11.20
N THR D 710 5.49 -20.84 -11.51
CA THR D 710 4.53 -20.51 -10.47
C THR D 710 4.42 -21.62 -9.44
N MET D 711 4.32 -22.87 -9.89
CA MET D 711 4.29 -23.99 -8.96
C MET D 711 5.60 -24.11 -8.19
N ASN D 712 6.73 -23.83 -8.86
CA ASN D 712 8.01 -23.88 -8.18
C ASN D 712 8.08 -22.87 -7.06
N GLU D 713 7.65 -21.64 -7.31
CA GLU D 713 7.63 -20.61 -6.26
C GLU D 713 6.66 -20.99 -5.15
N TYR D 714 5.48 -21.49 -5.50
CA TYR D 714 4.48 -21.85 -4.50
C TYR D 714 5.01 -22.93 -3.57
N ILE D 715 5.62 -23.98 -4.14
CA ILE D 715 6.16 -25.05 -3.31
C ILE D 715 7.37 -24.56 -2.54
N GLU D 716 8.13 -23.60 -3.08
CA GLU D 716 9.21 -22.98 -2.33
C GLU D 716 8.69 -22.30 -1.07
N GLN D 717 7.50 -21.70 -1.14
CA GLN D 717 6.91 -20.99 -0.01
C GLN D 717 5.99 -21.86 0.84
N ARG D 718 6.24 -23.17 0.92
CA ARG D 718 5.44 -24.06 1.74
C ARG D 718 6.34 -25.00 2.54
N LYS D 719 5.82 -25.45 3.68
CA LYS D 719 6.57 -26.32 4.55
C LYS D 719 6.74 -27.69 3.91
N PRO D 720 7.85 -28.39 4.19
CA PRO D 720 8.90 -28.07 5.16
C PRO D 720 9.95 -27.06 4.69
N CYS D 721 9.68 -26.33 3.60
CA CYS D 721 10.56 -25.26 3.12
C CYS D 721 11.97 -25.77 2.87
N ASP D 722 12.08 -26.75 1.97
CA ASP D 722 13.37 -27.34 1.64
C ASP D 722 13.64 -27.39 0.15
N THR D 723 12.85 -26.70 -0.67
CA THR D 723 13.07 -26.63 -2.11
C THR D 723 13.10 -25.17 -2.54
N MET D 724 13.88 -24.88 -3.58
CA MET D 724 14.05 -23.53 -4.07
C MET D 724 14.14 -23.52 -5.59
N LYS D 725 13.67 -22.41 -6.16
CA LYS D 725 13.78 -22.12 -7.58
C LYS D 725 15.14 -21.54 -7.89
N VAL D 726 15.80 -22.09 -8.92
CA VAL D 726 17.12 -21.61 -9.32
C VAL D 726 17.07 -21.20 -10.79
N GLY D 727 17.76 -20.10 -11.11
CA GLY D 727 17.90 -19.67 -12.48
C GLY D 727 16.65 -18.97 -13.02
N GLY D 728 16.76 -18.59 -14.29
CA GLY D 728 15.64 -17.99 -14.99
C GLY D 728 14.80 -19.04 -15.70
N ASN D 729 13.70 -18.58 -16.28
CA ASN D 729 12.79 -19.47 -16.98
C ASN D 729 13.40 -19.95 -18.28
N LEU D 730 13.07 -21.19 -18.64
CA LEU D 730 13.58 -21.77 -19.88
C LEU D 730 12.72 -21.44 -21.09
N ASP D 731 11.52 -20.90 -20.87
CA ASP D 731 10.67 -20.41 -21.96
C ASP D 731 9.71 -19.38 -21.38
N SER D 732 8.76 -18.95 -22.22
CA SER D 732 7.79 -17.94 -21.83
C SER D 732 6.38 -18.45 -22.14
N LYS D 733 5.50 -18.37 -21.15
CA LYS D 733 4.11 -18.77 -21.30
C LYS D 733 3.26 -17.80 -20.49
N GLY D 734 1.96 -17.82 -20.76
CA GLY D 734 1.04 -16.97 -20.02
C GLY D 734 -0.23 -17.69 -19.68
N TYR D 735 -0.86 -17.27 -18.59
CA TYR D 735 -2.20 -17.69 -18.22
C TYR D 735 -3.19 -16.63 -18.66
N GLY D 736 -4.26 -17.04 -19.32
CA GLY D 736 -5.25 -16.11 -19.81
C GLY D 736 -6.64 -16.50 -19.36
N VAL D 737 -7.52 -15.51 -19.30
CA VAL D 737 -8.93 -15.75 -18.99
C VAL D 737 -9.65 -16.06 -20.30
N ALA D 738 -10.28 -17.22 -20.35
CA ALA D 738 -10.83 -17.75 -21.60
C ALA D 738 -12.33 -17.54 -21.67
N THR D 739 -12.82 -17.34 -22.90
CA THR D 739 -14.19 -17.03 -23.19
C THR D 739 -14.56 -17.74 -24.48
N PRO D 740 -15.83 -18.06 -24.70
CA PRO D 740 -16.22 -18.65 -25.99
C PRO D 740 -15.98 -17.70 -27.16
N LYS D 741 -15.77 -18.28 -28.33
CA LYS D 741 -15.61 -17.50 -29.55
C LYS D 741 -16.86 -16.67 -29.81
N GLY D 742 -16.67 -15.39 -30.11
CA GLY D 742 -17.78 -14.53 -30.43
C GLY D 742 -18.61 -14.10 -29.25
N SER D 743 -18.19 -14.43 -28.03
CA SER D 743 -18.94 -14.04 -26.85
C SER D 743 -18.85 -12.54 -26.63
N ALA D 744 -19.90 -11.97 -26.02
CA ALA D 744 -19.94 -10.55 -25.76
C ALA D 744 -19.07 -10.13 -24.58
N LEU D 745 -18.51 -11.08 -23.84
CA LEU D 745 -17.71 -10.77 -22.66
C LEU D 745 -16.22 -10.74 -22.94
N GLY D 746 -15.79 -11.11 -24.15
CA GLY D 746 -14.36 -11.23 -24.41
C GLY D 746 -13.63 -9.90 -24.31
N THR D 747 -14.14 -8.89 -25.02
CA THR D 747 -13.53 -7.55 -24.96
C THR D 747 -13.60 -6.94 -23.57
N PRO D 748 -14.75 -6.92 -22.87
CA PRO D 748 -14.75 -6.41 -21.49
C PRO D 748 -13.80 -7.15 -20.57
N VAL D 749 -13.69 -8.47 -20.71
CA VAL D 749 -12.80 -9.21 -19.81
C VAL D 749 -11.35 -8.91 -20.12
N ASN D 750 -11.00 -8.80 -21.41
CA ASN D 750 -9.63 -8.44 -21.77
C ASN D 750 -9.28 -7.05 -21.23
N LEU D 751 -10.18 -6.10 -21.40
CA LEU D 751 -9.93 -4.75 -20.89
C LEU D 751 -9.82 -4.75 -19.36
N ALA D 752 -10.64 -5.55 -18.69
CA ALA D 752 -10.58 -5.64 -17.24
C ALA D 752 -9.26 -6.22 -16.78
N VAL D 753 -8.77 -7.25 -17.48
CA VAL D 753 -7.47 -7.82 -17.13
C VAL D 753 -6.37 -6.79 -17.31
N LEU D 754 -6.42 -6.02 -18.41
CA LEU D 754 -5.42 -4.98 -18.62
C LEU D 754 -5.48 -3.92 -17.53
N LYS D 755 -6.70 -3.49 -17.16
CA LYS D 755 -6.84 -2.52 -16.08
C LYS D 755 -6.26 -3.04 -14.78
N LEU D 756 -6.59 -4.29 -14.42
CA LEU D 756 -6.06 -4.87 -13.19
C LEU D 756 -4.55 -4.98 -13.25
N SER D 757 -3.99 -5.24 -14.42
CA SER D 757 -2.54 -5.31 -14.56
C SER D 757 -1.90 -3.95 -14.32
N GLU D 758 -2.44 -2.90 -14.93
CA GLU D 758 -1.81 -1.59 -14.81
C GLU D 758 -2.01 -0.97 -13.43
N GLN D 759 -3.07 -1.37 -12.71
CA GLN D 759 -3.29 -0.86 -11.36
C GLN D 759 -2.50 -1.61 -10.30
N GLY D 760 -1.76 -2.65 -10.67
CA GLY D 760 -0.98 -3.39 -9.71
C GLY D 760 -1.76 -4.38 -8.88
N ILE D 761 -2.98 -4.71 -9.27
CA ILE D 761 -3.81 -5.61 -8.47
C ILE D 761 -3.42 -7.06 -8.70
N LEU D 762 -3.01 -7.40 -9.93
CA LEU D 762 -2.56 -8.75 -10.22
C LEU D 762 -1.31 -9.08 -9.42
N ASP D 763 -0.34 -8.16 -9.36
CA ASP D 763 0.84 -8.36 -8.56
C ASP D 763 0.50 -8.43 -7.07
N LYS D 764 -0.47 -7.62 -6.63
CA LYS D 764 -0.90 -7.67 -5.24
C LYS D 764 -1.49 -9.02 -4.88
N LEU D 765 -2.32 -9.58 -5.75
CA LEU D 765 -2.87 -10.91 -5.52
C LEU D 765 -1.79 -11.98 -5.54
N LYS D 766 -0.84 -11.85 -6.47
CA LYS D 766 0.28 -12.80 -6.52
C LYS D 766 1.05 -12.79 -5.20
N ASN D 767 1.37 -11.60 -4.69
CA ASN D 767 2.08 -11.50 -3.43
C ASN D 767 1.25 -12.04 -2.28
N LYS D 768 -0.06 -11.75 -2.29
CA LYS D 768 -0.92 -12.22 -1.21
C LYS D 768 -0.98 -13.73 -1.15
N TRP D 769 -1.15 -14.38 -2.29
CA TRP D 769 -1.38 -15.82 -2.30
C TRP D 769 -0.10 -16.65 -2.42
N TRP D 770 1.04 -16.03 -2.70
CA TRP D 770 2.30 -16.75 -2.75
C TRP D 770 3.18 -16.48 -1.55
N TYR D 771 3.27 -15.23 -1.10
CA TYR D 771 4.21 -14.83 -0.06
C TYR D 771 3.55 -14.34 1.22
N ASP D 772 2.41 -13.65 1.14
CA ASP D 772 1.72 -13.25 2.35
C ASP D 772 1.21 -14.46 3.12
N LYS D 773 0.75 -15.48 2.40
CA LYS D 773 0.31 -16.73 3.00
C LYS D 773 1.38 -17.81 2.96
N GLY D 774 2.62 -17.45 2.66
CA GLY D 774 3.71 -18.40 2.70
C GLY D 774 4.05 -18.80 4.13
N GLU D 775 4.57 -20.01 4.27
CA GLU D 775 4.93 -20.56 5.55
C GLU D 775 6.43 -20.60 5.79
N CYS D 776 7.22 -19.97 4.93
CA CYS D 776 8.67 -19.98 5.05
C CYS D 776 9.25 -18.61 5.34
N GLY D 777 8.45 -17.54 5.30
CA GLY D 777 8.97 -16.22 5.57
C GLY D 777 9.82 -15.70 4.42
N ALA D 778 10.71 -14.77 4.74
CA ALA D 778 11.60 -14.15 3.78
C ALA D 778 12.99 -14.78 3.88
N SER D 788 26.79 -24.37 17.12
CA SER D 788 27.88 -23.54 16.67
C SER D 788 29.25 -24.01 17.15
N ALA D 789 29.29 -24.75 18.26
CA ALA D 789 30.55 -25.36 18.69
C ALA D 789 30.96 -26.40 17.66
N LEU D 790 32.13 -26.20 17.05
CA LEU D 790 32.53 -27.08 15.96
C LEU D 790 32.83 -28.47 16.49
N SER D 791 32.37 -29.47 15.76
CA SER D 791 32.32 -30.85 16.23
C SER D 791 33.53 -31.64 15.75
N LEU D 792 33.59 -32.90 16.17
CA LEU D 792 34.70 -33.77 15.80
C LEU D 792 34.74 -34.02 14.30
N SER D 793 33.59 -34.00 13.63
CA SER D 793 33.57 -34.18 12.19
C SER D 793 34.26 -33.03 11.47
N ASN D 794 34.31 -31.86 12.09
CA ASN D 794 35.01 -30.72 11.49
C ASN D 794 36.52 -30.90 11.51
N VAL D 795 37.07 -31.70 12.42
CA VAL D 795 38.50 -31.86 12.56
C VAL D 795 38.90 -33.33 12.61
N ALA D 796 38.06 -34.21 12.05
CA ALA D 796 38.36 -35.63 12.08
C ALA D 796 39.58 -35.96 11.23
N GLY D 797 39.77 -35.26 10.13
CA GLY D 797 40.87 -35.57 9.23
C GLY D 797 42.22 -35.31 9.85
N VAL D 798 42.33 -34.28 10.69
CA VAL D 798 43.61 -34.02 11.34
C VAL D 798 43.91 -35.11 12.37
N PHE D 799 42.88 -35.65 13.01
CA PHE D 799 43.07 -36.81 13.89
C PHE D 799 43.54 -38.03 13.12
N TYR D 800 42.94 -38.28 11.95
CA TYR D 800 43.36 -39.40 11.12
C TYR D 800 44.82 -39.23 10.67
N ILE D 801 45.19 -38.01 10.28
CA ILE D 801 46.57 -37.73 9.91
C ILE D 801 47.51 -37.96 11.08
N LEU D 802 47.09 -37.55 12.28
CA LEU D 802 47.93 -37.72 13.46
C LEU D 802 48.17 -39.19 13.77
N VAL D 803 47.12 -40.00 13.75
CA VAL D 803 47.30 -41.42 14.05
C VAL D 803 48.08 -42.12 12.95
N GLY D 804 47.86 -41.72 11.69
CA GLY D 804 48.66 -42.27 10.61
C GLY D 804 50.14 -41.94 10.74
N GLY D 805 50.44 -40.71 11.14
CA GLY D 805 51.83 -40.34 11.37
C GLY D 805 52.45 -41.10 12.53
N LEU D 806 51.67 -41.33 13.59
CA LEU D 806 52.17 -42.14 14.70
C LEU D 806 52.49 -43.56 14.24
N GLY D 807 51.60 -44.16 13.45
CA GLY D 807 51.87 -45.48 12.92
C GLY D 807 53.07 -45.51 12.00
N LEU D 808 53.23 -44.47 11.18
CA LEU D 808 54.38 -44.38 10.30
C LEU D 808 55.69 -44.29 11.09
N ALA D 809 55.71 -43.49 12.15
CA ALA D 809 56.91 -43.38 12.97
C ALA D 809 57.23 -44.70 13.66
N MET D 810 56.20 -45.40 14.16
CA MET D 810 56.42 -46.71 14.75
C MET D 810 57.01 -47.67 13.73
N MET D 811 56.47 -47.67 12.50
CA MET D 811 56.97 -48.56 11.47
C MET D 811 58.42 -48.25 11.11
N VAL D 812 58.75 -46.95 11.00
CA VAL D 812 60.12 -46.56 10.64
C VAL D 812 61.09 -47.00 11.73
N ALA D 813 60.73 -46.76 12.99
CA ALA D 813 61.60 -47.15 14.10
C ALA D 813 61.79 -48.66 14.15
N LEU D 814 60.70 -49.42 13.95
CA LEU D 814 60.82 -50.87 13.99
C LEU D 814 61.62 -51.42 12.82
N ILE D 815 61.48 -50.81 11.63
CA ILE D 815 62.26 -51.25 10.49
C ILE D 815 63.74 -51.00 10.74
N GLU D 816 64.08 -49.84 11.28
CA GLU D 816 65.48 -49.57 11.60
C GLU D 816 66.01 -50.55 12.65
N PHE D 817 65.18 -50.86 13.67
CA PHE D 817 65.60 -51.80 14.70
C PHE D 817 65.85 -53.19 14.10
N CYS D 818 64.97 -53.64 13.22
CA CYS D 818 65.15 -54.95 12.60
C CYS D 818 66.40 -54.98 11.72
N TYR D 819 66.64 -53.90 10.97
CA TYR D 819 67.83 -53.84 10.13
C TYR D 819 69.10 -53.89 10.99
N LYS D 820 69.13 -53.12 12.08
CA LYS D 820 70.31 -53.12 12.93
C LYS D 820 70.49 -54.46 13.64
N SER D 821 69.38 -55.11 14.01
CA SER D 821 69.48 -56.45 14.59
C SER D 821 70.10 -57.44 13.60
N ARG D 822 69.65 -57.40 12.35
CA ARG D 822 70.24 -58.28 11.34
C ARG D 822 71.71 -57.96 11.12
N ALA D 823 72.05 -56.67 11.08
CA ALA D 823 73.44 -56.28 10.88
C ALA D 823 74.32 -56.75 12.02
N GLU D 824 73.84 -56.64 13.27
CA GLU D 824 74.62 -57.11 14.41
C GLU D 824 74.71 -58.63 14.43
N SER D 825 73.67 -59.32 13.95
CA SER D 825 73.75 -60.77 13.80
C SER D 825 74.83 -61.15 12.78
N LYS D 826 74.90 -60.43 11.66
CA LYS D 826 75.96 -60.67 10.69
C LYS D 826 77.33 -60.36 11.29
N ARG D 827 77.44 -59.24 11.99
CA ARG D 827 78.71 -58.82 12.56
C ARG D 827 78.79 -59.20 14.04
N ARG E 853 81.19 -41.53 -4.34
CA ARG E 853 81.40 -40.44 -5.30
C ARG E 853 80.83 -40.78 -6.67
N GLY E 854 81.10 -41.99 -7.14
CA GLY E 854 80.60 -42.40 -8.45
C GLY E 854 79.09 -42.52 -8.48
N VAL E 855 78.50 -43.14 -7.46
CA VAL E 855 77.05 -43.29 -7.43
C VAL E 855 76.38 -41.93 -7.23
N GLN E 856 76.98 -41.07 -6.40
CA GLN E 856 76.44 -39.72 -6.24
C GLN E 856 76.55 -38.93 -7.54
N MET E 857 77.67 -39.09 -8.25
CA MET E 857 77.83 -38.41 -9.53
C MET E 857 76.80 -38.86 -10.53
N LEU E 858 76.56 -40.18 -10.60
CA LEU E 858 75.54 -40.72 -11.50
C LEU E 858 74.15 -40.24 -11.14
N LEU E 859 73.81 -40.24 -9.84
CA LEU E 859 72.51 -39.75 -9.43
C LEU E 859 72.33 -38.29 -9.78
N THR E 860 73.36 -37.46 -9.57
CA THR E 860 73.27 -36.06 -9.92
C THR E 860 73.06 -35.88 -11.42
N THR E 861 73.81 -36.63 -12.23
CA THR E 861 73.67 -36.51 -13.68
C THR E 861 72.28 -36.92 -14.15
N VAL E 862 71.79 -38.05 -13.66
CA VAL E 862 70.47 -38.54 -14.07
C VAL E 862 69.38 -37.59 -13.61
N GLY E 863 69.48 -37.10 -12.38
CA GLY E 863 68.47 -36.16 -11.90
C GLY E 863 68.48 -34.85 -12.65
N ALA E 864 69.68 -34.35 -13.00
CA ALA E 864 69.76 -33.13 -13.79
C ALA E 864 69.13 -33.32 -15.16
N PHE E 865 69.42 -34.44 -15.82
CA PHE E 865 68.80 -34.70 -17.11
C PHE E 865 67.29 -34.83 -16.98
N ALA E 866 66.82 -35.51 -15.93
CA ALA E 866 65.39 -35.68 -15.72
C ALA E 866 64.71 -34.35 -15.51
N ALA E 867 65.29 -33.48 -14.69
CA ALA E 867 64.69 -32.18 -14.43
C ALA E 867 64.67 -31.32 -15.69
N PHE E 868 65.77 -31.33 -16.45
CA PHE E 868 65.80 -30.55 -17.69
C PHE E 868 64.75 -31.04 -18.67
N SER E 869 64.64 -32.36 -18.85
CA SER E 869 63.67 -32.89 -19.80
C SER E 869 62.24 -32.63 -19.34
N LEU E 870 61.97 -32.79 -18.04
CA LEU E 870 60.63 -32.52 -17.53
C LEU E 870 60.24 -31.06 -17.72
N MET E 871 61.17 -30.13 -17.44
CA MET E 871 60.84 -28.72 -17.59
C MET E 871 60.69 -28.34 -19.06
N THR E 872 61.52 -28.91 -19.93
CA THR E 872 61.39 -28.62 -21.36
C THR E 872 60.07 -29.15 -21.90
N ILE E 873 59.67 -30.35 -21.48
CA ILE E 873 58.39 -30.91 -21.94
C ILE E 873 57.23 -30.10 -21.37
N ALA E 874 57.35 -29.63 -20.13
CA ALA E 874 56.30 -28.80 -19.55
C ALA E 874 56.15 -27.49 -20.31
N VAL E 875 57.27 -26.85 -20.64
CA VAL E 875 57.21 -25.58 -21.36
C VAL E 875 56.69 -25.78 -22.78
N GLY E 876 57.04 -26.91 -23.40
CA GLY E 876 56.69 -27.12 -24.80
C GLY E 876 55.26 -27.57 -25.05
N THR E 877 54.65 -28.27 -24.11
CA THR E 877 53.34 -28.86 -24.33
C THR E 877 52.22 -27.93 -23.87
N ASP E 878 50.99 -28.34 -24.17
CA ASP E 878 49.80 -27.51 -23.93
C ASP E 878 48.86 -28.09 -22.90
N TYR E 879 49.28 -29.08 -22.12
CA TYR E 879 48.41 -29.65 -21.10
C TYR E 879 48.71 -29.07 -19.73
N TRP E 880 48.64 -27.74 -19.63
CA TRP E 880 48.83 -27.05 -18.36
C TRP E 880 47.52 -26.89 -17.60
N LEU E 881 46.44 -26.61 -18.31
CA LEU E 881 45.16 -26.31 -17.70
C LEU E 881 44.04 -26.87 -18.56
N TYR E 882 42.99 -27.35 -17.89
CA TYR E 882 41.74 -27.75 -18.54
C TYR E 882 40.67 -26.76 -18.14
N SER E 883 40.07 -26.10 -19.12
CA SER E 883 39.08 -25.07 -18.83
C SER E 883 38.02 -25.09 -19.93
N ARG E 884 37.19 -24.06 -19.97
CA ARG E 884 36.15 -23.93 -20.99
C ARG E 884 36.37 -22.62 -21.74
N GLY E 885 36.71 -22.72 -23.01
CA GLY E 885 36.92 -21.55 -23.82
C GLY E 885 36.73 -21.88 -25.29
N VAL E 886 37.00 -20.89 -26.13
CA VAL E 886 36.86 -21.05 -27.57
C VAL E 886 38.22 -21.17 -28.23
N GLU E 903 32.13 -21.67 -26.22
CA GLU E 903 32.58 -22.19 -24.93
C GLU E 903 32.59 -23.72 -24.95
N VAL E 904 33.78 -24.28 -25.17
CA VAL E 904 33.97 -25.71 -25.29
C VAL E 904 35.12 -26.12 -24.36
N MET E 905 35.08 -27.36 -23.90
CA MET E 905 36.17 -27.90 -23.10
C MET E 905 37.48 -27.82 -23.88
N THR E 906 38.47 -27.12 -23.31
CA THR E 906 39.75 -26.90 -23.96
C THR E 906 40.88 -27.22 -22.97
N HIS E 907 42.05 -27.47 -23.54
CA HIS E 907 43.28 -27.60 -22.78
C HIS E 907 44.29 -26.59 -23.30
N SER E 908 44.93 -25.87 -22.38
CA SER E 908 45.82 -24.77 -22.73
C SER E 908 47.13 -24.90 -21.98
N GLY E 909 48.20 -24.38 -22.58
CA GLY E 909 49.51 -24.37 -21.96
C GLY E 909 50.01 -22.96 -21.74
N LEU E 910 51.32 -22.76 -21.89
CA LEU E 910 51.88 -21.43 -21.73
C LEU E 910 51.64 -20.55 -22.94
N TRP E 911 51.52 -21.12 -24.13
CA TRP E 911 51.45 -20.34 -25.36
C TRP E 911 50.18 -20.55 -26.16
N ARG E 912 49.53 -21.71 -26.04
CA ARG E 912 48.53 -22.12 -27.01
C ARG E 912 47.39 -22.85 -26.33
N THR E 913 46.18 -22.67 -26.86
CA THR E 913 44.99 -23.33 -26.35
C THR E 913 44.33 -24.14 -27.45
N CYS E 914 43.76 -25.29 -27.08
CA CYS E 914 43.33 -26.32 -28.01
C CYS E 914 41.96 -26.86 -27.60
N CYS E 915 41.11 -27.12 -28.58
CA CYS E 915 39.76 -27.63 -28.30
C CYS E 915 39.80 -29.14 -28.11
N LEU E 916 39.24 -29.62 -27.00
CA LEU E 916 39.23 -31.06 -26.72
C LEU E 916 38.05 -31.76 -27.38
N GLU E 917 36.83 -31.43 -26.96
CA GLU E 917 35.62 -32.14 -27.38
C GLU E 917 34.50 -31.16 -27.71
N PHE E 920 35.08 -28.73 -33.57
CA PHE E 920 36.37 -29.03 -34.18
C PHE E 920 37.41 -29.37 -33.12
N LYS E 921 37.99 -30.57 -33.23
CA LYS E 921 38.93 -31.10 -32.25
C LYS E 921 40.36 -30.85 -32.73
N GLY E 922 41.23 -30.46 -31.81
CA GLY E 922 42.63 -30.32 -32.09
C GLY E 922 43.05 -29.01 -32.70
N LEU E 923 42.11 -28.15 -33.06
CA LEU E 923 42.47 -26.84 -33.58
C LEU E 923 42.99 -25.96 -32.45
N CYS E 924 43.90 -25.07 -32.78
CA CYS E 924 44.70 -24.36 -31.81
C CYS E 924 44.68 -22.86 -32.06
N LYS E 925 44.89 -22.09 -31.01
CA LYS E 925 45.18 -20.67 -31.20
C LYS E 925 46.13 -20.19 -30.12
N GLN E 926 46.92 -19.17 -30.47
CA GLN E 926 47.82 -18.56 -29.50
C GLN E 926 47.02 -17.82 -28.43
N ILE E 927 47.46 -17.97 -27.18
CA ILE E 927 46.75 -17.31 -26.04
C ILE E 927 46.98 -15.80 -26.11
N ASP E 928 45.89 -15.02 -26.19
CA ASP E 928 46.03 -13.53 -26.20
C ASP E 928 46.35 -13.06 -24.78
N HIS E 929 47.63 -12.98 -24.43
CA HIS E 929 48.03 -12.60 -23.08
C HIS E 929 47.78 -11.13 -22.80
N PHE E 930 47.44 -10.33 -23.81
CA PHE E 930 47.24 -8.89 -23.66
C PHE E 930 45.87 -8.54 -24.23
N ALA E 941 51.21 -2.42 -12.62
CA ALA E 941 51.21 -3.68 -11.86
C ALA E 941 50.60 -4.80 -12.69
N GLU E 942 49.39 -4.57 -13.20
CA GLU E 942 48.75 -5.55 -14.06
C GLU E 942 49.53 -5.73 -15.36
N TYR E 943 50.03 -4.63 -15.92
CA TYR E 943 50.80 -4.72 -17.15
C TYR E 943 52.08 -5.52 -16.94
N PHE E 944 52.75 -5.30 -15.81
CA PHE E 944 53.97 -6.05 -15.52
C PHE E 944 53.68 -7.54 -15.38
N LEU E 945 52.60 -7.89 -14.66
CA LEU E 945 52.24 -9.30 -14.52
C LEU E 945 51.91 -9.92 -15.86
N ARG E 946 51.16 -9.20 -16.70
CA ARG E 946 50.82 -9.74 -18.01
C ARG E 946 52.03 -9.88 -18.91
N ALA E 947 52.99 -8.95 -18.82
CA ALA E 947 54.22 -9.09 -19.60
C ALA E 947 55.06 -10.27 -19.13
N VAL E 948 55.19 -10.44 -17.82
CA VAL E 948 55.96 -11.56 -17.28
C VAL E 948 55.30 -12.89 -17.62
N ARG E 949 53.97 -12.92 -17.65
CA ARG E 949 53.26 -14.14 -18.00
C ARG E 949 53.35 -14.43 -19.50
N ALA E 950 53.20 -13.39 -20.32
CA ALA E 950 53.24 -13.56 -21.76
C ALA E 950 54.61 -14.03 -22.22
N SER E 951 55.67 -13.42 -21.69
CA SER E 951 57.02 -13.80 -22.10
C SER E 951 57.39 -15.17 -21.55
N SER E 952 56.75 -15.59 -20.45
CA SER E 952 57.07 -16.85 -19.78
C SER E 952 58.55 -16.91 -19.43
N ILE E 953 59.08 -15.78 -18.95
CA ILE E 953 60.51 -15.67 -18.72
C ILE E 953 60.98 -16.59 -17.61
N PHE E 954 60.14 -16.88 -16.65
CA PHE E 954 60.61 -17.63 -15.49
C PHE E 954 60.70 -19.13 -15.76
N PRO E 955 59.70 -19.77 -16.39
CA PRO E 955 59.92 -21.17 -16.82
C PRO E 955 61.07 -21.32 -17.80
N ILE E 956 61.22 -20.37 -18.74
CA ILE E 956 62.32 -20.44 -19.70
C ILE E 956 63.65 -20.26 -19.00
N LEU E 957 63.71 -19.35 -18.02
CA LEU E 957 64.92 -19.14 -17.24
C LEU E 957 65.24 -20.38 -16.43
N SER E 958 64.21 -21.07 -15.92
CA SER E 958 64.44 -22.34 -15.23
C SER E 958 65.07 -23.36 -16.16
N VAL E 959 64.56 -23.44 -17.40
CA VAL E 959 65.14 -24.37 -18.37
C VAL E 959 66.60 -24.02 -18.64
N ILE E 960 66.89 -22.73 -18.81
CA ILE E 960 68.25 -22.28 -19.10
C ILE E 960 69.19 -22.60 -17.94
N LEU E 961 68.73 -22.35 -16.72
CA LEU E 961 69.56 -22.63 -15.54
C LEU E 961 69.80 -24.13 -15.36
N LEU E 962 68.79 -24.95 -15.67
CA LEU E 962 68.98 -26.39 -15.63
C LEU E 962 70.01 -26.82 -16.67
N PHE E 963 69.94 -26.24 -17.86
CA PHE E 963 70.91 -26.57 -18.90
C PHE E 963 72.32 -26.17 -18.48
N MET E 964 72.46 -24.99 -17.87
CA MET E 964 73.78 -24.55 -17.42
C MET E 964 74.31 -25.43 -16.29
N GLY E 965 73.46 -25.86 -15.38
CA GLY E 965 73.88 -26.80 -14.35
C GLY E 965 74.33 -28.13 -14.93
N GLY E 966 73.60 -28.62 -15.93
CA GLY E 966 74.04 -29.83 -16.62
C GLY E 966 75.36 -29.66 -17.32
N LEU E 967 75.57 -28.49 -17.93
CA LEU E 967 76.87 -28.21 -18.55
C LEU E 967 77.99 -28.19 -17.51
N CYS E 968 77.70 -27.62 -16.34
CA CYS E 968 78.69 -27.63 -15.25
C CYS E 968 79.01 -29.05 -14.82
N ILE E 969 77.99 -29.90 -14.71
CA ILE E 969 78.22 -31.31 -14.40
C ILE E 969 79.11 -31.95 -15.47
N ALA E 970 78.81 -31.69 -16.74
CA ALA E 970 79.60 -32.27 -17.82
C ALA E 970 81.06 -31.81 -17.76
N ALA E 971 81.28 -30.51 -17.52
CA ALA E 971 82.63 -29.96 -17.49
C ALA E 971 83.38 -30.33 -16.23
N SER E 972 82.68 -30.76 -15.17
CA SER E 972 83.37 -31.18 -13.96
C SER E 972 84.24 -32.40 -14.19
N GLU E 973 83.82 -33.32 -15.05
CA GLU E 973 84.62 -34.51 -15.31
C GLU E 973 85.83 -34.23 -16.18
N PHE E 974 85.83 -33.14 -16.94
CA PHE E 974 87.00 -32.77 -17.73
C PHE E 974 88.07 -32.11 -16.86
N TYR E 975 87.65 -31.27 -15.91
CA TYR E 975 88.56 -30.57 -15.00
C TYR E 975 88.26 -31.10 -13.59
N LYS E 976 88.94 -32.19 -13.23
CA LYS E 976 88.66 -32.86 -11.97
C LYS E 976 89.15 -32.08 -10.76
N THR E 977 90.08 -31.14 -10.96
CA THR E 977 90.65 -30.40 -9.83
C THR E 977 89.90 -29.12 -9.50
N ARG E 978 89.08 -28.62 -10.43
CA ARG E 978 88.34 -27.38 -10.22
C ARG E 978 87.04 -27.73 -9.49
N HIS E 979 87.03 -27.50 -8.18
CA HIS E 979 85.89 -27.92 -7.37
C HIS E 979 84.74 -26.92 -7.45
N ASN E 980 85.01 -25.70 -7.93
CA ASN E 980 83.95 -24.69 -7.96
C ASN E 980 82.94 -24.94 -9.06
N ILE E 981 83.23 -25.89 -9.96
CA ILE E 981 82.27 -26.24 -11.01
C ILE E 981 81.07 -26.97 -10.40
N ILE E 982 81.35 -27.83 -9.43
CA ILE E 982 80.27 -28.50 -8.69
C ILE E 982 79.42 -27.49 -7.94
N LEU E 983 80.07 -26.51 -7.31
CA LEU E 983 79.34 -25.46 -6.61
C LEU E 983 78.49 -24.66 -7.57
N SER E 984 79.02 -24.34 -8.75
CA SER E 984 78.26 -23.63 -9.76
C SER E 984 77.05 -24.43 -10.19
N ALA E 985 77.22 -25.74 -10.39
CA ALA E 985 76.10 -26.59 -10.76
C ALA E 985 75.02 -26.58 -9.69
N GLY E 986 75.41 -26.68 -8.42
CA GLY E 986 74.44 -26.65 -7.34
C GLY E 986 73.68 -25.33 -7.28
N ILE E 987 74.41 -24.22 -7.43
CA ILE E 987 73.77 -22.90 -7.45
C ILE E 987 72.79 -22.81 -8.61
N PHE E 988 73.17 -23.32 -9.78
CA PHE E 988 72.30 -23.29 -10.94
C PHE E 988 71.02 -24.08 -10.68
N PHE E 989 71.14 -25.25 -10.06
CA PHE E 989 69.96 -26.07 -9.82
C PHE E 989 69.02 -25.42 -8.80
N VAL E 990 69.59 -24.86 -7.73
CA VAL E 990 68.75 -24.19 -6.73
C VAL E 990 68.05 -22.97 -7.34
N SER E 991 68.80 -22.21 -8.15
CA SER E 991 68.22 -21.04 -8.80
C SER E 991 67.13 -21.44 -9.79
N ALA E 992 67.33 -22.55 -10.50
CA ALA E 992 66.31 -23.04 -11.42
C ALA E 992 65.04 -23.41 -10.68
N GLY E 993 65.19 -24.06 -9.53
CA GLY E 993 64.01 -24.35 -8.72
C GLY E 993 63.29 -23.11 -8.26
N LEU E 994 64.05 -22.09 -7.85
CA LEU E 994 63.43 -20.84 -7.39
C LEU E 994 62.70 -20.14 -8.53
N SER E 995 63.30 -20.10 -9.71
CA SER E 995 62.63 -19.51 -10.86
C SER E 995 61.41 -20.32 -11.27
N ASN E 996 61.45 -21.64 -11.08
CA ASN E 996 60.28 -22.48 -11.30
C ASN E 996 59.15 -22.08 -10.36
N ILE E 997 59.48 -21.86 -9.08
CA ILE E 997 58.47 -21.41 -8.12
C ILE E 997 57.85 -20.10 -8.58
N ILE E 998 58.69 -19.14 -8.97
CA ILE E 998 58.17 -17.84 -9.39
C ILE E 998 57.30 -17.97 -10.63
N GLY E 999 57.70 -18.83 -11.57
CA GLY E 999 56.90 -19.04 -12.76
C GLY E 999 55.56 -19.66 -12.46
N ILE E 1000 55.52 -20.61 -11.53
CA ILE E 1000 54.26 -21.25 -11.15
C ILE E 1000 53.33 -20.22 -10.52
N ILE E 1001 53.87 -19.39 -9.62
CA ILE E 1001 53.04 -18.39 -8.95
C ILE E 1001 52.53 -17.37 -9.97
N VAL E 1002 53.38 -16.94 -10.89
CA VAL E 1002 52.97 -15.99 -11.92
C VAL E 1002 51.89 -16.58 -12.80
N TYR E 1003 52.04 -17.85 -13.19
CA TYR E 1003 51.04 -18.50 -14.05
C TYR E 1003 49.69 -18.60 -13.35
N ILE E 1004 49.68 -19.02 -12.09
CA ILE E 1004 48.41 -19.15 -11.37
C ILE E 1004 47.78 -17.79 -11.15
N SER E 1005 48.57 -16.79 -10.76
CA SER E 1005 48.02 -15.46 -10.53
C SER E 1005 47.50 -14.83 -11.81
N ALA E 1006 48.13 -15.12 -12.96
CA ALA E 1006 47.61 -14.62 -14.22
C ALA E 1006 46.35 -15.35 -14.65
N ASN E 1007 46.24 -16.64 -14.35
CA ASN E 1007 44.98 -17.34 -14.58
C ASN E 1007 43.86 -16.78 -13.70
N ALA E 1008 44.19 -16.31 -12.50
CA ALA E 1008 43.18 -15.74 -11.62
C ALA E 1008 42.53 -14.51 -12.23
N TYR E 1021 37.84 -25.67 -13.47
CA TYR E 1021 39.12 -25.94 -14.10
C TYR E 1021 39.91 -26.98 -13.34
N SER E 1022 40.98 -27.46 -13.98
CA SER E 1022 41.92 -28.38 -13.35
C SER E 1022 43.24 -28.28 -14.09
N TYR E 1023 44.28 -28.83 -13.47
CA TYR E 1023 45.62 -28.79 -14.03
C TYR E 1023 45.96 -30.11 -14.72
N GLY E 1024 46.69 -30.01 -15.83
CA GLY E 1024 47.09 -31.17 -16.60
C GLY E 1024 48.47 -31.67 -16.20
N TRP E 1025 48.96 -32.63 -16.98
CA TRP E 1025 50.22 -33.29 -16.66
C TRP E 1025 51.44 -32.43 -16.94
N SER E 1026 51.31 -31.37 -17.75
CA SER E 1026 52.45 -30.50 -18.01
C SER E 1026 52.76 -29.61 -16.81
N PHE E 1027 51.73 -29.12 -16.12
CA PHE E 1027 51.92 -28.38 -14.89
C PHE E 1027 52.61 -29.23 -13.83
N TYR E 1028 52.20 -30.49 -13.71
CA TYR E 1028 52.82 -31.38 -12.74
C TYR E 1028 54.20 -31.83 -13.18
N PHE E 1029 54.47 -31.86 -14.49
CA PHE E 1029 55.83 -32.07 -14.95
C PHE E 1029 56.72 -30.92 -14.51
N GLY E 1030 56.22 -29.68 -14.59
CA GLY E 1030 56.98 -28.56 -14.06
C GLY E 1030 57.22 -28.64 -12.57
N ALA E 1031 56.19 -29.03 -11.81
CA ALA E 1031 56.35 -29.18 -10.37
C ALA E 1031 57.37 -30.25 -10.02
N LEU E 1032 57.30 -31.40 -10.70
CA LEU E 1032 58.26 -32.46 -10.48
C LEU E 1032 59.66 -32.03 -10.88
N SER E 1033 59.78 -31.22 -11.94
CA SER E 1033 61.08 -30.68 -12.31
C SER E 1033 61.64 -29.81 -11.20
N PHE E 1034 60.80 -29.00 -10.57
CA PHE E 1034 61.26 -28.20 -9.44
C PHE E 1034 61.80 -29.10 -8.32
N ILE E 1035 61.03 -30.13 -7.97
CA ILE E 1035 61.43 -31.01 -6.87
C ILE E 1035 62.76 -31.69 -7.17
N ILE E 1036 62.89 -32.23 -8.39
CA ILE E 1036 64.10 -32.94 -8.77
C ILE E 1036 65.29 -31.99 -8.83
N ALA E 1037 65.06 -30.76 -9.30
CA ALA E 1037 66.13 -29.77 -9.35
C ALA E 1037 66.65 -29.44 -7.97
N GLU E 1038 65.73 -29.28 -7.00
CA GLU E 1038 66.17 -28.98 -5.63
C GLU E 1038 66.94 -30.15 -5.03
N MET E 1039 66.48 -31.38 -5.26
CA MET E 1039 67.23 -32.54 -4.75
C MET E 1039 68.61 -32.64 -5.38
N VAL E 1040 68.71 -32.39 -6.69
CA VAL E 1040 69.99 -32.48 -7.38
C VAL E 1040 70.93 -31.37 -6.92
N GLY E 1041 70.37 -30.18 -6.63
CA GLY E 1041 71.19 -29.13 -6.06
C GLY E 1041 71.74 -29.49 -4.70
N VAL E 1042 70.91 -30.13 -3.85
CA VAL E 1042 71.40 -30.63 -2.57
C VAL E 1042 72.53 -31.62 -2.80
N LEU E 1043 72.37 -32.53 -3.76
CA LEU E 1043 73.42 -33.52 -4.04
C LEU E 1043 74.71 -32.86 -4.49
N ALA E 1044 74.62 -31.86 -5.38
CA ALA E 1044 75.82 -31.19 -5.86
C ALA E 1044 76.53 -30.42 -4.75
N VAL E 1045 75.76 -29.76 -3.87
CA VAL E 1045 76.37 -29.07 -2.74
C VAL E 1045 77.06 -30.07 -1.82
N HIS E 1046 76.45 -31.23 -1.63
CA HIS E 1046 77.08 -32.28 -0.83
C HIS E 1046 78.38 -32.75 -1.46
N MET E 1047 78.41 -32.90 -2.78
CA MET E 1047 79.63 -33.31 -3.45
C MET E 1047 80.73 -32.26 -3.32
N PHE E 1048 80.36 -30.98 -3.42
CA PHE E 1048 81.33 -29.91 -3.21
C PHE E 1048 81.91 -29.95 -1.80
N ILE E 1049 81.04 -30.12 -0.81
CA ILE E 1049 81.48 -30.22 0.58
C ILE E 1049 82.40 -31.41 0.77
N ASP E 1050 82.08 -32.54 0.13
CA ASP E 1050 82.90 -33.74 0.28
C ASP E 1050 84.26 -33.57 -0.38
N ARG E 1051 84.31 -32.93 -1.55
CA ARG E 1051 85.60 -32.67 -2.18
C ARG E 1051 86.48 -31.79 -1.31
N HIS E 1052 85.90 -30.75 -0.72
CA HIS E 1052 86.73 -29.90 0.14
C HIS E 1052 87.10 -30.59 1.44
N LYS E 1053 86.24 -31.48 1.95
CA LYS E 1053 86.60 -32.29 3.10
C LYS E 1053 87.79 -33.21 2.78
N GLN E 1054 87.78 -33.81 1.59
CA GLN E 1054 88.91 -34.63 1.18
C GLN E 1054 90.18 -33.79 1.04
N LEU E 1055 90.04 -32.56 0.53
CA LEU E 1055 91.20 -31.69 0.44
C LEU E 1055 91.77 -31.36 1.81
N ARG E 1056 90.89 -31.14 2.80
CA ARG E 1056 91.37 -30.90 4.16
C ARG E 1056 92.15 -32.08 4.70
N ALA E 1057 91.83 -33.29 4.25
CA ALA E 1057 92.52 -34.49 4.71
C ALA E 1057 93.31 -35.14 3.57
N ARG F 853 89.89 4.27 14.40
CA ARG F 853 89.43 5.37 15.24
C ARG F 853 89.17 6.62 14.42
N GLY F 854 90.12 7.00 13.57
CA GLY F 854 89.96 8.20 12.77
C GLY F 854 88.79 8.11 11.81
N VAL F 855 88.64 6.97 11.14
CA VAL F 855 87.52 6.79 10.23
C VAL F 855 86.21 6.71 11.01
N GLN F 856 86.22 6.04 12.16
CA GLN F 856 85.03 5.97 12.99
C GLN F 856 84.62 7.35 13.50
N MET F 857 85.59 8.15 13.96
CA MET F 857 85.28 9.49 14.44
C MET F 857 84.79 10.37 13.29
N LEU F 858 85.39 10.24 12.12
CA LEU F 858 84.92 10.98 10.95
C LEU F 858 83.49 10.59 10.57
N LEU F 859 83.18 9.30 10.54
CA LEU F 859 81.82 8.86 10.24
C LEU F 859 80.84 9.39 11.26
N THR F 860 81.20 9.36 12.54
CA THR F 860 80.30 9.83 13.58
C THR F 860 80.07 11.33 13.47
N THR F 861 81.13 12.11 13.21
CA THR F 861 80.96 13.55 13.16
C THR F 861 80.26 14.00 11.88
N VAL F 862 80.37 13.22 10.81
CA VAL F 862 79.61 13.52 9.60
C VAL F 862 78.14 13.14 9.78
N GLY F 863 77.87 11.99 10.38
CA GLY F 863 76.50 11.58 10.60
C GLY F 863 75.76 12.47 11.60
N ALA F 864 76.47 12.95 12.62
CA ALA F 864 75.85 13.86 13.58
C ALA F 864 75.46 15.17 12.91
N PHE F 865 76.30 15.69 12.03
CA PHE F 865 75.96 16.89 11.28
C PHE F 865 74.83 16.63 10.28
N ALA F 866 74.85 15.47 9.63
CA ALA F 866 73.82 15.14 8.66
C ALA F 866 72.45 15.01 9.35
N ALA F 867 72.40 14.29 10.46
CA ALA F 867 71.13 14.14 11.18
C ALA F 867 70.63 15.47 11.71
N PHE F 868 71.54 16.28 12.26
CA PHE F 868 71.16 17.59 12.77
C PHE F 868 70.59 18.47 11.66
N SER F 869 71.27 18.51 10.51
CA SER F 869 70.79 19.32 9.39
C SER F 869 69.47 18.82 8.86
N LEU F 870 69.32 17.50 8.72
CA LEU F 870 68.08 16.94 8.22
C LEU F 870 66.91 17.27 9.15
N MET F 871 67.11 17.13 10.46
CA MET F 871 66.04 17.42 11.39
C MET F 871 65.73 18.91 11.43
N THR F 872 66.76 19.76 11.35
CA THR F 872 66.51 21.20 11.34
C THR F 872 65.73 21.62 10.10
N ILE F 873 66.08 21.06 8.93
CA ILE F 873 65.35 21.38 7.72
C ILE F 873 63.91 20.85 7.79
N ALA F 874 63.73 19.65 8.35
CA ALA F 874 62.39 19.11 8.51
C ALA F 874 61.53 20.00 9.39
N VAL F 875 62.08 20.46 10.51
CA VAL F 875 61.31 21.32 11.42
C VAL F 875 61.05 22.68 10.79
N GLY F 876 62.01 23.19 10.01
CA GLY F 876 61.88 24.54 9.49
C GLY F 876 61.03 24.69 8.25
N THR F 877 60.91 23.63 7.45
CA THR F 877 60.23 23.75 6.17
C THR F 877 58.77 23.31 6.29
N ASP F 878 58.04 23.44 5.17
CA ASP F 878 56.59 23.32 5.16
C ASP F 878 56.07 22.20 4.28
N TYR F 879 56.92 21.32 3.79
CA TYR F 879 56.47 20.19 2.98
C TYR F 879 56.42 18.91 3.81
N TRP F 880 55.55 18.91 4.82
CA TRP F 880 55.33 17.72 5.64
C TRP F 880 54.18 16.88 5.11
N LEU F 881 53.09 17.51 4.69
CA LEU F 881 51.90 16.82 4.27
C LEU F 881 51.28 17.53 3.08
N TYR F 882 50.92 16.77 2.06
CA TYR F 882 50.10 17.26 0.96
C TYR F 882 48.66 16.82 1.21
N SER F 883 47.76 17.78 1.32
CA SER F 883 46.37 17.48 1.59
C SER F 883 45.51 18.55 0.94
N ARG F 884 44.25 18.62 1.32
CA ARG F 884 43.33 19.64 0.83
C ARG F 884 42.71 20.33 2.03
N GLY F 885 42.85 21.66 2.08
CA GLY F 885 42.42 22.46 3.20
C GLY F 885 41.59 23.64 2.75
N VAL F 886 41.82 24.78 3.41
CA VAL F 886 41.06 25.99 3.14
C VAL F 886 42.00 27.13 2.76
N GLU F 903 38.23 24.74 0.22
CA GLU F 903 38.85 23.46 -0.11
C GLU F 903 39.79 23.62 -1.30
N VAL F 904 41.08 23.51 -1.03
CA VAL F 904 42.13 23.79 -2.01
C VAL F 904 43.32 22.89 -1.71
N MET F 905 44.05 22.50 -2.75
CA MET F 905 45.18 21.58 -2.58
C MET F 905 46.39 22.33 -2.03
N THR F 906 46.86 21.89 -0.86
CA THR F 906 47.91 22.60 -0.14
C THR F 906 48.97 21.62 0.34
N HIS F 907 50.15 22.16 0.63
CA HIS F 907 51.19 21.49 1.41
C HIS F 907 51.40 22.26 2.70
N SER F 908 51.54 21.52 3.80
CA SER F 908 51.67 22.11 5.12
C SER F 908 52.79 21.43 5.89
N GLY F 909 53.38 22.17 6.83
CA GLY F 909 54.42 21.63 7.67
C GLY F 909 54.00 21.59 9.13
N LEU F 910 54.96 21.83 10.03
CA LEU F 910 54.64 21.85 11.45
C LEU F 910 54.00 23.15 11.88
N TRP F 911 54.23 24.24 11.15
CA TRP F 911 53.79 25.56 11.56
C TRP F 911 52.84 26.25 10.58
N ARG F 912 53.01 26.07 9.28
CA ARG F 912 52.26 26.83 8.29
C ARG F 912 51.54 25.91 7.33
N THR F 913 50.46 26.43 6.76
CA THR F 913 49.70 25.76 5.69
C THR F 913 49.61 26.73 4.53
N CYS F 914 50.28 26.42 3.42
CA CYS F 914 50.28 27.26 2.24
C CYS F 914 49.80 26.45 1.03
N CYS F 915 48.99 27.10 0.19
CA CYS F 915 48.36 26.43 -0.94
C CYS F 915 49.27 26.47 -2.15
N LEU F 916 49.55 25.30 -2.72
CA LEU F 916 50.45 25.22 -3.86
C LEU F 916 49.71 25.35 -5.18
N GLU F 917 48.37 25.36 -5.16
CA GLU F 917 47.58 25.63 -6.36
C GLU F 917 46.18 26.00 -5.91
N PHE F 920 44.05 32.81 -4.46
CA PHE F 920 45.34 33.20 -3.94
C PHE F 920 46.32 32.04 -4.07
N LYS F 921 47.57 32.36 -4.35
CA LYS F 921 48.63 31.39 -4.64
C LYS F 921 49.76 31.55 -3.62
N GLY F 922 49.89 30.56 -2.74
CA GLY F 922 51.08 30.45 -1.93
C GLY F 922 51.20 31.40 -0.78
N LEU F 923 50.10 31.87 -0.22
CA LEU F 923 50.18 32.61 1.04
C LEU F 923 49.95 31.66 2.21
N CYS F 924 50.83 31.73 3.21
CA CYS F 924 50.80 30.80 4.31
C CYS F 924 49.79 31.23 5.37
N LYS F 925 49.26 30.23 6.07
CA LYS F 925 48.45 30.47 7.25
C LYS F 925 49.09 29.73 8.42
N GLN F 926 48.99 30.32 9.61
CA GLN F 926 49.33 29.60 10.82
C GLN F 926 48.33 28.47 11.02
N ILE F 927 48.83 27.28 11.34
CA ILE F 927 47.93 26.14 11.53
C ILE F 927 47.13 26.36 12.80
N ASP F 928 45.80 26.29 12.68
CA ASP F 928 44.91 26.48 13.81
C ASP F 928 44.80 25.14 14.53
N HIS F 929 45.66 24.93 15.52
CA HIS F 929 45.61 23.70 16.31
C HIS F 929 44.41 23.63 17.21
N PHE F 930 43.69 24.73 17.40
CA PHE F 930 42.48 24.74 18.20
C PHE F 930 41.35 25.49 17.49
N ALA F 941 42.88 14.81 27.58
CA ALA F 941 43.55 13.84 26.73
C ALA F 941 43.61 14.35 25.28
N GLU F 942 42.45 14.78 24.77
CA GLU F 942 42.43 15.38 23.44
C GLU F 942 43.14 16.72 23.43
N TYR F 943 43.00 17.49 24.51
CA TYR F 943 43.69 18.77 24.60
C TYR F 943 45.19 18.59 24.80
N PHE F 944 45.59 17.57 25.55
CA PHE F 944 47.01 17.34 25.78
C PHE F 944 47.73 16.97 24.49
N LEU F 945 47.11 16.12 23.67
CA LEU F 945 47.69 15.78 22.37
C LEU F 945 47.79 17.00 21.48
N ARG F 946 46.76 17.84 21.46
CA ARG F 946 46.79 19.03 20.62
C ARG F 946 47.85 20.02 21.10
N ALA F 947 48.05 20.14 22.41
CA ALA F 947 49.11 21.00 22.92
C ALA F 947 50.49 20.47 22.53
N VAL F 948 50.71 19.17 22.68
CA VAL F 948 51.99 18.58 22.30
C VAL F 948 52.24 18.76 20.80
N ARG F 949 51.20 18.63 19.99
CA ARG F 949 51.35 18.83 18.56
C ARG F 949 51.62 20.29 18.23
N ALA F 950 50.91 21.22 18.87
CA ALA F 950 51.07 22.63 18.59
C ALA F 950 52.47 23.11 18.96
N SER F 951 52.98 22.67 20.11
CA SER F 951 54.30 23.11 20.53
C SER F 951 55.41 22.46 19.70
N SER F 952 55.16 21.31 19.10
CA SER F 952 56.19 20.52 18.43
C SER F 952 57.37 20.28 19.36
N ILE F 953 57.07 19.94 20.61
CA ILE F 953 58.08 19.82 21.64
C ILE F 953 59.05 18.68 21.34
N PHE F 954 58.57 17.61 20.73
CA PHE F 954 59.43 16.43 20.52
C PHE F 954 60.35 16.57 19.31
N PRO F 955 59.89 17.09 18.16
CA PRO F 955 60.88 17.41 17.10
C PRO F 955 61.93 18.43 17.53
N ILE F 956 61.52 19.46 18.27
CA ILE F 956 62.48 20.46 18.73
C ILE F 956 63.44 19.84 19.76
N LEU F 957 62.91 18.98 20.62
CA LEU F 957 63.76 18.28 21.58
C LEU F 957 64.75 17.37 20.87
N SER F 958 64.32 16.75 19.77
CA SER F 958 65.23 15.94 18.97
C SER F 958 66.34 16.80 18.37
N VAL F 959 66.00 17.97 17.87
CA VAL F 959 67.02 18.89 17.33
C VAL F 959 68.01 19.27 18.43
N ILE F 960 67.49 19.58 19.63
CA ILE F 960 68.34 20.00 20.74
C ILE F 960 69.27 18.86 21.16
N LEU F 961 68.74 17.64 21.23
CA LEU F 961 69.56 16.50 21.63
C LEU F 961 70.61 16.17 20.58
N LEU F 962 70.28 16.33 19.30
CA LEU F 962 71.27 16.17 18.25
C LEU F 962 72.38 17.22 18.39
N PHE F 963 72.00 18.46 18.70
CA PHE F 963 72.99 19.50 18.89
C PHE F 963 73.90 19.19 20.08
N MET F 964 73.33 18.71 21.18
CA MET F 964 74.14 18.37 22.34
C MET F 964 75.05 17.18 22.06
N GLY F 965 74.57 16.19 21.32
CA GLY F 965 75.44 15.09 20.92
C GLY F 965 76.59 15.55 20.04
N GLY F 966 76.31 16.48 19.12
CA GLY F 966 77.39 17.05 18.33
C GLY F 966 78.38 17.82 19.16
N LEU F 967 77.90 18.56 20.16
CA LEU F 967 78.79 19.26 21.08
C LEU F 967 79.67 18.28 21.84
N CYS F 968 79.10 17.17 22.30
CA CYS F 968 79.88 16.16 23.00
C CYS F 968 80.94 15.55 22.08
N ILE F 969 80.58 15.27 20.83
CA ILE F 969 81.55 14.74 19.88
C ILE F 969 82.69 15.73 19.66
N ALA F 970 82.35 17.01 19.53
CA ALA F 970 83.38 18.04 19.34
C ALA F 970 84.29 18.13 20.57
N ALA F 971 83.70 18.13 21.76
CA ALA F 971 84.47 18.29 22.99
C ALA F 971 85.27 17.05 23.35
N SER F 972 84.95 15.90 22.77
CA SER F 972 85.75 14.70 23.02
C SER F 972 87.20 14.89 22.59
N GLU F 973 87.42 15.63 21.48
CA GLU F 973 88.77 15.86 21.00
C GLU F 973 89.55 16.79 21.92
N PHE F 974 88.88 17.75 22.55
CA PHE F 974 89.59 18.66 23.45
C PHE F 974 90.06 17.93 24.70
N TYR F 975 89.24 17.05 25.26
CA TYR F 975 89.57 16.25 26.43
C TYR F 975 89.57 14.80 26.00
N LYS F 976 90.73 14.33 25.52
CA LYS F 976 90.83 12.99 24.98
C LYS F 976 90.94 11.91 26.04
N THR F 977 91.07 12.28 27.31
CA THR F 977 91.14 11.31 28.39
C THR F 977 89.78 11.05 29.05
N ARG F 978 88.81 11.94 28.86
CA ARG F 978 87.48 11.76 29.41
C ARG F 978 86.66 10.93 28.43
N HIS F 979 86.41 9.66 28.77
CA HIS F 979 85.69 8.78 27.88
C HIS F 979 84.19 8.84 28.06
N ASN F 980 83.70 9.45 29.14
CA ASN F 980 82.26 9.55 29.33
C ASN F 980 81.62 10.58 28.41
N ILE F 981 82.41 11.40 27.73
CA ILE F 981 81.86 12.35 26.77
C ILE F 981 81.32 11.62 25.54
N ILE F 982 82.03 10.58 25.09
CA ILE F 982 81.55 9.76 23.97
C ILE F 982 80.28 9.02 24.37
N LEU F 983 80.24 8.51 25.60
CA LEU F 983 79.02 7.86 26.09
C LEU F 983 77.87 8.85 26.14
N SER F 984 78.13 10.07 26.58
CA SER F 984 77.08 11.09 26.61
C SER F 984 76.59 11.40 25.21
N ALA F 985 77.49 11.48 24.23
CA ALA F 985 77.08 11.70 22.85
C ALA F 985 76.20 10.57 22.35
N GLY F 986 76.57 9.33 22.64
CA GLY F 986 75.74 8.21 22.23
C GLY F 986 74.36 8.24 22.86
N ILE F 987 74.29 8.57 24.15
CA ILE F 987 73.00 8.68 24.82
C ILE F 987 72.18 9.80 24.19
N PHE F 988 72.82 10.93 23.87
CA PHE F 988 72.11 12.04 23.24
C PHE F 988 71.54 11.65 21.90
N PHE F 989 72.31 10.91 21.09
CA PHE F 989 71.83 10.50 19.77
C PHE F 989 70.67 9.51 19.88
N VAL F 990 70.78 8.53 20.78
CA VAL F 990 69.70 7.56 20.94
C VAL F 990 68.44 8.24 21.46
N SER F 991 68.58 9.16 22.40
CA SER F 991 67.43 9.90 22.93
C SER F 991 66.81 10.78 21.87
N ALA F 992 67.64 11.39 21.01
CA ALA F 992 67.11 12.19 19.90
C ALA F 992 66.30 11.32 18.96
N GLY F 993 66.76 10.11 18.66
CA GLY F 993 65.97 9.21 17.85
C GLY F 993 64.65 8.82 18.51
N LEU F 994 64.68 8.56 19.81
CA LEU F 994 63.44 8.21 20.50
C LEU F 994 62.45 9.36 20.50
N SER F 995 62.92 10.58 20.74
CA SER F 995 62.04 11.75 20.67
C SER F 995 61.55 11.98 19.25
N ASN F 996 62.36 11.65 18.25
CA ASN F 996 61.91 11.70 16.87
C ASN F 996 60.73 10.74 16.64
N ILE F 997 60.84 9.52 17.16
CA ILE F 997 59.74 8.57 17.03
C ILE F 997 58.49 9.12 17.69
N ILE F 998 58.62 9.66 18.90
CA ILE F 998 57.45 10.20 19.61
C ILE F 998 56.84 11.34 18.82
N GLY F 999 57.67 12.24 18.29
CA GLY F 999 57.14 13.35 17.52
C GLY F 999 56.44 12.92 16.25
N ILE F 1000 56.97 11.91 15.57
CA ILE F 1000 56.32 11.37 14.38
C ILE F 1000 54.96 10.80 14.72
N ILE F 1001 54.89 10.02 15.81
CA ILE F 1001 53.61 9.44 16.21
C ILE F 1001 52.62 10.53 16.58
N VAL F 1002 53.08 11.55 17.31
CA VAL F 1002 52.19 12.64 17.70
C VAL F 1002 51.67 13.38 16.47
N TYR F 1003 52.56 13.67 15.51
CA TYR F 1003 52.15 14.36 14.30
C TYR F 1003 51.12 13.57 13.52
N ILE F 1004 51.38 12.28 13.31
CA ILE F 1004 50.46 11.46 12.51
C ILE F 1004 49.12 11.31 13.22
N SER F 1005 49.14 11.09 14.54
CA SER F 1005 47.89 10.94 15.28
C SER F 1005 47.09 12.24 15.28
N ALA F 1006 47.77 13.38 15.39
CA ALA F 1006 47.05 14.65 15.39
C ALA F 1006 46.52 14.98 14.00
N ASN F 1007 47.14 14.46 12.94
CA ASN F 1007 46.58 14.66 11.61
C ASN F 1007 45.25 13.97 11.43
N ALA F 1008 44.95 12.97 12.25
CA ALA F 1008 43.68 12.26 12.18
C ALA F 1008 42.55 13.01 12.88
N TYR F 1021 45.59 12.10 0.98
CA TYR F 1021 46.75 12.87 1.42
C TYR F 1021 48.06 12.14 1.15
N SER F 1022 49.16 12.86 1.28
CA SER F 1022 50.48 12.31 1.04
C SER F 1022 51.49 13.05 1.90
N TYR F 1023 52.64 12.41 2.14
CA TYR F 1023 53.69 12.99 2.97
C TYR F 1023 54.79 13.59 2.09
N GLY F 1024 55.27 14.76 2.51
CA GLY F 1024 56.26 15.49 1.74
C GLY F 1024 57.68 15.11 2.07
N TRP F 1025 58.61 15.83 1.44
CA TRP F 1025 60.03 15.48 1.55
C TRP F 1025 60.60 15.83 2.92
N SER F 1026 60.01 16.78 3.63
CA SER F 1026 60.51 17.13 4.96
C SER F 1026 60.12 16.10 6.02
N PHE F 1027 58.96 15.46 5.87
CA PHE F 1027 58.62 14.33 6.73
C PHE F 1027 59.66 13.22 6.60
N TYR F 1028 60.04 12.89 5.36
CA TYR F 1028 61.05 11.87 5.14
C TYR F 1028 62.44 12.35 5.51
N PHE F 1029 62.69 13.67 5.48
CA PHE F 1029 63.91 14.21 6.05
C PHE F 1029 64.00 13.91 7.53
N GLY F 1030 62.89 14.10 8.26
CA GLY F 1030 62.87 13.74 9.67
C GLY F 1030 63.07 12.25 9.90
N ALA F 1031 62.44 11.41 9.08
CA ALA F 1031 62.62 9.97 9.21
C ALA F 1031 64.08 9.56 8.97
N LEU F 1032 64.70 10.12 7.93
CA LEU F 1032 66.09 9.83 7.65
C LEU F 1032 66.99 10.35 8.75
N SER F 1033 66.63 11.48 9.35
CA SER F 1033 67.37 11.99 10.50
C SER F 1033 67.31 11.02 11.66
N PHE F 1034 66.13 10.43 11.90
CA PHE F 1034 66.01 9.42 12.95
C PHE F 1034 66.94 8.25 12.69
N ILE F 1035 66.93 7.74 11.46
CA ILE F 1035 67.75 6.57 11.14
C ILE F 1035 69.23 6.89 11.31
N ILE F 1036 69.66 8.05 10.82
CA ILE F 1036 71.06 8.43 10.93
C ILE F 1036 71.46 8.67 12.38
N ALA F 1037 70.56 9.24 13.18
CA ALA F 1037 70.85 9.46 14.60
C ALA F 1037 71.04 8.15 15.33
N GLU F 1038 70.20 7.15 15.05
CA GLU F 1038 70.38 5.85 15.68
C GLU F 1038 71.70 5.20 15.25
N MET F 1039 72.05 5.28 13.97
CA MET F 1039 73.32 4.70 13.53
C MET F 1039 74.51 5.40 14.18
N VAL F 1040 74.46 6.73 14.28
CA VAL F 1040 75.57 7.47 14.87
C VAL F 1040 75.67 7.19 16.37
N GLY F 1041 74.52 7.01 17.03
CA GLY F 1041 74.56 6.60 18.43
C GLY F 1041 75.21 5.24 18.62
N VAL F 1042 74.89 4.30 17.74
CA VAL F 1042 75.54 2.98 17.77
C VAL F 1042 77.05 3.12 17.56
N LEU F 1043 77.47 3.98 16.64
CA LEU F 1043 78.89 4.20 16.41
C LEU F 1043 79.57 4.80 17.63
N ALA F 1044 78.92 5.75 18.30
CA ALA F 1044 79.50 6.34 19.50
C ALA F 1044 79.62 5.31 20.62
N VAL F 1045 78.62 4.44 20.75
CA VAL F 1045 78.68 3.40 21.79
C VAL F 1045 79.83 2.44 21.51
N HIS F 1046 80.03 2.06 20.24
CA HIS F 1046 81.22 1.27 19.91
C HIS F 1046 82.51 1.99 20.21
N MET F 1047 82.58 3.30 19.95
CA MET F 1047 83.83 3.99 20.29
C MET F 1047 84.08 3.98 21.79
N PHE F 1048 83.03 4.18 22.59
CA PHE F 1048 83.18 4.12 24.04
C PHE F 1048 83.66 2.75 24.49
N ILE F 1049 83.04 1.69 23.95
CA ILE F 1049 83.43 0.33 24.29
C ILE F 1049 84.89 0.09 23.90
N ASP F 1050 85.29 0.53 22.71
CA ASP F 1050 86.65 0.33 22.24
C ASP F 1050 87.65 1.07 23.11
N ARG F 1051 87.31 2.29 23.52
CA ARG F 1051 88.19 3.03 24.43
C ARG F 1051 88.40 2.26 25.73
N HIS F 1052 87.32 1.70 26.29
CA HIS F 1052 87.49 0.99 27.55
C HIS F 1052 88.18 -0.36 27.37
N LYS F 1053 88.02 -1.01 26.22
CA LYS F 1053 88.79 -2.24 25.98
C LYS F 1053 90.28 -1.94 25.81
N GLN F 1054 90.61 -0.81 25.17
CA GLN F 1054 92.02 -0.44 25.06
C GLN F 1054 92.59 -0.06 26.43
N LEU F 1055 91.79 0.60 27.26
CA LEU F 1055 92.22 0.88 28.63
C LEU F 1055 92.44 -0.40 29.41
N ARG F 1056 91.57 -1.40 29.21
CA ARG F 1056 91.69 -2.66 29.94
C ARG F 1056 92.99 -3.37 29.58
N ALA F 1057 93.36 -3.36 28.31
CA ALA F 1057 94.59 -4.00 27.86
C ALA F 1057 95.77 -3.05 27.98
N ARG G 853 70.39 -10.26 57.91
CA ARG G 853 69.44 -11.21 58.49
C ARG G 853 68.37 -10.50 59.32
N GLY G 854 68.81 -9.71 60.31
CA GLY G 854 67.86 -9.01 61.16
C GLY G 854 66.99 -8.04 60.39
N VAL G 855 67.56 -7.38 59.38
CA VAL G 855 66.78 -6.47 58.56
C VAL G 855 65.72 -7.23 57.77
N GLN G 856 66.05 -8.42 57.28
CA GLN G 856 65.06 -9.20 56.54
C GLN G 856 63.94 -9.68 57.46
N MET G 857 64.28 -10.11 58.67
CA MET G 857 63.25 -10.51 59.63
C MET G 857 62.35 -9.34 60.01
N LEU G 858 62.95 -8.17 60.23
CA LEU G 858 62.15 -7.00 60.55
C LEU G 858 61.24 -6.62 59.39
N LEU G 859 61.76 -6.66 58.16
CA LEU G 859 60.95 -6.32 57.00
C LEU G 859 59.82 -7.32 56.81
N THR G 860 60.09 -8.60 57.06
CA THR G 860 59.06 -9.63 56.96
C THR G 860 57.99 -9.43 58.02
N THR G 861 58.39 -9.09 59.25
CA THR G 861 57.41 -8.83 60.30
C THR G 861 56.54 -7.63 59.96
N VAL G 862 57.15 -6.55 59.49
CA VAL G 862 56.40 -5.35 59.13
C VAL G 862 55.44 -5.64 57.98
N GLY G 863 55.92 -6.34 56.96
CA GLY G 863 55.05 -6.67 55.84
C GLY G 863 53.91 -7.60 56.22
N ALA G 864 54.19 -8.57 57.09
CA ALA G 864 53.14 -9.47 57.54
C ALA G 864 52.07 -8.72 58.33
N PHE G 865 52.50 -7.83 59.23
CA PHE G 865 51.53 -7.03 59.98
C PHE G 865 50.73 -6.13 59.06
N ALA G 866 51.40 -5.52 58.07
CA ALA G 866 50.69 -4.67 57.12
C ALA G 866 49.66 -5.46 56.32
N ALA G 867 50.05 -6.62 55.80
CA ALA G 867 49.13 -7.42 55.01
C ALA G 867 47.94 -7.89 55.84
N PHE G 868 48.19 -8.34 57.07
CA PHE G 868 47.11 -8.79 57.93
C PHE G 868 46.15 -7.65 58.27
N SER G 869 46.70 -6.53 58.74
CA SER G 869 45.86 -5.41 59.17
C SER G 869 45.29 -4.65 57.98
N LEU G 870 45.70 -4.97 56.75
CA LEU G 870 45.12 -4.32 55.54
C LEU G 870 43.97 -5.16 55.01
N MET G 871 44.05 -6.48 55.14
CA MET G 871 42.95 -7.39 54.72
C MET G 871 41.89 -7.41 55.82
N THR G 872 42.28 -7.16 57.06
CA THR G 872 41.26 -7.05 58.13
C THR G 872 40.47 -5.76 57.93
N ILE G 873 41.15 -4.64 57.67
CA ILE G 873 40.49 -3.31 57.49
C ILE G 873 39.74 -3.32 56.15
N ALA G 874 39.79 -4.40 55.41
CA ALA G 874 39.14 -4.46 54.07
C ALA G 874 38.04 -5.51 54.08
N VAL G 875 37.94 -6.30 55.13
CA VAL G 875 36.85 -7.30 55.23
C VAL G 875 35.90 -6.76 56.30
N GLY G 876 36.27 -5.65 56.92
CA GLY G 876 35.44 -5.07 57.99
C GLY G 876 34.91 -3.69 57.66
N THR G 877 35.10 -3.23 56.42
CA THR G 877 34.58 -1.94 56.00
C THR G 877 33.69 -2.11 54.78
N ASP G 878 32.92 -1.06 54.48
CA ASP G 878 31.83 -1.14 53.52
C ASP G 878 32.13 -0.41 52.22
N TYR G 879 33.37 0.01 52.00
CA TYR G 879 33.74 0.75 50.80
C TYR G 879 34.40 -0.18 49.77
N TRP G 880 33.66 -1.19 49.33
CA TRP G 880 34.13 -2.10 48.29
C TRP G 880 33.66 -1.71 46.91
N LEU G 881 32.41 -1.26 46.78
CA LEU G 881 31.84 -0.92 45.49
C LEU G 881 30.94 0.29 45.64
N TYR G 882 31.05 1.23 44.71
CA TYR G 882 30.16 2.37 44.60
C TYR G 882 29.17 2.08 43.48
N SER G 883 27.88 2.13 43.78
CA SER G 883 26.87 1.77 42.80
C SER G 883 25.56 2.49 43.13
N ARG G 884 24.49 2.07 42.49
CA ARG G 884 23.16 2.62 42.70
C ARG G 884 22.26 1.56 43.30
N GLY G 885 21.52 1.92 44.34
CA GLY G 885 20.67 0.96 45.00
C GLY G 885 19.79 1.63 46.03
N VAL G 886 19.11 0.80 46.82
CA VAL G 886 18.20 1.29 47.84
C VAL G 886 18.81 1.12 49.23
N GLU G 903 18.28 3.57 42.78
CA GLU G 903 17.51 4.60 43.47
C GLU G 903 18.41 5.74 43.94
N VAL G 904 19.41 5.41 44.74
CA VAL G 904 20.32 6.40 45.31
C VAL G 904 21.74 5.86 45.26
N MET G 905 22.70 6.78 45.28
CA MET G 905 24.12 6.41 45.30
C MET G 905 24.45 5.74 46.63
N THR G 906 25.01 4.52 46.55
CA THR G 906 25.36 3.75 47.74
C THR G 906 26.77 3.20 47.60
N HIS G 907 27.35 2.84 48.74
CA HIS G 907 28.57 2.05 48.79
C HIS G 907 28.29 0.77 49.57
N SER G 908 28.85 -0.33 49.08
CA SER G 908 28.62 -1.64 49.66
C SER G 908 29.94 -2.35 49.86
N GLY G 909 29.98 -3.20 50.88
CA GLY G 909 31.15 -4.01 51.15
C GLY G 909 30.88 -5.48 50.97
N LEU G 910 31.42 -6.32 51.84
CA LEU G 910 31.12 -7.74 51.79
C LEU G 910 29.81 -8.08 52.47
N TRP G 911 29.36 -7.24 53.42
CA TRP G 911 28.22 -7.56 54.27
C TRP G 911 27.10 -6.54 54.19
N ARG G 912 27.41 -5.25 54.06
CA ARG G 912 26.41 -4.21 54.15
C ARG G 912 26.45 -3.31 52.92
N THR G 913 25.30 -2.69 52.64
CA THR G 913 25.20 -1.64 51.63
C THR G 913 24.49 -0.45 52.26
N CYS G 914 25.03 0.75 52.02
CA CYS G 914 24.52 1.93 52.70
C CYS G 914 24.66 3.17 51.82
N CYS G 915 23.76 4.13 52.05
CA CYS G 915 23.56 5.26 51.17
C CYS G 915 24.58 6.36 51.44
N LEU G 916 24.84 7.17 50.40
CA LEU G 916 25.70 8.34 50.48
C LEU G 916 24.95 9.65 50.29
N GLU G 917 24.20 9.78 49.20
CA GLU G 917 23.64 11.05 48.74
C GLU G 917 22.17 10.89 48.35
N PHE G 920 17.24 7.93 53.15
CA PHE G 920 18.12 8.15 54.29
C PHE G 920 19.56 8.17 53.84
N LYS G 921 20.42 8.73 54.69
CA LYS G 921 21.86 8.78 54.46
C LYS G 921 22.56 8.17 55.66
N GLY G 922 23.45 7.22 55.40
CA GLY G 922 24.27 6.59 56.43
C GLY G 922 23.72 5.29 56.97
N LEU G 923 22.43 5.03 56.77
CA LEU G 923 21.86 3.78 57.26
C LEU G 923 22.30 2.62 56.37
N CYS G 924 22.67 1.52 57.02
CA CYS G 924 23.16 0.33 56.33
C CYS G 924 22.09 -0.75 56.30
N LYS G 925 22.21 -1.65 55.34
CA LYS G 925 21.31 -2.78 55.17
C LYS G 925 22.12 -4.01 54.79
N GLN G 926 21.82 -5.14 55.41
CA GLN G 926 22.52 -6.38 55.10
C GLN G 926 22.27 -6.77 53.64
N ILE G 927 23.35 -7.16 52.95
CA ILE G 927 23.23 -7.56 51.55
C ILE G 927 22.48 -8.88 51.47
N ASP G 928 21.47 -8.93 50.60
CA ASP G 928 20.74 -10.17 50.35
C ASP G 928 21.45 -10.90 49.23
N HIS G 929 22.22 -11.94 49.60
CA HIS G 929 22.98 -12.70 48.62
C HIS G 929 22.17 -13.78 47.94
N PHE G 930 20.90 -13.94 48.31
CA PHE G 930 20.08 -15.01 47.76
C PHE G 930 18.74 -14.49 47.25
N GLU G 942 24.39 -19.84 39.84
CA GLU G 942 24.68 -21.07 40.57
C GLU G 942 24.56 -20.86 42.07
N TYR G 943 24.00 -21.85 42.76
CA TYR G 943 23.87 -21.78 44.20
C TYR G 943 25.22 -21.82 44.90
N PHE G 944 26.17 -22.58 44.35
CA PHE G 944 27.50 -22.67 44.97
C PHE G 944 28.22 -21.34 44.96
N LEU G 945 28.16 -20.62 43.84
CA LEU G 945 28.79 -19.30 43.77
C LEU G 945 28.15 -18.33 44.75
N ARG G 946 26.82 -18.36 44.85
CA ARG G 946 26.13 -17.48 45.77
C ARG G 946 26.49 -17.79 47.21
N ALA G 947 26.60 -19.08 47.55
CA ALA G 947 26.98 -19.44 48.91
C ALA G 947 28.41 -19.02 49.23
N VAL G 948 29.33 -19.24 48.29
CA VAL G 948 30.72 -18.86 48.50
C VAL G 948 30.85 -17.34 48.63
N ARG G 949 30.07 -16.60 47.87
CA ARG G 949 30.07 -15.14 47.99
C ARG G 949 29.47 -14.70 49.32
N ALA G 950 28.34 -15.30 49.71
CA ALA G 950 27.67 -14.89 50.94
C ALA G 950 28.53 -15.14 52.16
N SER G 951 29.20 -16.30 52.21
CA SER G 951 30.04 -16.62 53.36
C SER G 951 31.33 -15.82 53.40
N SER G 952 31.78 -15.30 52.25
CA SER G 952 33.08 -14.65 52.13
C SER G 952 34.18 -15.55 52.71
N ILE G 953 34.11 -16.83 52.32
CA ILE G 953 35.00 -17.83 52.90
C ILE G 953 36.44 -17.57 52.51
N PHE G 954 36.69 -17.05 51.31
CA PHE G 954 38.06 -16.90 50.85
C PHE G 954 38.75 -15.65 51.41
N PRO G 955 38.09 -14.48 51.46
CA PRO G 955 38.72 -13.36 52.21
C PRO G 955 38.97 -13.68 53.67
N ILE G 956 38.04 -14.35 54.34
CA ILE G 956 38.23 -14.70 55.74
C ILE G 956 39.34 -15.74 55.88
N LEU G 957 39.41 -16.68 54.94
CA LEU G 957 40.50 -17.64 54.95
C LEU G 957 41.84 -16.97 54.73
N SER G 958 41.87 -15.94 53.88
CA SER G 958 43.09 -15.17 53.70
C SER G 958 43.51 -14.47 54.99
N VAL G 959 42.53 -13.91 55.71
CA VAL G 959 42.83 -13.29 57.00
C VAL G 959 43.40 -14.32 57.97
N ILE G 960 42.80 -15.50 58.03
CA ILE G 960 43.25 -16.55 58.93
C ILE G 960 44.65 -17.01 58.58
N LEU G 961 44.93 -17.18 57.29
CA LEU G 961 46.25 -17.63 56.85
C LEU G 961 47.31 -16.58 57.12
N LEU G 962 46.97 -15.31 56.94
CA LEU G 962 47.92 -14.24 57.30
C LEU G 962 48.21 -14.24 58.79
N PHE G 963 47.17 -14.44 59.61
CA PHE G 963 47.38 -14.52 61.05
C PHE G 963 48.26 -15.69 61.43
N MET G 964 48.06 -16.85 60.78
CA MET G 964 48.87 -18.02 61.07
C MET G 964 50.32 -17.83 60.63
N GLY G 965 50.53 -17.17 59.49
CA GLY G 965 51.89 -16.86 59.09
C GLY G 965 52.58 -15.90 60.04
N GLY G 966 51.85 -14.91 60.54
CA GLY G 966 52.40 -14.02 61.55
C GLY G 966 52.74 -14.76 62.84
N LEU G 967 51.87 -15.71 63.24
CA LEU G 967 52.17 -16.53 64.40
C LEU G 967 53.42 -17.36 64.19
N CYS G 968 53.60 -17.90 62.98
CA CYS G 968 54.81 -18.65 62.68
C CYS G 968 56.04 -17.77 62.76
N ILE G 969 55.95 -16.54 62.25
CA ILE G 969 57.07 -15.61 62.35
C ILE G 969 57.40 -15.34 63.82
N ALA G 970 56.37 -15.10 64.64
CA ALA G 970 56.60 -14.81 66.05
C ALA G 970 57.22 -16.01 66.77
N ALA G 971 56.73 -17.22 66.48
CA ALA G 971 57.22 -18.40 67.16
C ALA G 971 58.61 -18.80 66.70
N SER G 972 59.01 -18.40 65.48
CA SER G 972 60.34 -18.73 65.00
C SER G 972 61.44 -17.98 65.74
N GLU G 973 61.09 -16.90 66.44
CA GLU G 973 62.09 -16.17 67.22
C GLU G 973 62.44 -16.91 68.50
N PHE G 974 61.46 -17.54 69.14
CA PHE G 974 61.75 -18.32 70.34
C PHE G 974 62.56 -19.56 70.01
N TYR G 975 62.14 -20.29 68.97
CA TYR G 975 62.81 -21.51 68.54
C TYR G 975 63.63 -21.16 67.30
N LYS G 976 64.90 -20.81 67.52
CA LYS G 976 65.74 -20.33 66.44
C LYS G 976 66.32 -21.44 65.58
N THR G 977 66.33 -22.69 66.06
CA THR G 977 66.92 -23.79 65.33
C THR G 977 65.90 -24.58 64.51
N ARG G 978 64.61 -24.36 64.73
CA ARG G 978 63.56 -25.04 63.97
C ARG G 978 63.25 -24.19 62.74
N HIS G 979 63.92 -24.50 61.63
CA HIS G 979 63.81 -23.69 60.43
C HIS G 979 62.49 -23.91 59.68
N ASN G 980 61.88 -25.09 59.81
CA ASN G 980 60.63 -25.36 59.11
C ASN G 980 59.54 -24.36 59.45
N ILE G 981 59.56 -23.79 60.66
CA ILE G 981 58.60 -22.75 61.02
C ILE G 981 58.66 -21.61 60.01
N ILE G 982 59.87 -21.13 59.70
CA ILE G 982 60.00 -20.11 58.67
C ILE G 982 59.35 -20.56 57.38
N LEU G 983 59.65 -21.79 56.95
CA LEU G 983 59.02 -22.33 55.75
C LEU G 983 57.51 -22.26 55.86
N SER G 984 56.96 -22.72 56.99
CA SER G 984 55.53 -22.66 57.20
C SER G 984 55.00 -21.26 56.96
N ALA G 985 55.66 -20.27 57.59
CA ALA G 985 55.22 -18.89 57.41
C ALA G 985 55.12 -18.54 55.94
N GLY G 986 56.18 -18.83 55.18
CA GLY G 986 56.15 -18.53 53.76
C GLY G 986 54.96 -19.16 53.08
N ILE G 987 54.75 -20.46 53.31
CA ILE G 987 53.63 -21.13 52.69
C ILE G 987 52.34 -20.41 53.03
N PHE G 988 52.13 -20.12 54.32
CA PHE G 988 50.92 -19.45 54.74
C PHE G 988 50.73 -18.16 53.95
N PHE G 989 51.77 -17.34 53.88
CA PHE G 989 51.64 -16.06 53.18
C PHE G 989 51.26 -16.30 51.73
N VAL G 990 51.98 -17.20 51.06
CA VAL G 990 51.65 -17.48 49.67
C VAL G 990 50.21 -17.95 49.57
N SER G 991 49.84 -18.89 50.45
CA SER G 991 48.49 -19.42 50.41
C SER G 991 47.48 -18.29 50.62
N ALA G 992 47.75 -17.40 51.57
CA ALA G 992 46.84 -16.30 51.81
C ALA G 992 46.60 -15.53 50.52
N GLY G 993 47.69 -15.16 49.83
CA GLY G 993 47.53 -14.43 48.59
C GLY G 993 46.65 -15.18 47.61
N LEU G 994 46.88 -16.49 47.46
CA LEU G 994 46.08 -17.27 46.54
C LEU G 994 44.61 -17.20 46.91
N SER G 995 44.29 -17.40 48.19
CA SER G 995 42.89 -17.31 48.59
C SER G 995 42.33 -15.94 48.29
N ASN G 996 43.12 -14.89 48.54
CA ASN G 996 42.67 -13.54 48.23
C ASN G 996 42.29 -13.44 46.76
N ILE G 997 43.12 -13.97 45.86
CA ILE G 997 42.78 -13.92 44.44
C ILE G 997 41.42 -14.54 44.21
N ILE G 998 41.21 -15.74 44.77
CA ILE G 998 39.94 -16.42 44.54
C ILE G 998 38.80 -15.56 45.05
N GLY G 999 38.96 -14.98 46.24
CA GLY G 999 37.92 -14.12 46.76
C GLY G 999 37.59 -13.00 45.80
N ILE G 1000 38.62 -12.32 45.29
CA ILE G 1000 38.38 -11.28 44.30
C ILE G 1000 37.62 -11.83 43.12
N ILE G 1001 38.08 -12.97 42.58
CA ILE G 1001 37.44 -13.56 41.41
C ILE G 1001 35.99 -13.87 41.73
N VAL G 1002 35.71 -14.33 42.96
CA VAL G 1002 34.33 -14.60 43.32
C VAL G 1002 33.55 -13.29 43.41
N TYR G 1003 34.11 -12.31 44.13
CA TYR G 1003 33.35 -11.09 44.42
C TYR G 1003 32.88 -10.42 43.15
N ILE G 1004 33.82 -10.15 42.23
CA ILE G 1004 33.47 -9.56 40.94
C ILE G 1004 32.46 -10.43 40.21
N SER G 1005 32.70 -11.74 40.17
CA SER G 1005 31.80 -12.61 39.44
C SER G 1005 30.43 -12.65 40.08
N ALA G 1006 30.33 -12.34 41.37
CA ALA G 1006 29.03 -12.30 42.01
C ALA G 1006 28.30 -11.00 41.72
N ASN G 1007 29.03 -9.94 41.38
CA ASN G 1007 28.38 -8.67 41.05
C ASN G 1007 27.78 -8.71 39.66
N ALA G 1008 28.35 -9.51 38.75
CA ALA G 1008 27.81 -9.62 37.40
C ALA G 1008 26.42 -10.22 37.41
N TYR G 1021 29.45 1.60 37.82
CA TYR G 1021 29.94 1.36 39.17
C TYR G 1021 31.41 1.75 39.31
N SER G 1022 31.93 1.61 40.53
CA SER G 1022 33.33 1.90 40.82
C SER G 1022 33.72 1.09 42.04
N TYR G 1023 35.03 0.92 42.22
CA TYR G 1023 35.57 0.20 43.36
C TYR G 1023 36.13 1.17 44.39
N GLY G 1024 35.85 0.89 45.66
CA GLY G 1024 36.29 1.73 46.75
C GLY G 1024 37.66 1.33 47.26
N TRP G 1025 38.03 1.93 48.39
CA TRP G 1025 39.35 1.72 48.97
C TRP G 1025 39.48 0.42 49.74
N SER G 1026 38.37 -0.24 50.10
CA SER G 1026 38.48 -1.54 50.73
C SER G 1026 38.90 -2.61 49.72
N PHE G 1027 38.39 -2.52 48.49
CA PHE G 1027 38.82 -3.41 47.43
C PHE G 1027 40.32 -3.28 47.17
N TYR G 1028 40.81 -2.04 47.09
CA TYR G 1028 42.22 -1.84 46.82
C TYR G 1028 43.07 -2.14 48.05
N PHE G 1029 42.50 -2.02 49.25
CA PHE G 1029 43.19 -2.52 50.43
C PHE G 1029 43.41 -4.03 50.34
N GLY G 1030 42.38 -4.76 49.90
CA GLY G 1030 42.54 -6.20 49.69
C GLY G 1030 43.58 -6.52 48.63
N ALA G 1031 43.58 -5.78 47.53
CA ALA G 1031 44.57 -6.00 46.47
C ALA G 1031 45.99 -5.74 46.97
N LEU G 1032 46.18 -4.63 47.70
CA LEU G 1032 47.49 -4.32 48.25
C LEU G 1032 47.90 -5.37 49.27
N SER G 1033 46.93 -5.91 50.03
CA SER G 1033 47.21 -7.00 50.94
C SER G 1033 47.73 -8.23 50.20
N PHE G 1034 47.11 -8.55 49.06
CA PHE G 1034 47.60 -9.65 48.25
C PHE G 1034 49.05 -9.43 47.83
N ILE G 1035 49.34 -8.23 47.33
CA ILE G 1035 50.69 -7.94 46.84
C ILE G 1035 51.71 -8.06 47.97
N ILE G 1036 51.40 -7.46 49.12
CA ILE G 1036 52.33 -7.47 50.25
C ILE G 1036 52.49 -8.89 50.78
N ALA G 1037 51.41 -9.68 50.80
CA ALA G 1037 51.51 -11.05 51.27
C ALA G 1037 52.41 -11.88 50.37
N GLU G 1038 52.32 -11.69 49.05
CA GLU G 1038 53.19 -12.43 48.16
C GLU G 1038 54.66 -12.01 48.32
N MET G 1039 54.91 -10.71 48.50
CA MET G 1039 56.28 -10.28 48.74
C MET G 1039 56.83 -10.84 50.05
N VAL G 1040 56.01 -10.85 51.09
CA VAL G 1040 56.47 -11.36 52.39
C VAL G 1040 56.68 -12.86 52.34
N GLY G 1041 55.86 -13.58 51.57
CA GLY G 1041 56.11 -15.00 51.36
C GLY G 1041 57.43 -15.24 50.65
N VAL G 1042 57.74 -14.44 49.63
CA VAL G 1042 59.04 -14.55 48.97
C VAL G 1042 60.16 -14.31 49.96
N LEU G 1043 60.01 -13.29 50.81
CA LEU G 1043 61.04 -12.99 51.81
C LEU G 1043 61.24 -14.15 52.80
N ALA G 1044 60.14 -14.74 53.25
CA ALA G 1044 60.25 -15.85 54.20
C ALA G 1044 60.90 -17.06 53.57
N VAL G 1045 60.55 -17.36 52.31
CA VAL G 1045 61.19 -18.47 51.61
C VAL G 1045 62.68 -18.19 51.43
N HIS G 1046 63.03 -16.93 51.17
CA HIS G 1046 64.44 -16.56 51.08
C HIS G 1046 65.17 -16.78 52.39
N MET G 1047 64.55 -16.43 53.51
CA MET G 1047 65.20 -16.66 54.80
C MET G 1047 65.36 -18.14 55.10
N PHE G 1048 64.35 -18.94 54.74
CA PHE G 1048 64.48 -20.40 54.91
C PHE G 1048 65.64 -20.94 54.07
N ILE G 1049 65.74 -20.50 52.82
CA ILE G 1049 66.83 -20.95 51.96
C ILE G 1049 68.18 -20.52 52.53
N ASP G 1050 68.28 -19.29 53.01
CA ASP G 1050 69.54 -18.80 53.56
C ASP G 1050 69.92 -19.56 54.83
N ARG G 1051 68.94 -19.89 55.67
CA ARG G 1051 69.24 -20.68 56.87
C ARG G 1051 69.80 -22.04 56.49
N HIS G 1052 69.16 -22.71 55.52
CA HIS G 1052 69.66 -24.03 55.15
C HIS G 1052 71.00 -23.94 54.43
N LYS G 1053 71.25 -22.86 53.68
CA LYS G 1053 72.57 -22.68 53.07
C LYS G 1053 73.63 -22.43 54.14
N GLN G 1054 73.26 -21.76 55.23
CA GLN G 1054 74.21 -21.52 56.31
C GLN G 1054 74.55 -22.83 57.02
N LEU G 1055 73.54 -23.61 57.39
CA LEU G 1055 73.82 -24.91 58.01
C LEU G 1055 74.50 -25.87 57.04
N ARG G 1056 74.31 -25.70 55.74
CA ARG G 1056 74.98 -26.56 54.78
C ARG G 1056 76.48 -26.34 54.79
N ALA G 1057 76.92 -25.10 54.95
CA ALA G 1057 78.33 -24.77 55.02
C ALA G 1057 78.76 -24.55 56.47
N ARG H 853 61.04 -56.23 39.33
CA ARG H 853 60.85 -56.94 38.07
C ARG H 853 59.58 -57.79 38.11
N GLY H 854 59.43 -58.55 39.19
CA GLY H 854 58.21 -59.35 39.35
C GLY H 854 56.98 -58.49 39.57
N VAL H 855 57.12 -57.40 40.33
CA VAL H 855 56.00 -56.49 40.53
C VAL H 855 55.61 -55.81 39.22
N GLN H 856 56.61 -55.41 38.43
CA GLN H 856 56.32 -54.82 37.13
C GLN H 856 55.62 -55.81 36.22
N MET H 857 56.05 -57.07 36.22
CA MET H 857 55.39 -58.09 35.41
C MET H 857 53.95 -58.32 35.88
N LEU H 858 53.73 -58.33 37.19
CA LEU H 858 52.38 -58.50 37.72
C LEU H 858 51.49 -57.34 37.31
N LEU H 859 52.00 -56.10 37.41
CA LEU H 859 51.23 -54.94 36.97
C LEU H 859 50.92 -55.04 35.49
N THR H 860 51.89 -55.44 34.68
CA THR H 860 51.67 -55.51 33.24
C THR H 860 50.63 -56.57 32.91
N THR H 861 50.69 -57.73 33.57
CA THR H 861 49.72 -58.79 33.31
C THR H 861 48.32 -58.38 33.73
N VAL H 862 48.18 -57.81 34.92
CA VAL H 862 46.87 -57.41 35.41
C VAL H 862 46.28 -56.30 34.54
N GLY H 863 47.10 -55.31 34.17
CA GLY H 863 46.60 -54.25 33.30
C GLY H 863 46.25 -54.75 31.91
N ALA H 864 47.03 -55.70 31.39
CA ALA H 864 46.71 -56.28 30.08
C ALA H 864 45.38 -57.03 30.13
N PHE H 865 45.15 -57.81 31.19
CA PHE H 865 43.88 -58.49 31.36
C PHE H 865 42.73 -57.53 31.59
N ALA H 866 42.95 -56.45 32.33
CA ALA H 866 41.91 -55.46 32.60
C ALA H 866 41.49 -54.70 31.34
N ALA H 867 42.47 -54.25 30.55
CA ALA H 867 42.15 -53.51 29.32
C ALA H 867 41.43 -54.41 28.32
N PHE H 868 41.89 -55.66 28.18
CA PHE H 868 41.26 -56.58 27.25
C PHE H 868 39.81 -56.86 27.63
N SER H 869 39.57 -57.10 28.92
CA SER H 869 38.21 -57.38 29.39
C SER H 869 37.32 -56.14 29.26
N LEU H 870 37.87 -54.96 29.55
CA LEU H 870 37.09 -53.73 29.41
C LEU H 870 36.70 -53.51 27.95
N MET H 871 37.63 -53.72 27.03
CA MET H 871 37.32 -53.52 25.62
C MET H 871 36.34 -54.56 25.12
N THR H 872 36.48 -55.81 25.56
CA THR H 872 35.54 -56.86 25.15
C THR H 872 34.14 -56.56 25.66
N ILE H 873 34.03 -56.13 26.91
CA ILE H 873 32.72 -55.77 27.48
C ILE H 873 32.12 -54.58 26.73
N ALA H 874 32.95 -53.57 26.44
CA ALA H 874 32.44 -52.41 25.71
C ALA H 874 31.94 -52.79 24.33
N VAL H 875 32.66 -53.66 23.63
CA VAL H 875 32.23 -54.08 22.30
C VAL H 875 30.98 -54.93 22.38
N GLY H 876 30.85 -55.75 23.44
CA GLY H 876 29.71 -56.64 23.54
C GLY H 876 28.42 -56.00 24.00
N THR H 877 28.50 -54.99 24.87
CA THR H 877 27.31 -54.41 25.47
C THR H 877 26.77 -53.25 24.62
N ASP H 878 25.57 -52.81 24.98
CA ASP H 878 24.80 -51.87 24.16
C ASP H 878 24.58 -50.52 24.83
N TYR H 879 25.37 -50.20 25.85
CA TYR H 879 25.26 -48.88 26.49
C TYR H 879 26.36 -47.94 26.00
N TRP H 880 26.36 -47.66 24.70
CA TRP H 880 27.33 -46.74 24.12
C TRP H 880 26.79 -45.32 24.04
N LEU H 881 25.50 -45.18 23.72
CA LEU H 881 24.92 -43.86 23.51
C LEU H 881 23.47 -43.86 23.97
N TYR H 882 23.11 -42.91 24.83
CA TYR H 882 21.72 -42.66 25.18
C TYR H 882 21.17 -41.59 24.26
N SER H 883 20.19 -41.95 23.45
CA SER H 883 19.61 -41.01 22.49
C SER H 883 18.13 -41.28 22.39
N ARG H 884 17.48 -40.70 21.39
CA ARG H 884 16.05 -40.86 21.17
C ARG H 884 15.84 -41.36 19.75
N GLY H 885 15.13 -42.48 19.62
CA GLY H 885 14.90 -43.06 18.31
C GLY H 885 13.87 -44.15 18.38
N VAL H 886 13.60 -44.74 17.22
CA VAL H 886 12.60 -45.80 17.10
C VAL H 886 13.11 -47.07 17.76
N GLU H 903 8.80 -43.69 19.05
CA GLU H 903 9.84 -42.68 19.17
C GLU H 903 10.21 -42.55 20.64
N VAL H 904 11.19 -43.34 21.06
CA VAL H 904 11.41 -43.66 22.46
C VAL H 904 12.85 -43.33 22.84
N MET H 905 13.06 -43.00 24.12
CA MET H 905 14.40 -42.89 24.66
C MET H 905 15.06 -44.28 24.67
N THR H 906 16.18 -44.40 23.98
CA THR H 906 16.85 -45.67 23.79
C THR H 906 18.32 -45.56 24.15
N HIS H 907 18.95 -46.72 24.35
CA HIS H 907 20.40 -46.83 24.44
C HIS H 907 20.89 -47.77 23.35
N SER H 908 21.96 -47.37 22.68
CA SER H 908 22.51 -48.12 21.56
C SER H 908 23.97 -48.43 21.81
N GLY H 909 24.41 -49.56 21.28
CA GLY H 909 25.82 -49.91 21.31
C GLY H 909 26.42 -49.80 19.92
N LEU H 910 27.21 -50.80 19.52
CA LEU H 910 27.70 -50.83 18.16
C LEU H 910 26.84 -51.68 17.25
N TRP H 911 26.01 -52.57 17.79
CA TRP H 911 25.23 -53.49 16.98
C TRP H 911 23.73 -53.40 17.17
N ARG H 912 23.24 -53.07 18.37
CA ARG H 912 21.82 -53.13 18.66
C ARG H 912 21.34 -51.85 19.32
N THR H 913 20.09 -51.49 19.03
CA THR H 913 19.40 -50.38 19.66
C THR H 913 18.15 -50.92 20.35
N CYS H 914 18.00 -50.64 21.63
CA CYS H 914 16.87 -51.11 22.41
C CYS H 914 16.29 -49.99 23.27
N CYS H 915 14.98 -50.06 23.50
CA CYS H 915 14.27 -48.96 24.13
C CYS H 915 14.31 -49.06 25.65
N LEU H 916 14.30 -47.91 26.31
CA LEU H 916 14.21 -47.83 27.77
C LEU H 916 12.78 -47.68 28.25
N GLU H 917 12.08 -46.62 27.83
CA GLU H 917 10.74 -46.35 28.33
C GLU H 917 9.95 -45.69 27.19
N PHE H 920 7.56 -51.56 23.65
CA PHE H 920 8.42 -52.65 24.11
C PHE H 920 9.61 -52.10 24.89
N LYS H 921 9.82 -52.66 26.09
CA LYS H 921 10.98 -52.33 26.91
C LYS H 921 12.03 -53.44 26.84
N GLY H 922 12.76 -53.47 25.74
CA GLY H 922 13.90 -54.36 25.69
C GLY H 922 14.23 -55.07 24.40
N LEU H 923 13.25 -55.34 23.53
CA LEU H 923 13.58 -55.98 22.27
C LEU H 923 14.32 -55.00 21.37
N CYS H 924 15.27 -55.50 20.61
CA CYS H 924 16.29 -54.68 19.99
C CYS H 924 16.12 -54.67 18.47
N LYS H 925 16.78 -53.71 17.83
CA LYS H 925 16.91 -53.66 16.39
C LYS H 925 18.39 -53.69 16.06
N GLN H 926 18.74 -54.39 14.99
CA GLN H 926 20.05 -54.17 14.39
C GLN H 926 20.12 -52.74 13.87
N ILE H 927 21.22 -52.06 14.16
CA ILE H 927 21.35 -50.68 13.72
C ILE H 927 21.45 -50.64 12.20
N ASP H 928 20.63 -49.81 11.58
CA ASP H 928 20.70 -49.61 10.14
C ASP H 928 21.92 -48.76 9.82
N HIS H 929 23.03 -49.43 9.48
CA HIS H 929 24.29 -48.72 9.29
C HIS H 929 24.40 -48.09 7.91
N PHE H 930 23.47 -48.39 7.01
CA PHE H 930 23.53 -47.89 5.65
C PHE H 930 22.21 -47.28 5.23
N THR H 940 31.61 -41.03 -1.92
CA THR H 940 32.13 -42.34 -1.59
C THR H 940 32.78 -42.36 -0.22
N ALA H 941 33.21 -41.19 0.25
CA ALA H 941 33.81 -41.08 1.57
C ALA H 941 32.80 -41.44 2.65
N GLU H 942 31.56 -40.98 2.50
CA GLU H 942 30.53 -41.33 3.46
C GLU H 942 30.26 -42.82 3.48
N TYR H 943 30.25 -43.46 2.31
CA TYR H 943 30.07 -44.91 2.26
C TYR H 943 31.21 -45.63 2.95
N PHE H 944 32.45 -45.16 2.74
CA PHE H 944 33.60 -45.79 3.40
C PHE H 944 33.51 -45.64 4.92
N LEU H 945 33.13 -44.45 5.40
CA LEU H 945 32.97 -44.25 6.83
C LEU H 945 31.86 -45.13 7.39
N ARG H 946 30.75 -45.26 6.67
CA ARG H 946 29.67 -46.11 7.14
C ARG H 946 30.07 -47.58 7.15
N ALA H 947 30.84 -48.03 6.16
CA ALA H 947 31.31 -49.41 6.16
C ALA H 947 32.25 -49.67 7.33
N VAL H 948 33.17 -48.74 7.59
CA VAL H 948 34.11 -48.89 8.70
C VAL H 948 33.35 -48.91 10.03
N ARG H 949 32.35 -48.05 10.17
CA ARG H 949 31.53 -48.04 11.39
C ARG H 949 30.73 -49.32 11.52
N ALA H 950 30.13 -49.79 10.42
CA ALA H 950 29.28 -50.97 10.46
C ALA H 950 30.08 -52.22 10.83
N SER H 951 31.27 -52.37 10.26
CA SER H 951 32.10 -53.52 10.62
C SER H 951 32.68 -53.39 12.02
N SER H 952 32.79 -52.18 12.55
CA SER H 952 33.47 -51.92 13.81
C SER H 952 34.86 -52.55 13.81
N ILE H 953 35.56 -52.37 12.70
CA ILE H 953 36.85 -53.03 12.51
C ILE H 953 37.87 -52.53 13.52
N PHE H 954 37.79 -51.28 13.95
CA PHE H 954 38.85 -50.73 14.79
C PHE H 954 38.71 -51.12 16.26
N PRO H 955 37.53 -51.06 16.87
CA PRO H 955 37.41 -51.66 18.23
C PRO H 955 37.67 -53.15 18.27
N ILE H 956 37.24 -53.89 17.25
CA ILE H 956 37.51 -55.32 17.20
C ILE H 956 39.01 -55.57 17.04
N LEU H 957 39.66 -54.77 16.21
CA LEU H 957 41.11 -54.88 16.04
C LEU H 957 41.84 -54.54 17.33
N SER H 958 41.32 -53.57 18.08
CA SER H 958 41.89 -53.25 19.39
C SER H 958 41.78 -54.44 20.34
N VAL H 959 40.62 -55.11 20.34
CA VAL H 959 40.45 -56.31 21.14
C VAL H 959 41.48 -57.37 20.74
N ILE H 960 41.64 -57.57 19.44
CA ILE H 960 42.56 -58.59 18.93
C ILE H 960 44.00 -58.26 19.33
N LEU H 961 44.39 -56.99 19.22
CA LEU H 961 45.75 -56.59 19.56
C LEU H 961 46.01 -56.71 21.05
N LEU H 962 45.01 -56.43 21.88
CA LEU H 962 45.16 -56.65 23.32
C LEU H 962 45.33 -58.13 23.63
N PHE H 963 44.56 -58.99 22.95
CA PHE H 963 44.72 -60.43 23.14
C PHE H 963 46.12 -60.88 22.72
N MET H 964 46.62 -60.35 21.60
CA MET H 964 47.96 -60.70 21.15
C MET H 964 49.03 -60.23 22.12
N GLY H 965 48.86 -59.04 22.70
CA GLY H 965 49.79 -58.58 23.72
C GLY H 965 49.79 -59.47 24.94
N GLY H 966 48.61 -59.91 25.38
CA GLY H 966 48.56 -60.85 26.49
C GLY H 966 49.25 -62.17 26.16
N LEU H 967 49.04 -62.67 24.93
CA LEU H 967 49.72 -63.88 24.51
C LEU H 967 51.23 -63.69 24.50
N CYS H 968 51.70 -62.53 24.07
CA CYS H 968 53.13 -62.24 24.09
C CYS H 968 53.67 -62.22 25.51
N ILE H 969 52.90 -61.66 26.46
CA ILE H 969 53.33 -61.66 27.85
C ILE H 969 53.46 -63.09 28.36
N ALA H 970 52.47 -63.93 28.07
CA ALA H 970 52.54 -65.31 28.51
C ALA H 970 53.73 -66.05 27.89
N ALA H 971 53.95 -65.86 26.59
CA ALA H 971 55.06 -66.52 25.92
C ALA H 971 56.40 -66.05 26.47
N SER H 972 56.51 -64.76 26.79
CA SER H 972 57.73 -64.26 27.41
C SER H 972 57.94 -64.86 28.78
N GLU H 973 56.85 -65.13 29.51
CA GLU H 973 56.98 -65.88 30.75
C GLU H 973 57.53 -67.28 30.48
N PHE H 974 57.08 -67.90 29.38
CA PHE H 974 57.64 -69.20 29.01
C PHE H 974 59.11 -69.10 28.61
N TYR H 975 59.44 -68.13 27.74
CA TYR H 975 60.79 -67.99 27.19
C TYR H 975 61.46 -66.78 27.84
N LYS H 976 62.22 -67.02 28.90
CA LYS H 976 62.85 -65.94 29.64
C LYS H 976 64.01 -65.28 28.90
N THR H 977 64.56 -65.92 27.87
CA THR H 977 65.74 -65.39 27.21
C THR H 977 65.43 -64.51 26.01
N ARG H 978 64.25 -64.67 25.41
CA ARG H 978 63.87 -63.88 24.23
C ARG H 978 63.24 -62.58 24.70
N HIS H 979 64.01 -61.49 24.63
CA HIS H 979 63.51 -60.20 25.11
C HIS H 979 62.64 -59.51 24.08
N ASN H 980 62.65 -59.97 22.83
CA ASN H 980 61.86 -59.31 21.80
C ASN H 980 60.37 -59.58 21.99
N ILE H 981 60.01 -60.56 22.80
CA ILE H 981 58.60 -60.84 23.07
C ILE H 981 57.99 -59.73 23.93
N ILE H 982 58.76 -59.21 24.88
CA ILE H 982 58.31 -58.06 25.68
C ILE H 982 58.10 -56.85 24.77
N LEU H 983 59.04 -56.63 23.85
CA LEU H 983 58.90 -55.53 22.91
C LEU H 983 57.67 -55.71 22.04
N SER H 984 57.42 -56.94 21.59
CA SER H 984 56.24 -57.22 20.79
C SER H 984 54.97 -56.93 21.57
N ALA H 985 54.93 -57.32 22.84
CA ALA H 985 53.77 -57.05 23.68
C ALA H 985 53.53 -55.55 23.83
N GLY H 986 54.61 -54.79 24.05
CA GLY H 986 54.46 -53.35 24.16
C GLY H 986 53.94 -52.72 22.88
N ILE H 987 54.48 -53.16 21.74
CA ILE H 987 54.02 -52.65 20.45
C ILE H 987 52.54 -52.97 20.26
N PHE H 988 52.14 -54.20 20.63
CA PHE H 988 50.74 -54.59 20.50
C PHE H 988 49.84 -53.71 21.35
N PHE H 989 50.25 -53.40 22.58
CA PHE H 989 49.42 -52.59 23.46
C PHE H 989 49.29 -51.16 22.94
N VAL H 990 50.40 -50.57 22.48
CA VAL H 990 50.34 -49.21 21.94
C VAL H 990 49.49 -49.17 20.68
N SER H 991 49.63 -50.17 19.81
CA SER H 991 48.82 -50.23 18.60
C SER H 991 47.35 -50.43 18.92
N ALA H 992 47.05 -51.20 19.96
CA ALA H 992 45.66 -51.38 20.38
C ALA H 992 45.07 -50.06 20.85
N GLY H 993 45.85 -49.29 21.60
CA GLY H 993 45.37 -47.97 22.00
C GLY H 993 45.11 -47.06 20.81
N LEU H 994 46.00 -47.09 19.82
CA LEU H 994 45.82 -46.25 18.63
C LEU H 994 44.56 -46.67 17.85
N SER H 995 44.36 -47.98 17.73
CA SER H 995 43.16 -48.49 17.06
C SER H 995 41.91 -48.10 17.82
N ASN H 996 41.99 -48.07 19.16
CA ASN H 996 40.88 -47.60 19.97
C ASN H 996 40.56 -46.13 19.69
N ILE H 997 41.61 -45.31 19.56
CA ILE H 997 41.40 -43.90 19.22
C ILE H 997 40.68 -43.78 17.89
N ILE H 998 41.13 -44.53 16.88
CA ILE H 998 40.51 -44.46 15.56
C ILE H 998 39.05 -44.89 15.64
N GLY H 999 38.78 -45.97 16.38
CA GLY H 999 37.41 -46.44 16.51
C GLY H 999 36.51 -45.44 17.20
N ILE H 1000 37.02 -44.76 18.23
CA ILE H 1000 36.25 -43.74 18.92
C ILE H 1000 35.90 -42.60 17.98
N ILE H 1001 36.88 -42.13 17.22
CA ILE H 1001 36.65 -41.03 16.28
C ILE H 1001 35.63 -41.44 15.23
N VAL H 1002 35.77 -42.65 14.70
CA VAL H 1002 34.85 -43.14 13.67
C VAL H 1002 33.43 -43.23 14.23
N TYR H 1003 33.29 -43.76 15.46
CA TYR H 1003 31.98 -43.89 16.08
C TYR H 1003 31.31 -42.53 16.26
N ILE H 1004 32.06 -41.56 16.77
CA ILE H 1004 31.46 -40.25 17.04
C ILE H 1004 31.10 -39.56 15.73
N SER H 1005 31.96 -39.65 14.71
CA SER H 1005 31.64 -39.04 13.43
C SER H 1005 30.41 -39.67 12.79
N ALA H 1006 30.32 -41.01 12.85
CA ALA H 1006 29.16 -41.69 12.29
C ALA H 1006 27.88 -41.31 13.04
N ASN H 1007 27.97 -41.17 14.36
CA ASN H 1007 26.83 -40.69 15.12
C ASN H 1007 26.42 -39.29 14.70
N ALA H 1008 27.39 -38.41 14.46
CA ALA H 1008 27.10 -37.09 13.91
C ALA H 1008 26.47 -37.16 12.52
N TYR H 1021 21.77 -36.05 23.42
CA TYR H 1021 22.31 -37.39 23.60
C TYR H 1021 23.32 -37.45 24.74
N SER H 1022 23.77 -38.66 25.08
CA SER H 1022 24.73 -38.87 26.14
C SER H 1022 25.44 -40.19 25.87
N TYR H 1023 26.59 -40.37 26.52
CA TYR H 1023 27.39 -41.57 26.36
C TYR H 1023 27.24 -42.46 27.58
N GLY H 1024 27.01 -43.75 27.34
CA GLY H 1024 26.83 -44.71 28.41
C GLY H 1024 28.16 -45.24 28.92
N TRP H 1025 28.07 -46.30 29.72
CA TRP H 1025 29.25 -46.84 30.37
C TRP H 1025 30.09 -47.72 29.46
N SER H 1026 29.55 -48.20 28.34
CA SER H 1026 30.37 -48.95 27.40
C SER H 1026 31.38 -48.05 26.69
N PHE H 1027 30.95 -46.84 26.34
CA PHE H 1027 31.87 -45.84 25.78
C PHE H 1027 33.03 -45.57 26.73
N TYR H 1028 32.73 -45.35 28.00
CA TYR H 1028 33.77 -45.03 28.96
C TYR H 1028 34.58 -46.26 29.33
N PHE H 1029 34.00 -47.46 29.20
CA PHE H 1029 34.78 -48.68 29.32
C PHE H 1029 35.83 -48.76 28.22
N GLY H 1030 35.46 -48.41 26.99
CA GLY H 1030 36.42 -48.37 25.91
C GLY H 1030 37.50 -47.32 26.12
N ALA H 1031 37.11 -46.14 26.61
CA ALA H 1031 38.09 -45.10 26.88
C ALA H 1031 39.07 -45.52 27.98
N LEU H 1032 38.55 -46.13 29.05
CA LEU H 1032 39.42 -46.62 30.12
C LEU H 1032 40.31 -47.74 29.62
N SER H 1033 39.79 -48.58 28.70
CA SER H 1033 40.62 -49.60 28.09
C SER H 1033 41.78 -48.98 27.31
N PHE H 1034 41.50 -47.89 26.59
CA PHE H 1034 42.58 -47.19 25.88
C PHE H 1034 43.64 -46.69 26.84
N ILE H 1035 43.22 -46.06 27.94
CA ILE H 1035 44.17 -45.50 28.89
C ILE H 1035 45.02 -46.60 29.52
N ILE H 1036 44.38 -47.69 29.94
CA ILE H 1036 45.09 -48.80 30.56
C ILE H 1036 46.03 -49.46 29.55
N ALA H 1037 45.60 -49.58 28.29
CA ALA H 1037 46.45 -50.18 27.27
C ALA H 1037 47.70 -49.36 27.04
N GLU H 1038 47.57 -48.04 26.98
CA GLU H 1038 48.76 -47.21 26.80
C GLU H 1038 49.69 -47.28 28.01
N MET H 1039 49.12 -47.32 29.22
CA MET H 1039 49.97 -47.47 30.41
C MET H 1039 50.72 -48.79 30.40
N VAL H 1040 50.03 -49.88 30.02
CA VAL H 1040 50.65 -51.20 30.00
C VAL H 1040 51.71 -51.27 28.90
N GLY H 1041 51.47 -50.62 27.77
CA GLY H 1041 52.49 -50.56 26.73
C GLY H 1041 53.73 -49.83 27.19
N VAL H 1042 53.55 -48.69 27.88
CA VAL H 1042 54.69 -47.97 28.42
C VAL H 1042 55.47 -48.84 29.40
N LEU H 1043 54.74 -49.57 30.25
CA LEU H 1043 55.41 -50.40 31.26
C LEU H 1043 56.15 -51.58 30.62
N ALA H 1044 55.58 -52.17 29.58
CA ALA H 1044 56.26 -53.26 28.87
C ALA H 1044 57.50 -52.76 28.16
N VAL H 1045 57.43 -51.57 27.55
CA VAL H 1045 58.64 -50.99 26.95
C VAL H 1045 59.70 -50.75 28.01
N HIS H 1046 59.28 -50.33 29.20
CA HIS H 1046 60.22 -50.16 30.30
C HIS H 1046 60.88 -51.49 30.68
N MET H 1047 60.10 -52.58 30.71
CA MET H 1047 60.70 -53.88 31.01
C MET H 1047 61.70 -54.30 29.94
N PHE H 1048 61.37 -54.06 28.67
CA PHE H 1048 62.31 -54.36 27.58
C PHE H 1048 63.61 -53.57 27.75
N ILE H 1049 63.49 -52.27 28.04
CA ILE H 1049 64.67 -51.43 28.22
C ILE H 1049 65.49 -51.91 29.40
N ASP H 1050 64.82 -52.27 30.50
CA ASP H 1050 65.54 -52.72 31.69
C ASP H 1050 66.27 -54.02 31.43
N ARG H 1051 65.65 -54.96 30.71
CA ARG H 1051 66.31 -56.23 30.42
C ARG H 1051 67.53 -56.01 29.54
N HIS H 1052 67.41 -55.17 28.51
CA HIS H 1052 68.58 -54.93 27.68
C HIS H 1052 69.67 -54.16 28.43
N LYS H 1053 69.28 -53.27 29.34
CA LYS H 1053 70.26 -52.62 30.20
C LYS H 1053 70.98 -53.63 31.07
N GLN H 1054 70.25 -54.62 31.59
CA GLN H 1054 70.87 -55.66 32.41
C GLN H 1054 71.85 -56.51 31.60
N LEU H 1055 71.51 -56.81 30.36
CA LEU H 1055 72.48 -57.48 29.50
C LEU H 1055 73.70 -56.59 29.22
N ARG H 1056 73.50 -55.28 29.11
CA ARG H 1056 74.65 -54.40 28.92
C ARG H 1056 75.63 -54.51 30.09
N ALA H 1057 75.12 -54.65 31.30
CA ALA H 1057 75.98 -54.83 32.47
C ALA H 1057 75.90 -56.26 33.00
#